data_3ZJY
#
_entry.id   3ZJY
#
_cell.length_a   186.500
_cell.length_b   100.400
_cell.length_c   274.720
_cell.angle_alpha   90.00
_cell.angle_beta   90.91
_cell.angle_gamma   90.00
#
_symmetry.space_group_name_H-M   'C 1 2 1'
#
loop_
_entity.id
_entity.type
_entity.pdbx_description
1 polymer 'GTP-BINDING NUCLEAR PROTEIN RAN'
2 polymer IMPORTIN-13
3 polymer 'EUKARYOTIC TRANSLATION INITIATION FACTOR 1A, X-CHROMOSOMAL'
4 non-polymer "GUANOSINE-5'-TRIPHOSPHATE"
5 non-polymer 'MAGNESIUM ION'
#
loop_
_entity_poly.entity_id
_entity_poly.type
_entity_poly.pdbx_seq_one_letter_code
_entity_poly.pdbx_strand_id
1 'polypeptide(L)'
;MAAQGEPQVQFKLVLVGDGGTGKTTFVKRHLTGEFEKKYVATLGVEVHPLVFHTNRGPIKFNVWDTAGLEKFGGLRDGYY
IQAQCAIIMFDVTSRVTYKNVPNWHRDLVRVCENIPIVLCGNKVDIKDRKVKAKSIVFHRKKNLQYYDISAKSNYNFEKP
FLWLARKLIGDPNLEFVAMP
;
A,D,F
2 'polypeptide(L)'
;MERREEQPGAAGAGAAPALDFTVENVEKALHQLYYDPNIENKNLAQKWLMQAQVSPQAWHFSWQLLQPDKVPEIQYFGAS
ALHIKISRYWSDIPTDQYESLKAQLFTQITRFASGSKIVLTRLCVALASLALSMMPDAWPCAVADMVRLFQAEDSPVDGQ
GRCLALLELLTVLPEEFQTSRLPQYRKGLVRTSLAVECGAVFPLLEQLLQQPSSPSCVRQKVLKCFSSWVQLEVPLQDCE
ALIQAAFAALQDSELFDSSVEAIVNAISQPDAQRYVNTLLKLIPLVLGLQEQLRQAVQNGDMETSHGICRIAVALGENHS
RALLDQVEHWQSFLALVNMIMFCTGIPGHYPVNETTSSLTLTFWYTLQDDILSFEAEKQAVYQQVYRPVYFQLVDVLLHK
AQFPSDEEYGFWSSDEKEQFRIYRVDISDTLMYVYEMLGAELLSNLYDKLGRLLTSSEEPYSWQHTEALLYGFQSIAETI
DVNYSDVVPGLIGLIPRISISNVQLADTVMFTIGALSEWLADHPVMINSVLPLVLHALGNPELSVSSVSTLKKICRECKY
DLPPYAANIVAVSQDVLMKQIHKTSQCMWLMQALGFLLSALQVEEILKNLHSLISPYIQQLEKLAEEIPNPSNKLAIVHI
LGLLSNLFTTLDISHHEDDHEGPELRKLPVPQGPNPVVVVLQQVFQLIQKVLSKWLNDAQVVEAVCAIFEKSVKTLLDDF
APMVPQLCEMLGRMYSTIPQASALDLTRQLVHIFAHEPAHFPPIEALFLLVTSVTLTLFQQGPRDHPDIVDSFMQLLAQA
LKRKPDLFLCERLDVKAVFQCAVLALKFPEAPTVKASCGFFTELLPRCGEVESVGKVVQEDGRMLLIAVLEAIGGQASRS
LMDCFADILFALNKHCFSLLSMWIKEALQPPGFPSARLSPEQKDTFSQQILRERVNKRRVKEMVKEFTLLCRGLHGTDYT
ADY
;
B,E,G
3 'polypeptide(L)'
;MPKNKGKGGKNRRRGKNENESEKRELVFKEDGQEYAQVIKMLGNGRLEAMCFDGVKRLCHIRGKLRKKVWINTSDIILVG
LRDYQDNKADVILKYNADEARSLKAYGELPEH
;
C
#
# COMPACT_ATOMS: atom_id res chain seq x y z
N VAL A 9 -2.15 -27.96 -20.71
CA VAL A 9 -1.11 -27.24 -21.45
C VAL A 9 -1.29 -25.73 -21.30
N GLN A 10 -0.23 -25.06 -20.85
CA GLN A 10 -0.28 -23.62 -20.62
C GLN A 10 0.61 -22.87 -21.61
N PHE A 11 0.06 -21.85 -22.25
CA PHE A 11 0.82 -21.04 -23.20
C PHE A 11 0.42 -19.56 -23.15
N LYS A 12 1.43 -18.70 -22.98
CA LYS A 12 1.18 -17.26 -22.88
C LYS A 12 1.02 -16.60 -24.25
N LEU A 13 -0.12 -15.94 -24.44
CA LEU A 13 -0.43 -15.27 -25.69
C LEU A 13 -0.55 -13.77 -25.44
N VAL A 14 0.26 -12.97 -26.13
CA VAL A 14 0.16 -11.53 -26.01
C VAL A 14 -0.67 -10.93 -27.13
N LEU A 15 -1.79 -10.31 -26.76
CA LEU A 15 -2.70 -9.72 -27.73
C LEU A 15 -2.41 -8.23 -27.90
N VAL A 16 -1.79 -7.89 -29.03
CA VAL A 16 -1.42 -6.51 -29.31
C VAL A 16 -2.15 -5.96 -30.53
N GLY A 17 -1.86 -4.70 -30.86
CA GLY A 17 -2.50 -4.04 -31.98
C GLY A 17 -2.98 -2.66 -31.59
N ASP A 18 -3.35 -1.86 -32.59
CA ASP A 18 -3.79 -0.49 -32.36
C ASP A 18 -5.05 -0.40 -31.50
N GLY A 19 -5.26 0.77 -30.89
CA GLY A 19 -6.37 0.99 -29.99
C GLY A 19 -7.69 1.19 -30.70
N GLY A 20 -8.77 0.70 -30.09
CA GLY A 20 -10.10 0.81 -30.65
C GLY A 20 -10.35 -0.27 -31.70
N THR A 21 -9.46 -1.26 -31.74
CA THR A 21 -9.57 -2.35 -32.71
C THR A 21 -10.70 -3.31 -32.33
N GLY A 22 -10.81 -3.60 -31.04
CA GLY A 22 -11.87 -4.45 -30.55
C GLY A 22 -11.38 -5.80 -30.04
N LYS A 23 -10.12 -5.85 -29.61
CA LYS A 23 -9.52 -7.10 -29.15
C LYS A 23 -10.05 -7.51 -27.78
N THR A 24 -10.32 -6.52 -26.93
CA THR A 24 -10.92 -6.77 -25.62
C THR A 24 -12.31 -7.38 -25.79
N THR A 25 -13.03 -6.91 -26.80
CA THR A 25 -14.36 -7.46 -27.10
C THR A 25 -14.26 -8.90 -27.61
N PHE A 26 -13.16 -9.21 -28.29
CA PHE A 26 -12.91 -10.57 -28.74
C PHE A 26 -12.67 -11.49 -27.54
N VAL A 27 -11.74 -11.08 -26.68
CA VAL A 27 -11.44 -11.84 -25.46
C VAL A 27 -12.69 -12.05 -24.60
N LYS A 28 -13.47 -10.98 -24.45
CA LYS A 28 -14.71 -11.04 -23.67
C LYS A 28 -15.71 -11.98 -24.33
N ARG A 29 -15.75 -11.94 -25.66
CA ARG A 29 -16.65 -12.80 -26.43
C ARG A 29 -16.29 -14.26 -26.22
N HIS A 30 -15.00 -14.54 -26.06
CA HIS A 30 -14.57 -15.92 -25.83
C HIS A 30 -14.74 -16.37 -24.39
N LEU A 31 -14.57 -15.45 -23.45
CA LEU A 31 -14.67 -15.79 -22.03
C LEU A 31 -16.11 -15.94 -21.57
N THR A 32 -16.96 -14.99 -21.94
CA THR A 32 -18.32 -14.95 -21.42
C THR A 32 -19.38 -15.29 -22.47
N GLY A 33 -19.00 -15.20 -23.74
CA GLY A 33 -19.94 -15.45 -24.82
C GLY A 33 -20.85 -14.27 -25.05
N GLU A 34 -20.48 -13.13 -24.46
CA GLU A 34 -21.27 -11.91 -24.60
C GLU A 34 -20.46 -10.81 -25.28
N PHE A 35 -21.01 -10.27 -26.36
CA PHE A 35 -20.40 -9.15 -27.06
C PHE A 35 -20.75 -7.84 -26.40
N GLU A 36 -19.74 -7.02 -26.13
CA GLU A 36 -19.94 -5.74 -25.44
C GLU A 36 -19.96 -4.57 -26.43
N LYS A 37 -21.07 -3.86 -26.47
CA LYS A 37 -21.25 -2.76 -27.42
C LYS A 37 -20.34 -1.58 -27.11
N LYS A 38 -20.02 -1.38 -25.84
CA LYS A 38 -19.27 -0.19 -25.42
C LYS A 38 -17.77 -0.40 -25.42
N TYR A 39 -17.04 0.67 -25.71
CA TYR A 39 -15.59 0.62 -25.81
C TYR A 39 -14.93 1.38 -24.68
N VAL A 40 -14.12 0.67 -23.89
CA VAL A 40 -13.33 1.30 -22.84
C VAL A 40 -11.85 1.05 -23.05
N ALA A 41 -11.10 2.13 -23.19
CA ALA A 41 -9.65 2.07 -23.37
C ALA A 41 -9.01 1.22 -22.28
N THR A 42 -8.34 0.15 -22.69
CA THR A 42 -7.72 -0.76 -21.74
C THR A 42 -6.42 -0.17 -21.19
N LEU A 43 -6.35 -0.05 -19.87
CA LEU A 43 -5.15 0.48 -19.22
C LEU A 43 -4.22 -0.66 -18.82
N GLY A 44 -2.99 -0.60 -19.31
CA GLY A 44 -1.99 -1.60 -18.97
C GLY A 44 -2.21 -2.92 -19.68
N VAL A 45 -2.37 -3.98 -18.90
CA VAL A 45 -2.59 -5.31 -19.45
C VAL A 45 -3.74 -6.04 -18.76
N GLU A 46 -4.62 -6.62 -19.56
CA GLU A 46 -5.72 -7.42 -19.04
C GLU A 46 -5.43 -8.90 -19.22
N VAL A 47 -5.02 -9.56 -18.14
CA VAL A 47 -4.65 -10.97 -18.20
C VAL A 47 -5.82 -11.89 -17.88
N HIS A 48 -6.26 -12.67 -18.88
CA HIS A 48 -7.36 -13.62 -18.71
C HIS A 48 -6.99 -14.98 -19.28
N PRO A 49 -7.22 -16.05 -18.50
CA PRO A 49 -6.97 -17.40 -19.01
C PRO A 49 -8.16 -17.91 -19.82
N LEU A 50 -7.90 -18.34 -21.06
CA LEU A 50 -8.93 -18.94 -21.89
C LEU A 50 -8.59 -20.40 -22.17
N VAL A 51 -9.52 -21.31 -21.89
CA VAL A 51 -9.26 -22.73 -22.07
C VAL A 51 -10.11 -23.34 -23.18
N PHE A 52 -9.44 -23.96 -24.14
CA PHE A 52 -10.13 -24.60 -25.27
C PHE A 52 -9.98 -26.12 -25.22
N HIS A 53 -11.09 -26.82 -25.40
CA HIS A 53 -11.08 -28.28 -25.38
C HIS A 53 -10.61 -28.86 -26.70
N THR A 54 -9.75 -29.87 -26.64
CA THR A 54 -9.25 -30.53 -27.84
C THR A 54 -9.27 -32.05 -27.66
N ASN A 55 -8.98 -32.78 -28.73
CA ASN A 55 -8.97 -34.24 -28.67
C ASN A 55 -7.78 -34.78 -27.88
N ARG A 56 -6.68 -34.02 -27.88
CA ARG A 56 -5.53 -34.34 -27.06
C ARG A 56 -5.88 -34.14 -25.59
N GLY A 57 -6.64 -33.08 -25.32
CA GLY A 57 -7.03 -32.72 -23.97
C GLY A 57 -7.46 -31.26 -23.92
N PRO A 58 -7.30 -30.62 -22.75
CA PRO A 58 -7.60 -29.19 -22.66
C PRO A 58 -6.35 -28.33 -22.78
N ILE A 59 -6.39 -27.33 -23.66
CA ILE A 59 -5.28 -26.40 -23.82
C ILE A 59 -5.62 -25.03 -23.26
N LYS A 60 -4.76 -24.53 -22.38
CA LYS A 60 -4.97 -23.22 -21.74
C LYS A 60 -4.04 -22.15 -22.30
N PHE A 61 -4.64 -21.06 -22.79
CA PHE A 61 -3.91 -19.91 -23.29
C PHE A 61 -4.11 -18.71 -22.38
N ASN A 62 -3.02 -18.26 -21.76
CA ASN A 62 -3.06 -17.08 -20.89
C ASN A 62 -2.92 -15.81 -21.71
N VAL A 63 -4.03 -15.13 -21.91
CA VAL A 63 -4.07 -13.96 -22.79
C VAL A 63 -3.75 -12.66 -22.05
N TRP A 64 -2.65 -12.03 -22.45
CA TRP A 64 -2.27 -10.71 -21.97
C TRP A 64 -2.79 -9.66 -22.94
N ASP A 65 -3.89 -9.01 -22.57
CA ASP A 65 -4.52 -8.02 -23.44
C ASP A 65 -3.82 -6.66 -23.33
N THR A 66 -3.18 -6.23 -24.40
CA THR A 66 -2.35 -5.04 -24.42
C THR A 66 -3.15 -3.77 -24.75
N ALA A 67 -2.74 -2.64 -24.19
CA ALA A 67 -3.30 -1.35 -24.54
C ALA A 67 -2.85 -0.95 -25.93
N GLY A 68 -3.77 -0.39 -26.71
CA GLY A 68 -3.46 0.03 -28.06
C GLY A 68 -3.13 1.51 -28.15
N LEU A 69 -3.83 2.32 -27.36
CA LEU A 69 -3.56 3.74 -27.31
C LEU A 69 -2.17 3.98 -26.71
N GLU A 70 -1.50 5.01 -27.20
CA GLU A 70 -0.13 5.29 -26.77
C GLU A 70 -0.09 5.79 -25.32
N LYS A 71 -1.07 6.61 -24.95
CA LYS A 71 -1.13 7.20 -23.62
C LYS A 71 -1.41 6.16 -22.53
N PHE A 72 -2.19 5.14 -22.87
CA PHE A 72 -2.54 4.08 -21.92
C PHE A 72 -1.60 2.88 -22.06
N GLY A 73 -0.62 2.99 -22.95
CA GLY A 73 0.30 1.90 -23.24
C GLY A 73 0.96 1.29 -22.01
N GLY A 74 1.38 2.15 -21.08
CA GLY A 74 1.95 1.67 -19.83
C GLY A 74 3.30 1.01 -20.00
N LEU A 75 3.46 -0.17 -19.40
CA LEU A 75 4.74 -0.91 -19.46
C LEU A 75 5.14 -1.24 -20.89
N ARG A 76 4.13 -1.40 -21.74
CA ARG A 76 4.33 -1.76 -23.14
C ARG A 76 5.07 -3.08 -23.31
N ASP A 77 6.22 -3.05 -23.97
CA ASP A 77 6.99 -4.24 -24.35
C ASP A 77 7.27 -5.20 -23.19
N GLY A 78 7.18 -4.69 -21.96
CA GLY A 78 7.40 -5.49 -20.77
C GLY A 78 6.41 -6.63 -20.61
N TYR A 79 5.25 -6.50 -21.24
CA TYR A 79 4.26 -7.56 -21.21
C TYR A 79 4.68 -8.72 -22.11
N TYR A 80 5.48 -8.41 -23.12
CA TYR A 80 5.78 -9.35 -24.19
C TYR A 80 6.71 -10.48 -23.74
N ILE A 81 7.50 -10.22 -22.69
CA ILE A 81 8.49 -11.18 -22.22
C ILE A 81 7.87 -12.54 -21.88
N GLN A 82 8.51 -13.62 -22.35
CA GLN A 82 8.09 -15.00 -22.11
C GLN A 82 6.83 -15.42 -22.87
N ALA A 83 6.35 -14.58 -23.76
CA ALA A 83 5.18 -14.95 -24.58
C ALA A 83 5.54 -16.03 -25.59
N GLN A 84 4.78 -17.13 -25.57
CA GLN A 84 5.00 -18.22 -26.51
C GLN A 84 4.45 -17.90 -27.88
N CYS A 85 3.55 -16.92 -27.94
CA CYS A 85 2.92 -16.55 -29.21
C CYS A 85 2.18 -15.23 -29.08
N ALA A 86 1.59 -14.77 -30.19
CA ALA A 86 0.94 -13.47 -30.21
C ALA A 86 -0.16 -13.34 -31.25
N ILE A 87 -1.10 -12.44 -30.98
CA ILE A 87 -2.16 -12.12 -31.93
C ILE A 87 -2.20 -10.62 -32.17
N ILE A 88 -1.95 -10.21 -33.40
CA ILE A 88 -2.03 -8.81 -33.79
C ILE A 88 -3.41 -8.53 -34.39
N MET A 89 -4.02 -7.42 -33.99
CA MET A 89 -5.36 -7.10 -34.42
C MET A 89 -5.45 -5.74 -35.11
N PHE A 90 -6.28 -5.66 -36.14
CA PHE A 90 -6.54 -4.38 -36.80
C PHE A 90 -8.00 -4.27 -37.26
N ASP A 91 -8.47 -3.05 -37.42
CA ASP A 91 -9.84 -2.82 -37.86
C ASP A 91 -9.90 -2.73 -39.39
N VAL A 92 -10.81 -3.49 -39.99
CA VAL A 92 -10.96 -3.50 -41.44
C VAL A 92 -11.48 -2.15 -41.95
N THR A 93 -12.32 -1.51 -41.14
CA THR A 93 -12.94 -0.25 -41.54
C THR A 93 -12.00 0.95 -41.42
N SER A 94 -10.84 0.75 -40.80
CA SER A 94 -9.87 1.84 -40.61
C SER A 94 -8.49 1.46 -41.11
N ARG A 95 -7.99 2.20 -42.10
CA ARG A 95 -6.74 1.87 -42.76
C ARG A 95 -5.51 2.08 -41.86
N VAL A 96 -5.58 3.08 -40.99
CA VAL A 96 -4.45 3.43 -40.13
C VAL A 96 -3.99 2.26 -39.27
N THR A 97 -4.97 1.50 -38.77
CA THR A 97 -4.69 0.31 -37.98
C THR A 97 -3.84 -0.69 -38.76
N TYR A 98 -4.18 -0.89 -40.03
CA TYR A 98 -3.42 -1.79 -40.88
C TYR A 98 -2.04 -1.21 -41.20
N LYS A 99 -1.98 0.11 -41.35
CA LYS A 99 -0.72 0.77 -41.64
C LYS A 99 0.26 0.58 -40.49
N ASN A 100 -0.26 0.58 -39.27
CA ASN A 100 0.59 0.42 -38.09
C ASN A 100 1.03 -1.02 -37.78
N VAL A 101 0.54 -2.00 -38.55
CA VAL A 101 0.83 -3.42 -38.27
C VAL A 101 2.32 -3.81 -38.20
N PRO A 102 3.13 -3.41 -39.21
CA PRO A 102 4.55 -3.78 -39.13
C PRO A 102 5.26 -3.25 -37.88
N ASN A 103 4.74 -2.18 -37.30
CA ASN A 103 5.30 -1.63 -36.06
C ASN A 103 5.07 -2.59 -34.89
N TRP A 104 3.85 -3.12 -34.80
CA TRP A 104 3.51 -4.06 -33.73
C TRP A 104 4.29 -5.36 -33.89
N HIS A 105 4.50 -5.75 -35.14
CA HIS A 105 5.28 -6.94 -35.45
C HIS A 105 6.72 -6.73 -35.04
N ARG A 106 7.24 -5.54 -35.32
CA ARG A 106 8.62 -5.20 -35.03
C ARG A 106 8.95 -5.24 -33.54
N ASP A 107 8.09 -4.62 -32.72
CA ASP A 107 8.27 -4.64 -31.27
C ASP A 107 8.16 -6.06 -30.71
N LEU A 108 7.24 -6.84 -31.27
CA LEU A 108 7.03 -8.21 -30.83
C LEU A 108 8.24 -9.11 -31.08
N VAL A 109 8.84 -8.97 -32.26
CA VAL A 109 9.98 -9.79 -32.66
C VAL A 109 11.22 -9.48 -31.81
N ARG A 110 11.40 -8.20 -31.49
CA ARG A 110 12.52 -7.77 -30.67
C ARG A 110 12.57 -8.49 -29.32
N VAL A 111 11.42 -8.69 -28.70
CA VAL A 111 11.32 -9.35 -27.41
C VAL A 111 11.27 -10.87 -27.58
N CYS A 112 10.51 -11.32 -28.58
CA CYS A 112 10.41 -12.75 -28.89
C CYS A 112 10.43 -12.95 -30.40
N GLU A 113 11.49 -13.60 -30.88
CA GLU A 113 11.79 -13.64 -32.30
C GLU A 113 10.90 -14.54 -33.16
N ASN A 114 10.95 -15.84 -32.90
CA ASN A 114 10.31 -16.82 -33.77
C ASN A 114 8.94 -17.32 -33.31
N ILE A 115 8.33 -16.63 -32.36
CA ILE A 115 7.02 -17.03 -31.86
C ILE A 115 5.97 -16.94 -32.97
N PRO A 116 5.05 -17.92 -33.02
CA PRO A 116 3.95 -17.88 -33.98
C PRO A 116 3.00 -16.72 -33.71
N ILE A 117 2.76 -15.91 -34.73
CA ILE A 117 1.89 -14.75 -34.60
C ILE A 117 0.74 -14.84 -35.58
N VAL A 118 -0.46 -14.46 -35.14
CA VAL A 118 -1.62 -14.47 -36.04
C VAL A 118 -2.13 -13.06 -36.29
N LEU A 119 -2.30 -12.71 -37.56
CA LEU A 119 -2.86 -11.41 -37.93
C LEU A 119 -4.37 -11.52 -38.10
N CYS A 120 -5.11 -10.61 -37.46
CA CYS A 120 -6.56 -10.64 -37.46
C CYS A 120 -7.19 -9.33 -37.93
N GLY A 121 -8.06 -9.43 -38.94
CA GLY A 121 -8.82 -8.28 -39.39
C GLY A 121 -10.24 -8.33 -38.84
N ASN A 122 -10.65 -7.28 -38.14
CA ASN A 122 -11.97 -7.26 -37.51
C ASN A 122 -12.94 -6.21 -38.06
N LYS A 123 -14.19 -6.31 -37.64
CA LYS A 123 -15.30 -5.51 -38.16
C LYS A 123 -15.55 -5.80 -39.64
N VAL A 124 -15.23 -7.03 -40.04
CA VAL A 124 -15.46 -7.49 -41.41
C VAL A 124 -16.97 -7.61 -41.66
N ASP A 125 -17.71 -7.92 -40.61
CA ASP A 125 -19.15 -8.05 -40.69
C ASP A 125 -19.81 -6.73 -41.13
N ILE A 126 -19.17 -5.62 -40.78
CA ILE A 126 -19.64 -4.29 -41.17
C ILE A 126 -19.65 -4.17 -42.69
N LYS A 127 -20.73 -3.60 -43.23
CA LYS A 127 -20.95 -3.52 -44.67
C LYS A 127 -19.82 -2.83 -45.42
N ASP A 128 -19.46 -1.62 -44.99
CA ASP A 128 -18.40 -0.86 -45.65
C ASP A 128 -17.03 -1.27 -45.12
N ARG A 129 -16.19 -1.77 -46.03
CA ARG A 129 -14.85 -2.21 -45.68
C ARG A 129 -13.80 -1.32 -46.33
N LYS A 130 -12.88 -0.79 -45.51
CA LYS A 130 -11.84 0.11 -46.01
C LYS A 130 -10.63 -0.66 -46.53
N VAL A 131 -10.43 -1.88 -46.03
CA VAL A 131 -9.31 -2.70 -46.46
C VAL A 131 -9.76 -3.92 -47.27
N LYS A 132 -9.27 -4.01 -48.50
CA LYS A 132 -9.58 -5.14 -49.36
C LYS A 132 -8.85 -6.38 -48.86
N ALA A 133 -9.42 -7.54 -49.15
CA ALA A 133 -8.86 -8.81 -48.69
C ALA A 133 -7.57 -9.17 -49.42
N LYS A 134 -7.37 -8.56 -50.59
CA LYS A 134 -6.21 -8.86 -51.42
C LYS A 134 -4.91 -8.32 -50.84
N SER A 135 -5.02 -7.25 -50.05
CA SER A 135 -3.85 -6.53 -49.57
C SER A 135 -2.95 -7.32 -48.61
N ILE A 136 -3.56 -8.13 -47.75
CA ILE A 136 -2.83 -8.85 -46.70
C ILE A 136 -1.71 -9.74 -47.24
N VAL A 137 -0.47 -9.39 -46.88
CA VAL A 137 0.70 -10.14 -47.34
C VAL A 137 1.53 -10.63 -46.16
N PHE A 138 0.98 -10.51 -44.96
CA PHE A 138 1.70 -10.88 -43.73
C PHE A 138 1.86 -12.39 -43.60
N HIS A 139 0.88 -13.14 -44.10
CA HIS A 139 0.86 -14.59 -43.95
C HIS A 139 1.85 -15.30 -44.88
N ARG A 140 2.77 -14.55 -45.47
CA ARG A 140 3.76 -15.10 -46.39
C ARG A 140 4.89 -15.82 -45.65
N LYS A 141 4.82 -15.81 -44.32
CA LYS A 141 5.82 -16.50 -43.52
C LYS A 141 5.27 -17.82 -42.98
N LYS A 142 6.15 -18.75 -42.67
CA LYS A 142 5.76 -20.06 -42.17
C LYS A 142 5.12 -19.98 -40.79
N ASN A 143 5.58 -19.02 -39.99
CA ASN A 143 5.06 -18.83 -38.65
C ASN A 143 4.02 -17.71 -38.58
N LEU A 144 3.42 -17.41 -39.73
CA LEU A 144 2.40 -16.38 -39.79
C LEU A 144 1.20 -16.82 -40.64
N GLN A 145 0.00 -16.50 -40.18
CA GLN A 145 -1.22 -16.81 -40.91
C GLN A 145 -2.28 -15.76 -40.61
N TYR A 146 -3.03 -15.37 -41.64
CA TYR A 146 -4.05 -14.34 -41.51
C TYR A 146 -5.47 -14.89 -41.34
N TYR A 147 -6.31 -14.13 -40.63
CA TYR A 147 -7.72 -14.48 -40.48
C TYR A 147 -8.63 -13.26 -40.46
N ASP A 148 -9.82 -13.41 -41.02
CA ASP A 148 -10.86 -12.40 -40.91
C ASP A 148 -11.80 -12.77 -39.77
N ILE A 149 -11.63 -12.12 -38.63
CA ILE A 149 -12.47 -12.41 -37.48
C ILE A 149 -13.51 -11.30 -37.28
N SER A 150 -14.69 -11.69 -36.83
CA SER A 150 -15.74 -10.74 -36.51
C SER A 150 -16.26 -11.01 -35.11
N ALA A 151 -15.83 -10.19 -34.16
CA ALA A 151 -16.16 -10.39 -32.76
C ALA A 151 -17.66 -10.35 -32.50
N LYS A 152 -18.40 -9.67 -33.38
CA LYS A 152 -19.86 -9.61 -33.25
C LYS A 152 -20.54 -10.83 -33.87
N SER A 153 -20.36 -11.05 -35.16
CA SER A 153 -21.01 -12.18 -35.83
C SER A 153 -20.33 -13.50 -35.54
N ASN A 154 -19.29 -13.46 -34.72
CA ASN A 154 -18.55 -14.65 -34.28
C ASN A 154 -17.95 -15.44 -35.44
N TYR A 155 -17.68 -14.75 -36.54
CA TYR A 155 -17.07 -15.36 -37.72
C TYR A 155 -15.59 -15.61 -37.49
N ASN A 156 -15.17 -16.85 -37.70
CA ASN A 156 -13.78 -17.28 -37.46
C ASN A 156 -13.30 -17.01 -36.03
N PHE A 157 -14.16 -17.29 -35.06
CA PHE A 157 -13.85 -17.02 -33.66
C PHE A 157 -12.67 -17.85 -33.16
N GLU A 158 -12.73 -19.16 -33.39
CA GLU A 158 -11.73 -20.08 -32.84
C GLU A 158 -10.52 -20.26 -33.73
N LYS A 159 -10.64 -19.84 -34.99
CA LYS A 159 -9.58 -20.03 -35.99
C LYS A 159 -8.16 -19.60 -35.56
N PRO A 160 -8.00 -18.38 -35.01
CA PRO A 160 -6.64 -18.00 -34.57
C PRO A 160 -6.11 -18.93 -33.48
N PHE A 161 -6.90 -19.12 -32.43
CA PHE A 161 -6.49 -19.96 -31.31
C PHE A 161 -6.27 -21.40 -31.75
N LEU A 162 -7.03 -21.83 -32.76
CA LEU A 162 -6.88 -23.19 -33.30
C LEU A 162 -5.54 -23.33 -34.01
N TRP A 163 -5.26 -22.41 -34.93
CA TRP A 163 -4.01 -22.42 -35.68
C TRP A 163 -2.82 -22.36 -34.73
N LEU A 164 -2.89 -21.45 -33.77
CA LEU A 164 -1.85 -21.32 -32.75
C LEU A 164 -1.66 -22.60 -31.95
N ALA A 165 -2.77 -23.21 -31.54
CA ALA A 165 -2.69 -24.45 -30.76
C ALA A 165 -2.01 -25.55 -31.56
N ARG A 166 -2.36 -25.67 -32.83
CA ARG A 166 -1.75 -26.66 -33.70
C ARG A 166 -0.26 -26.42 -33.88
N LYS A 167 0.12 -25.19 -34.19
CA LYS A 167 1.51 -24.85 -34.42
C LYS A 167 2.36 -24.99 -33.16
N LEU A 168 1.73 -24.80 -32.01
CA LEU A 168 2.43 -24.89 -30.72
C LEU A 168 2.61 -26.35 -30.27
N ILE A 169 1.51 -27.10 -30.23
CA ILE A 169 1.56 -28.50 -29.82
C ILE A 169 2.40 -29.33 -30.80
N GLY A 170 2.32 -28.98 -32.08
CA GLY A 170 3.08 -29.67 -33.10
C GLY A 170 2.24 -30.69 -33.84
N ASP A 171 0.93 -30.60 -33.64
CA ASP A 171 0.01 -31.53 -34.28
C ASP A 171 -0.97 -30.79 -35.19
N PRO A 172 -0.72 -30.84 -36.51
CA PRO A 172 -1.60 -30.22 -37.51
C PRO A 172 -2.97 -30.89 -37.52
N ASN A 173 -3.05 -32.09 -36.96
CA ASN A 173 -4.29 -32.85 -36.96
C ASN A 173 -5.23 -32.46 -35.82
N LEU A 174 -4.69 -31.71 -34.85
CA LEU A 174 -5.45 -31.30 -33.68
C LEU A 174 -6.69 -30.48 -34.04
N GLU A 175 -7.85 -30.95 -33.58
CA GLU A 175 -9.12 -30.28 -33.84
C GLU A 175 -9.79 -29.87 -32.53
N PHE A 176 -10.73 -28.92 -32.63
CA PHE A 176 -11.44 -28.41 -31.47
C PHE A 176 -12.58 -29.34 -31.06
N VAL A 177 -12.79 -29.49 -29.75
CA VAL A 177 -13.85 -30.36 -29.25
C VAL A 177 -15.20 -29.62 -29.20
N PRO B 17 0.35 1.05 4.36
CA PRO B 17 1.27 0.14 3.69
C PRO B 17 1.72 0.70 2.35
N ALA B 18 3.02 0.61 2.08
CA ALA B 18 3.57 1.12 0.84
C ALA B 18 4.95 0.53 0.58
N LEU B 19 5.33 0.49 -0.69
CA LEU B 19 6.60 -0.10 -1.11
C LEU B 19 7.37 0.92 -1.93
N ASP B 20 8.44 1.47 -1.36
CA ASP B 20 9.24 2.49 -2.04
C ASP B 20 9.85 1.92 -3.31
N PHE B 21 10.07 2.78 -4.30
CA PHE B 21 10.56 2.33 -5.60
C PHE B 21 12.05 2.01 -5.59
N THR B 22 12.41 0.96 -4.87
CA THR B 22 13.80 0.51 -4.85
C THR B 22 13.95 -0.79 -5.62
N VAL B 23 15.20 -1.17 -5.87
CA VAL B 23 15.52 -2.33 -6.71
C VAL B 23 14.92 -3.62 -6.19
N GLU B 24 14.98 -3.81 -4.87
CA GLU B 24 14.46 -5.03 -4.26
C GLU B 24 12.95 -5.15 -4.49
N ASN B 25 12.23 -4.07 -4.23
CA ASN B 25 10.78 -4.04 -4.40
C ASN B 25 10.36 -4.18 -5.86
N VAL B 26 11.07 -3.52 -6.76
CA VAL B 26 10.79 -3.62 -8.18
C VAL B 26 11.04 -5.03 -8.68
N GLU B 27 12.09 -5.66 -8.17
CA GLU B 27 12.45 -7.02 -8.58
C GLU B 27 11.42 -8.01 -8.08
N LYS B 28 10.99 -7.85 -6.83
CA LYS B 28 9.95 -8.68 -6.26
C LYS B 28 8.65 -8.54 -7.06
N ALA B 29 8.36 -7.30 -7.46
CA ALA B 29 7.17 -7.02 -8.25
C ALA B 29 7.24 -7.66 -9.63
N LEU B 30 8.43 -7.64 -10.22
CA LEU B 30 8.65 -8.28 -11.52
C LEU B 30 8.43 -9.78 -11.41
N HIS B 31 9.04 -10.39 -10.39
CA HIS B 31 8.89 -11.82 -10.15
C HIS B 31 7.41 -12.16 -9.97
N GLN B 32 6.69 -11.32 -9.25
CA GLN B 32 5.26 -11.53 -9.06
C GLN B 32 4.48 -11.47 -10.37
N LEU B 33 4.60 -10.34 -11.08
CA LEU B 33 3.91 -10.14 -12.35
C LEU B 33 4.17 -11.27 -13.35
N TYR B 34 5.42 -11.73 -13.38
CA TYR B 34 5.81 -12.75 -14.35
C TYR B 34 5.49 -14.18 -13.90
N TYR B 35 5.31 -14.41 -12.60
CA TYR B 35 5.15 -15.78 -12.12
C TYR B 35 3.93 -16.06 -11.24
N ASP B 36 3.34 -15.03 -10.64
CA ASP B 36 2.17 -15.23 -9.79
C ASP B 36 0.95 -15.56 -10.63
N PRO B 37 0.30 -16.70 -10.36
CA PRO B 37 -0.85 -17.16 -11.15
C PRO B 37 -2.11 -16.33 -10.95
N ASN B 38 -2.23 -15.65 -9.81
CA ASN B 38 -3.41 -14.84 -9.54
C ASN B 38 -3.51 -13.64 -10.47
N ILE B 39 -4.68 -13.45 -11.06
CA ILE B 39 -4.90 -12.38 -12.02
C ILE B 39 -4.75 -11.00 -11.39
N GLU B 40 -5.45 -10.79 -10.26
CA GLU B 40 -5.42 -9.50 -9.57
C GLU B 40 -4.03 -9.17 -9.04
N ASN B 41 -3.25 -10.20 -8.69
CA ASN B 41 -1.87 -9.99 -8.26
C ASN B 41 -1.03 -9.42 -9.39
N LYS B 42 -1.17 -9.99 -10.58
CA LYS B 42 -0.50 -9.47 -11.77
C LYS B 42 -0.99 -8.06 -12.06
N ASN B 43 -2.29 -7.83 -11.90
CA ASN B 43 -2.89 -6.53 -12.21
C ASN B 43 -2.46 -5.44 -11.23
N LEU B 44 -2.04 -5.85 -10.04
CA LEU B 44 -1.58 -4.92 -9.02
C LEU B 44 -0.10 -4.64 -9.22
N ALA B 45 0.66 -5.72 -9.41
CA ALA B 45 2.10 -5.62 -9.64
C ALA B 45 2.38 -4.77 -10.88
N GLN B 46 1.60 -4.98 -11.92
CA GLN B 46 1.78 -4.24 -13.16
C GLN B 46 1.50 -2.75 -12.97
N LYS B 47 0.55 -2.41 -12.11
CA LYS B 47 0.21 -1.01 -11.84
C LYS B 47 1.31 -0.33 -11.02
N TRP B 48 1.74 -1.02 -9.97
CA TRP B 48 2.83 -0.52 -9.14
C TRP B 48 4.08 -0.33 -10.01
N LEU B 49 4.24 -1.18 -11.00
CA LEU B 49 5.34 -1.05 -11.96
C LEU B 49 5.11 0.10 -12.95
N MET B 50 3.84 0.39 -13.26
CA MET B 50 3.51 1.54 -14.09
C MET B 50 3.99 2.77 -13.36
N GLN B 51 3.79 2.79 -12.04
CA GLN B 51 4.31 3.89 -11.22
C GLN B 51 5.83 3.88 -11.19
N ALA B 52 6.41 2.70 -11.06
CA ALA B 52 7.86 2.55 -10.90
C ALA B 52 8.62 3.09 -12.12
N GLN B 53 8.09 2.81 -13.31
CA GLN B 53 8.73 3.21 -14.55
C GLN B 53 8.79 4.72 -14.69
N VAL B 54 7.70 5.38 -14.32
CA VAL B 54 7.58 6.83 -14.46
C VAL B 54 8.31 7.57 -13.33
N SER B 55 8.36 6.94 -12.17
CA SER B 55 9.00 7.52 -10.98
C SER B 55 10.44 7.96 -11.24
N PRO B 56 10.89 9.02 -10.55
CA PRO B 56 12.27 9.53 -10.73
C PRO B 56 13.31 8.51 -10.25
N GLN B 57 12.97 7.78 -9.19
CA GLN B 57 13.86 6.76 -8.64
C GLN B 57 14.32 5.75 -9.70
N ALA B 58 13.52 5.62 -10.76
CA ALA B 58 13.86 4.74 -11.87
C ALA B 58 15.24 5.05 -12.42
N TRP B 59 15.52 6.35 -12.61
CA TRP B 59 16.81 6.79 -13.13
C TRP B 59 17.98 6.20 -12.36
N HIS B 60 17.72 5.85 -11.10
CA HIS B 60 18.74 5.21 -10.27
C HIS B 60 18.65 3.69 -10.30
N PHE B 61 17.45 3.14 -10.23
CA PHE B 61 17.34 1.68 -10.08
C PHE B 61 17.52 0.89 -11.38
N SER B 62 17.23 1.54 -12.51
CA SER B 62 17.30 0.89 -13.81
C SER B 62 18.67 0.26 -14.05
N TRP B 63 19.73 1.04 -13.84
CA TRP B 63 21.09 0.55 -13.98
C TRP B 63 21.33 -0.67 -13.08
N GLN B 64 20.78 -0.61 -11.87
CA GLN B 64 20.97 -1.68 -10.89
C GLN B 64 20.26 -2.95 -11.33
N LEU B 65 19.26 -2.80 -12.19
CA LEU B 65 18.57 -3.96 -12.76
C LEU B 65 19.38 -4.55 -13.90
N LEU B 66 20.27 -3.75 -14.49
CA LEU B 66 21.09 -4.19 -15.61
C LEU B 66 22.36 -4.90 -15.15
N GLN B 67 22.56 -4.94 -13.84
CA GLN B 67 23.74 -5.59 -13.27
C GLN B 67 23.73 -7.08 -13.58
N PRO B 68 24.92 -7.70 -13.67
CA PRO B 68 25.03 -9.12 -14.01
C PRO B 68 24.48 -10.06 -12.93
N ASP B 69 24.14 -9.49 -11.78
CA ASP B 69 23.63 -10.28 -10.66
C ASP B 69 22.22 -10.84 -10.94
N LYS B 70 21.51 -10.20 -11.87
CA LYS B 70 20.10 -10.52 -12.08
C LYS B 70 19.80 -11.25 -13.40
N VAL B 71 18.68 -11.98 -13.40
CA VAL B 71 18.22 -12.74 -14.57
C VAL B 71 17.79 -11.77 -15.68
N PRO B 72 17.98 -12.16 -16.96
CA PRO B 72 17.52 -11.38 -18.12
C PRO B 72 16.07 -10.89 -18.01
N GLU B 73 15.19 -11.70 -17.43
CA GLU B 73 13.81 -11.31 -17.25
C GLU B 73 13.70 -10.04 -16.40
N ILE B 74 14.62 -9.89 -15.47
CA ILE B 74 14.66 -8.72 -14.60
C ILE B 74 15.39 -7.55 -15.27
N GLN B 75 16.52 -7.85 -15.91
CA GLN B 75 17.33 -6.85 -16.59
C GLN B 75 16.52 -6.11 -17.67
N TYR B 76 15.74 -6.87 -18.41
CA TYR B 76 14.99 -6.30 -19.52
C TYR B 76 14.05 -5.19 -19.10
N PHE B 77 13.41 -5.35 -17.94
CA PHE B 77 12.55 -4.30 -17.43
C PHE B 77 13.37 -3.05 -17.14
N GLY B 78 14.58 -3.25 -16.66
CA GLY B 78 15.50 -2.16 -16.40
C GLY B 78 15.84 -1.40 -17.66
N ALA B 79 16.08 -2.11 -18.75
CA ALA B 79 16.36 -1.46 -20.03
C ALA B 79 15.13 -0.74 -20.59
N SER B 80 13.99 -1.46 -20.60
CA SER B 80 12.73 -0.95 -21.11
C SER B 80 12.28 0.31 -20.41
N ALA B 81 12.51 0.36 -19.10
CA ALA B 81 12.16 1.53 -18.29
C ALA B 81 12.91 2.75 -18.82
N LEU B 82 14.22 2.61 -19.03
CA LEU B 82 15.03 3.68 -19.60
C LEU B 82 14.49 4.09 -20.96
N HIS B 83 14.29 3.10 -21.83
CA HIS B 83 13.75 3.34 -23.17
C HIS B 83 12.47 4.19 -23.14
N ILE B 84 11.61 3.92 -22.17
CA ILE B 84 10.33 4.61 -22.08
C ILE B 84 10.49 6.00 -21.46
N LYS B 85 11.38 6.11 -20.48
CA LYS B 85 11.73 7.42 -19.90
C LYS B 85 12.27 8.38 -20.96
N ILE B 86 13.02 7.84 -21.90
CA ILE B 86 13.61 8.67 -22.95
C ILE B 86 12.64 8.95 -24.10
N SER B 87 11.93 7.91 -24.54
CA SER B 87 11.02 8.05 -25.68
C SER B 87 9.76 8.84 -25.33
N ARG B 88 9.08 8.45 -24.25
CA ARG B 88 7.84 9.09 -23.86
C ARG B 88 8.05 10.44 -23.17
N TYR B 89 9.03 10.51 -22.28
CA TYR B 89 9.25 11.70 -21.47
C TYR B 89 10.64 12.29 -21.64
N TRP B 90 10.97 12.73 -22.85
CA TRP B 90 12.28 13.34 -23.11
C TRP B 90 12.33 14.78 -22.58
N SER B 91 11.18 15.44 -22.57
CA SER B 91 11.10 16.84 -22.17
C SER B 91 11.60 17.06 -20.74
N ASP B 92 11.40 16.06 -19.89
CA ASP B 92 11.76 16.15 -18.48
C ASP B 92 13.26 16.05 -18.24
N ILE B 93 13.97 15.32 -19.10
CA ILE B 93 15.40 15.13 -18.94
C ILE B 93 16.16 16.45 -19.08
N PRO B 94 16.88 16.83 -18.01
CA PRO B 94 17.65 18.08 -17.96
C PRO B 94 18.82 18.09 -18.95
N THR B 95 19.26 19.28 -19.34
CA THR B 95 20.29 19.43 -20.37
C THR B 95 21.67 18.96 -19.90
N ASP B 96 21.95 19.10 -18.60
CA ASP B 96 23.24 18.70 -18.06
C ASP B 96 23.41 17.19 -18.00
N GLN B 97 22.31 16.47 -17.79
CA GLN B 97 22.35 15.02 -17.71
C GLN B 97 22.52 14.35 -19.06
N TYR B 98 22.18 15.09 -20.12
CA TYR B 98 22.22 14.59 -21.50
C TYR B 98 23.43 13.71 -21.79
N GLU B 99 24.61 14.32 -21.79
CA GLU B 99 25.86 13.59 -22.00
C GLU B 99 25.97 12.38 -21.06
N SER B 100 25.76 12.62 -19.77
CA SER B 100 25.83 11.56 -18.77
C SER B 100 24.89 10.41 -19.12
N LEU B 101 23.73 10.74 -19.68
CA LEU B 101 22.76 9.73 -20.07
C LEU B 101 23.23 8.99 -21.31
N LYS B 102 23.85 9.71 -22.25
CA LYS B 102 24.35 9.09 -23.47
C LYS B 102 25.44 8.08 -23.15
N ALA B 103 26.58 8.59 -22.69
CA ALA B 103 27.75 7.78 -22.37
C ALA B 103 27.40 6.50 -21.64
N GLN B 104 26.72 6.65 -20.50
CA GLN B 104 26.27 5.53 -19.70
C GLN B 104 25.70 4.42 -20.57
N LEU B 105 24.66 4.75 -21.34
CA LEU B 105 24.01 3.81 -22.24
C LEU B 105 25.04 3.02 -23.04
N PHE B 106 25.90 3.74 -23.76
CA PHE B 106 26.95 3.12 -24.56
C PHE B 106 27.66 2.05 -23.75
N THR B 107 28.20 2.45 -22.61
CA THR B 107 28.96 1.53 -21.78
C THR B 107 28.15 0.29 -21.47
N GLN B 108 26.91 0.48 -21.03
CA GLN B 108 26.05 -0.65 -20.68
C GLN B 108 25.88 -1.55 -21.89
N ILE B 109 25.63 -0.93 -23.05
CA ILE B 109 25.44 -1.68 -24.29
C ILE B 109 26.65 -2.56 -24.53
N THR B 110 27.83 -1.99 -24.30
CA THR B 110 29.07 -2.72 -24.47
C THR B 110 29.08 -3.97 -23.59
N ARG B 111 28.70 -3.80 -22.32
CA ARG B 111 28.67 -4.93 -21.40
C ARG B 111 27.73 -6.01 -21.90
N PHE B 112 26.68 -5.60 -22.62
CA PHE B 112 25.70 -6.55 -23.10
C PHE B 112 26.03 -7.08 -24.49
N ALA B 113 27.29 -6.95 -24.88
CA ALA B 113 27.74 -7.52 -26.15
C ALA B 113 27.62 -9.03 -26.11
N SER B 114 28.11 -9.63 -25.02
CA SER B 114 28.01 -11.06 -24.83
C SER B 114 26.77 -11.41 -24.02
N GLY B 115 26.07 -10.38 -23.54
CA GLY B 115 24.87 -10.56 -22.74
C GLY B 115 23.67 -10.98 -23.56
N SER B 116 22.50 -10.99 -22.93
CA SER B 116 21.26 -11.39 -23.57
C SER B 116 20.90 -10.46 -24.73
N LYS B 117 20.54 -11.05 -25.87
CA LYS B 117 20.28 -10.30 -27.08
C LYS B 117 19.07 -9.36 -26.94
N ILE B 118 18.05 -9.81 -26.21
CA ILE B 118 16.84 -9.04 -26.02
C ILE B 118 17.14 -7.70 -25.35
N VAL B 119 17.81 -7.76 -24.20
CA VAL B 119 18.18 -6.57 -23.45
C VAL B 119 19.11 -5.65 -24.25
N LEU B 120 20.08 -6.25 -24.95
CA LEU B 120 20.98 -5.48 -25.80
C LEU B 120 20.19 -4.68 -26.83
N THR B 121 19.25 -5.35 -27.48
CA THR B 121 18.38 -4.71 -28.47
C THR B 121 17.59 -3.57 -27.83
N ARG B 122 17.04 -3.79 -26.64
CA ARG B 122 16.28 -2.75 -25.95
C ARG B 122 17.12 -1.51 -25.63
N LEU B 123 18.35 -1.74 -25.15
CA LEU B 123 19.28 -0.67 -24.87
C LEU B 123 19.66 0.12 -26.12
N CYS B 124 19.91 -0.61 -27.21
CA CYS B 124 20.21 0.05 -28.48
C CYS B 124 19.03 0.88 -28.97
N VAL B 125 17.82 0.36 -28.77
CA VAL B 125 16.61 1.12 -29.06
C VAL B 125 16.61 2.42 -28.27
N ALA B 126 16.92 2.31 -26.98
CA ALA B 126 16.96 3.48 -26.10
C ALA B 126 17.96 4.53 -26.59
N LEU B 127 19.17 4.09 -26.90
CA LEU B 127 20.21 5.00 -27.35
C LEU B 127 19.85 5.65 -28.69
N ALA B 128 19.20 4.88 -29.56
CA ALA B 128 18.74 5.40 -30.84
C ALA B 128 17.69 6.48 -30.61
N SER B 129 16.79 6.21 -29.67
CA SER B 129 15.74 7.16 -29.33
C SER B 129 16.33 8.46 -28.79
N LEU B 130 17.35 8.34 -27.95
CA LEU B 130 18.05 9.51 -27.43
C LEU B 130 18.67 10.28 -28.59
N ALA B 131 19.34 9.56 -29.49
CA ALA B 131 19.97 10.16 -30.65
C ALA B 131 18.98 10.98 -31.46
N LEU B 132 17.85 10.36 -31.83
CA LEU B 132 16.82 11.03 -32.60
C LEU B 132 16.20 12.21 -31.85
N SER B 133 16.14 12.11 -30.53
CA SER B 133 15.56 13.18 -29.71
C SER B 133 16.48 14.38 -29.63
N MET B 134 17.76 14.19 -29.97
CA MET B 134 18.71 15.30 -29.99
C MET B 134 19.55 15.28 -31.26
N MET B 135 18.99 14.69 -32.31
CA MET B 135 19.64 14.58 -33.61
C MET B 135 19.97 15.90 -34.35
N PRO B 136 18.99 16.82 -34.49
CA PRO B 136 19.18 18.01 -35.34
C PRO B 136 20.48 18.78 -35.14
N ASP B 137 20.75 19.23 -33.91
CA ASP B 137 21.93 20.05 -33.66
C ASP B 137 22.70 19.65 -32.39
N ALA B 138 21.99 19.07 -31.43
CA ALA B 138 22.59 18.73 -30.14
C ALA B 138 23.61 17.59 -30.26
N TRP B 139 23.31 16.62 -31.11
CA TRP B 139 24.26 15.54 -31.41
C TRP B 139 24.57 15.57 -32.91
N PRO B 140 25.53 16.42 -33.31
CA PRO B 140 25.86 16.71 -34.71
C PRO B 140 26.20 15.48 -35.54
N CYS B 141 27.03 14.59 -35.00
CA CYS B 141 27.48 13.41 -35.75
C CYS B 141 27.29 12.13 -34.95
N ALA B 142 26.04 11.73 -34.76
CA ALA B 142 25.73 10.56 -33.93
C ALA B 142 26.34 9.27 -34.47
N VAL B 143 26.23 9.06 -35.79
CA VAL B 143 26.75 7.85 -36.42
C VAL B 143 28.26 7.73 -36.24
N ALA B 144 28.98 8.77 -36.67
CA ALA B 144 30.43 8.80 -36.56
C ALA B 144 30.88 8.71 -35.10
N ASP B 145 30.11 9.30 -34.20
CA ASP B 145 30.45 9.25 -32.78
C ASP B 145 30.26 7.84 -32.21
N MET B 146 29.23 7.14 -32.68
CA MET B 146 29.01 5.76 -32.28
C MET B 146 30.18 4.91 -32.78
N VAL B 147 30.49 5.06 -34.07
CA VAL B 147 31.60 4.36 -34.70
C VAL B 147 32.90 4.56 -33.92
N ARG B 148 33.20 5.82 -33.59
CA ARG B 148 34.43 6.14 -32.86
C ARG B 148 34.41 5.57 -31.44
N LEU B 149 33.26 5.66 -30.78
CA LEU B 149 33.12 5.19 -29.40
C LEU B 149 33.30 3.68 -29.29
N PHE B 150 32.83 2.94 -30.29
CA PHE B 150 32.99 1.48 -30.26
C PHE B 150 34.36 1.02 -30.76
N GLN B 151 34.96 1.79 -31.67
CA GLN B 151 36.27 1.45 -32.20
C GLN B 151 37.38 2.30 -31.58
N VAL B 157 34.68 -5.71 -23.18
CA VAL B 157 36.11 -5.80 -23.47
C VAL B 157 36.38 -6.54 -24.77
N ASP B 158 35.34 -7.13 -25.34
CA ASP B 158 35.47 -7.87 -26.59
C ASP B 158 35.56 -6.91 -27.77
N GLY B 159 36.03 -7.42 -28.91
CA GLY B 159 36.15 -6.61 -30.10
C GLY B 159 35.10 -6.95 -31.15
N GLN B 160 34.82 -8.24 -31.29
CA GLN B 160 33.82 -8.70 -32.26
C GLN B 160 32.42 -8.32 -31.77
N GLY B 161 32.14 -8.61 -30.51
CA GLY B 161 30.86 -8.29 -29.91
C GLY B 161 30.61 -6.80 -29.87
N ARG B 162 31.69 -6.01 -29.85
CA ARG B 162 31.59 -4.56 -29.88
C ARG B 162 31.07 -4.12 -31.24
N CYS B 163 31.62 -4.73 -32.29
CA CYS B 163 31.18 -4.47 -33.65
C CYS B 163 29.73 -4.90 -33.83
N LEU B 164 29.38 -6.06 -33.26
CA LEU B 164 28.01 -6.55 -33.32
C LEU B 164 27.03 -5.61 -32.63
N ALA B 165 27.41 -5.09 -31.47
CA ALA B 165 26.58 -4.15 -30.73
C ALA B 165 26.42 -2.85 -31.53
N LEU B 166 27.53 -2.38 -32.09
CA LEU B 166 27.50 -1.19 -32.93
C LEU B 166 26.53 -1.36 -34.09
N LEU B 167 26.62 -2.50 -34.75
CA LEU B 167 25.74 -2.80 -35.89
C LEU B 167 24.28 -2.91 -35.46
N GLU B 168 24.04 -3.46 -34.27
CA GLU B 168 22.68 -3.55 -33.75
C GLU B 168 22.10 -2.16 -33.54
N LEU B 169 22.90 -1.29 -32.93
CA LEU B 169 22.51 0.11 -32.72
C LEU B 169 22.18 0.79 -34.04
N LEU B 170 23.12 0.70 -34.99
CA LEU B 170 22.97 1.33 -36.29
C LEU B 170 21.80 0.76 -37.07
N THR B 171 21.42 -0.47 -36.73
CA THR B 171 20.29 -1.15 -37.37
C THR B 171 18.98 -0.64 -36.81
N VAL B 172 18.96 -0.41 -35.50
CA VAL B 172 17.75 0.05 -34.83
C VAL B 172 17.46 1.53 -35.09
N LEU B 173 18.53 2.32 -35.22
CA LEU B 173 18.41 3.78 -35.43
C LEU B 173 17.40 4.23 -36.49
N PRO B 174 17.46 3.68 -37.71
CA PRO B 174 16.51 4.19 -38.70
C PRO B 174 15.07 3.75 -38.45
N GLU B 175 14.85 2.57 -37.90
CA GLU B 175 13.49 2.08 -37.67
C GLU B 175 12.80 2.82 -36.51
N GLU B 176 13.57 3.19 -35.50
CA GLU B 176 13.02 3.97 -34.39
C GLU B 176 12.58 5.36 -34.84
N PHE B 177 13.12 5.79 -35.98
CA PHE B 177 12.70 7.05 -36.59
C PHE B 177 11.36 6.88 -37.28
N GLN B 178 11.14 5.71 -37.87
CA GLN B 178 9.90 5.42 -38.58
C GLN B 178 8.69 5.35 -37.65
N THR B 179 8.95 5.27 -36.34
CA THR B 179 7.87 5.20 -35.36
C THR B 179 7.91 6.37 -34.38
N SER B 180 8.91 7.23 -34.51
CA SER B 180 9.04 8.39 -33.64
C SER B 180 8.02 9.46 -33.99
N ARG B 181 7.19 9.84 -33.01
CA ARG B 181 6.18 10.85 -33.23
C ARG B 181 6.73 12.25 -33.00
N LEU B 182 6.75 13.05 -34.05
CA LEU B 182 7.31 14.40 -34.01
C LEU B 182 6.49 15.32 -34.91
N PRO B 183 6.54 16.64 -34.64
CA PRO B 183 5.88 17.58 -35.55
C PRO B 183 6.55 17.58 -36.92
N GLN B 184 5.85 18.05 -37.96
CA GLN B 184 6.32 17.97 -39.34
C GLN B 184 7.71 18.57 -39.53
N TYR B 185 7.88 19.82 -39.09
CA TYR B 185 9.15 20.52 -39.23
C TYR B 185 10.29 19.74 -38.57
N ARG B 186 10.07 19.31 -37.33
CA ARG B 186 11.06 18.53 -36.59
C ARG B 186 11.38 17.22 -37.30
N LYS B 187 10.34 16.52 -37.74
CA LYS B 187 10.50 15.25 -38.43
C LYS B 187 11.35 15.39 -39.69
N GLY B 188 11.06 16.41 -40.49
CA GLY B 188 11.84 16.68 -41.69
C GLY B 188 13.27 17.01 -41.35
N LEU B 189 13.44 17.92 -40.40
CA LEU B 189 14.76 18.36 -39.95
C LEU B 189 15.61 17.19 -39.47
N VAL B 190 14.96 16.18 -38.90
CA VAL B 190 15.66 14.98 -38.45
C VAL B 190 16.00 14.08 -39.64
N ARG B 191 15.01 13.87 -40.51
CA ARG B 191 15.19 13.01 -41.68
C ARG B 191 16.37 13.45 -42.54
N THR B 192 16.54 14.77 -42.70
CA THR B 192 17.68 15.27 -43.46
C THR B 192 19.03 14.85 -42.86
N SER B 193 19.24 15.23 -41.60
CA SER B 193 20.49 14.91 -40.89
C SER B 193 20.73 13.41 -40.83
N LEU B 194 19.66 12.63 -40.83
CA LEU B 194 19.76 11.17 -40.83
C LEU B 194 20.26 10.69 -42.18
N ALA B 195 19.68 11.26 -43.24
CA ALA B 195 20.11 10.97 -44.61
C ALA B 195 21.60 11.27 -44.77
N VAL B 196 22.07 12.32 -44.10
CA VAL B 196 23.49 12.62 -44.10
C VAL B 196 24.29 11.47 -43.48
N GLU B 197 23.79 10.91 -42.40
CA GLU B 197 24.49 9.85 -41.68
C GLU B 197 24.51 8.52 -42.43
N CYS B 198 23.47 8.26 -43.23
CA CYS B 198 23.42 7.04 -44.04
C CYS B 198 24.68 6.83 -44.88
N GLY B 199 25.17 7.92 -45.48
CA GLY B 199 26.35 7.87 -46.32
C GLY B 199 27.63 7.64 -45.54
N ALA B 200 27.53 7.68 -44.21
CA ALA B 200 28.67 7.38 -43.35
C ALA B 200 28.55 5.95 -42.83
N VAL B 201 27.31 5.50 -42.68
CA VAL B 201 27.04 4.13 -42.26
C VAL B 201 27.41 3.14 -43.37
N PHE B 202 27.00 3.44 -44.60
CA PHE B 202 27.25 2.56 -45.75
C PHE B 202 28.69 2.05 -45.94
N PRO B 203 29.70 2.95 -45.89
CA PRO B 203 31.08 2.49 -46.06
C PRO B 203 31.52 1.53 -44.95
N LEU B 204 31.09 1.81 -43.72
CA LEU B 204 31.41 0.93 -42.60
C LEU B 204 30.83 -0.46 -42.85
N LEU B 205 29.65 -0.49 -43.46
CA LEU B 205 29.01 -1.74 -43.84
C LEU B 205 29.74 -2.40 -45.01
N GLU B 206 30.10 -1.59 -46.00
CA GLU B 206 30.80 -2.07 -47.18
C GLU B 206 32.17 -2.63 -46.83
N GLN B 207 32.90 -1.92 -45.97
CA GLN B 207 34.24 -2.35 -45.56
C GLN B 207 34.19 -3.63 -44.75
N LEU B 208 33.23 -3.70 -43.83
CA LEU B 208 33.08 -4.87 -42.96
C LEU B 208 32.71 -6.11 -43.78
N LEU B 209 31.94 -5.89 -44.85
CA LEU B 209 31.54 -6.99 -45.72
C LEU B 209 32.71 -7.40 -46.62
N GLN B 210 33.38 -6.41 -47.20
CA GLN B 210 34.48 -6.65 -48.14
C GLN B 210 35.63 -7.44 -47.51
N GLN B 211 35.93 -7.14 -46.25
CA GLN B 211 37.01 -7.81 -45.55
C GLN B 211 36.69 -9.28 -45.27
N PRO B 212 37.59 -10.19 -45.68
CA PRO B 212 37.40 -11.64 -45.52
C PRO B 212 37.57 -12.09 -44.07
N SER B 213 38.06 -11.20 -43.21
CA SER B 213 38.30 -11.54 -41.81
C SER B 213 37.03 -11.46 -40.97
N SER B 214 35.92 -11.11 -41.61
CA SER B 214 34.65 -10.98 -40.92
C SER B 214 33.88 -12.28 -40.90
N PRO B 215 33.35 -12.67 -39.73
CA PRO B 215 32.58 -13.91 -39.58
C PRO B 215 31.15 -13.74 -40.08
N SER B 216 30.44 -14.85 -40.24
CA SER B 216 29.06 -14.82 -40.73
C SER B 216 28.14 -14.06 -39.79
N CYS B 217 28.38 -14.22 -38.49
CA CYS B 217 27.61 -13.55 -37.45
C CYS B 217 27.57 -12.05 -37.68
N VAL B 218 28.70 -11.49 -38.10
CA VAL B 218 28.81 -10.06 -38.36
C VAL B 218 28.15 -9.70 -39.70
N ARG B 219 28.48 -10.44 -40.74
CA ARG B 219 27.97 -10.18 -42.09
C ARG B 219 26.45 -10.13 -42.10
N GLN B 220 25.82 -11.02 -41.34
CA GLN B 220 24.36 -11.01 -41.20
C GLN B 220 23.88 -9.68 -40.63
N LYS B 221 24.53 -9.19 -39.57
CA LYS B 221 24.17 -7.92 -38.96
C LYS B 221 24.38 -6.77 -39.94
N VAL B 222 25.37 -6.91 -40.82
CA VAL B 222 25.63 -5.90 -41.85
C VAL B 222 24.48 -5.87 -42.85
N LEU B 223 24.07 -7.04 -43.32
CA LEU B 223 22.97 -7.14 -44.28
C LEU B 223 21.67 -6.63 -43.69
N LYS B 224 21.41 -6.98 -42.44
CA LYS B 224 20.20 -6.55 -41.74
C LYS B 224 20.22 -5.05 -41.50
N CYS B 225 21.40 -4.50 -41.21
CA CYS B 225 21.56 -3.08 -41.01
C CYS B 225 21.26 -2.34 -42.31
N PHE B 226 21.91 -2.77 -43.38
CA PHE B 226 21.68 -2.22 -44.71
C PHE B 226 20.21 -2.26 -45.10
N SER B 227 19.57 -3.39 -44.84
CA SER B 227 18.15 -3.55 -45.14
C SER B 227 17.29 -2.62 -44.31
N SER B 228 17.71 -2.39 -43.06
CA SER B 228 16.97 -1.52 -42.16
C SER B 228 17.12 -0.06 -42.58
N TRP B 229 18.21 0.27 -43.26
CA TRP B 229 18.44 1.62 -43.72
C TRP B 229 17.71 1.94 -45.02
N VAL B 230 17.62 0.96 -45.91
CA VAL B 230 16.97 1.18 -47.21
C VAL B 230 15.46 1.21 -47.08
N GLN B 231 14.95 1.02 -45.87
CA GLN B 231 13.53 1.15 -45.59
C GLN B 231 13.15 2.63 -45.66
N LEU B 232 14.17 3.48 -45.46
CA LEU B 232 14.01 4.92 -45.66
C LEU B 232 14.32 5.25 -47.11
N GLU B 233 13.80 6.36 -47.60
CA GLU B 233 14.04 6.77 -48.99
C GLU B 233 15.50 7.14 -49.21
N VAL B 234 16.28 6.17 -49.69
CA VAL B 234 17.69 6.36 -49.94
C VAL B 234 18.01 6.08 -51.41
N PRO B 235 18.74 6.98 -52.07
CA PRO B 235 19.12 6.84 -53.47
C PRO B 235 19.77 5.50 -53.78
N LEU B 236 19.22 4.79 -54.76
CA LEU B 236 19.66 3.44 -55.12
C LEU B 236 21.10 3.42 -55.61
N GLN B 237 21.49 4.48 -56.33
CA GLN B 237 22.84 4.61 -56.85
C GLN B 237 23.88 4.52 -55.73
N ASP B 238 23.49 4.94 -54.53
CA ASP B 238 24.35 4.82 -53.36
C ASP B 238 24.35 3.39 -52.84
N CYS B 239 23.21 2.71 -52.96
CA CYS B 239 23.05 1.36 -52.43
C CYS B 239 23.74 0.30 -53.29
N GLU B 240 24.00 0.64 -54.55
CA GLU B 240 24.56 -0.28 -55.54
C GLU B 240 25.65 -1.24 -55.07
N ALA B 241 26.65 -0.72 -54.36
CA ALA B 241 27.77 -1.53 -53.90
C ALA B 241 27.30 -2.62 -52.95
N LEU B 242 26.52 -2.21 -51.96
CA LEU B 242 25.94 -3.15 -51.00
C LEU B 242 24.99 -4.13 -51.70
N ILE B 243 24.37 -3.69 -52.80
CA ILE B 243 23.56 -4.60 -53.58
C ILE B 243 24.42 -5.71 -54.17
N GLN B 244 25.53 -5.31 -54.81
CA GLN B 244 26.46 -6.25 -55.40
C GLN B 244 26.98 -7.26 -54.38
N ALA B 245 27.43 -6.74 -53.24
CA ALA B 245 27.91 -7.60 -52.16
C ALA B 245 26.82 -8.55 -51.66
N ALA B 246 25.59 -8.05 -51.56
CA ALA B 246 24.47 -8.86 -51.09
C ALA B 246 24.13 -9.97 -52.09
N PHE B 247 24.31 -9.68 -53.38
CA PHE B 247 24.10 -10.69 -54.41
C PHE B 247 25.20 -11.74 -54.33
N ALA B 248 26.41 -11.29 -54.01
CA ALA B 248 27.53 -12.21 -53.83
C ALA B 248 27.28 -13.13 -52.65
N ALA B 249 26.69 -12.60 -51.59
CA ALA B 249 26.45 -13.37 -50.36
C ALA B 249 25.37 -14.44 -50.52
N LEU B 250 24.65 -14.41 -51.63
CA LEU B 250 23.55 -15.33 -51.87
C LEU B 250 24.02 -16.78 -52.02
N GLN B 251 25.27 -16.98 -52.39
CA GLN B 251 25.82 -18.32 -52.56
C GLN B 251 26.10 -18.96 -51.20
N ASP B 252 26.27 -18.12 -50.19
CA ASP B 252 26.50 -18.59 -48.83
C ASP B 252 25.18 -19.05 -48.21
N SER B 253 25.23 -20.15 -47.48
CA SER B 253 24.02 -20.76 -46.91
C SER B 253 23.49 -20.00 -45.70
N GLU B 254 24.39 -19.44 -44.89
CA GLU B 254 23.99 -18.76 -43.66
C GLU B 254 23.56 -17.31 -43.90
N LEU B 255 23.90 -16.77 -45.06
CA LEU B 255 23.65 -15.38 -45.38
C LEU B 255 22.48 -15.17 -46.34
N PHE B 256 21.91 -16.28 -46.81
CA PHE B 256 20.86 -16.22 -47.83
C PHE B 256 19.64 -15.42 -47.40
N ASP B 257 19.05 -15.77 -46.26
CA ASP B 257 17.85 -15.11 -45.78
C ASP B 257 18.06 -13.62 -45.51
N SER B 258 19.27 -13.24 -45.15
CA SER B 258 19.58 -11.84 -44.88
C SER B 258 19.78 -11.07 -46.18
N SER B 259 20.60 -11.63 -47.05
CA SER B 259 20.90 -11.01 -48.34
C SER B 259 19.66 -10.84 -49.22
N VAL B 260 18.76 -11.81 -49.18
CA VAL B 260 17.54 -11.71 -49.99
C VAL B 260 16.62 -10.58 -49.49
N GLU B 261 16.49 -10.45 -48.18
CA GLU B 261 15.69 -9.37 -47.60
C GLU B 261 16.32 -8.01 -47.89
N ALA B 262 17.65 -7.94 -47.79
CA ALA B 262 18.35 -6.69 -48.11
C ALA B 262 18.10 -6.30 -49.56
N ILE B 263 18.33 -7.25 -50.47
CA ILE B 263 18.13 -7.03 -51.90
C ILE B 263 16.71 -6.60 -52.23
N VAL B 264 15.73 -7.34 -51.74
CA VAL B 264 14.32 -7.03 -52.01
C VAL B 264 13.92 -5.67 -51.44
N ASN B 265 14.31 -5.38 -50.20
CA ASN B 265 13.99 -4.10 -49.57
C ASN B 265 14.67 -2.92 -50.26
N ALA B 266 15.80 -3.17 -50.90
CA ALA B 266 16.50 -2.11 -51.62
C ALA B 266 15.94 -1.90 -53.04
N ILE B 267 15.44 -2.97 -53.64
CA ILE B 267 14.88 -2.89 -54.99
C ILE B 267 13.42 -2.43 -54.99
N SER B 268 12.61 -3.00 -54.10
CA SER B 268 11.18 -2.73 -54.06
C SER B 268 10.80 -1.36 -53.51
N GLN B 269 11.80 -0.59 -53.07
CA GLN B 269 11.52 0.73 -52.52
C GLN B 269 10.98 1.68 -53.59
N PRO B 270 10.08 2.60 -53.19
CA PRO B 270 9.40 3.51 -54.12
C PRO B 270 10.33 4.40 -54.93
N ASP B 271 11.35 4.96 -54.29
CA ASP B 271 12.25 5.90 -54.95
C ASP B 271 13.12 5.26 -56.03
N ALA B 272 13.22 3.94 -56.00
CA ALA B 272 14.10 3.21 -56.92
C ALA B 272 13.67 3.29 -58.38
N GLN B 273 12.45 3.75 -58.61
CA GLN B 273 11.90 3.80 -59.96
C GLN B 273 12.62 4.81 -60.85
N ARG B 274 13.07 5.91 -60.26
CA ARG B 274 13.76 6.95 -61.01
C ARG B 274 15.13 6.49 -61.50
N TYR B 275 15.87 5.79 -60.65
CA TYR B 275 17.22 5.33 -60.98
C TYR B 275 17.19 4.15 -61.95
N VAL B 276 17.05 4.45 -63.23
CA VAL B 276 17.00 3.40 -64.25
C VAL B 276 18.39 2.87 -64.57
N ASN B 277 19.40 3.73 -64.42
CA ASN B 277 20.77 3.38 -64.75
C ASN B 277 21.29 2.19 -63.96
N THR B 278 20.97 2.15 -62.67
CA THR B 278 21.39 1.05 -61.81
C THR B 278 20.43 -0.13 -61.96
N LEU B 279 19.15 0.18 -62.18
CA LEU B 279 18.13 -0.84 -62.37
C LEU B 279 18.44 -1.71 -63.58
N LEU B 280 19.08 -1.13 -64.59
CA LEU B 280 19.49 -1.88 -65.76
C LEU B 280 20.69 -2.77 -65.42
N LYS B 281 21.53 -2.30 -64.52
CA LYS B 281 22.71 -3.06 -64.10
C LYS B 281 22.32 -4.19 -63.15
N LEU B 282 21.12 -4.12 -62.60
CA LEU B 282 20.61 -5.15 -61.69
C LEU B 282 20.21 -6.41 -62.43
N ILE B 283 19.55 -6.23 -63.57
CA ILE B 283 19.00 -7.34 -64.36
C ILE B 283 19.94 -8.55 -64.62
N PRO B 284 21.19 -8.30 -65.06
CA PRO B 284 22.04 -9.47 -65.33
C PRO B 284 22.42 -10.24 -64.07
N LEU B 285 22.31 -9.62 -62.91
CA LEU B 285 22.64 -10.28 -61.66
C LEU B 285 21.54 -11.28 -61.27
N VAL B 286 20.29 -10.86 -61.44
CA VAL B 286 19.14 -11.70 -61.13
C VAL B 286 19.10 -12.92 -62.03
N LEU B 287 19.51 -12.72 -63.28
CA LEU B 287 19.58 -13.81 -64.24
C LEU B 287 20.73 -14.76 -63.89
N GLY B 288 21.68 -14.25 -63.10
CA GLY B 288 22.79 -15.05 -62.63
C GLY B 288 22.37 -16.06 -61.58
N LEU B 289 21.34 -15.72 -60.82
CA LEU B 289 20.84 -16.62 -59.78
C LEU B 289 20.11 -17.84 -60.34
N GLN B 290 19.93 -17.86 -61.65
CA GLN B 290 19.12 -18.90 -62.30
C GLN B 290 19.63 -20.33 -62.09
N GLU B 291 20.93 -20.52 -62.13
CA GLU B 291 21.51 -21.85 -61.95
C GLU B 291 21.32 -22.32 -60.52
N GLN B 292 21.36 -21.38 -59.59
CA GLN B 292 21.11 -21.65 -58.18
C GLN B 292 19.61 -21.91 -57.98
N LEU B 293 18.80 -21.28 -58.81
CA LEU B 293 17.36 -21.50 -58.80
C LEU B 293 17.03 -22.85 -59.44
N ARG B 294 17.70 -23.15 -60.54
CA ARG B 294 17.50 -24.41 -61.26
C ARG B 294 17.88 -25.60 -60.41
N GLN B 295 18.96 -25.46 -59.64
CA GLN B 295 19.44 -26.53 -58.78
C GLN B 295 18.52 -26.70 -57.57
N ALA B 296 18.03 -25.59 -57.03
CA ALA B 296 17.16 -25.60 -55.87
C ALA B 296 15.82 -26.29 -56.18
N VAL B 297 15.26 -25.98 -57.34
CA VAL B 297 14.01 -26.60 -57.79
C VAL B 297 14.19 -28.10 -57.95
N GLN B 298 15.37 -28.50 -58.41
CA GLN B 298 15.69 -29.91 -58.57
C GLN B 298 15.97 -30.58 -57.22
N ASN B 299 16.76 -29.92 -56.38
CA ASN B 299 17.13 -30.46 -55.08
C ASN B 299 16.01 -30.41 -54.03
N GLY B 300 14.89 -29.80 -54.39
CA GLY B 300 13.77 -29.68 -53.47
C GLY B 300 13.99 -28.66 -52.38
N ASP B 301 14.98 -27.80 -52.57
CA ASP B 301 15.25 -26.71 -51.64
C ASP B 301 14.24 -25.59 -51.83
N MET B 302 13.21 -25.59 -51.00
CA MET B 302 12.13 -24.63 -51.14
C MET B 302 12.55 -23.21 -50.74
N GLU B 303 13.27 -23.10 -49.64
CA GLU B 303 13.72 -21.79 -49.13
C GLU B 303 14.49 -20.99 -50.17
N THR B 304 15.45 -21.65 -50.82
CA THR B 304 16.32 -21.01 -51.79
C THR B 304 15.56 -20.52 -53.02
N SER B 305 14.79 -21.40 -53.63
CA SER B 305 13.99 -21.06 -54.80
C SER B 305 12.98 -19.96 -54.47
N HIS B 306 12.44 -20.02 -53.25
CA HIS B 306 11.51 -19.01 -52.78
C HIS B 306 12.18 -17.64 -52.72
N GLY B 307 13.36 -17.59 -52.10
CA GLY B 307 14.10 -16.34 -52.00
C GLY B 307 14.47 -15.76 -53.36
N ILE B 308 15.04 -16.61 -54.21
CA ILE B 308 15.45 -16.20 -55.55
C ILE B 308 14.25 -15.66 -56.33
N CYS B 309 13.11 -16.32 -56.18
CA CYS B 309 11.88 -15.86 -56.82
C CYS B 309 11.45 -14.51 -56.27
N ARG B 310 11.61 -14.32 -54.96
CA ARG B 310 11.27 -13.04 -54.35
C ARG B 310 12.11 -11.94 -54.97
N ILE B 311 13.39 -12.23 -55.21
CA ILE B 311 14.27 -11.29 -55.90
C ILE B 311 13.75 -10.97 -57.30
N ALA B 312 13.52 -12.02 -58.09
CA ALA B 312 13.05 -11.88 -59.46
C ALA B 312 11.78 -11.03 -59.57
N VAL B 313 10.75 -11.39 -58.81
CA VAL B 313 9.50 -10.63 -58.81
C VAL B 313 9.70 -9.20 -58.30
N ALA B 314 10.54 -9.05 -57.27
CA ALA B 314 10.85 -7.73 -56.73
C ALA B 314 11.39 -6.82 -57.81
N LEU B 315 12.21 -7.36 -58.70
CA LEU B 315 12.69 -6.57 -59.84
C LEU B 315 11.56 -6.32 -60.83
N GLY B 316 10.92 -7.41 -61.26
CA GLY B 316 9.88 -7.37 -62.26
C GLY B 316 8.73 -6.40 -62.01
N GLU B 317 7.96 -6.64 -60.96
CA GLU B 317 6.75 -5.85 -60.72
C GLU B 317 7.04 -4.41 -60.32
N ASN B 318 8.22 -4.17 -59.75
CA ASN B 318 8.58 -2.83 -59.31
C ASN B 318 9.28 -1.99 -60.38
N HIS B 319 9.76 -2.62 -61.45
CA HIS B 319 10.42 -1.86 -62.51
C HIS B 319 9.99 -2.24 -63.92
N SER B 320 8.81 -2.85 -64.05
CA SER B 320 8.35 -3.37 -65.33
C SER B 320 8.21 -2.33 -66.45
N ARG B 321 7.48 -1.25 -66.16
CA ARG B 321 7.23 -0.21 -67.16
C ARG B 321 8.53 0.38 -67.69
N ALA B 322 9.46 0.65 -66.77
CA ALA B 322 10.74 1.25 -67.11
C ALA B 322 11.63 0.27 -67.87
N LEU B 323 11.57 -1.00 -67.48
CA LEU B 323 12.36 -2.04 -68.13
C LEU B 323 11.86 -2.30 -69.55
N LEU B 324 10.57 -2.12 -69.77
CA LEU B 324 10.00 -2.25 -71.10
C LEU B 324 10.29 -1.02 -71.95
N ASP B 325 10.22 0.15 -71.33
CA ASP B 325 10.47 1.41 -72.02
C ASP B 325 11.89 1.46 -72.60
N GLN B 326 12.86 1.02 -71.81
CA GLN B 326 14.24 0.91 -72.30
C GLN B 326 14.34 -0.28 -73.25
N VAL B 327 13.89 -0.08 -74.49
CA VAL B 327 13.77 -1.16 -75.46
C VAL B 327 15.11 -1.79 -75.85
N GLU B 328 16.19 -1.02 -75.71
CA GLU B 328 17.52 -1.46 -76.09
C GLU B 328 17.97 -2.73 -75.36
N HIS B 329 17.33 -3.01 -74.23
CA HIS B 329 17.62 -4.21 -73.46
C HIS B 329 16.39 -5.11 -73.38
N TRP B 330 15.68 -5.25 -74.49
CA TRP B 330 14.48 -6.08 -74.54
C TRP B 330 14.80 -7.54 -74.30
N GLN B 331 15.99 -7.97 -74.70
CA GLN B 331 16.38 -9.37 -74.60
C GLN B 331 16.55 -9.81 -73.15
N SER B 332 17.10 -8.94 -72.32
CA SER B 332 17.31 -9.25 -70.92
C SER B 332 15.96 -9.42 -70.22
N PHE B 333 15.11 -8.41 -70.34
CA PHE B 333 13.79 -8.43 -69.69
C PHE B 333 13.00 -9.68 -70.03
N LEU B 334 12.97 -10.04 -71.32
CA LEU B 334 12.32 -11.27 -71.76
C LEU B 334 12.81 -12.45 -70.92
N ALA B 335 14.13 -12.60 -70.85
CA ALA B 335 14.74 -13.66 -70.05
C ALA B 335 14.20 -13.60 -68.63
N LEU B 336 14.20 -12.40 -68.05
CA LEU B 336 13.66 -12.20 -66.71
C LEU B 336 12.25 -12.76 -66.61
N VAL B 337 11.39 -12.37 -67.55
CA VAL B 337 10.01 -12.86 -67.59
C VAL B 337 10.01 -14.38 -67.57
N ASN B 338 10.83 -14.98 -68.44
CA ASN B 338 10.93 -16.44 -68.53
C ASN B 338 11.29 -17.04 -67.18
N MET B 339 12.27 -16.43 -66.51
CA MET B 339 12.68 -16.89 -65.19
C MET B 339 11.47 -16.91 -64.28
N ILE B 340 10.72 -15.81 -64.28
CA ILE B 340 9.52 -15.69 -63.47
C ILE B 340 8.51 -16.74 -63.90
N MET B 341 8.38 -16.95 -65.21
CA MET B 341 7.50 -17.98 -65.73
C MET B 341 7.93 -19.35 -65.18
N PHE B 342 9.25 -19.56 -65.13
CA PHE B 342 9.79 -20.81 -64.60
C PHE B 342 9.39 -20.99 -63.14
N CYS B 343 9.32 -19.88 -62.41
CA CYS B 343 8.93 -19.93 -61.01
C CYS B 343 7.44 -20.21 -60.86
N THR B 344 6.69 -19.94 -61.93
CA THR B 344 5.25 -20.18 -61.90
C THR B 344 4.98 -21.65 -62.15
N GLY B 345 5.83 -22.28 -62.95
CA GLY B 345 5.62 -23.65 -63.36
C GLY B 345 6.45 -24.67 -62.61
N ILE B 346 6.92 -24.32 -61.41
CA ILE B 346 7.66 -25.24 -60.57
C ILE B 346 6.81 -26.47 -60.26
N PRO B 347 7.28 -27.66 -60.70
CA PRO B 347 6.53 -28.92 -60.64
C PRO B 347 6.03 -29.28 -59.23
N GLY B 348 4.74 -29.59 -59.13
CA GLY B 348 4.11 -29.90 -57.87
C GLY B 348 3.04 -28.89 -57.53
N HIS B 349 2.43 -29.03 -56.35
CA HIS B 349 1.39 -28.11 -55.91
C HIS B 349 1.91 -27.10 -54.91
N TYR B 350 1.36 -25.88 -54.97
CA TYR B 350 1.80 -24.77 -54.13
C TYR B 350 1.80 -25.02 -52.60
N PRO B 351 0.68 -25.52 -52.04
CA PRO B 351 0.64 -25.64 -50.58
C PRO B 351 1.77 -26.48 -49.99
N VAL B 352 2.11 -27.59 -50.65
CA VAL B 352 3.10 -28.50 -50.08
C VAL B 352 4.43 -28.56 -50.84
N ASN B 353 4.36 -28.77 -52.16
CA ASN B 353 5.56 -29.01 -52.94
C ASN B 353 6.45 -27.79 -53.15
N GLU B 354 5.84 -26.63 -53.39
CA GLU B 354 6.62 -25.44 -53.71
C GLU B 354 5.92 -24.16 -53.24
N THR B 355 6.64 -23.36 -52.46
CA THR B 355 6.07 -22.16 -51.87
C THR B 355 6.14 -20.98 -52.85
N THR B 356 6.70 -21.25 -54.02
CA THR B 356 7.08 -20.19 -54.96
C THR B 356 5.93 -19.54 -55.73
N SER B 357 5.21 -20.36 -56.49
CA SER B 357 4.22 -19.87 -57.47
C SER B 357 3.35 -18.67 -57.07
N SER B 358 2.85 -18.65 -55.84
CA SER B 358 1.97 -17.57 -55.40
C SER B 358 2.65 -16.21 -55.59
N LEU B 359 3.89 -16.10 -55.14
CA LEU B 359 4.65 -14.85 -55.23
C LEU B 359 4.69 -14.31 -56.64
N THR B 360 4.59 -15.20 -57.62
CA THR B 360 4.71 -14.82 -59.02
C THR B 360 3.51 -14.01 -59.48
N LEU B 361 2.33 -14.35 -58.96
CA LEU B 361 1.06 -13.89 -59.51
C LEU B 361 0.97 -12.38 -59.70
N THR B 362 1.26 -11.65 -58.63
CA THR B 362 1.27 -10.19 -58.67
C THR B 362 1.97 -9.67 -59.93
N PHE B 363 3.20 -10.12 -60.14
CA PHE B 363 3.99 -9.64 -61.27
C PHE B 363 3.18 -9.67 -62.54
N TRP B 364 2.57 -10.82 -62.83
CA TRP B 364 1.88 -11.01 -64.09
C TRP B 364 0.89 -9.88 -64.31
N TYR B 365 0.06 -9.61 -63.31
CA TYR B 365 -0.93 -8.55 -63.45
C TYR B 365 -0.25 -7.27 -63.90
N THR B 366 0.75 -6.83 -63.13
CA THR B 366 1.44 -5.60 -63.42
C THR B 366 1.88 -5.56 -64.87
N LEU B 367 2.52 -6.64 -65.33
CA LEU B 367 3.04 -6.67 -66.68
C LEU B 367 1.90 -6.37 -67.65
N GLN B 368 0.82 -7.13 -67.51
CA GLN B 368 -0.37 -6.95 -68.35
C GLN B 368 -0.74 -5.48 -68.34
N ASP B 369 -0.92 -4.93 -67.14
CA ASP B 369 -1.30 -3.54 -66.96
C ASP B 369 -0.36 -2.65 -67.76
N ASP B 370 0.94 -2.82 -67.54
CA ASP B 370 1.93 -2.00 -68.20
C ASP B 370 1.80 -2.10 -69.72
N ILE B 371 1.60 -3.32 -70.23
CA ILE B 371 1.52 -3.51 -71.66
C ILE B 371 0.27 -2.83 -72.22
N LEU B 372 -0.80 -2.82 -71.43
CA LEU B 372 -2.03 -2.17 -71.86
C LEU B 372 -1.94 -0.67 -71.63
N SER B 373 -0.94 -0.25 -70.86
CA SER B 373 -0.78 1.17 -70.53
C SER B 373 -0.11 1.94 -71.67
N PHE B 374 0.73 1.25 -72.44
CA PHE B 374 1.46 1.86 -73.53
C PHE B 374 0.52 2.37 -74.64
N GLU B 375 1.01 3.32 -75.42
CA GLU B 375 0.27 3.82 -76.56
C GLU B 375 0.04 2.68 -77.55
N ALA B 376 -1.11 2.71 -78.22
CA ALA B 376 -1.56 1.61 -79.08
C ALA B 376 -0.51 1.08 -80.06
N GLU B 377 0.21 2.00 -80.68
CA GLU B 377 1.22 1.64 -81.68
C GLU B 377 2.30 0.74 -81.08
N LYS B 378 2.89 1.16 -79.97
CA LYS B 378 3.91 0.39 -79.29
C LYS B 378 3.29 -0.79 -78.55
N GLN B 379 2.07 -0.58 -78.08
CA GLN B 379 1.33 -1.62 -77.37
C GLN B 379 1.17 -2.86 -78.24
N ALA B 380 0.91 -2.65 -79.53
CA ALA B 380 0.79 -3.77 -80.46
C ALA B 380 2.13 -4.49 -80.61
N VAL B 381 3.20 -3.71 -80.67
CA VAL B 381 4.55 -4.23 -80.81
C VAL B 381 4.92 -5.14 -79.64
N TYR B 382 4.59 -4.71 -78.43
CA TYR B 382 4.89 -5.51 -77.23
C TYR B 382 3.92 -6.67 -77.04
N GLN B 383 2.66 -6.47 -77.45
CA GLN B 383 1.64 -7.49 -77.31
C GLN B 383 1.92 -8.64 -78.26
N GLN B 384 2.51 -8.33 -79.42
CA GLN B 384 2.90 -9.36 -80.37
C GLN B 384 3.96 -10.26 -79.75
N VAL B 385 4.76 -9.71 -78.84
CA VAL B 385 5.79 -10.47 -78.16
C VAL B 385 5.23 -11.28 -77.00
N TYR B 386 4.45 -10.63 -76.13
CA TYR B 386 4.05 -11.26 -74.88
C TYR B 386 2.68 -11.94 -74.85
N ARG B 387 1.92 -11.84 -75.93
CA ARG B 387 0.65 -12.59 -76.02
C ARG B 387 0.85 -14.10 -75.88
N PRO B 388 1.81 -14.70 -76.62
CA PRO B 388 2.00 -16.14 -76.41
C PRO B 388 2.54 -16.45 -75.02
N VAL B 389 3.27 -15.51 -74.43
CA VAL B 389 3.78 -15.67 -73.07
C VAL B 389 2.60 -15.84 -72.14
N TYR B 390 1.57 -15.04 -72.35
CA TYR B 390 0.36 -15.07 -71.53
C TYR B 390 -0.50 -16.29 -71.84
N PHE B 391 -0.46 -16.73 -73.10
CA PHE B 391 -1.17 -17.95 -73.47
C PHE B 391 -0.49 -19.16 -72.84
N GLN B 392 0.81 -19.06 -72.63
CA GLN B 392 1.54 -20.11 -71.92
C GLN B 392 1.20 -20.02 -70.43
N LEU B 393 0.98 -18.80 -69.96
CA LEU B 393 0.65 -18.55 -68.55
C LEU B 393 -0.69 -19.20 -68.19
N VAL B 394 -1.59 -19.28 -69.16
CA VAL B 394 -2.90 -19.91 -68.93
C VAL B 394 -2.75 -21.41 -68.75
N ASP B 395 -1.94 -22.04 -69.61
CA ASP B 395 -1.69 -23.47 -69.51
C ASP B 395 -1.05 -23.82 -68.17
N VAL B 396 -0.10 -22.99 -67.74
CA VAL B 396 0.59 -23.22 -66.48
C VAL B 396 -0.37 -23.11 -65.29
N LEU B 397 -1.09 -22.00 -65.22
CA LEU B 397 -1.96 -21.72 -64.08
C LEU B 397 -3.12 -22.69 -63.96
N LEU B 398 -3.62 -23.18 -65.09
CA LEU B 398 -4.71 -24.14 -65.06
C LEU B 398 -4.23 -25.52 -64.64
N HIS B 399 -2.95 -25.81 -64.90
CA HIS B 399 -2.38 -27.10 -64.52
C HIS B 399 -2.01 -27.14 -63.05
N LYS B 400 -1.60 -26.00 -62.50
CA LYS B 400 -1.21 -25.97 -61.10
C LYS B 400 -2.43 -25.89 -60.19
N ALA B 401 -3.48 -25.21 -60.66
CA ALA B 401 -4.72 -25.10 -59.90
C ALA B 401 -5.51 -26.41 -59.95
N GLN B 402 -5.07 -27.30 -60.83
CA GLN B 402 -5.67 -28.62 -60.96
C GLN B 402 -5.46 -29.41 -59.68
N PHE B 403 -6.53 -29.98 -59.14
CA PHE B 403 -6.45 -30.75 -57.91
C PHE B 403 -5.56 -31.98 -58.07
N PRO B 404 -4.84 -32.35 -57.01
CA PRO B 404 -4.09 -33.61 -57.02
C PRO B 404 -5.03 -34.80 -56.93
N SER B 405 -4.50 -36.00 -57.09
CA SER B 405 -5.30 -37.21 -57.00
C SER B 405 -6.00 -37.31 -55.65
N ASP B 406 -7.16 -37.95 -55.64
CA ASP B 406 -7.96 -38.11 -54.43
C ASP B 406 -7.17 -38.77 -53.30
N GLU B 407 -6.47 -39.84 -53.64
CA GLU B 407 -5.65 -40.57 -52.68
C GLU B 407 -4.60 -39.67 -52.04
N GLU B 408 -4.03 -38.77 -52.83
CA GLU B 408 -3.04 -37.84 -52.32
C GLU B 408 -3.68 -36.66 -51.60
N TYR B 409 -4.76 -36.14 -52.16
CA TYR B 409 -5.41 -34.97 -51.60
C TYR B 409 -5.98 -35.23 -50.20
N GLY B 410 -6.51 -36.43 -49.99
CA GLY B 410 -7.07 -36.79 -48.69
C GLY B 410 -6.03 -36.78 -47.59
N PHE B 411 -4.77 -36.86 -47.97
CA PHE B 411 -3.67 -36.93 -47.01
C PHE B 411 -3.12 -35.57 -46.63
N TRP B 412 -3.55 -34.53 -47.34
CA TRP B 412 -3.06 -33.18 -47.10
C TRP B 412 -3.54 -32.60 -45.78
N SER B 413 -2.66 -31.83 -45.15
CA SER B 413 -3.01 -31.12 -43.92
C SER B 413 -4.15 -30.16 -44.21
N SER B 414 -5.05 -29.98 -43.24
CA SER B 414 -6.17 -29.07 -43.38
C SER B 414 -5.70 -27.66 -43.72
N ASP B 415 -4.62 -27.23 -43.07
CA ASP B 415 -4.01 -25.95 -43.34
C ASP B 415 -3.52 -25.88 -44.78
N GLU B 416 -2.99 -26.99 -45.28
CA GLU B 416 -2.50 -27.07 -46.65
C GLU B 416 -3.65 -27.01 -47.65
N LYS B 417 -4.74 -27.71 -47.34
CA LYS B 417 -5.92 -27.69 -48.19
C LYS B 417 -6.49 -26.28 -48.29
N GLU B 418 -6.54 -25.59 -47.15
CA GLU B 418 -7.03 -24.21 -47.12
C GLU B 418 -6.10 -23.28 -47.87
N GLN B 419 -4.80 -23.48 -47.69
CA GLN B 419 -3.78 -22.72 -48.40
C GLN B 419 -4.02 -22.84 -49.91
N PHE B 420 -4.24 -24.07 -50.36
CA PHE B 420 -4.48 -24.32 -51.78
C PHE B 420 -5.80 -23.73 -52.25
N ARG B 421 -6.80 -23.71 -51.37
CA ARG B 421 -8.09 -23.12 -51.71
C ARG B 421 -7.93 -21.62 -51.98
N ILE B 422 -7.32 -20.92 -51.02
CA ILE B 422 -7.11 -19.47 -51.14
C ILE B 422 -6.23 -19.15 -52.34
N TYR B 423 -5.18 -19.95 -52.50
CA TYR B 423 -4.28 -19.87 -53.64
C TYR B 423 -5.05 -19.98 -54.96
N ARG B 424 -5.98 -20.91 -55.00
CA ARG B 424 -6.81 -21.16 -56.17
C ARG B 424 -7.71 -19.95 -56.39
N VAL B 425 -8.13 -19.30 -55.32
CA VAL B 425 -8.90 -18.06 -55.45
C VAL B 425 -8.05 -16.98 -56.11
N ASP B 426 -6.79 -16.86 -55.69
CA ASP B 426 -5.89 -15.88 -56.28
C ASP B 426 -5.66 -16.14 -57.77
N ILE B 427 -5.53 -17.41 -58.15
CA ILE B 427 -5.40 -17.75 -59.57
C ILE B 427 -6.67 -17.43 -60.35
N SER B 428 -7.82 -17.75 -59.75
CA SER B 428 -9.12 -17.40 -60.32
C SER B 428 -9.19 -15.90 -60.55
N ASP B 429 -8.51 -15.15 -59.70
CA ASP B 429 -8.47 -13.70 -59.83
C ASP B 429 -7.56 -13.26 -60.97
N THR B 430 -6.41 -13.91 -61.12
CA THR B 430 -5.48 -13.52 -62.18
C THR B 430 -5.95 -13.89 -63.59
N LEU B 431 -6.71 -14.97 -63.69
CA LEU B 431 -7.26 -15.39 -64.98
C LEU B 431 -8.26 -14.35 -65.51
N MET B 432 -8.90 -13.64 -64.58
CA MET B 432 -9.85 -12.61 -64.92
C MET B 432 -9.20 -11.47 -65.71
N TYR B 433 -7.96 -11.13 -65.34
CA TYR B 433 -7.22 -10.09 -66.03
C TYR B 433 -6.59 -10.65 -67.30
N VAL B 434 -6.10 -11.88 -67.21
CA VAL B 434 -5.57 -12.56 -68.39
C VAL B 434 -6.59 -12.53 -69.53
N TYR B 435 -7.87 -12.73 -69.19
CA TYR B 435 -8.91 -12.63 -70.21
C TYR B 435 -9.02 -11.24 -70.80
N GLU B 436 -8.82 -10.22 -69.97
CA GLU B 436 -8.83 -8.84 -70.44
C GLU B 436 -7.70 -8.61 -71.44
N MET B 437 -6.60 -9.33 -71.27
CA MET B 437 -5.49 -9.24 -72.22
C MET B 437 -5.75 -10.01 -73.52
N LEU B 438 -6.10 -11.28 -73.40
CA LEU B 438 -6.14 -12.19 -74.55
C LEU B 438 -7.45 -12.18 -75.34
N GLY B 439 -8.55 -11.89 -74.66
CA GLY B 439 -9.83 -11.78 -75.33
C GLY B 439 -10.47 -13.11 -75.70
N ALA B 440 -11.24 -13.10 -76.79
CA ALA B 440 -12.06 -14.24 -77.17
C ALA B 440 -11.25 -15.44 -77.65
N GLU B 441 -10.01 -15.20 -78.07
CA GLU B 441 -9.15 -16.27 -78.55
C GLU B 441 -8.93 -17.29 -77.43
N LEU B 442 -8.71 -16.77 -76.23
CA LEU B 442 -8.54 -17.60 -75.03
C LEU B 442 -9.78 -18.45 -74.78
N LEU B 443 -10.96 -17.84 -74.90
CA LEU B 443 -12.21 -18.55 -74.72
C LEU B 443 -12.35 -19.68 -75.73
N SER B 444 -11.96 -19.39 -76.96
CA SER B 444 -11.99 -20.39 -78.04
C SER B 444 -11.08 -21.57 -77.69
N ASN B 445 -9.88 -21.26 -77.19
CA ASN B 445 -8.93 -22.30 -76.79
C ASN B 445 -9.46 -23.16 -75.66
N LEU B 446 -10.03 -22.52 -74.63
CA LEU B 446 -10.59 -23.24 -73.49
C LEU B 446 -11.75 -24.15 -73.92
N TYR B 447 -12.65 -23.62 -74.74
CA TYR B 447 -13.78 -24.39 -75.25
C TYR B 447 -13.31 -25.58 -76.07
N ASP B 448 -12.34 -25.35 -76.96
CA ASP B 448 -11.79 -26.43 -77.78
C ASP B 448 -11.16 -27.53 -76.92
N LYS B 449 -10.36 -27.12 -75.93
CA LYS B 449 -9.73 -28.08 -75.03
C LYS B 449 -10.77 -28.91 -74.28
N LEU B 450 -11.73 -28.23 -73.66
CA LEU B 450 -12.77 -28.89 -72.89
C LEU B 450 -13.56 -29.88 -73.74
N GLY B 451 -13.88 -29.46 -74.96
CA GLY B 451 -14.57 -30.33 -75.90
C GLY B 451 -13.74 -31.54 -76.26
N ARG B 452 -12.43 -31.33 -76.43
CA ARG B 452 -11.52 -32.43 -76.73
C ARG B 452 -11.47 -33.44 -75.59
N LEU B 453 -11.50 -32.94 -74.36
CA LEU B 453 -11.46 -33.81 -73.19
C LEU B 453 -12.75 -34.60 -73.01
N LEU B 454 -13.89 -33.92 -73.16
CA LEU B 454 -15.19 -34.57 -73.01
C LEU B 454 -15.46 -35.59 -74.12
N THR B 455 -15.02 -35.26 -75.34
CA THR B 455 -15.22 -36.14 -76.49
C THR B 455 -14.00 -37.03 -76.70
N PRO B 460 -6.22 -43.00 -68.62
CA PRO B 460 -7.65 -43.14 -68.43
C PRO B 460 -8.34 -41.77 -68.43
N TYR B 461 -9.49 -41.70 -67.77
CA TYR B 461 -10.23 -40.45 -67.68
C TYR B 461 -10.21 -39.91 -66.26
N SER B 462 -9.60 -38.74 -66.09
CA SER B 462 -9.53 -38.09 -64.80
C SER B 462 -10.34 -36.80 -64.79
N TRP B 463 -11.16 -36.62 -63.76
CA TRP B 463 -12.01 -35.44 -63.67
C TRP B 463 -11.21 -34.18 -63.38
N GLN B 464 -10.02 -34.33 -62.81
CA GLN B 464 -9.18 -33.19 -62.42
C GLN B 464 -8.90 -32.24 -63.57
N HIS B 465 -8.66 -32.78 -64.77
CA HIS B 465 -8.41 -31.98 -65.96
C HIS B 465 -9.66 -31.18 -66.35
N THR B 466 -10.76 -31.90 -66.51
CA THR B 466 -12.06 -31.32 -66.86
C THR B 466 -12.45 -30.20 -65.90
N GLU B 467 -12.28 -30.46 -64.61
CA GLU B 467 -12.60 -29.50 -63.57
C GLU B 467 -11.62 -28.33 -63.58
N ALA B 468 -10.38 -28.58 -64.02
CA ALA B 468 -9.40 -27.51 -64.13
C ALA B 468 -9.82 -26.51 -65.22
N LEU B 469 -10.06 -27.02 -66.42
CA LEU B 469 -10.53 -26.19 -67.52
C LEU B 469 -11.83 -25.48 -67.15
N LEU B 470 -12.75 -26.22 -66.55
CA LEU B 470 -14.04 -25.68 -66.14
C LEU B 470 -13.89 -24.62 -65.06
N TYR B 471 -12.82 -24.74 -64.28
CA TYR B 471 -12.50 -23.79 -63.22
C TYR B 471 -11.98 -22.50 -63.82
N GLY B 472 -11.16 -22.63 -64.85
CA GLY B 472 -10.72 -21.47 -65.60
C GLY B 472 -11.90 -20.74 -66.23
N PHE B 473 -12.79 -21.53 -66.84
CA PHE B 473 -13.99 -20.99 -67.45
C PHE B 473 -14.87 -20.29 -66.40
N GLN B 474 -14.90 -20.85 -65.20
CA GLN B 474 -15.66 -20.25 -64.09
C GLN B 474 -15.05 -18.92 -63.67
N SER B 475 -13.73 -18.91 -63.55
CA SER B 475 -12.99 -17.72 -63.15
C SER B 475 -13.22 -16.59 -64.15
N ILE B 476 -13.28 -16.93 -65.43
CA ILE B 476 -13.38 -15.93 -66.49
C ILE B 476 -14.82 -15.49 -66.80
N ALA B 477 -15.76 -16.43 -66.69
CA ALA B 477 -17.14 -16.25 -67.21
C ALA B 477 -17.86 -14.97 -66.79
N GLU B 478 -17.78 -14.64 -65.51
CA GLU B 478 -18.49 -13.47 -64.99
C GLU B 478 -18.09 -12.15 -65.66
N THR B 479 -16.82 -12.03 -66.05
CA THR B 479 -16.32 -10.79 -66.63
C THR B 479 -16.51 -10.73 -68.15
N ILE B 480 -16.79 -11.88 -68.75
CA ILE B 480 -16.92 -11.97 -70.21
C ILE B 480 -18.04 -11.11 -70.77
N ASP B 481 -17.71 -10.26 -71.74
CA ASP B 481 -18.70 -9.40 -72.39
C ASP B 481 -19.59 -10.20 -73.32
N VAL B 482 -20.76 -9.64 -73.63
CA VAL B 482 -21.71 -10.32 -74.51
C VAL B 482 -21.39 -10.03 -75.97
N ASN B 483 -20.70 -8.91 -76.20
CA ASN B 483 -20.36 -8.46 -77.55
C ASN B 483 -19.61 -9.50 -78.38
N TYR B 484 -18.69 -10.22 -77.75
CA TYR B 484 -17.89 -11.22 -78.43
C TYR B 484 -18.08 -12.60 -77.80
N SER B 485 -19.23 -12.81 -77.17
CA SER B 485 -19.51 -14.07 -76.48
C SER B 485 -20.04 -15.14 -77.42
N ASP B 486 -19.14 -15.78 -78.16
CA ASP B 486 -19.51 -16.86 -79.06
C ASP B 486 -19.30 -18.22 -78.39
N VAL B 487 -18.40 -18.26 -77.42
CA VAL B 487 -18.06 -19.50 -76.75
C VAL B 487 -19.16 -19.92 -75.78
N VAL B 488 -19.77 -18.94 -75.11
CA VAL B 488 -20.78 -19.19 -74.09
C VAL B 488 -21.92 -20.16 -74.48
N PRO B 489 -22.52 -19.99 -75.68
CA PRO B 489 -23.57 -20.94 -76.07
C PRO B 489 -23.07 -22.39 -76.14
N GLY B 490 -21.94 -22.61 -76.80
CA GLY B 490 -21.37 -23.94 -76.90
C GLY B 490 -20.97 -24.48 -75.54
N LEU B 491 -20.48 -23.59 -74.68
CA LEU B 491 -20.12 -23.96 -73.31
C LEU B 491 -21.33 -24.50 -72.56
N ILE B 492 -22.42 -23.74 -72.59
CA ILE B 492 -23.69 -24.16 -72.01
C ILE B 492 -24.10 -25.49 -72.65
N GLY B 493 -23.79 -25.66 -73.93
CA GLY B 493 -24.05 -26.92 -74.62
C GLY B 493 -23.26 -28.06 -74.03
N LEU B 494 -22.05 -27.77 -73.53
CA LEU B 494 -21.17 -28.80 -72.99
C LEU B 494 -21.53 -29.17 -71.56
N ILE B 495 -21.99 -28.18 -70.79
CA ILE B 495 -22.28 -28.35 -69.37
C ILE B 495 -23.04 -29.63 -68.97
N PRO B 496 -24.14 -29.97 -69.67
CA PRO B 496 -24.84 -31.19 -69.28
C PRO B 496 -24.06 -32.47 -69.58
N ARG B 497 -23.12 -32.41 -70.52
CA ARG B 497 -22.36 -33.60 -70.91
C ARG B 497 -21.32 -33.98 -69.86
N ILE B 498 -21.09 -33.09 -68.90
CA ILE B 498 -20.10 -33.31 -67.87
C ILE B 498 -20.63 -34.24 -66.78
N SER B 499 -19.79 -35.16 -66.32
CA SER B 499 -20.19 -36.17 -65.34
C SER B 499 -20.35 -35.59 -63.94
N ILE B 500 -21.42 -36.02 -63.25
CA ILE B 500 -21.71 -35.54 -61.91
C ILE B 500 -21.10 -36.52 -60.88
N SER B 501 -20.23 -37.40 -61.36
CA SER B 501 -19.63 -38.44 -60.52
C SER B 501 -18.90 -37.89 -59.30
N ASN B 502 -17.91 -37.03 -59.53
CA ASN B 502 -17.14 -36.45 -58.44
C ASN B 502 -17.74 -35.13 -57.95
N VAL B 503 -17.66 -34.88 -56.65
CA VAL B 503 -18.31 -33.73 -56.03
C VAL B 503 -17.69 -32.39 -56.42
N GLN B 504 -16.35 -32.32 -56.41
CA GLN B 504 -15.66 -31.07 -56.72
C GLN B 504 -15.99 -30.58 -58.12
N LEU B 505 -15.97 -31.49 -59.09
CA LEU B 505 -16.33 -31.19 -60.46
C LEU B 505 -17.76 -30.67 -60.57
N ALA B 506 -18.66 -31.27 -59.79
CA ALA B 506 -20.06 -30.84 -59.78
C ALA B 506 -20.22 -29.44 -59.20
N ASP B 507 -19.51 -29.18 -58.10
CA ASP B 507 -19.48 -27.86 -57.49
C ASP B 507 -19.00 -26.83 -58.50
N THR B 508 -17.93 -27.16 -59.21
CA THR B 508 -17.38 -26.28 -60.24
C THR B 508 -18.41 -26.04 -61.36
N VAL B 509 -19.15 -27.07 -61.73
CA VAL B 509 -20.24 -26.93 -62.69
C VAL B 509 -21.27 -25.92 -62.22
N MET B 510 -21.81 -26.15 -61.01
CA MET B 510 -22.82 -25.26 -60.44
C MET B 510 -22.35 -23.81 -60.40
N PHE B 511 -21.14 -23.60 -59.87
CA PHE B 511 -20.57 -22.26 -59.79
C PHE B 511 -20.42 -21.63 -61.19
N THR B 512 -20.03 -22.45 -62.17
CA THR B 512 -19.90 -21.97 -63.54
C THR B 512 -21.24 -21.46 -64.06
N ILE B 513 -22.29 -22.25 -63.85
CA ILE B 513 -23.65 -21.85 -64.21
C ILE B 513 -24.01 -20.53 -63.56
N GLY B 514 -23.82 -20.46 -62.24
CA GLY B 514 -24.08 -19.25 -61.48
C GLY B 514 -23.38 -18.04 -62.05
N ALA B 515 -22.17 -18.24 -62.56
CA ALA B 515 -21.43 -17.15 -63.20
C ALA B 515 -22.05 -16.80 -64.54
N LEU B 516 -22.62 -17.81 -65.21
CA LEU B 516 -23.22 -17.60 -66.52
C LEU B 516 -24.62 -16.97 -66.43
N SER B 517 -25.12 -16.83 -65.20
CA SER B 517 -26.45 -16.26 -64.94
C SER B 517 -26.84 -15.03 -65.77
N GLU B 518 -26.01 -13.99 -65.75
CA GLU B 518 -26.30 -12.75 -66.47
C GLU B 518 -26.47 -12.98 -67.98
N TRP B 519 -25.69 -13.90 -68.52
CA TRP B 519 -25.81 -14.27 -69.93
C TRP B 519 -27.08 -15.09 -70.14
N LEU B 520 -27.44 -15.87 -69.12
CA LEU B 520 -28.61 -16.74 -69.20
C LEU B 520 -29.90 -15.93 -69.17
N ALA B 521 -29.83 -14.72 -68.62
CA ALA B 521 -30.98 -13.84 -68.61
C ALA B 521 -31.31 -13.33 -70.01
N ASP B 522 -30.28 -12.98 -70.77
CA ASP B 522 -30.47 -12.42 -72.11
C ASP B 522 -30.86 -13.47 -73.15
N HIS B 523 -30.53 -14.73 -72.87
CA HIS B 523 -30.83 -15.81 -73.80
C HIS B 523 -31.61 -16.93 -73.10
N PRO B 524 -32.90 -16.68 -72.81
CA PRO B 524 -33.74 -17.57 -71.99
C PRO B 524 -33.97 -18.94 -72.61
N VAL B 525 -33.72 -19.09 -73.91
CA VAL B 525 -33.91 -20.35 -74.59
C VAL B 525 -32.96 -21.43 -74.07
N MET B 526 -31.81 -20.98 -73.54
CA MET B 526 -30.79 -21.89 -73.05
C MET B 526 -31.06 -22.34 -71.61
N ILE B 527 -31.87 -21.57 -70.90
CA ILE B 527 -32.20 -21.84 -69.49
C ILE B 527 -32.75 -23.25 -69.29
N ASN B 528 -33.55 -23.70 -70.23
CA ASN B 528 -34.19 -25.02 -70.15
C ASN B 528 -33.17 -26.17 -70.14
N SER B 529 -31.98 -25.92 -70.67
CA SER B 529 -30.95 -26.95 -70.77
C SER B 529 -30.12 -27.06 -69.51
N VAL B 530 -30.11 -26.01 -68.70
CA VAL B 530 -29.27 -25.97 -67.51
C VAL B 530 -30.06 -26.10 -66.20
N LEU B 531 -31.30 -25.59 -66.22
CA LEU B 531 -32.15 -25.62 -65.01
C LEU B 531 -32.32 -26.98 -64.33
N PRO B 532 -32.65 -28.05 -65.09
CA PRO B 532 -32.82 -29.33 -64.39
C PRO B 532 -31.51 -29.86 -63.80
N LEU B 533 -30.39 -29.48 -64.39
CA LEU B 533 -29.09 -29.91 -63.89
C LEU B 533 -28.81 -29.31 -62.52
N VAL B 534 -29.31 -28.09 -62.31
CA VAL B 534 -29.11 -27.39 -61.04
C VAL B 534 -30.13 -27.84 -60.00
N LEU B 535 -31.36 -28.08 -60.44
CA LEU B 535 -32.43 -28.51 -59.54
C LEU B 535 -32.15 -29.90 -58.97
N HIS B 536 -31.42 -30.72 -59.72
CA HIS B 536 -31.01 -32.03 -59.24
C HIS B 536 -29.98 -31.89 -58.14
N ALA B 537 -29.10 -30.91 -58.29
CA ALA B 537 -28.03 -30.68 -57.32
C ALA B 537 -28.57 -30.15 -56.01
N LEU B 538 -29.75 -29.52 -56.06
CA LEU B 538 -30.39 -29.00 -54.86
C LEU B 538 -30.85 -30.13 -53.93
N GLY B 539 -30.92 -31.34 -54.47
CA GLY B 539 -31.28 -32.51 -53.69
C GLY B 539 -30.09 -33.07 -52.93
N ASN B 540 -28.95 -33.16 -53.60
CA ASN B 540 -27.73 -33.66 -52.98
C ASN B 540 -27.21 -32.69 -51.93
N PRO B 541 -26.92 -33.20 -50.72
CA PRO B 541 -26.49 -32.36 -49.61
C PRO B 541 -25.04 -31.87 -49.72
N GLU B 542 -24.24 -32.51 -50.57
CA GLU B 542 -22.83 -32.16 -50.69
C GLU B 542 -22.61 -30.95 -51.59
N LEU B 543 -23.67 -30.51 -52.26
CA LEU B 543 -23.57 -29.41 -53.22
C LEU B 543 -24.30 -28.16 -52.75
N SER B 544 -24.87 -28.23 -51.56
CA SER B 544 -25.72 -27.20 -50.99
C SER B 544 -25.24 -25.75 -51.17
N VAL B 545 -23.97 -25.51 -50.84
CA VAL B 545 -23.41 -24.16 -50.93
C VAL B 545 -23.45 -23.65 -52.36
N SER B 546 -23.05 -24.50 -53.31
CA SER B 546 -23.00 -24.12 -54.71
C SER B 546 -24.40 -23.96 -55.29
N SER B 547 -25.08 -25.10 -55.48
CA SER B 547 -26.42 -25.19 -56.04
C SER B 547 -27.32 -24.00 -55.69
N VAL B 548 -27.71 -23.92 -54.43
CA VAL B 548 -28.59 -22.84 -53.96
C VAL B 548 -28.12 -21.47 -54.43
N SER B 549 -26.85 -21.13 -54.19
CA SER B 549 -26.28 -19.86 -54.62
C SER B 549 -26.56 -19.66 -56.10
N THR B 550 -26.14 -20.64 -56.90
CA THR B 550 -26.42 -20.63 -58.34
C THR B 550 -27.89 -20.35 -58.60
N LEU B 551 -28.76 -21.13 -57.96
CA LEU B 551 -30.20 -20.96 -58.13
C LEU B 551 -30.60 -19.52 -57.82
N LYS B 552 -30.11 -19.00 -56.70
CA LYS B 552 -30.40 -17.61 -56.33
C LYS B 552 -29.95 -16.71 -57.47
N LYS B 553 -28.69 -16.89 -57.87
CA LYS B 553 -28.10 -16.08 -58.92
C LYS B 553 -28.90 -16.20 -60.21
N ILE B 554 -29.58 -17.33 -60.40
CA ILE B 554 -30.44 -17.49 -61.56
C ILE B 554 -31.72 -16.68 -61.34
N CYS B 555 -32.40 -16.95 -60.23
CA CYS B 555 -33.71 -16.36 -59.97
C CYS B 555 -33.63 -14.84 -59.90
N ARG B 556 -32.55 -14.33 -59.34
CA ARG B 556 -32.34 -12.90 -59.23
C ARG B 556 -32.12 -12.27 -60.61
N GLU B 557 -31.45 -13.00 -61.50
CA GLU B 557 -31.11 -12.45 -62.81
C GLU B 557 -32.17 -12.76 -63.86
N CYS B 558 -32.46 -14.03 -64.06
CA CYS B 558 -33.49 -14.44 -65.00
C CYS B 558 -34.81 -14.69 -64.28
N LYS B 559 -35.60 -13.62 -64.11
CA LYS B 559 -36.86 -13.72 -63.39
C LYS B 559 -38.07 -13.68 -64.32
N TYR B 560 -38.03 -12.78 -65.30
CA TYR B 560 -39.14 -12.57 -66.22
C TYR B 560 -39.41 -13.78 -67.11
N ASP B 561 -38.36 -14.53 -67.41
CA ASP B 561 -38.48 -15.66 -68.33
C ASP B 561 -38.58 -16.99 -67.57
N LEU B 562 -38.40 -16.92 -66.27
CA LEU B 562 -38.46 -18.11 -65.41
C LEU B 562 -39.84 -18.71 -65.05
N PRO B 563 -40.93 -17.91 -65.06
CA PRO B 563 -42.23 -18.49 -64.64
C PRO B 563 -42.72 -19.79 -65.30
N PRO B 564 -42.45 -20.04 -66.58
CA PRO B 564 -42.93 -21.32 -67.13
C PRO B 564 -42.28 -22.54 -66.45
N TYR B 565 -41.05 -22.38 -65.97
CA TYR B 565 -40.34 -23.47 -65.31
C TYR B 565 -40.63 -23.51 -63.81
N ALA B 566 -41.30 -22.46 -63.32
CA ALA B 566 -41.45 -22.23 -61.89
C ALA B 566 -42.15 -23.34 -61.10
N ALA B 567 -43.08 -24.04 -61.75
CA ALA B 567 -43.88 -25.05 -61.08
C ALA B 567 -43.01 -26.17 -60.50
N ASN B 568 -41.97 -26.55 -61.22
CA ASN B 568 -41.05 -27.59 -60.76
C ASN B 568 -40.07 -27.05 -59.73
N ILE B 569 -39.72 -25.77 -59.86
CA ILE B 569 -38.75 -25.14 -58.98
C ILE B 569 -39.26 -25.08 -57.54
N VAL B 570 -40.50 -24.65 -57.36
CA VAL B 570 -41.11 -24.57 -56.05
C VAL B 570 -41.37 -25.98 -55.51
N ALA B 571 -41.69 -26.90 -56.42
CA ALA B 571 -41.93 -28.29 -56.04
C ALA B 571 -40.65 -28.94 -55.52
N VAL B 572 -39.56 -28.73 -56.24
CA VAL B 572 -38.25 -29.27 -55.84
C VAL B 572 -37.73 -28.57 -54.60
N SER B 573 -38.04 -27.28 -54.49
CA SER B 573 -37.65 -26.50 -53.32
C SER B 573 -38.39 -27.03 -52.09
N GLN B 574 -39.65 -27.41 -52.26
CA GLN B 574 -40.45 -27.96 -51.17
C GLN B 574 -39.87 -29.28 -50.67
N ASP B 575 -39.56 -30.18 -51.60
CA ASP B 575 -39.03 -31.49 -51.26
C ASP B 575 -37.65 -31.40 -50.63
N VAL B 576 -36.77 -30.61 -51.22
CA VAL B 576 -35.42 -30.42 -50.69
C VAL B 576 -35.45 -29.74 -49.33
N LEU B 577 -36.51 -28.97 -49.06
CA LEU B 577 -36.67 -28.32 -47.77
C LEU B 577 -37.37 -29.24 -46.78
N MET B 578 -38.28 -30.07 -47.28
CA MET B 578 -38.99 -31.03 -46.44
C MET B 578 -37.99 -31.96 -45.77
N LYS B 579 -37.06 -32.49 -46.55
CA LYS B 579 -35.94 -33.23 -46.00
C LYS B 579 -34.92 -32.25 -45.44
N GLN B 580 -34.23 -32.64 -44.38
CA GLN B 580 -33.25 -31.76 -43.75
C GLN B 580 -31.91 -31.80 -44.49
N ILE B 581 -31.93 -31.48 -45.77
CA ILE B 581 -30.73 -31.56 -46.60
C ILE B 581 -29.81 -30.35 -46.41
N HIS B 582 -30.39 -29.17 -46.25
CA HIS B 582 -29.61 -27.94 -46.14
C HIS B 582 -29.53 -27.44 -44.71
N LYS B 583 -28.37 -26.91 -44.35
CA LYS B 583 -28.22 -26.18 -43.09
C LYS B 583 -29.06 -24.92 -43.19
N THR B 584 -29.50 -24.39 -42.05
CA THR B 584 -30.42 -23.26 -42.01
C THR B 584 -29.96 -22.06 -42.83
N SER B 585 -28.72 -21.64 -42.60
CA SER B 585 -28.13 -20.50 -43.29
C SER B 585 -28.15 -20.68 -44.81
N GLN B 586 -28.12 -21.94 -45.25
CA GLN B 586 -28.20 -22.28 -46.66
C GLN B 586 -29.64 -22.21 -47.15
N CYS B 587 -30.57 -22.59 -46.27
CA CYS B 587 -32.01 -22.54 -46.60
C CYS B 587 -32.46 -21.11 -46.83
N MET B 588 -31.85 -20.20 -46.06
CA MET B 588 -32.21 -18.79 -46.15
C MET B 588 -32.03 -18.26 -47.59
N TRP B 589 -30.90 -18.61 -48.21
CA TRP B 589 -30.63 -18.24 -49.60
C TRP B 589 -31.71 -18.78 -50.54
N LEU B 590 -32.20 -19.98 -50.24
CA LEU B 590 -33.23 -20.60 -51.06
C LEU B 590 -34.54 -19.85 -50.91
N MET B 591 -34.82 -19.34 -49.72
CA MET B 591 -36.01 -18.53 -49.50
C MET B 591 -35.90 -17.21 -50.28
N GLN B 592 -34.73 -16.58 -50.25
CA GLN B 592 -34.51 -15.40 -51.07
C GLN B 592 -34.73 -15.69 -52.54
N ALA B 593 -34.16 -16.81 -53.01
CA ALA B 593 -34.30 -17.26 -54.39
C ALA B 593 -35.76 -17.40 -54.79
N LEU B 594 -36.53 -18.14 -53.97
CA LEU B 594 -37.95 -18.32 -54.23
C LEU B 594 -38.68 -16.99 -54.22
N GLY B 595 -38.22 -16.06 -53.38
CA GLY B 595 -38.76 -14.71 -53.39
C GLY B 595 -38.61 -14.06 -54.75
N PHE B 596 -37.38 -14.07 -55.26
CA PHE B 596 -37.09 -13.54 -56.58
C PHE B 596 -37.93 -14.23 -57.66
N LEU B 597 -38.14 -15.54 -57.50
CA LEU B 597 -38.91 -16.32 -58.45
C LEU B 597 -40.37 -15.90 -58.47
N LEU B 598 -40.96 -15.74 -57.30
CA LEU B 598 -42.36 -15.37 -57.17
C LEU B 598 -42.61 -13.93 -57.60
N SER B 599 -41.57 -13.10 -57.49
CA SER B 599 -41.67 -11.68 -57.86
C SER B 599 -42.15 -11.45 -59.29
N ALA B 600 -41.98 -12.45 -60.15
CA ALA B 600 -42.35 -12.31 -61.56
C ALA B 600 -43.72 -12.90 -61.88
N LEU B 601 -44.06 -14.00 -61.21
CA LEU B 601 -45.31 -14.72 -61.47
C LEU B 601 -46.55 -13.86 -61.25
N GLN B 602 -47.66 -14.27 -61.84
CA GLN B 602 -48.91 -13.52 -61.74
C GLN B 602 -49.49 -13.57 -60.32
N VAL B 603 -50.22 -12.52 -59.95
CA VAL B 603 -50.65 -12.29 -58.57
C VAL B 603 -51.34 -13.48 -57.88
N GLU B 604 -52.37 -14.01 -58.52
CA GLU B 604 -53.15 -15.10 -57.94
C GLU B 604 -52.31 -16.36 -57.72
N GLU B 605 -51.61 -16.77 -58.77
CA GLU B 605 -50.75 -17.94 -58.70
C GLU B 605 -49.64 -17.75 -57.67
N ILE B 606 -49.13 -16.53 -57.58
CA ILE B 606 -48.08 -16.20 -56.63
C ILE B 606 -48.59 -16.34 -55.20
N LEU B 607 -49.79 -15.83 -54.96
CA LEU B 607 -50.41 -15.90 -53.63
C LEU B 607 -50.70 -17.34 -53.24
N LYS B 608 -51.21 -18.12 -54.19
CA LYS B 608 -51.53 -19.52 -53.94
C LYS B 608 -50.26 -20.32 -53.64
N ASN B 609 -49.23 -20.11 -54.45
CA ASN B 609 -47.97 -20.82 -54.28
C ASN B 609 -47.28 -20.44 -52.96
N LEU B 610 -47.31 -19.15 -52.63
CA LEU B 610 -46.71 -18.67 -51.38
C LEU B 610 -47.44 -19.25 -50.19
N HIS B 611 -48.76 -19.30 -50.29
CA HIS B 611 -49.59 -19.89 -49.26
C HIS B 611 -49.25 -21.36 -49.09
N SER B 612 -49.01 -22.04 -50.20
CA SER B 612 -48.67 -23.46 -50.18
C SER B 612 -47.30 -23.72 -49.54
N LEU B 613 -46.34 -22.85 -49.83
CA LEU B 613 -44.99 -23.01 -49.32
C LEU B 613 -44.88 -22.61 -47.85
N ILE B 614 -45.72 -21.68 -47.41
CA ILE B 614 -45.68 -21.21 -46.04
C ILE B 614 -46.63 -21.99 -45.13
N SER B 615 -47.55 -22.74 -45.76
CA SER B 615 -48.52 -23.55 -45.01
C SER B 615 -47.93 -24.58 -44.04
N PRO B 616 -46.86 -25.29 -44.44
CA PRO B 616 -46.28 -26.18 -43.42
C PRO B 616 -45.53 -25.37 -42.36
N TYR B 617 -44.98 -24.23 -42.74
CA TYR B 617 -44.23 -23.40 -41.81
C TYR B 617 -45.11 -22.78 -40.73
N ILE B 618 -46.29 -22.30 -41.11
CA ILE B 618 -47.19 -21.72 -40.12
C ILE B 618 -47.65 -22.78 -39.11
N GLN B 619 -47.92 -23.98 -39.59
CA GLN B 619 -48.35 -25.08 -38.73
C GLN B 619 -47.29 -25.41 -37.68
N GLN B 620 -46.02 -25.35 -38.06
CA GLN B 620 -44.93 -25.60 -37.12
C GLN B 620 -44.80 -24.42 -36.16
N LEU B 621 -45.11 -23.22 -36.64
CA LEU B 621 -45.06 -22.03 -35.80
C LEU B 621 -46.16 -22.06 -34.74
N GLU B 622 -47.33 -22.53 -35.12
CA GLU B 622 -48.45 -22.68 -34.20
C GLU B 622 -48.10 -23.70 -33.12
N LYS B 623 -47.41 -24.76 -33.51
CA LYS B 623 -47.05 -25.84 -32.61
C LYS B 623 -46.03 -25.42 -31.56
N LEU B 624 -45.14 -24.52 -31.95
CA LEU B 624 -44.09 -24.04 -31.05
C LEU B 624 -44.60 -23.00 -30.06
N ALA B 625 -45.53 -22.16 -30.51
CA ALA B 625 -46.05 -21.09 -29.69
C ALA B 625 -46.88 -21.59 -28.51
N GLU B 626 -47.75 -22.56 -28.77
CA GLU B 626 -48.60 -23.13 -27.73
C GLU B 626 -47.78 -23.81 -26.65
N GLU B 627 -46.71 -24.47 -27.05
CA GLU B 627 -45.80 -25.14 -26.10
C GLU B 627 -45.06 -24.11 -25.25
N ILE B 628 -44.77 -24.48 -24.01
CA ILE B 628 -43.99 -23.61 -23.13
C ILE B 628 -42.59 -23.41 -23.70
N PRO B 629 -42.02 -22.21 -23.50
CA PRO B 629 -40.68 -21.86 -24.00
C PRO B 629 -39.63 -22.90 -23.62
N ASN B 630 -39.20 -23.68 -24.60
CA ASN B 630 -38.20 -24.72 -24.41
C ASN B 630 -36.92 -24.40 -25.19
N PRO B 631 -35.76 -24.79 -24.65
CA PRO B 631 -34.48 -24.54 -25.31
C PRO B 631 -34.39 -25.24 -26.67
N SER B 632 -35.01 -26.41 -26.76
CA SER B 632 -35.07 -27.14 -28.03
C SER B 632 -36.02 -26.47 -29.00
N ASN B 633 -37.04 -25.80 -28.48
CA ASN B 633 -38.04 -25.15 -29.33
C ASN B 633 -37.55 -23.80 -29.86
N LYS B 634 -36.62 -23.19 -29.13
CA LYS B 634 -36.08 -21.87 -29.47
C LYS B 634 -35.54 -21.80 -30.90
N LEU B 635 -34.51 -22.60 -31.16
CA LEU B 635 -33.88 -22.62 -32.48
C LEU B 635 -34.89 -22.96 -33.56
N ALA B 636 -35.85 -23.82 -33.23
CA ALA B 636 -36.89 -24.22 -34.16
C ALA B 636 -37.77 -23.04 -34.55
N ILE B 637 -38.07 -22.16 -33.60
CA ILE B 637 -38.83 -20.95 -33.88
C ILE B 637 -38.00 -19.97 -34.70
N VAL B 638 -36.74 -19.80 -34.30
CA VAL B 638 -35.80 -18.94 -35.01
C VAL B 638 -35.70 -19.30 -36.49
N HIS B 639 -35.66 -20.60 -36.78
CA HIS B 639 -35.56 -21.08 -38.16
C HIS B 639 -36.72 -20.59 -39.01
N ILE B 640 -37.94 -20.76 -38.50
CA ILE B 640 -39.13 -20.34 -39.21
C ILE B 640 -39.14 -18.83 -39.40
N LEU B 641 -38.86 -18.09 -38.34
CA LEU B 641 -38.81 -16.63 -38.41
C LEU B 641 -37.84 -16.15 -39.50
N GLY B 642 -36.66 -16.75 -39.51
CA GLY B 642 -35.64 -16.42 -40.50
C GLY B 642 -36.04 -16.77 -41.92
N LEU B 643 -36.62 -17.94 -42.12
CA LEU B 643 -37.09 -18.35 -43.43
C LEU B 643 -38.13 -17.35 -43.95
N LEU B 644 -39.03 -16.93 -43.07
CA LEU B 644 -40.03 -15.93 -43.42
C LEU B 644 -39.38 -14.61 -43.84
N SER B 645 -38.50 -14.09 -42.99
CA SER B 645 -37.78 -12.84 -43.27
C SER B 645 -37.08 -12.87 -44.63
N ASN B 646 -36.33 -13.94 -44.88
CA ASN B 646 -35.61 -14.10 -46.14
C ASN B 646 -36.55 -14.21 -47.34
N LEU B 647 -37.68 -14.88 -47.15
CA LEU B 647 -38.68 -14.97 -48.21
C LEU B 647 -39.25 -13.59 -48.53
N PHE B 648 -39.32 -12.73 -47.52
CA PHE B 648 -39.90 -11.41 -47.69
C PHE B 648 -38.92 -10.37 -48.22
N THR B 649 -37.62 -10.62 -48.04
CA THR B 649 -36.60 -9.66 -48.48
C THR B 649 -36.54 -9.50 -50.00
N THR B 650 -36.72 -10.60 -50.72
CA THR B 650 -36.53 -10.61 -52.17
C THR B 650 -37.81 -10.60 -52.99
N LEU B 651 -38.95 -10.72 -52.32
CA LEU B 651 -40.25 -10.71 -53.00
C LEU B 651 -40.81 -9.29 -53.11
N ASP B 652 -40.78 -8.74 -54.32
CA ASP B 652 -41.25 -7.38 -54.57
C ASP B 652 -41.90 -7.27 -55.94
N ILE B 653 -43.22 -7.08 -55.95
CA ILE B 653 -43.95 -6.93 -57.19
C ILE B 653 -43.79 -5.52 -57.76
N SER B 654 -43.23 -4.63 -56.95
CA SER B 654 -43.05 -3.23 -57.36
C SER B 654 -41.93 -3.08 -58.38
N HIS B 655 -40.92 -3.95 -58.30
CA HIS B 655 -39.75 -3.90 -59.18
C HIS B 655 -39.07 -2.53 -59.16
N HIS B 656 -38.82 -2.02 -57.95
CA HIS B 656 -38.21 -0.70 -57.79
C HIS B 656 -36.76 -0.68 -58.27
N ASN B 675 -49.48 -5.50 -52.58
CA ASN B 675 -48.64 -6.68 -52.56
C ASN B 675 -49.22 -7.76 -51.64
N PRO B 676 -49.16 -9.02 -52.08
CA PRO B 676 -49.67 -10.17 -51.33
C PRO B 676 -48.87 -10.41 -50.04
N VAL B 677 -47.64 -9.90 -50.01
CA VAL B 677 -46.79 -10.04 -48.83
C VAL B 677 -47.44 -9.39 -47.62
N VAL B 678 -48.19 -8.32 -47.86
CA VAL B 678 -48.95 -7.66 -46.80
C VAL B 678 -50.11 -8.54 -46.36
N VAL B 679 -50.74 -9.21 -47.32
CA VAL B 679 -51.84 -10.11 -47.01
C VAL B 679 -51.36 -11.23 -46.10
N VAL B 680 -50.20 -11.80 -46.41
CA VAL B 680 -49.61 -12.83 -45.55
C VAL B 680 -49.17 -12.26 -44.21
N LEU B 681 -48.68 -11.02 -44.23
CA LEU B 681 -48.20 -10.35 -43.02
C LEU B 681 -49.31 -10.14 -42.00
N GLN B 682 -50.50 -9.80 -42.50
CA GLN B 682 -51.65 -9.58 -41.62
C GLN B 682 -52.03 -10.86 -40.87
N GLN B 683 -52.13 -11.96 -41.59
CA GLN B 683 -52.45 -13.25 -40.98
C GLN B 683 -51.32 -13.68 -40.05
N VAL B 684 -50.10 -13.29 -40.39
CA VAL B 684 -48.95 -13.62 -39.57
C VAL B 684 -48.97 -12.88 -38.23
N PHE B 685 -49.45 -11.64 -38.26
CA PHE B 685 -49.39 -10.74 -37.10
C PHE B 685 -49.91 -11.31 -35.79
N GLN B 686 -50.96 -12.12 -35.86
CA GLN B 686 -51.54 -12.70 -34.65
C GLN B 686 -50.61 -13.72 -34.01
N LEU B 687 -50.17 -14.69 -34.81
CA LEU B 687 -49.22 -15.69 -34.35
C LEU B 687 -47.92 -15.05 -33.89
N ILE B 688 -47.53 -13.98 -34.58
CA ILE B 688 -46.36 -13.20 -34.21
C ILE B 688 -46.53 -12.58 -32.83
N GLN B 689 -47.70 -12.01 -32.59
CA GLN B 689 -48.00 -11.38 -31.30
C GLN B 689 -48.01 -12.39 -30.17
N LYS B 690 -48.58 -13.57 -30.43
CA LYS B 690 -48.59 -14.64 -29.44
C LYS B 690 -47.16 -15.10 -29.12
N VAL B 691 -46.39 -15.32 -30.18
CA VAL B 691 -45.00 -15.75 -30.03
C VAL B 691 -44.16 -14.73 -29.28
N LEU B 692 -44.47 -13.45 -29.50
CA LEU B 692 -43.76 -12.36 -28.83
C LEU B 692 -44.14 -12.30 -27.36
N SER B 693 -45.42 -12.53 -27.09
CA SER B 693 -45.91 -12.56 -25.71
C SER B 693 -45.27 -13.72 -24.95
N LYS B 694 -45.00 -14.81 -25.65
CA LYS B 694 -44.41 -15.99 -25.02
C LYS B 694 -42.89 -15.90 -24.89
N TRP B 695 -42.25 -15.21 -25.81
CA TRP B 695 -40.78 -15.20 -25.89
C TRP B 695 -40.17 -13.80 -25.80
N LEU B 696 -40.83 -12.89 -25.10
CA LEU B 696 -40.38 -11.50 -25.04
C LEU B 696 -38.99 -11.34 -24.41
N ASN B 697 -38.70 -12.12 -23.38
CA ASN B 697 -37.44 -11.99 -22.65
C ASN B 697 -36.22 -12.40 -23.48
N ASP B 698 -36.41 -13.36 -24.39
CA ASP B 698 -35.31 -13.82 -25.24
C ASP B 698 -34.98 -12.76 -26.30
N ALA B 699 -33.77 -12.21 -26.22
CA ALA B 699 -33.35 -11.12 -27.11
C ALA B 699 -33.24 -11.57 -28.57
N GLN B 700 -32.63 -12.74 -28.77
CA GLN B 700 -32.42 -13.27 -30.11
C GLN B 700 -33.74 -13.48 -30.85
N VAL B 701 -34.67 -14.16 -30.19
CA VAL B 701 -35.98 -14.42 -30.78
C VAL B 701 -36.71 -13.11 -31.10
N VAL B 702 -36.68 -12.17 -30.18
CA VAL B 702 -37.30 -10.85 -30.38
C VAL B 702 -36.73 -10.13 -31.60
N GLU B 703 -35.40 -10.10 -31.69
CA GLU B 703 -34.71 -9.49 -32.83
C GLU B 703 -35.12 -10.17 -34.13
N ALA B 704 -35.23 -11.49 -34.09
CA ALA B 704 -35.65 -12.28 -35.24
C ALA B 704 -37.06 -11.94 -35.68
N VAL B 705 -37.93 -11.69 -34.70
CA VAL B 705 -39.31 -11.33 -34.98
C VAL B 705 -39.39 -9.94 -35.60
N CYS B 706 -38.57 -9.02 -35.11
CA CYS B 706 -38.52 -7.67 -35.67
C CYS B 706 -37.94 -7.66 -37.09
N ALA B 707 -37.04 -8.60 -37.35
CA ALA B 707 -36.35 -8.69 -38.63
C ALA B 707 -37.29 -8.88 -39.82
N ILE B 708 -38.35 -9.66 -39.60
CA ILE B 708 -39.35 -9.90 -40.63
C ILE B 708 -39.93 -8.57 -41.11
N PHE B 709 -40.38 -7.76 -40.16
CA PHE B 709 -40.92 -6.45 -40.45
C PHE B 709 -39.89 -5.54 -41.09
N GLU B 710 -38.66 -5.59 -40.59
CA GLU B 710 -37.57 -4.79 -41.17
C GLU B 710 -37.39 -5.07 -42.65
N LYS B 711 -37.19 -6.34 -42.98
CA LYS B 711 -36.99 -6.76 -44.37
C LYS B 711 -38.21 -6.44 -45.25
N SER B 712 -39.38 -6.80 -44.77
CA SER B 712 -40.62 -6.57 -45.53
C SER B 712 -40.85 -5.09 -45.80
N VAL B 713 -40.46 -4.25 -44.86
CA VAL B 713 -40.58 -2.81 -45.02
C VAL B 713 -39.54 -2.26 -45.99
N LYS B 714 -38.31 -2.74 -45.87
CA LYS B 714 -37.24 -2.31 -46.77
C LYS B 714 -37.56 -2.71 -48.22
N THR B 715 -38.28 -3.82 -48.38
CA THR B 715 -38.63 -4.31 -49.70
C THR B 715 -39.68 -3.43 -50.38
N LEU B 716 -40.83 -3.28 -49.73
CA LEU B 716 -41.94 -2.49 -50.27
C LEU B 716 -41.94 -1.09 -49.70
N LEU B 717 -41.78 -0.10 -50.56
CA LEU B 717 -41.75 1.29 -50.12
C LEU B 717 -43.14 1.85 -49.85
N ASP B 718 -43.99 1.83 -50.87
CA ASP B 718 -45.33 2.39 -50.77
C ASP B 718 -46.37 1.34 -50.37
N ASP B 719 -46.10 0.08 -50.72
CA ASP B 719 -47.03 -1.01 -50.46
C ASP B 719 -46.96 -1.50 -49.01
N PHE B 720 -46.17 -0.82 -48.19
CA PHE B 720 -46.03 -1.19 -46.78
C PHE B 720 -47.04 -0.46 -45.90
N ALA B 721 -47.80 0.44 -46.52
CA ALA B 721 -48.79 1.25 -45.79
C ALA B 721 -49.91 0.47 -45.07
N PRO B 722 -50.59 -0.48 -45.76
CA PRO B 722 -51.74 -1.12 -45.12
C PRO B 722 -51.43 -1.93 -43.85
N MET B 723 -50.16 -2.04 -43.48
CA MET B 723 -49.78 -2.76 -42.26
C MET B 723 -49.22 -1.82 -41.19
N VAL B 724 -49.09 -0.54 -41.53
CA VAL B 724 -48.55 0.47 -40.62
C VAL B 724 -49.28 0.60 -39.26
N PRO B 725 -50.63 0.63 -39.26
CA PRO B 725 -51.29 0.76 -37.96
C PRO B 725 -51.02 -0.44 -37.03
N GLN B 726 -50.95 -1.64 -37.59
CA GLN B 726 -50.69 -2.83 -36.79
C GLN B 726 -49.24 -2.89 -36.34
N LEU B 727 -48.34 -2.44 -37.19
CA LEU B 727 -46.91 -2.51 -36.91
C LEU B 727 -46.48 -1.55 -35.79
N CYS B 728 -47.12 -0.39 -35.74
CA CYS B 728 -46.76 0.63 -34.76
C CYS B 728 -47.15 0.22 -33.33
N GLU B 729 -48.23 -0.54 -33.22
CA GLU B 729 -48.68 -1.01 -31.90
C GLU B 729 -47.79 -2.15 -31.40
N MET B 730 -47.31 -2.97 -32.33
CA MET B 730 -46.45 -4.10 -32.00
C MET B 730 -45.05 -3.63 -31.60
N LEU B 731 -44.51 -2.69 -32.36
CA LEU B 731 -43.17 -2.17 -32.11
C LEU B 731 -43.16 -1.24 -30.89
N GLY B 732 -44.25 -0.51 -30.71
CA GLY B 732 -44.38 0.41 -29.58
C GLY B 732 -44.42 -0.29 -28.25
N ARG B 733 -45.11 -1.42 -28.20
CA ARG B 733 -45.21 -2.22 -26.99
C ARG B 733 -43.89 -2.97 -26.75
N MET B 734 -43.24 -3.36 -27.85
CA MET B 734 -41.98 -4.08 -27.76
C MET B 734 -40.86 -3.19 -27.25
N TYR B 735 -40.92 -1.91 -27.62
CA TYR B 735 -39.89 -0.95 -27.22
C TYR B 735 -40.11 -0.44 -25.80
N SER B 736 -41.34 -0.50 -25.33
CA SER B 736 -41.67 -0.09 -23.97
C SER B 736 -41.17 -1.14 -22.98
N THR B 737 -41.22 -2.40 -23.39
CA THR B 737 -40.73 -3.51 -22.58
C THR B 737 -39.21 -3.48 -22.47
N ILE B 738 -38.54 -3.65 -23.61
CA ILE B 738 -37.08 -3.60 -23.68
C ILE B 738 -36.63 -2.73 -24.84
N PRO B 739 -35.67 -1.82 -24.59
CA PRO B 739 -35.12 -0.99 -25.67
C PRO B 739 -34.19 -1.77 -26.59
N GLN B 740 -34.36 -1.60 -27.89
CA GLN B 740 -33.49 -2.26 -28.86
C GLN B 740 -33.25 -1.33 -30.04
N ALA B 741 -31.99 -1.24 -30.47
CA ALA B 741 -31.59 -0.31 -31.52
C ALA B 741 -32.28 -0.60 -32.85
N SER B 742 -32.47 -1.89 -33.13
CA SER B 742 -33.13 -2.33 -34.35
C SER B 742 -34.52 -1.71 -34.48
N ALA B 743 -35.21 -1.59 -33.36
CA ALA B 743 -36.54 -0.98 -33.34
C ALA B 743 -36.48 0.48 -33.74
N LEU B 744 -35.46 1.18 -33.24
CA LEU B 744 -35.24 2.58 -33.59
C LEU B 744 -34.99 2.71 -35.08
N ASP B 745 -34.16 1.82 -35.61
CA ASP B 745 -33.85 1.84 -37.03
C ASP B 745 -35.11 1.59 -37.86
N LEU B 746 -35.96 0.68 -37.39
CA LEU B 746 -37.21 0.38 -38.08
C LEU B 746 -38.15 1.58 -38.08
N THR B 747 -38.20 2.28 -36.95
CA THR B 747 -38.99 3.50 -36.85
C THR B 747 -38.45 4.55 -37.81
N ARG B 748 -37.13 4.61 -37.94
CA ARG B 748 -36.50 5.54 -38.88
C ARG B 748 -36.89 5.21 -40.32
N GLN B 749 -36.88 3.92 -40.65
CA GLN B 749 -37.26 3.48 -42.00
C GLN B 749 -38.71 3.84 -42.27
N LEU B 750 -39.60 3.55 -41.32
CA LEU B 750 -41.01 3.90 -41.44
C LEU B 750 -41.19 5.40 -41.64
N VAL B 751 -40.40 6.20 -40.93
CA VAL B 751 -40.44 7.65 -41.09
C VAL B 751 -40.03 8.07 -42.50
N HIS B 752 -38.85 7.62 -42.93
CA HIS B 752 -38.33 8.04 -44.24
C HIS B 752 -39.23 7.60 -45.39
N ILE B 753 -39.86 6.44 -45.25
CA ILE B 753 -40.73 5.91 -46.30
C ILE B 753 -42.12 6.56 -46.31
N PHE B 754 -42.76 6.61 -45.16
CA PHE B 754 -44.17 6.99 -45.08
C PHE B 754 -44.46 8.39 -44.55
N ALA B 755 -43.44 9.25 -44.51
CA ALA B 755 -43.64 10.62 -44.01
C ALA B 755 -44.54 11.44 -44.92
N HIS B 756 -44.24 11.45 -46.21
CA HIS B 756 -44.94 12.30 -47.17
C HIS B 756 -46.41 11.94 -47.36
N GLU B 757 -46.73 10.65 -47.25
CA GLU B 757 -48.12 10.19 -47.35
C GLU B 757 -48.79 10.31 -45.98
N PRO B 758 -49.69 11.30 -45.84
CA PRO B 758 -50.28 11.65 -44.54
C PRO B 758 -51.28 10.61 -44.04
N ALA B 759 -51.92 9.88 -44.95
CA ALA B 759 -52.96 8.92 -44.60
C ALA B 759 -52.49 7.84 -43.61
N HIS B 760 -51.23 7.45 -43.71
CA HIS B 760 -50.66 6.45 -42.80
C HIS B 760 -49.72 7.08 -41.78
N PHE B 761 -49.64 8.41 -41.78
CA PHE B 761 -48.76 9.13 -40.86
C PHE B 761 -49.14 9.11 -39.36
N PRO B 762 -50.44 9.24 -39.01
CA PRO B 762 -50.79 9.31 -37.59
C PRO B 762 -50.28 8.19 -36.67
N PRO B 763 -50.39 6.90 -37.06
CA PRO B 763 -49.92 5.88 -36.11
C PRO B 763 -48.40 5.94 -35.90
N ILE B 764 -47.67 6.24 -36.97
CA ILE B 764 -46.21 6.29 -36.90
C ILE B 764 -45.71 7.41 -36.00
N GLU B 765 -46.47 8.48 -35.94
CA GLU B 765 -46.12 9.64 -35.12
C GLU B 765 -46.05 9.26 -33.64
N ALA B 766 -47.00 8.44 -33.21
CA ALA B 766 -47.08 8.02 -31.81
C ALA B 766 -45.89 7.13 -31.43
N LEU B 767 -45.49 6.27 -32.36
CA LEU B 767 -44.35 5.39 -32.13
C LEU B 767 -43.06 6.18 -31.96
N PHE B 768 -42.91 7.21 -32.79
CA PHE B 768 -41.74 8.11 -32.72
C PHE B 768 -41.67 8.78 -31.35
N LEU B 769 -42.75 9.45 -30.96
CA LEU B 769 -42.78 10.19 -29.70
C LEU B 769 -42.60 9.28 -28.50
N LEU B 770 -43.21 8.09 -28.55
CA LEU B 770 -43.04 7.08 -27.51
C LEU B 770 -41.59 6.66 -27.39
N VAL B 771 -40.96 6.42 -28.54
CA VAL B 771 -39.57 6.01 -28.60
C VAL B 771 -38.66 7.08 -27.96
N THR B 772 -38.97 8.34 -28.24
CA THR B 772 -38.18 9.45 -27.73
C THR B 772 -38.29 9.53 -26.21
N SER B 773 -39.48 9.27 -25.69
CA SER B 773 -39.71 9.32 -24.25
C SER B 773 -39.02 8.16 -23.52
N VAL B 774 -39.02 6.99 -24.14
CA VAL B 774 -38.40 5.81 -23.54
C VAL B 774 -36.87 5.89 -23.55
N THR B 775 -36.31 6.35 -24.67
CA THR B 775 -34.86 6.53 -24.79
C THR B 775 -34.34 7.50 -23.75
N LEU B 776 -34.92 8.70 -23.73
CA LEU B 776 -34.47 9.77 -22.85
C LEU B 776 -34.50 9.39 -21.37
N THR B 777 -35.52 8.63 -20.99
CA THR B 777 -35.64 8.16 -19.61
C THR B 777 -34.66 7.02 -19.32
N LEU B 778 -34.34 6.24 -20.34
CA LEU B 778 -33.36 5.17 -20.22
C LEU B 778 -31.95 5.78 -20.15
N PHE B 779 -31.79 6.91 -20.82
CA PHE B 779 -30.50 7.59 -20.90
C PHE B 779 -30.08 8.16 -19.56
N GLN B 780 -31.07 8.46 -18.71
CA GLN B 780 -30.79 9.00 -17.38
C GLN B 780 -30.15 7.95 -16.48
N GLN B 781 -30.60 6.71 -16.62
CA GLN B 781 -30.10 5.61 -15.80
C GLN B 781 -28.65 5.30 -16.15
N GLY B 782 -28.35 5.29 -17.44
CA GLY B 782 -26.99 5.02 -17.90
C GLY B 782 -26.72 5.67 -19.24
N PRO B 783 -25.92 6.74 -19.24
CA PRO B 783 -25.55 7.45 -20.48
C PRO B 783 -24.79 6.55 -21.45
N ARG B 784 -23.64 6.05 -21.02
CA ARG B 784 -22.78 5.24 -21.88
C ARG B 784 -23.12 3.76 -21.83
N ASP B 785 -24.20 3.41 -21.13
CA ASP B 785 -24.56 2.01 -20.92
C ASP B 785 -25.04 1.33 -22.20
N HIS B 786 -25.71 2.08 -23.07
CA HIS B 786 -26.23 1.52 -24.31
C HIS B 786 -25.94 2.42 -25.52
N PRO B 787 -24.70 2.35 -26.04
CA PRO B 787 -24.29 3.18 -27.18
C PRO B 787 -25.01 2.82 -28.48
N ASP B 788 -25.40 1.57 -28.64
CA ASP B 788 -26.11 1.14 -29.84
C ASP B 788 -27.45 1.86 -29.98
N ILE B 789 -28.22 1.86 -28.90
CA ILE B 789 -29.51 2.55 -28.85
C ILE B 789 -29.34 4.05 -29.14
N VAL B 790 -28.32 4.66 -28.53
CA VAL B 790 -28.06 6.08 -28.73
C VAL B 790 -27.74 6.40 -30.20
N ASP B 791 -26.79 5.66 -30.76
CA ASP B 791 -26.39 5.82 -32.16
C ASP B 791 -27.59 5.69 -33.09
N SER B 792 -28.34 4.60 -32.94
CA SER B 792 -29.52 4.36 -33.75
C SER B 792 -30.57 5.46 -33.61
N PHE B 793 -30.71 5.97 -32.38
CA PHE B 793 -31.63 7.07 -32.09
C PHE B 793 -31.22 8.32 -32.83
N MET B 794 -29.91 8.58 -32.88
CA MET B 794 -29.39 9.75 -33.61
C MET B 794 -29.66 9.60 -35.10
N GLN B 795 -29.48 8.39 -35.62
CA GLN B 795 -29.83 8.10 -37.01
C GLN B 795 -31.31 8.44 -37.27
N LEU B 796 -32.18 7.96 -36.39
CA LEU B 796 -33.62 8.23 -36.47
C LEU B 796 -33.93 9.73 -36.50
N LEU B 797 -33.38 10.47 -35.54
CA LEU B 797 -33.63 11.90 -35.45
C LEU B 797 -33.12 12.67 -36.65
N ALA B 798 -31.99 12.23 -37.20
CA ALA B 798 -31.43 12.86 -38.40
C ALA B 798 -32.36 12.64 -39.60
N GLN B 799 -32.74 11.37 -39.81
CA GLN B 799 -33.65 11.03 -40.89
C GLN B 799 -34.96 11.78 -40.78
N ALA B 800 -35.44 11.95 -39.55
CA ALA B 800 -36.68 12.67 -39.29
C ALA B 800 -36.53 14.16 -39.57
N LEU B 801 -35.37 14.71 -39.20
CA LEU B 801 -35.07 16.12 -39.41
C LEU B 801 -35.00 16.45 -40.89
N LYS B 802 -34.48 15.52 -41.67
CA LYS B 802 -34.36 15.72 -43.11
C LYS B 802 -35.69 15.50 -43.84
N ARG B 803 -36.37 14.40 -43.51
CA ARG B 803 -37.58 14.01 -44.20
C ARG B 803 -38.77 14.93 -43.90
N LYS B 804 -39.05 15.15 -42.62
CA LYS B 804 -40.18 15.98 -42.21
C LYS B 804 -39.85 16.79 -40.96
N PRO B 805 -39.27 17.98 -41.14
CA PRO B 805 -38.87 18.88 -40.05
C PRO B 805 -40.05 19.27 -39.17
N ASP B 806 -41.22 19.42 -39.77
CA ASP B 806 -42.44 19.80 -39.05
C ASP B 806 -42.74 18.87 -37.89
N LEU B 807 -42.33 17.61 -38.02
CA LEU B 807 -42.55 16.60 -36.97
C LEU B 807 -41.93 17.01 -35.64
N PHE B 808 -40.92 17.88 -35.69
CA PHE B 808 -40.24 18.33 -34.48
C PHE B 808 -41.10 19.30 -33.65
N LEU B 809 -42.21 19.75 -34.23
CA LEU B 809 -43.10 20.71 -33.57
C LEU B 809 -43.95 20.08 -32.48
N CYS B 810 -44.16 18.76 -32.56
CA CYS B 810 -44.99 18.04 -31.62
C CYS B 810 -44.58 18.27 -30.16
N GLU B 811 -45.54 18.23 -29.26
CA GLU B 811 -45.34 18.66 -27.87
C GLU B 811 -44.66 17.62 -26.97
N ARG B 812 -44.95 16.34 -27.20
CA ARG B 812 -44.49 15.27 -26.32
C ARG B 812 -42.98 15.20 -26.16
N LEU B 813 -42.24 15.34 -27.26
CA LEU B 813 -40.79 15.24 -27.23
C LEU B 813 -40.15 16.38 -26.44
N ASP B 814 -39.25 16.02 -25.54
CA ASP B 814 -38.52 17.01 -24.75
C ASP B 814 -37.35 17.56 -25.56
N VAL B 815 -37.64 18.54 -26.43
CA VAL B 815 -36.67 19.06 -27.38
C VAL B 815 -35.43 19.67 -26.75
N LYS B 816 -35.49 19.94 -25.44
CA LYS B 816 -34.32 20.43 -24.72
C LYS B 816 -33.47 19.26 -24.22
N ALA B 817 -34.14 18.26 -23.67
CA ALA B 817 -33.47 17.07 -23.15
C ALA B 817 -32.79 16.29 -24.27
N VAL B 818 -33.44 16.23 -25.43
CA VAL B 818 -32.87 15.60 -26.61
C VAL B 818 -31.56 16.28 -26.99
N PHE B 819 -31.60 17.60 -27.06
CA PHE B 819 -30.43 18.38 -27.40
C PHE B 819 -29.33 18.19 -26.36
N GLN B 820 -29.73 17.99 -25.10
CA GLN B 820 -28.78 17.69 -24.03
C GLN B 820 -28.11 16.34 -24.27
N CYS B 821 -28.89 15.35 -24.67
CA CYS B 821 -28.38 14.01 -24.93
C CYS B 821 -27.42 13.98 -26.12
N ALA B 822 -27.78 14.70 -27.18
CA ALA B 822 -26.93 14.81 -28.37
C ALA B 822 -25.65 15.58 -28.05
N VAL B 823 -25.78 16.59 -27.20
CA VAL B 823 -24.62 17.38 -26.77
C VAL B 823 -23.67 16.51 -25.94
N LEU B 824 -24.24 15.60 -25.16
CA LEU B 824 -23.44 14.69 -24.36
C LEU B 824 -22.84 13.58 -25.23
N ALA B 825 -23.48 13.31 -26.36
CA ALA B 825 -23.07 12.21 -27.24
C ALA B 825 -21.70 12.43 -27.88
N LEU B 826 -21.32 13.69 -28.07
CA LEU B 826 -20.04 14.02 -28.66
C LEU B 826 -18.87 13.66 -27.74
N LYS B 827 -19.17 13.46 -26.46
CA LYS B 827 -18.14 13.12 -25.48
C LYS B 827 -17.86 11.61 -25.45
N PHE B 828 -18.77 10.84 -26.03
CA PHE B 828 -18.66 9.38 -26.04
C PHE B 828 -17.34 8.88 -26.63
N PRO B 829 -16.81 7.77 -26.08
CA PRO B 829 -15.61 7.12 -26.61
C PRO B 829 -15.91 6.25 -27.82
N GLU B 830 -17.18 5.92 -28.03
CA GLU B 830 -17.57 5.12 -29.18
C GLU B 830 -17.68 6.00 -30.42
N ALA B 831 -16.84 5.72 -31.42
CA ALA B 831 -16.75 6.56 -32.61
C ALA B 831 -18.02 6.71 -33.46
N PRO B 832 -18.66 5.58 -33.86
CA PRO B 832 -19.79 5.73 -34.78
C PRO B 832 -20.97 6.48 -34.16
N THR B 833 -21.15 6.34 -32.85
CA THR B 833 -22.21 7.06 -32.14
C THR B 833 -21.99 8.56 -32.25
N VAL B 834 -20.75 8.97 -31.99
CA VAL B 834 -20.35 10.37 -32.13
C VAL B 834 -20.60 10.86 -33.55
N LYS B 835 -20.15 10.08 -34.53
CA LYS B 835 -20.35 10.43 -35.94
C LYS B 835 -21.84 10.63 -36.27
N ALA B 836 -22.69 9.75 -35.76
CA ALA B 836 -24.13 9.84 -36.01
C ALA B 836 -24.71 11.10 -35.36
N SER B 837 -24.32 11.38 -34.12
CA SER B 837 -24.75 12.61 -33.45
C SER B 837 -24.33 13.84 -34.26
N CYS B 838 -23.13 13.79 -34.81
CA CYS B 838 -22.64 14.87 -35.67
C CYS B 838 -23.51 15.00 -36.91
N GLY B 839 -23.93 13.87 -37.48
CA GLY B 839 -24.81 13.88 -38.63
C GLY B 839 -26.14 14.56 -38.33
N PHE B 840 -26.74 14.16 -37.21
CA PHE B 840 -27.97 14.78 -36.71
C PHE B 840 -27.79 16.29 -36.56
N PHE B 841 -26.69 16.71 -35.93
CA PHE B 841 -26.38 18.13 -35.80
C PHE B 841 -26.32 18.82 -37.16
N THR B 842 -25.66 18.18 -38.12
CA THR B 842 -25.53 18.74 -39.46
C THR B 842 -26.89 18.90 -40.14
N GLU B 843 -27.80 17.97 -39.87
CA GLU B 843 -29.13 18.03 -40.46
C GLU B 843 -30.02 19.09 -39.80
N LEU B 844 -29.91 19.24 -38.49
CA LEU B 844 -30.83 20.09 -37.73
C LEU B 844 -30.72 21.59 -38.02
N LEU B 845 -29.53 22.06 -38.37
CA LEU B 845 -29.26 23.50 -38.44
C LEU B 845 -30.00 24.31 -39.53
N PRO B 846 -30.01 23.82 -40.79
CA PRO B 846 -30.79 24.56 -41.80
C PRO B 846 -32.29 24.60 -41.47
N ARG B 847 -32.75 23.68 -40.64
CA ARG B 847 -34.16 23.62 -40.28
C ARG B 847 -34.57 24.74 -39.31
N CYS B 848 -33.58 25.38 -38.69
CA CYS B 848 -33.84 26.49 -37.78
C CYS B 848 -34.47 27.66 -38.52
N GLY B 849 -35.46 28.29 -37.89
CA GLY B 849 -36.19 29.38 -38.52
C GLY B 849 -37.43 28.85 -39.24
N GLU B 850 -37.23 27.83 -40.07
CA GLU B 850 -38.34 27.17 -40.74
C GLU B 850 -39.22 26.45 -39.71
N VAL B 851 -38.58 25.91 -38.68
CA VAL B 851 -39.29 25.31 -37.55
C VAL B 851 -38.96 26.08 -36.28
N GLU B 852 -39.99 26.56 -35.60
CA GLU B 852 -39.80 27.40 -34.42
C GLU B 852 -39.27 26.65 -33.20
N SER B 853 -39.63 25.37 -33.09
CA SER B 853 -39.13 24.55 -31.98
C SER B 853 -37.62 24.42 -32.05
N VAL B 854 -37.10 24.17 -33.25
CA VAL B 854 -35.67 24.04 -33.46
C VAL B 854 -34.96 25.38 -33.26
N GLY B 855 -35.57 26.46 -33.73
CA GLY B 855 -35.00 27.79 -33.59
C GLY B 855 -34.88 28.20 -32.14
N LYS B 856 -35.95 27.97 -31.39
CA LYS B 856 -35.99 28.31 -29.98
C LYS B 856 -35.04 27.42 -29.17
N VAL B 857 -35.00 26.13 -29.51
CA VAL B 857 -34.12 25.20 -28.81
C VAL B 857 -32.66 25.56 -29.04
N VAL B 858 -32.33 25.86 -30.28
CA VAL B 858 -30.97 26.25 -30.65
C VAL B 858 -30.58 27.60 -30.04
N GLN B 859 -31.54 28.50 -29.95
CA GLN B 859 -31.27 29.82 -29.36
C GLN B 859 -31.08 29.71 -27.86
N GLU B 860 -31.84 28.82 -27.23
CA GLU B 860 -31.81 28.67 -25.79
C GLU B 860 -30.59 27.89 -25.29
N ASP B 861 -30.24 26.82 -26.00
CA ASP B 861 -29.16 25.94 -25.56
C ASP B 861 -27.96 25.89 -26.50
N GLY B 862 -27.87 26.86 -27.41
CA GLY B 862 -26.86 26.82 -28.47
C GLY B 862 -25.40 26.90 -28.07
N ARG B 863 -25.10 27.69 -27.04
CA ARG B 863 -23.71 27.93 -26.64
C ARG B 863 -23.00 26.64 -26.18
N MET B 864 -23.75 25.80 -25.46
CA MET B 864 -23.19 24.57 -24.91
C MET B 864 -22.68 23.63 -26.01
N LEU B 865 -23.38 23.62 -27.15
CA LEU B 865 -23.01 22.78 -28.27
C LEU B 865 -21.65 23.17 -28.85
N LEU B 866 -21.46 24.47 -29.06
CA LEU B 866 -20.19 24.97 -29.57
C LEU B 866 -19.09 24.76 -28.53
N ILE B 867 -19.47 24.84 -27.27
CA ILE B 867 -18.53 24.53 -26.18
C ILE B 867 -18.04 23.10 -26.33
N ALA B 868 -18.99 22.19 -26.56
CA ALA B 868 -18.68 20.77 -26.69
C ALA B 868 -17.84 20.47 -27.93
N VAL B 869 -18.12 21.18 -29.02
CA VAL B 869 -17.38 21.01 -30.27
C VAL B 869 -15.94 21.49 -30.11
N LEU B 870 -15.79 22.67 -29.51
CA LEU B 870 -14.46 23.22 -29.26
C LEU B 870 -13.69 22.32 -28.31
N GLU B 871 -14.40 21.74 -27.34
CA GLU B 871 -13.80 20.77 -26.42
C GLU B 871 -13.29 19.56 -27.18
N ALA B 872 -14.09 19.10 -28.14
CA ALA B 872 -13.74 17.94 -28.95
C ALA B 872 -12.50 18.20 -29.79
N ILE B 873 -12.47 19.36 -30.45
CA ILE B 873 -11.33 19.74 -31.27
C ILE B 873 -10.08 19.93 -30.41
N GLY B 874 -10.29 20.42 -29.19
CA GLY B 874 -9.21 20.66 -28.26
C GLY B 874 -8.36 19.44 -27.97
N GLY B 875 -8.99 18.26 -28.01
CA GLY B 875 -8.27 17.02 -27.79
C GLY B 875 -9.10 15.97 -27.08
N GLN B 876 -10.41 16.16 -27.06
CA GLN B 876 -11.31 15.23 -26.37
C GLN B 876 -11.84 14.17 -27.33
N ALA B 877 -11.50 14.30 -28.61
CA ALA B 877 -11.95 13.35 -29.62
C ALA B 877 -10.81 12.89 -30.51
N SER B 878 -11.01 11.78 -31.22
CA SER B 878 -9.99 11.23 -32.11
C SER B 878 -9.85 12.08 -33.38
N ARG B 879 -8.73 11.93 -34.06
CA ARG B 879 -8.44 12.72 -35.24
C ARG B 879 -9.20 12.23 -36.48
N SER B 880 -9.78 11.03 -36.37
CA SER B 880 -10.49 10.44 -37.50
C SER B 880 -11.87 11.07 -37.69
N LEU B 881 -12.53 11.39 -36.58
CA LEU B 881 -13.89 11.95 -36.62
C LEU B 881 -13.90 13.46 -36.73
N MET B 882 -12.71 14.08 -36.78
CA MET B 882 -12.59 15.53 -36.86
C MET B 882 -13.37 16.12 -38.02
N ASP B 883 -13.24 15.52 -39.20
CA ASP B 883 -13.94 16.00 -40.39
C ASP B 883 -15.46 15.91 -40.24
N CYS B 884 -15.92 15.00 -39.36
CA CYS B 884 -17.35 14.88 -39.08
C CYS B 884 -17.79 15.95 -38.10
N PHE B 885 -16.87 16.42 -37.28
CA PHE B 885 -17.15 17.48 -36.33
C PHE B 885 -17.20 18.83 -37.04
N ALA B 886 -16.18 19.07 -37.87
CA ALA B 886 -16.06 20.32 -38.62
C ALA B 886 -17.35 20.66 -39.37
N ASP B 887 -17.96 19.65 -39.98
CA ASP B 887 -19.24 19.79 -40.67
C ASP B 887 -20.24 20.58 -39.83
N ILE B 888 -20.43 20.14 -38.59
CA ILE B 888 -21.33 20.82 -37.67
C ILE B 888 -21.02 22.31 -37.62
N LEU B 889 -19.76 22.63 -37.37
CA LEU B 889 -19.30 24.01 -37.32
C LEU B 889 -19.69 24.74 -38.60
N PHE B 890 -19.41 24.12 -39.75
CA PHE B 890 -19.73 24.73 -41.03
C PHE B 890 -21.22 25.03 -41.10
N ALA B 891 -22.03 24.08 -40.65
CA ALA B 891 -23.48 24.25 -40.69
C ALA B 891 -23.88 25.45 -39.84
N LEU B 892 -23.18 25.65 -38.71
CA LEU B 892 -23.47 26.76 -37.83
C LEU B 892 -23.25 28.10 -38.53
N ASN B 893 -22.35 28.10 -39.51
CA ASN B 893 -22.11 29.29 -40.32
C ASN B 893 -23.20 29.46 -41.38
N LYS B 894 -23.66 28.33 -41.93
CA LYS B 894 -24.62 28.37 -43.04
C LYS B 894 -26.04 28.65 -42.55
N HIS B 895 -26.31 28.32 -41.31
CA HIS B 895 -27.65 28.45 -40.75
C HIS B 895 -27.79 29.68 -39.84
N CYS B 896 -26.81 29.89 -38.97
CA CYS B 896 -26.88 30.96 -37.99
C CYS B 896 -25.53 31.63 -37.76
N PHE B 897 -25.17 32.54 -38.66
CA PHE B 897 -23.93 33.33 -38.55
C PHE B 897 -23.97 34.17 -37.27
N SER B 898 -25.00 35.01 -37.13
CA SER B 898 -25.10 35.95 -36.01
C SER B 898 -24.91 35.31 -34.63
N LEU B 899 -25.47 34.12 -34.43
CA LEU B 899 -25.35 33.42 -33.16
C LEU B 899 -23.95 32.83 -32.98
N LEU B 900 -23.43 32.23 -34.04
CA LEU B 900 -22.13 31.56 -34.01
C LEU B 900 -20.98 32.55 -33.75
N SER B 901 -21.12 33.77 -34.28
CA SER B 901 -20.11 34.80 -34.07
C SER B 901 -19.92 35.07 -32.59
N MET B 902 -21.02 35.41 -31.91
CA MET B 902 -21.00 35.68 -30.48
C MET B 902 -20.58 34.46 -29.68
N TRP B 903 -21.12 33.30 -30.04
CA TRP B 903 -20.81 32.06 -29.32
C TRP B 903 -19.31 31.74 -29.34
N ILE B 904 -18.71 31.80 -30.53
CA ILE B 904 -17.28 31.55 -30.67
C ILE B 904 -16.47 32.61 -29.94
N LYS B 905 -16.86 33.87 -30.13
CA LYS B 905 -16.19 35.00 -29.50
C LYS B 905 -16.12 34.85 -27.99
N GLU B 906 -17.22 34.42 -27.37
CA GLU B 906 -17.26 34.21 -25.93
C GLU B 906 -16.50 32.95 -25.51
N ALA B 907 -16.66 31.88 -26.28
CA ALA B 907 -16.04 30.60 -25.96
C ALA B 907 -14.51 30.64 -25.97
N LEU B 908 -13.94 31.46 -26.86
CA LEU B 908 -12.49 31.52 -27.00
C LEU B 908 -11.78 32.35 -25.94
N GLN B 909 -12.51 33.27 -25.32
CA GLN B 909 -11.95 34.21 -24.35
C GLN B 909 -11.16 33.61 -23.17
N PRO B 910 -11.71 32.57 -22.50
CA PRO B 910 -10.94 32.00 -21.38
C PRO B 910 -9.62 31.39 -21.83
N PRO B 911 -8.54 31.64 -21.08
CA PRO B 911 -7.18 31.20 -21.43
C PRO B 911 -7.02 29.68 -21.43
N GLY B 912 -6.72 29.13 -22.60
CA GLY B 912 -6.50 27.70 -22.75
C GLY B 912 -7.77 26.89 -22.57
N PHE B 913 -8.83 27.28 -23.27
CA PHE B 913 -10.11 26.57 -23.20
C PHE B 913 -10.11 25.25 -23.98
N PRO B 914 -9.74 25.28 -25.28
CA PRO B 914 -9.66 23.98 -25.95
C PRO B 914 -8.41 23.24 -25.51
N SER B 915 -7.29 23.96 -25.46
CA SER B 915 -6.02 23.39 -25.03
C SER B 915 -5.13 24.47 -24.44
N ALA B 916 -4.29 24.08 -23.47
CA ALA B 916 -3.39 25.02 -22.81
C ALA B 916 -2.25 25.44 -23.72
N ARG B 917 -1.89 24.59 -24.68
CA ARG B 917 -0.80 24.87 -25.59
C ARG B 917 -1.12 26.02 -26.54
N LEU B 918 -2.42 26.22 -26.79
CA LEU B 918 -2.87 27.26 -27.70
C LEU B 918 -2.50 28.66 -27.20
N SER B 919 -1.83 29.43 -28.05
CA SER B 919 -1.42 30.79 -27.72
C SER B 919 -2.61 31.74 -27.82
N PRO B 920 -2.56 32.86 -27.08
CA PRO B 920 -3.65 33.85 -27.09
C PRO B 920 -3.96 34.41 -28.48
N GLU B 921 -2.95 34.47 -29.35
CA GLU B 921 -3.15 34.99 -30.70
C GLU B 921 -3.80 33.95 -31.62
N GLN B 922 -3.50 32.68 -31.39
CA GLN B 922 -4.03 31.61 -32.22
C GLN B 922 -5.55 31.47 -32.05
N LYS B 923 -6.05 31.74 -30.84
CA LYS B 923 -7.48 31.74 -30.60
C LYS B 923 -8.13 32.82 -31.48
N ASP B 924 -7.46 33.96 -31.56
CA ASP B 924 -7.92 35.06 -32.40
C ASP B 924 -7.87 34.71 -33.88
N THR B 925 -6.85 33.98 -34.32
CA THR B 925 -6.76 33.61 -35.73
C THR B 925 -7.86 32.60 -36.09
N PHE B 926 -8.15 31.67 -35.17
CA PHE B 926 -9.23 30.72 -35.39
C PHE B 926 -10.57 31.43 -35.42
N SER B 927 -10.75 32.40 -34.52
CA SER B 927 -11.98 33.20 -34.48
C SER B 927 -12.18 33.94 -35.80
N GLN B 928 -11.20 34.75 -36.17
CA GLN B 928 -11.25 35.56 -37.39
C GLN B 928 -11.48 34.70 -38.63
N GLN B 929 -10.82 33.55 -38.67
CA GLN B 929 -10.99 32.62 -39.79
C GLN B 929 -12.41 32.06 -39.85
N ILE B 930 -12.90 31.56 -38.72
CA ILE B 930 -14.21 30.91 -38.67
C ILE B 930 -15.39 31.86 -38.85
N LEU B 931 -15.18 33.14 -38.54
CA LEU B 931 -16.24 34.14 -38.60
C LEU B 931 -16.87 34.29 -39.99
N ARG B 932 -16.08 34.77 -40.94
CA ARG B 932 -16.52 35.12 -42.31
C ARG B 932 -17.68 34.31 -42.91
N GLU B 933 -18.63 35.03 -43.47
CA GLU B 933 -19.82 34.42 -44.06
C GLU B 933 -19.48 33.56 -45.28
N VAL B 935 -17.12 31.93 -46.52
CA VAL B 935 -16.08 30.91 -46.51
C VAL B 935 -16.60 29.58 -47.02
N ASN B 936 -15.77 28.89 -47.81
CA ASN B 936 -16.13 27.58 -48.36
C ASN B 936 -16.11 26.52 -47.27
N LYS B 937 -16.87 25.46 -47.48
CA LYS B 937 -17.00 24.39 -46.49
C LYS B 937 -15.75 23.51 -46.39
N ARG B 938 -15.05 23.34 -47.50
CA ARG B 938 -13.89 22.44 -47.55
C ARG B 938 -12.68 22.98 -46.80
N ARG B 939 -12.49 24.30 -46.82
CA ARG B 939 -11.34 24.92 -46.18
C ARG B 939 -11.42 24.82 -44.65
N VAL B 940 -12.65 24.80 -44.14
CA VAL B 940 -12.89 24.70 -42.71
C VAL B 940 -12.27 23.42 -42.14
N LYS B 941 -12.30 22.36 -42.93
CA LYS B 941 -11.72 21.09 -42.53
C LYS B 941 -10.20 21.20 -42.41
N GLU B 942 -9.59 21.93 -43.33
CA GLU B 942 -8.15 22.13 -43.32
C GLU B 942 -7.74 22.95 -42.10
N MET B 943 -8.49 24.03 -41.86
CA MET B 943 -8.25 24.90 -40.71
C MET B 943 -8.37 24.11 -39.40
N VAL B 944 -9.42 23.29 -39.32
CA VAL B 944 -9.66 22.47 -38.15
C VAL B 944 -8.54 21.47 -37.95
N LYS B 945 -8.06 20.89 -39.05
CA LYS B 945 -6.99 19.91 -39.00
C LYS B 945 -5.70 20.54 -38.48
N GLU B 946 -5.37 21.73 -38.99
CA GLU B 946 -4.19 22.45 -38.53
C GLU B 946 -4.31 22.79 -37.04
N PHE B 947 -5.48 23.27 -36.64
CA PHE B 947 -5.74 23.62 -35.24
C PHE B 947 -5.54 22.41 -34.32
N THR B 948 -6.24 21.32 -34.60
CA THR B 948 -6.15 20.12 -33.76
C THR B 948 -4.75 19.50 -33.77
N LEU B 949 -4.03 19.67 -34.89
CA LEU B 949 -2.66 19.21 -34.96
C LEU B 949 -1.80 20.05 -34.02
N LEU B 950 -2.08 21.35 -33.96
CA LEU B 950 -1.36 22.24 -33.06
C LEU B 950 -1.66 21.93 -31.59
N CYS B 951 -2.92 21.63 -31.29
CA CYS B 951 -3.34 21.35 -29.93
C CYS B 951 -2.68 20.08 -29.36
N ARG B 952 -2.65 19.04 -30.17
CA ARG B 952 -2.07 17.77 -29.74
C ARG B 952 -0.56 17.76 -29.91
N PHE C 28 -17.70 13.04 -51.65
CA PHE C 28 -16.50 13.60 -51.01
C PHE C 28 -15.35 12.60 -51.06
N LYS C 29 -14.14 13.12 -51.24
CA LYS C 29 -12.95 12.28 -51.34
C LYS C 29 -12.58 11.63 -50.02
N GLU C 30 -12.02 10.42 -50.09
CA GLU C 30 -11.56 9.72 -48.90
C GLU C 30 -10.06 9.49 -48.98
N ASP C 31 -9.47 9.05 -47.87
CA ASP C 31 -8.04 8.77 -47.82
C ASP C 31 -7.68 7.61 -48.74
N GLY C 32 -6.58 7.76 -49.48
CA GLY C 32 -6.19 6.78 -50.47
C GLY C 32 -7.01 6.93 -51.74
N GLN C 33 -7.62 8.10 -51.88
CA GLN C 33 -8.43 8.40 -53.06
C GLN C 33 -8.30 9.88 -53.47
N GLU C 34 -8.00 10.11 -54.74
CA GLU C 34 -7.86 11.46 -55.25
C GLU C 34 -8.90 11.77 -56.33
N TYR C 35 -9.36 13.02 -56.33
CA TYR C 35 -10.29 13.49 -57.36
C TYR C 35 -9.50 13.83 -58.62
N ALA C 36 -9.95 13.30 -59.75
CA ALA C 36 -9.20 13.43 -60.98
C ALA C 36 -9.99 14.00 -62.15
N GLN C 37 -9.29 14.27 -63.25
CA GLN C 37 -9.93 14.66 -64.50
C GLN C 37 -9.24 13.96 -65.67
N VAL C 38 -10.04 13.37 -66.55
CA VAL C 38 -9.53 12.56 -67.64
C VAL C 38 -8.65 13.36 -68.60
N ILE C 39 -7.49 12.79 -68.92
CA ILE C 39 -6.56 13.41 -69.84
C ILE C 39 -6.45 12.65 -71.15
N LYS C 40 -6.38 11.32 -71.06
CA LYS C 40 -6.26 10.48 -72.24
C LYS C 40 -7.05 9.19 -72.13
N MET C 41 -7.24 8.53 -73.26
CA MET C 41 -7.97 7.27 -73.33
C MET C 41 -7.04 6.14 -73.79
N LEU C 42 -7.05 5.04 -73.04
CA LEU C 42 -6.22 3.89 -73.37
C LEU C 42 -7.06 2.71 -73.85
N GLY C 43 -8.36 2.77 -73.59
CA GLY C 43 -9.27 1.71 -73.98
C GLY C 43 -9.21 0.52 -73.04
N ASN C 44 -10.07 -0.46 -73.28
CA ASN C 44 -10.15 -1.69 -72.47
C ASN C 44 -10.33 -1.40 -70.98
N GLY C 45 -11.18 -0.43 -70.67
CA GLY C 45 -11.45 -0.07 -69.29
C GLY C 45 -10.29 0.67 -68.64
N ARG C 46 -9.43 1.26 -69.47
CA ARG C 46 -8.27 1.99 -68.95
C ARG C 46 -8.24 3.42 -69.48
N LEU C 47 -7.90 4.35 -68.59
CA LEU C 47 -7.82 5.76 -68.96
C LEU C 47 -6.62 6.42 -68.30
N GLU C 48 -6.05 7.42 -68.97
CA GLU C 48 -4.97 8.19 -68.40
C GLU C 48 -5.51 9.55 -68.00
N ALA C 49 -5.29 9.93 -66.74
CA ALA C 49 -5.93 11.11 -66.18
C ALA C 49 -4.98 11.88 -65.26
N MET C 50 -5.33 13.14 -64.95
CA MET C 50 -4.53 13.95 -64.06
C MET C 50 -5.35 14.41 -62.85
N CYS C 51 -5.06 13.83 -61.70
CA CYS C 51 -5.71 14.21 -60.45
C CYS C 51 -5.27 15.60 -60.04
N PHE C 52 -6.17 16.35 -59.42
CA PHE C 52 -5.85 17.69 -58.92
C PHE C 52 -4.74 17.60 -57.88
N ASP C 53 -4.72 16.50 -57.13
CA ASP C 53 -3.70 16.26 -56.13
C ASP C 53 -2.33 16.04 -56.77
N ARG C 57 -1.47 10.19 -63.23
CA ARG C 57 -1.54 8.79 -62.85
C ARG C 57 -2.42 7.99 -63.81
N LEU C 58 -2.28 6.67 -63.79
CA LEU C 58 -3.10 5.80 -64.62
C LEU C 58 -4.33 5.32 -63.85
N CYS C 59 -5.49 5.45 -64.48
CA CYS C 59 -6.75 5.05 -63.85
C CYS C 59 -7.38 3.84 -64.55
N HIS C 60 -7.90 2.92 -63.77
CA HIS C 60 -8.51 1.71 -64.30
C HIS C 60 -9.98 1.57 -63.92
N ILE C 61 -10.85 1.51 -64.92
CA ILE C 61 -12.29 1.31 -64.70
C ILE C 61 -12.64 -0.17 -64.89
N ARG C 62 -13.46 -0.71 -63.99
CA ARG C 62 -13.69 -2.15 -63.95
C ARG C 62 -15.07 -2.63 -64.42
N GLY C 63 -15.05 -3.62 -65.29
CA GLY C 63 -16.22 -4.41 -65.67
C GLY C 63 -17.57 -3.75 -65.89
N LYS C 64 -18.59 -4.32 -65.25
CA LYS C 64 -19.97 -3.93 -65.47
C LYS C 64 -20.24 -2.46 -65.18
N LEU C 65 -19.64 -1.95 -64.11
CA LEU C 65 -19.78 -0.54 -63.75
C LEU C 65 -19.20 0.34 -64.84
N ARG C 66 -18.09 -0.11 -65.43
CA ARG C 66 -17.44 0.64 -66.49
C ARG C 66 -18.25 0.59 -67.78
N LYS C 67 -18.92 -0.53 -68.01
CA LYS C 67 -19.76 -0.70 -69.18
C LYS C 67 -21.03 0.13 -69.08
N LYS C 68 -21.54 0.27 -67.86
CA LYS C 68 -22.78 1.00 -67.62
C LYS C 68 -22.60 2.50 -67.78
N VAL C 69 -21.46 3.02 -67.35
CA VAL C 69 -21.20 4.45 -67.39
C VAL C 69 -20.04 4.79 -68.33
N TRP C 70 -20.33 5.59 -69.36
CA TRP C 70 -19.32 6.01 -70.31
C TRP C 70 -18.54 7.21 -69.79
N ILE C 71 -17.22 7.08 -69.77
CA ILE C 71 -16.34 8.17 -69.37
C ILE C 71 -15.77 8.85 -70.62
N ASN C 72 -15.51 10.15 -70.52
CA ASN C 72 -14.93 10.88 -71.63
C ASN C 72 -13.71 11.67 -71.17
N THR C 73 -12.88 12.10 -72.11
CA THR C 73 -11.71 12.91 -71.80
C THR C 73 -12.16 14.25 -71.21
N SER C 74 -11.37 14.77 -70.27
CA SER C 74 -11.65 16.02 -69.57
C SER C 74 -12.86 15.99 -68.62
N ASP C 75 -13.52 14.83 -68.53
CA ASP C 75 -14.61 14.65 -67.57
C ASP C 75 -14.07 14.60 -66.15
N ILE C 76 -14.89 14.99 -65.19
CA ILE C 76 -14.52 14.89 -63.79
C ILE C 76 -14.68 13.45 -63.33
N ILE C 77 -13.77 13.00 -62.46
CA ILE C 77 -13.82 11.64 -61.95
C ILE C 77 -13.21 11.58 -60.57
N LEU C 78 -13.25 10.40 -59.94
CA LEU C 78 -12.64 10.19 -58.64
C LEU C 78 -12.07 8.78 -58.56
N VAL C 79 -10.78 8.68 -58.28
CA VAL C 79 -10.11 7.39 -58.28
C VAL C 79 -9.57 7.02 -56.91
N GLY C 80 -9.44 5.72 -56.67
CA GLY C 80 -8.85 5.20 -55.44
C GLY C 80 -7.41 4.76 -55.70
N LEU C 81 -6.48 5.33 -54.94
CA LEU C 81 -5.07 5.00 -55.05
C LEU C 81 -4.78 3.56 -54.63
N ARG C 82 -3.92 2.89 -55.38
CA ARG C 82 -3.46 1.56 -55.01
C ARG C 82 -2.20 1.66 -54.17
N ASP C 83 -2.19 0.96 -53.04
CA ASP C 83 -1.09 1.02 -52.08
C ASP C 83 0.24 0.53 -52.66
N TYR C 84 0.17 -0.45 -53.56
CA TYR C 84 1.37 -1.00 -54.17
C TYR C 84 2.02 -0.01 -55.15
N GLN C 85 1.20 0.63 -55.98
CA GLN C 85 1.69 1.56 -56.98
C GLN C 85 0.91 2.87 -56.99
N ASP C 86 1.62 3.99 -56.85
CA ASP C 86 0.99 5.30 -56.89
C ASP C 86 0.57 5.64 -58.32
N ASN C 87 1.22 5.01 -59.29
CA ASN C 87 0.96 5.26 -60.70
C ASN C 87 -0.43 4.80 -61.14
N LYS C 88 -0.88 3.68 -60.59
CA LYS C 88 -2.16 3.11 -60.98
C LYS C 88 -3.25 3.34 -59.92
N ALA C 89 -4.45 3.67 -60.39
CA ALA C 89 -5.59 3.89 -59.51
C ALA C 89 -6.84 3.28 -60.11
N ASP C 90 -7.90 3.17 -59.31
CA ASP C 90 -9.14 2.57 -59.79
C ASP C 90 -10.30 3.57 -59.79
N VAL C 91 -10.93 3.73 -60.96
CA VAL C 91 -12.07 4.63 -61.10
C VAL C 91 -13.23 4.23 -60.19
N ILE C 92 -13.51 5.05 -59.19
CA ILE C 92 -14.52 4.73 -58.18
C ILE C 92 -15.86 5.41 -58.44
N LEU C 93 -15.82 6.69 -58.84
CA LEU C 93 -17.05 7.46 -59.02
C LEU C 93 -17.02 8.36 -60.26
N LYS C 94 -18.17 8.46 -60.92
CA LYS C 94 -18.32 9.34 -62.07
C LYS C 94 -19.09 10.60 -61.66
N TYR C 95 -18.53 11.76 -61.97
CA TYR C 95 -19.11 13.02 -61.55
C TYR C 95 -20.00 13.64 -62.63
N ASN C 96 -21.21 14.04 -62.24
CA ASN C 96 -22.16 14.66 -63.15
C ASN C 96 -21.87 16.14 -63.34
N ARG C 101 -20.73 19.50 -60.15
CA ARG C 101 -21.19 20.88 -59.97
C ARG C 101 -21.15 21.30 -58.50
N SER C 102 -21.46 20.36 -57.60
CA SER C 102 -21.44 20.64 -56.17
C SER C 102 -20.03 20.81 -55.64
N LEU C 103 -19.08 20.11 -56.27
CA LEU C 103 -17.68 20.14 -55.84
C LEU C 103 -17.10 21.55 -55.94
N LYS C 104 -17.56 22.31 -56.93
CA LYS C 104 -17.12 23.68 -57.12
C LYS C 104 -17.55 24.55 -55.94
N ALA C 105 -18.75 24.28 -55.44
CA ALA C 105 -19.28 25.00 -54.30
C ALA C 105 -18.59 24.57 -53.00
N TYR C 106 -18.21 23.29 -52.96
CA TYR C 106 -17.53 22.74 -51.79
C TYR C 106 -16.19 23.42 -51.55
N GLY C 107 -15.37 23.50 -52.60
CA GLY C 107 -14.07 24.13 -52.50
C GLY C 107 -12.98 23.11 -52.27
N GLU C 108 -13.29 21.84 -52.54
CA GLU C 108 -12.36 20.74 -52.33
C GLU C 108 -11.15 20.85 -53.27
N GLN D 8 11.07 34.83 -29.46
CA GLN D 8 10.71 35.88 -28.51
C GLN D 8 9.25 35.76 -28.09
N VAL D 9 9.03 35.46 -26.80
CA VAL D 9 7.69 35.29 -26.28
C VAL D 9 7.26 36.50 -25.46
N GLN D 10 6.06 37.00 -25.74
CA GLN D 10 5.52 38.13 -25.00
C GLN D 10 4.31 37.72 -24.16
N PHE D 11 4.33 38.08 -22.88
CA PHE D 11 3.23 37.76 -21.98
C PHE D 11 2.88 38.95 -21.11
N LYS D 12 1.59 39.15 -20.86
CA LYS D 12 1.14 40.25 -20.02
C LYS D 12 1.16 39.83 -18.54
N LEU D 13 1.58 40.74 -17.68
CA LEU D 13 1.66 40.48 -16.25
C LEU D 13 1.17 41.68 -15.47
N VAL D 14 0.39 41.42 -14.42
CA VAL D 14 -0.11 42.48 -13.55
C VAL D 14 0.62 42.50 -12.22
N LEU D 15 1.55 43.44 -12.06
CA LEU D 15 2.22 43.65 -10.78
C LEU D 15 1.28 44.37 -9.83
N VAL D 16 0.61 43.63 -8.96
CA VAL D 16 -0.42 44.23 -8.13
C VAL D 16 -0.22 43.92 -6.64
N GLY D 17 0.11 44.97 -5.90
CA GLY D 17 0.34 44.87 -4.46
C GLY D 17 -0.16 46.12 -3.76
N ASP D 18 -0.02 46.14 -2.44
CA ASP D 18 -0.53 47.25 -1.63
C ASP D 18 0.13 48.59 -1.96
N GLY D 19 -0.50 49.67 -1.51
CA GLY D 19 0.01 51.01 -1.75
C GLY D 19 1.36 51.23 -1.11
N GLY D 20 2.37 51.44 -1.93
CA GLY D 20 3.72 51.65 -1.44
C GLY D 20 4.37 50.36 -1.00
N THR D 21 4.10 49.28 -1.72
CA THR D 21 4.69 47.99 -1.42
C THR D 21 6.10 47.90 -2.00
N GLY D 22 6.41 48.77 -2.95
CA GLY D 22 7.75 48.85 -3.52
C GLY D 22 7.88 48.26 -4.91
N LYS D 23 6.76 48.10 -5.59
CA LYS D 23 6.70 47.44 -6.89
C LYS D 23 7.37 48.27 -7.99
N THR D 24 6.94 49.53 -8.09
CA THR D 24 7.43 50.46 -9.10
C THR D 24 8.95 50.58 -9.03
N THR D 25 9.48 50.66 -7.81
CA THR D 25 10.91 50.76 -7.60
C THR D 25 11.65 49.52 -8.14
N PHE D 26 11.06 48.35 -7.95
CA PHE D 26 11.64 47.11 -8.44
C PHE D 26 11.63 47.07 -9.97
N VAL D 27 10.50 47.47 -10.56
CA VAL D 27 10.39 47.54 -12.01
C VAL D 27 11.44 48.49 -12.58
N LYS D 28 11.60 49.64 -11.93
CA LYS D 28 12.60 50.62 -12.34
C LYS D 28 14.01 50.09 -12.14
N ARG D 29 14.18 49.21 -11.17
CA ARG D 29 15.47 48.61 -10.89
C ARG D 29 15.86 47.62 -11.98
N HIS D 30 14.86 46.89 -12.49
CA HIS D 30 15.10 45.97 -13.60
C HIS D 30 15.28 46.73 -14.91
N LEU D 31 14.61 47.88 -15.02
CA LEU D 31 14.62 48.64 -16.26
C LEU D 31 15.86 49.50 -16.46
N THR D 32 16.30 50.19 -15.40
CA THR D 32 17.40 51.15 -15.53
C THR D 32 18.62 50.79 -14.68
N GLY D 33 18.51 49.73 -13.89
CA GLY D 33 19.60 49.29 -13.04
C GLY D 33 19.92 50.31 -11.96
N GLU D 34 18.89 50.96 -11.44
CA GLU D 34 19.07 51.95 -10.40
C GLU D 34 18.02 51.81 -9.30
N PHE D 35 18.34 52.29 -8.11
CA PHE D 35 17.43 52.20 -6.99
C PHE D 35 16.70 53.53 -6.76
N GLU D 36 15.39 53.51 -6.92
CA GLU D 36 14.58 54.69 -6.64
C GLU D 36 14.51 54.91 -5.13
N LYS D 37 14.81 56.13 -4.70
CA LYS D 37 14.85 56.46 -3.28
C LYS D 37 13.67 57.33 -2.85
N LYS D 38 13.07 58.02 -3.80
CA LYS D 38 11.95 58.90 -3.53
C LYS D 38 10.63 58.22 -3.87
N TYR D 39 9.66 58.29 -2.96
CA TYR D 39 8.34 57.71 -3.22
C TYR D 39 7.58 58.54 -4.24
N VAL D 40 6.99 57.86 -5.22
CA VAL D 40 6.11 58.50 -6.19
C VAL D 40 4.86 57.66 -6.37
N ALA D 41 3.72 58.24 -6.03
CA ALA D 41 2.44 57.56 -6.17
C ALA D 41 2.19 57.20 -7.63
N THR D 42 1.54 56.06 -7.86
CA THR D 42 1.24 55.62 -9.21
C THR D 42 -0.23 55.86 -9.56
N LEU D 43 -0.47 56.69 -10.56
CA LEU D 43 -1.82 56.92 -11.05
C LEU D 43 -2.09 55.97 -12.20
N GLY D 44 -3.17 55.19 -12.08
CA GLY D 44 -3.55 54.25 -13.12
C GLY D 44 -2.62 53.06 -13.23
N VAL D 45 -2.16 52.78 -14.45
CA VAL D 45 -1.25 51.67 -14.67
C VAL D 45 -0.08 52.12 -15.54
N GLU D 46 1.09 51.49 -15.35
CA GLU D 46 2.26 51.80 -16.15
C GLU D 46 2.71 50.56 -16.93
N VAL D 47 2.33 50.52 -18.21
CA VAL D 47 2.64 49.37 -19.05
C VAL D 47 4.02 49.48 -19.69
N HIS D 48 4.99 48.80 -19.09
CA HIS D 48 6.34 48.75 -19.64
C HIS D 48 6.76 47.29 -19.87
N PRO D 49 7.38 47.02 -21.03
CA PRO D 49 7.91 45.68 -21.32
C PRO D 49 9.30 45.48 -20.76
N LEU D 50 9.45 44.49 -19.88
CA LEU D 50 10.76 44.08 -19.38
C LEU D 50 11.15 42.75 -20.01
N VAL D 51 12.21 42.76 -20.82
CA VAL D 51 12.60 41.57 -21.56
C VAL D 51 13.78 40.83 -20.94
N PHE D 52 13.79 39.51 -21.07
CA PHE D 52 14.87 38.69 -20.53
C PHE D 52 15.48 37.79 -21.60
N HIS D 53 16.66 37.25 -21.30
CA HIS D 53 17.33 36.30 -22.17
C HIS D 53 17.58 34.99 -21.45
N THR D 54 17.16 33.89 -22.04
CA THR D 54 17.33 32.56 -21.44
C THR D 54 17.99 31.57 -22.41
N ASN D 55 18.12 30.33 -21.96
CA ASN D 55 18.79 29.29 -22.73
C ASN D 55 18.06 28.94 -24.03
N ARG D 56 16.72 28.97 -23.97
CA ARG D 56 15.92 28.64 -25.15
C ARG D 56 15.71 29.86 -26.04
N GLY D 57 15.52 31.02 -25.43
CA GLY D 57 15.30 32.25 -26.18
C GLY D 57 14.97 33.43 -25.28
N PRO D 58 14.41 34.49 -25.86
CA PRO D 58 14.05 35.71 -25.13
C PRO D 58 12.63 35.64 -24.56
N ILE D 59 12.42 36.30 -23.43
CA ILE D 59 11.10 36.34 -22.80
C ILE D 59 10.74 37.77 -22.41
N LYS D 60 9.92 38.42 -23.23
CA LYS D 60 9.47 39.78 -22.95
C LYS D 60 8.18 39.76 -22.14
N PHE D 61 8.18 40.51 -21.04
CA PHE D 61 7.00 40.56 -20.17
C PHE D 61 6.46 41.98 -20.05
N ASN D 62 5.28 42.21 -20.61
CA ASN D 62 4.63 43.50 -20.48
C ASN D 62 4.08 43.69 -19.08
N VAL D 63 4.94 44.14 -18.17
CA VAL D 63 4.58 44.28 -16.77
C VAL D 63 3.69 45.50 -16.53
N TRP D 64 2.39 45.26 -16.35
CA TRP D 64 1.45 46.34 -16.02
C TRP D 64 1.65 46.77 -14.57
N ASP D 65 2.39 47.85 -14.36
CA ASP D 65 2.62 48.34 -13.01
C ASP D 65 1.35 49.00 -12.45
N THR D 66 0.62 48.24 -11.64
CA THR D 66 -0.67 48.68 -11.13
C THR D 66 -0.52 49.47 -9.83
N ALA D 67 -1.42 50.43 -9.62
CA ALA D 67 -1.43 51.22 -8.40
C ALA D 67 -1.85 50.38 -7.21
N GLY D 68 -1.66 50.91 -6.01
CA GLY D 68 -2.00 50.20 -4.79
C GLY D 68 -2.82 51.06 -3.85
N LEU D 69 -2.71 52.37 -4.00
CA LEU D 69 -3.47 53.30 -3.18
C LEU D 69 -4.93 53.33 -3.62
N GLU D 70 -5.84 53.48 -2.66
CA GLU D 70 -7.27 53.51 -2.95
C GLU D 70 -7.63 54.74 -3.76
N LYS D 71 -6.88 55.81 -3.56
CA LYS D 71 -7.14 57.08 -4.25
C LYS D 71 -6.71 57.05 -5.70
N PHE D 72 -5.60 56.37 -5.98
CA PHE D 72 -5.01 56.38 -7.32
C PHE D 72 -5.10 55.02 -8.03
N GLY D 73 -5.96 54.15 -7.53
CA GLY D 73 -6.13 52.81 -8.08
C GLY D 73 -6.49 52.79 -9.56
N GLY D 74 -7.36 53.70 -9.96
CA GLY D 74 -7.76 53.81 -11.36
C GLY D 74 -8.76 52.76 -11.79
N LEU D 75 -8.52 52.15 -12.95
CA LEU D 75 -9.43 51.15 -13.50
C LEU D 75 -9.47 49.89 -12.65
N ARG D 76 -8.41 49.68 -11.86
CA ARG D 76 -8.30 48.52 -10.98
C ARG D 76 -8.47 47.19 -11.73
N ASP D 77 -9.62 46.55 -11.51
CA ASP D 77 -9.92 45.23 -12.08
C ASP D 77 -9.66 45.16 -13.57
N GLY D 78 -10.01 46.23 -14.28
CA GLY D 78 -9.84 46.31 -15.71
C GLY D 78 -8.43 46.02 -16.20
N TYR D 79 -7.45 46.32 -15.35
CA TYR D 79 -6.05 46.10 -15.71
C TYR D 79 -5.74 44.62 -15.82
N TYR D 80 -6.44 43.82 -15.02
CA TYR D 80 -6.15 42.40 -14.90
C TYR D 80 -6.47 41.60 -16.17
N ILE D 81 -7.44 42.08 -16.94
CA ILE D 81 -7.87 41.37 -18.15
C ILE D 81 -6.72 41.22 -19.14
N GLN D 82 -6.69 40.08 -19.82
CA GLN D 82 -5.69 39.77 -20.84
C GLN D 82 -4.28 39.62 -20.29
N ALA D 83 -4.17 39.22 -19.03
CA ALA D 83 -2.87 39.00 -18.39
C ALA D 83 -2.69 37.54 -18.02
N GLN D 84 -1.63 36.92 -18.56
CA GLN D 84 -1.37 35.49 -18.35
C GLN D 84 -0.82 35.14 -16.97
N CYS D 85 -0.20 36.11 -16.31
CA CYS D 85 0.38 35.85 -14.99
C CYS D 85 0.34 37.11 -14.11
N ALA D 86 0.83 36.99 -12.88
CA ALA D 86 0.75 38.08 -11.91
C ALA D 86 1.79 38.04 -10.80
N ILE D 87 2.06 39.22 -10.23
CA ILE D 87 2.98 39.34 -9.11
C ILE D 87 2.37 40.16 -7.97
N ILE D 88 2.09 39.50 -6.84
CA ILE D 88 1.66 40.17 -5.63
C ILE D 88 2.91 40.53 -4.83
N MET D 89 2.93 41.73 -4.25
CA MET D 89 4.12 42.18 -3.51
C MET D 89 3.75 42.90 -2.22
N PHE D 90 4.55 42.71 -1.19
CA PHE D 90 4.32 43.43 0.07
C PHE D 90 5.61 43.77 0.82
N ASP D 91 5.51 44.76 1.69
CA ASP D 91 6.66 45.26 2.44
C ASP D 91 6.87 44.45 3.72
N VAL D 92 8.11 44.02 3.93
CA VAL D 92 8.46 43.18 5.08
C VAL D 92 8.40 43.94 6.40
N THR D 93 8.52 45.26 6.33
CA THR D 93 8.52 46.08 7.53
C THR D 93 7.11 46.35 8.04
N SER D 94 6.18 46.57 7.11
CA SER D 94 4.79 46.84 7.46
C SER D 94 4.02 45.54 7.66
N ARG D 95 3.20 45.50 8.70
CA ARG D 95 2.40 44.31 9.00
C ARG D 95 1.08 44.34 8.22
N VAL D 96 0.65 45.52 7.83
CA VAL D 96 -0.61 45.69 7.10
C VAL D 96 -0.50 45.30 5.63
N THR D 97 0.71 45.36 5.09
CA THR D 97 0.93 45.05 3.67
C THR D 97 0.73 43.57 3.36
N TYR D 98 0.92 42.72 4.36
CA TYR D 98 0.73 41.29 4.17
C TYR D 98 -0.69 40.87 4.49
N LYS D 99 -1.35 41.65 5.35
CA LYS D 99 -2.73 41.36 5.74
C LYS D 99 -3.71 41.57 4.59
N ASN D 100 -3.30 42.34 3.60
CA ASN D 100 -4.15 42.67 2.46
C ASN D 100 -3.81 41.87 1.20
N VAL D 101 -2.94 40.87 1.36
CA VAL D 101 -2.55 39.99 0.26
C VAL D 101 -3.67 39.10 -0.30
N PRO D 102 -4.40 38.36 0.57
CA PRO D 102 -5.43 37.47 0.03
C PRO D 102 -6.53 38.23 -0.71
N ASN D 103 -6.70 39.50 -0.40
CA ASN D 103 -7.66 40.34 -1.11
C ASN D 103 -7.20 40.58 -2.54
N TRP D 104 -5.92 40.91 -2.69
CA TRP D 104 -5.29 41.02 -4.00
C TRP D 104 -5.49 39.73 -4.79
N HIS D 105 -5.13 38.62 -4.15
CA HIS D 105 -5.22 37.31 -4.81
C HIS D 105 -6.65 36.99 -5.24
N ARG D 106 -7.62 37.31 -4.38
CA ARG D 106 -9.03 37.05 -4.67
C ARG D 106 -9.50 37.88 -5.84
N ASP D 107 -9.30 39.19 -5.76
CA ASP D 107 -9.71 40.12 -6.81
C ASP D 107 -9.05 39.77 -8.15
N LEU D 108 -7.86 39.18 -8.08
CA LEU D 108 -7.17 38.69 -9.27
C LEU D 108 -7.84 37.44 -9.83
N VAL D 109 -8.09 36.46 -8.95
CA VAL D 109 -8.72 35.20 -9.34
C VAL D 109 -10.05 35.43 -10.03
N ARG D 110 -10.83 36.38 -9.51
CA ARG D 110 -12.13 36.72 -10.10
C ARG D 110 -12.04 37.01 -11.60
N VAL D 111 -11.05 37.81 -11.97
CA VAL D 111 -10.89 38.24 -13.36
C VAL D 111 -10.34 37.13 -14.24
N CYS D 112 -9.23 36.54 -13.81
CA CYS D 112 -8.59 35.47 -14.56
C CYS D 112 -8.01 34.41 -13.62
N GLU D 113 -8.74 33.33 -13.46
CA GLU D 113 -8.39 32.30 -12.48
C GLU D 113 -7.43 31.24 -13.05
N ASN D 114 -6.88 30.43 -12.16
CA ASN D 114 -5.90 29.40 -12.51
C ASN D 114 -4.75 29.95 -13.34
N ILE D 115 -3.95 30.80 -12.71
CA ILE D 115 -2.95 31.59 -13.40
C ILE D 115 -1.71 31.72 -12.52
N PRO D 116 -0.53 31.53 -13.10
CA PRO D 116 0.74 31.60 -12.35
C PRO D 116 0.90 32.93 -11.63
N ILE D 117 0.74 32.91 -10.30
CA ILE D 117 0.86 34.11 -9.49
C ILE D 117 2.01 33.97 -8.51
N VAL D 118 2.83 35.01 -8.37
CA VAL D 118 3.96 34.97 -7.45
C VAL D 118 3.88 36.00 -6.34
N LEU D 119 3.88 35.53 -5.10
CA LEU D 119 3.94 36.39 -3.93
C LEU D 119 5.39 36.77 -3.61
N CYS D 120 5.60 38.03 -3.26
CA CYS D 120 6.95 38.54 -3.03
C CYS D 120 7.01 39.42 -1.78
N GLY D 121 8.01 39.15 -0.95
CA GLY D 121 8.31 40.03 0.17
C GLY D 121 9.47 40.93 -0.20
N ASN D 122 9.18 42.21 -0.44
CA ASN D 122 10.21 43.17 -0.81
C ASN D 122 10.86 43.78 0.43
N LYS D 123 12.03 44.37 0.24
CA LYS D 123 12.80 44.98 1.33
C LYS D 123 13.07 44.03 2.49
N VAL D 124 13.57 42.84 2.17
CA VAL D 124 13.85 41.82 3.18
C VAL D 124 15.09 42.16 4.00
N ASP D 125 15.89 43.09 3.49
CA ASP D 125 17.18 43.42 4.09
C ASP D 125 17.07 44.26 5.36
N ILE D 126 15.99 45.03 5.47
CA ILE D 126 15.77 45.93 6.60
C ILE D 126 15.93 45.22 7.95
N LYS D 127 16.78 45.77 8.81
CA LYS D 127 17.19 45.14 10.06
C LYS D 127 16.05 44.53 10.87
N ASP D 128 14.96 45.28 11.03
CA ASP D 128 13.79 44.79 11.76
C ASP D 128 12.69 44.38 10.79
N ARG D 129 12.29 43.11 10.86
CA ARG D 129 11.22 42.60 10.01
C ARG D 129 10.01 42.17 10.83
N LYS D 130 8.86 42.80 10.57
CA LYS D 130 7.63 42.47 11.29
C LYS D 130 7.07 41.12 10.84
N VAL D 131 7.26 40.80 9.56
CA VAL D 131 6.73 39.56 9.00
C VAL D 131 7.82 38.51 8.81
N LYS D 132 7.62 37.34 9.42
CA LYS D 132 8.54 36.21 9.26
C LYS D 132 8.13 35.36 8.06
N ALA D 133 9.10 34.62 7.51
CA ALA D 133 8.85 33.82 6.32
C ALA D 133 7.94 32.63 6.62
N LYS D 134 8.10 32.05 7.81
CA LYS D 134 7.33 30.88 8.21
C LYS D 134 5.84 31.18 8.34
N SER D 135 5.52 32.40 8.76
CA SER D 135 4.13 32.81 8.94
C SER D 135 3.38 32.81 7.62
N ILE D 136 4.11 33.02 6.54
CA ILE D 136 3.51 33.14 5.21
C ILE D 136 2.91 31.82 4.71
N VAL D 137 1.70 31.91 4.18
CA VAL D 137 0.99 30.77 3.62
C VAL D 137 0.05 31.29 2.54
N PHE D 138 -0.16 30.50 1.48
CA PHE D 138 0.35 29.15 1.35
C PHE D 138 1.48 29.03 0.33
N HIS D 139 1.28 29.61 -0.86
CA HIS D 139 2.24 29.53 -1.94
C HIS D 139 2.64 28.09 -2.25
N ARG D 140 1.64 27.23 -2.43
CA ARG D 140 1.88 25.81 -2.67
C ARG D 140 1.18 25.32 -3.93
N LYS D 141 1.51 24.10 -4.34
CA LYS D 141 0.93 23.46 -5.52
C LYS D 141 1.18 24.25 -6.81
N LYS D 142 0.16 24.30 -7.67
CA LYS D 142 0.29 24.94 -8.97
C LYS D 142 -0.13 26.42 -8.92
N ASN D 143 0.55 27.22 -9.72
CA ASN D 143 0.24 28.65 -9.86
C ASN D 143 0.34 29.41 -8.53
N LEU D 144 1.35 29.08 -7.74
CA LEU D 144 1.59 29.75 -6.46
C LEU D 144 3.02 29.51 -5.99
N GLN D 145 3.71 30.60 -5.64
CA GLN D 145 5.10 30.52 -5.22
C GLN D 145 5.50 31.83 -4.52
N TYR D 146 6.34 31.74 -3.50
CA TYR D 146 6.78 32.92 -2.76
C TYR D 146 8.28 33.17 -2.88
N TYR D 147 8.67 34.45 -2.81
CA TYR D 147 10.09 34.81 -2.81
C TYR D 147 10.44 35.93 -1.83
N ASP D 148 11.68 35.91 -1.36
CA ASP D 148 12.21 36.99 -0.53
C ASP D 148 13.27 37.75 -1.33
N ILE D 149 13.09 39.06 -1.44
CA ILE D 149 13.96 39.89 -2.26
C ILE D 149 14.00 41.31 -1.72
N SER D 150 15.10 42.01 -1.97
CA SER D 150 15.21 43.42 -1.57
C SER D 150 15.67 44.25 -2.76
N ALA D 151 14.84 45.20 -3.18
CA ALA D 151 15.13 46.04 -4.34
C ALA D 151 16.40 46.86 -4.14
N LYS D 152 16.62 47.32 -2.91
CA LYS D 152 17.83 48.06 -2.59
C LYS D 152 19.05 47.15 -2.62
N SER D 153 18.89 45.92 -2.11
CA SER D 153 19.98 44.95 -2.06
C SER D 153 20.11 44.17 -3.36
N ASN D 154 19.09 44.26 -4.21
CA ASN D 154 19.02 43.53 -5.48
C ASN D 154 19.11 42.01 -5.31
N TYR D 155 18.80 41.53 -4.11
CA TYR D 155 18.80 40.10 -3.83
C TYR D 155 17.68 39.42 -4.63
N ASN D 156 18.02 38.30 -5.25
CA ASN D 156 17.08 37.54 -6.09
C ASN D 156 16.33 38.43 -7.08
N PHE D 157 17.09 39.21 -7.84
CA PHE D 157 16.51 40.20 -8.76
C PHE D 157 15.64 39.56 -9.85
N GLU D 158 16.11 38.46 -10.41
CA GLU D 158 15.43 37.85 -11.55
C GLU D 158 14.65 36.58 -11.18
N LYS D 159 14.65 36.23 -9.89
CA LYS D 159 14.06 34.98 -9.42
C LYS D 159 12.53 34.79 -9.65
N PRO D 160 11.70 35.76 -9.22
CA PRO D 160 10.25 35.56 -9.41
C PRO D 160 9.87 35.47 -10.88
N PHE D 161 10.41 36.39 -11.67
CA PHE D 161 10.21 36.40 -13.11
C PHE D 161 10.76 35.11 -13.74
N LEU D 162 11.77 34.52 -13.10
CA LEU D 162 12.32 33.26 -13.57
C LEU D 162 11.34 32.11 -13.33
N TRP D 163 10.73 32.09 -12.15
CA TRP D 163 9.73 31.09 -11.82
C TRP D 163 8.56 31.20 -12.79
N LEU D 164 8.08 32.42 -12.98
CA LEU D 164 6.98 32.67 -13.92
C LEU D 164 7.38 32.25 -15.33
N ALA D 165 8.64 32.48 -15.69
CA ALA D 165 9.14 32.09 -17.00
C ALA D 165 9.06 30.59 -17.18
N ARG D 166 9.55 29.86 -16.18
CA ARG D 166 9.57 28.40 -16.21
C ARG D 166 8.15 27.82 -16.27
N LYS D 167 7.25 28.35 -15.45
CA LYS D 167 5.88 27.88 -15.42
C LYS D 167 5.18 28.17 -16.75
N LEU D 168 5.40 29.36 -17.29
CA LEU D 168 4.80 29.77 -18.56
C LEU D 168 5.29 28.89 -19.71
N ILE D 169 6.59 28.90 -19.94
CA ILE D 169 7.18 28.16 -21.06
C ILE D 169 7.00 26.67 -20.94
N GLY D 170 6.88 26.18 -19.71
CA GLY D 170 6.68 24.76 -19.46
C GLY D 170 7.97 23.99 -19.45
N ASP D 171 9.01 24.59 -18.87
CA ASP D 171 10.32 23.97 -18.78
C ASP D 171 11.03 24.41 -17.50
N PRO D 172 10.97 23.56 -16.46
CA PRO D 172 11.61 23.83 -15.17
C PRO D 172 13.12 24.04 -15.30
N ASN D 173 13.75 23.27 -16.19
CA ASN D 173 15.18 23.39 -16.42
C ASN D 173 15.48 24.54 -17.39
N LEU D 174 15.11 25.75 -16.99
CA LEU D 174 15.36 26.94 -17.81
C LEU D 174 16.10 27.98 -16.99
N GLU D 175 17.25 28.43 -17.51
CA GLU D 175 18.07 29.40 -16.79
C GLU D 175 18.31 30.66 -17.63
N PHE D 176 18.64 31.75 -16.96
CA PHE D 176 18.88 33.03 -17.63
C PHE D 176 20.36 33.19 -17.99
N VAL D 177 20.61 33.83 -19.13
CA VAL D 177 21.97 34.05 -19.60
C VAL D 177 22.48 35.42 -19.20
N PRO E 17 -9.25 66.06 -31.82
CA PRO E 17 -10.65 66.28 -31.49
C PRO E 17 -11.01 65.64 -30.15
N ALA E 18 -11.93 66.25 -29.43
CA ALA E 18 -12.39 65.72 -28.15
C ALA E 18 -13.48 64.68 -28.37
N LEU E 19 -13.62 63.76 -27.41
CA LEU E 19 -14.56 62.65 -27.56
C LEU E 19 -15.54 62.60 -26.40
N ASP E 20 -16.82 62.40 -26.71
CA ASP E 20 -17.84 62.28 -25.68
C ASP E 20 -17.86 60.85 -25.14
N PHE E 21 -18.37 60.70 -23.92
CA PHE E 21 -18.39 59.40 -23.26
C PHE E 21 -19.54 58.51 -23.74
N THR E 22 -19.48 58.10 -25.00
CA THR E 22 -20.48 57.22 -25.59
C THR E 22 -19.94 55.81 -25.76
N VAL E 23 -20.84 54.84 -25.87
CA VAL E 23 -20.46 53.43 -25.95
C VAL E 23 -19.53 53.13 -27.13
N GLU E 24 -19.70 53.85 -28.23
CA GLU E 24 -18.83 53.66 -29.39
C GLU E 24 -17.41 54.11 -29.05
N ASN E 25 -17.29 55.32 -28.52
CA ASN E 25 -16.01 55.87 -28.15
C ASN E 25 -15.35 55.09 -27.01
N VAL E 26 -16.17 54.63 -26.07
CA VAL E 26 -15.69 53.80 -24.97
C VAL E 26 -15.12 52.48 -25.50
N GLU E 27 -15.85 51.84 -26.41
CA GLU E 27 -15.38 50.61 -27.04
C GLU E 27 -14.06 50.84 -27.76
N LYS E 28 -13.99 51.93 -28.51
CA LYS E 28 -12.77 52.28 -29.23
C LYS E 28 -11.60 52.41 -28.24
N ALA E 29 -11.84 53.10 -27.13
CA ALA E 29 -10.82 53.28 -26.10
C ALA E 29 -10.40 51.96 -25.48
N LEU E 30 -11.35 51.04 -25.32
CA LEU E 30 -11.07 49.73 -24.75
C LEU E 30 -10.19 48.91 -25.67
N HIS E 31 -10.63 48.77 -26.92
CA HIS E 31 -9.89 48.03 -27.93
C HIS E 31 -8.48 48.61 -28.05
N GLN E 32 -8.39 49.94 -27.97
CA GLN E 32 -7.12 50.62 -28.03
C GLN E 32 -6.22 50.25 -26.84
N LEU E 33 -6.77 50.33 -25.64
CA LEU E 33 -6.00 50.02 -24.43
C LEU E 33 -5.52 48.57 -24.43
N TYR E 34 -6.38 47.68 -24.89
CA TYR E 34 -6.10 46.24 -24.82
C TYR E 34 -5.25 45.72 -25.98
N TYR E 35 -5.19 46.45 -27.09
CA TYR E 35 -4.52 45.91 -28.28
C TYR E 35 -3.45 46.79 -28.93
N ASP E 36 -3.42 48.08 -28.61
CA ASP E 36 -2.42 48.97 -29.20
C ASP E 36 -1.07 48.82 -28.50
N PRO E 37 -0.02 48.48 -29.26
CA PRO E 37 1.31 48.21 -28.71
C PRO E 37 1.99 49.43 -28.09
N ASN E 38 1.65 50.62 -28.57
CA ASN E 38 2.26 51.85 -28.05
C ASN E 38 1.91 52.08 -26.59
N ILE E 39 2.92 52.35 -25.78
CA ILE E 39 2.72 52.52 -24.34
C ILE E 39 1.91 53.79 -24.01
N GLU E 40 2.25 54.89 -24.67
CA GLU E 40 1.56 56.16 -24.45
C GLU E 40 0.11 56.11 -24.91
N ASN E 41 -0.16 55.28 -25.91
CA ASN E 41 -1.53 55.09 -26.39
C ASN E 41 -2.40 54.40 -25.35
N LYS E 42 -1.86 53.33 -24.76
CA LYS E 42 -2.53 52.66 -23.65
C LYS E 42 -2.69 53.62 -22.48
N ASN E 43 -1.64 54.43 -22.24
CA ASN E 43 -1.62 55.36 -21.12
C ASN E 43 -2.65 56.47 -21.27
N LEU E 44 -2.98 56.81 -22.52
CA LEU E 44 -4.00 57.80 -22.80
C LEU E 44 -5.39 57.17 -22.73
N ALA E 45 -5.50 55.97 -23.29
CA ALA E 45 -6.77 55.25 -23.29
C ALA E 45 -7.26 54.96 -21.86
N GLN E 46 -6.32 54.60 -21.00
CA GLN E 46 -6.66 54.25 -19.63
C GLN E 46 -7.03 55.49 -18.83
N LYS E 47 -6.52 56.65 -19.25
CA LYS E 47 -6.86 57.92 -18.61
C LYS E 47 -8.26 58.35 -19.02
N TRP E 48 -8.54 58.27 -20.32
CA TRP E 48 -9.84 58.61 -20.85
C TRP E 48 -10.93 57.69 -20.28
N LEU E 49 -10.61 56.41 -20.16
CA LEU E 49 -11.52 55.44 -19.57
C LEU E 49 -11.66 55.66 -18.06
N MET E 50 -10.56 56.08 -17.42
CA MET E 50 -10.60 56.44 -16.01
C MET E 50 -11.60 57.57 -15.81
N GLN E 51 -11.66 58.48 -16.78
CA GLN E 51 -12.69 59.52 -16.77
C GLN E 51 -14.06 58.92 -17.02
N ALA E 52 -14.12 57.96 -17.95
CA ALA E 52 -15.39 57.38 -18.37
C ALA E 52 -16.13 56.66 -17.24
N GLN E 53 -15.39 55.96 -16.40
CA GLN E 53 -16.00 55.21 -15.31
C GLN E 53 -16.68 56.13 -14.29
N VAL E 54 -16.12 57.33 -14.11
CA VAL E 54 -16.64 58.30 -13.15
C VAL E 54 -17.82 59.09 -13.71
N SER E 55 -17.73 59.47 -14.99
CA SER E 55 -18.76 60.28 -15.65
C SER E 55 -20.16 59.67 -15.52
N PRO E 56 -21.18 60.53 -15.39
CA PRO E 56 -22.56 60.06 -15.25
C PRO E 56 -23.03 59.25 -16.46
N GLN E 57 -22.45 59.51 -17.62
CA GLN E 57 -22.73 58.75 -18.84
C GLN E 57 -22.57 57.26 -18.62
N ALA E 58 -21.69 56.89 -17.70
CA ALA E 58 -21.47 55.50 -17.34
C ALA E 58 -22.78 54.82 -16.99
N TRP E 59 -23.57 55.46 -16.12
CA TRP E 59 -24.86 54.93 -15.70
C TRP E 59 -25.72 54.48 -16.87
N HIS E 60 -25.49 55.05 -18.04
CA HIS E 60 -26.18 54.61 -19.24
C HIS E 60 -25.31 53.69 -20.11
N PHE E 61 -24.04 54.06 -20.33
CA PHE E 61 -23.27 53.35 -21.35
C PHE E 61 -22.78 51.98 -20.94
N SER E 62 -22.52 51.80 -19.65
CA SER E 62 -22.04 50.52 -19.14
C SER E 62 -23.05 49.42 -19.40
N TRP E 63 -24.31 49.71 -19.13
CA TRP E 63 -25.40 48.78 -19.42
C TRP E 63 -25.42 48.40 -20.89
N GLN E 64 -25.00 49.32 -21.75
CA GLN E 64 -24.96 49.03 -23.19
C GLN E 64 -23.83 48.07 -23.51
N LEU E 65 -22.73 48.17 -22.78
CA LEU E 65 -21.57 47.33 -23.02
C LEU E 65 -21.86 45.88 -22.68
N LEU E 66 -22.86 45.68 -21.82
CA LEU E 66 -23.23 44.35 -21.36
C LEU E 66 -24.11 43.60 -22.36
N GLN E 67 -24.43 44.24 -23.48
CA GLN E 67 -25.26 43.63 -24.51
C GLN E 67 -24.56 42.46 -25.19
N PRO E 68 -25.33 41.49 -25.72
CA PRO E 68 -24.76 40.29 -26.35
C PRO E 68 -24.04 40.57 -27.67
N ASP E 69 -24.18 41.78 -28.21
CA ASP E 69 -23.51 42.12 -29.45
C ASP E 69 -22.02 42.38 -29.25
N LYS E 70 -21.62 42.50 -27.99
CA LYS E 70 -20.24 42.84 -27.66
C LYS E 70 -19.44 41.64 -27.18
N VAL E 71 -18.12 41.77 -27.24
CA VAL E 71 -17.20 40.74 -26.78
C VAL E 71 -17.05 40.82 -25.25
N PRO E 72 -16.72 39.67 -24.62
CA PRO E 72 -16.56 39.61 -23.16
C PRO E 72 -15.59 40.64 -22.59
N GLU E 73 -14.46 40.86 -23.27
CA GLU E 73 -13.48 41.83 -22.78
C GLU E 73 -14.02 43.25 -22.82
N ILE E 74 -15.12 43.44 -23.55
CA ILE E 74 -15.79 44.73 -23.62
C ILE E 74 -16.95 44.81 -22.63
N GLN E 75 -17.74 43.74 -22.53
CA GLN E 75 -18.83 43.67 -21.55
C GLN E 75 -18.30 43.86 -20.13
N TYR E 76 -17.13 43.29 -19.89
CA TYR E 76 -16.51 43.33 -18.57
C TYR E 76 -16.29 44.76 -18.10
N PHE E 77 -15.93 45.66 -19.01
CA PHE E 77 -15.70 47.05 -18.62
C PHE E 77 -16.99 47.69 -18.12
N GLY E 78 -18.12 47.27 -18.70
CA GLY E 78 -19.41 47.75 -18.25
C GLY E 78 -19.69 47.25 -16.85
N ALA E 79 -19.53 45.94 -16.67
CA ALA E 79 -19.76 45.32 -15.35
C ALA E 79 -18.88 45.97 -14.27
N SER E 80 -17.61 46.17 -14.60
CA SER E 80 -16.63 46.72 -13.68
C SER E 80 -16.91 48.19 -13.39
N ALA E 81 -17.35 48.93 -14.40
CA ALA E 81 -17.70 50.34 -14.23
C ALA E 81 -18.87 50.46 -13.26
N LEU E 82 -19.86 49.60 -13.42
CA LEU E 82 -20.99 49.57 -12.48
C LEU E 82 -20.53 49.23 -11.07
N HIS E 83 -19.67 48.22 -10.97
CA HIS E 83 -19.11 47.81 -9.68
C HIS E 83 -18.37 48.94 -8.98
N ILE E 84 -17.58 49.70 -9.74
CA ILE E 84 -16.81 50.81 -9.19
C ILE E 84 -17.71 51.97 -8.81
N LYS E 85 -18.75 52.21 -9.62
CA LYS E 85 -19.71 53.27 -9.33
C LYS E 85 -20.50 53.00 -8.06
N ILE E 86 -20.78 51.72 -7.80
CA ILE E 86 -21.51 51.36 -6.58
C ILE E 86 -20.59 51.29 -5.35
N SER E 87 -19.43 50.66 -5.52
CA SER E 87 -18.50 50.45 -4.41
C SER E 87 -17.80 51.73 -3.95
N ARG E 88 -17.36 52.55 -4.91
CA ARG E 88 -16.58 53.75 -4.59
C ARG E 88 -17.42 55.03 -4.48
N TYR E 89 -18.55 55.07 -5.20
CA TYR E 89 -19.37 56.28 -5.21
C TYR E 89 -20.84 55.98 -4.92
N TRP E 90 -21.12 55.45 -3.74
CA TRP E 90 -22.49 55.14 -3.33
C TRP E 90 -23.19 56.38 -2.79
N SER E 91 -22.41 57.37 -2.38
CA SER E 91 -22.95 58.60 -1.83
C SER E 91 -23.67 59.42 -2.89
N ASP E 92 -23.26 59.26 -4.15
CA ASP E 92 -23.83 60.03 -5.24
C ASP E 92 -25.08 59.37 -5.83
N ILE E 93 -25.42 58.18 -5.37
CA ILE E 93 -26.58 57.45 -5.86
C ILE E 93 -27.85 57.90 -5.15
N PRO E 94 -28.81 58.45 -5.91
CA PRO E 94 -30.09 58.92 -5.37
C PRO E 94 -30.96 57.78 -4.85
N THR E 95 -31.82 58.08 -3.88
CA THR E 95 -32.67 57.06 -3.25
C THR E 95 -33.70 56.47 -4.22
N ASP E 96 -34.16 57.27 -5.16
CA ASP E 96 -35.18 56.82 -6.11
C ASP E 96 -34.60 55.83 -7.12
N GLN E 97 -33.28 55.82 -7.25
CA GLN E 97 -32.61 54.96 -8.22
C GLN E 97 -32.31 53.56 -7.67
N TYR E 98 -32.36 53.42 -6.35
CA TYR E 98 -31.96 52.18 -5.66
C TYR E 98 -32.65 50.92 -6.19
N GLU E 99 -33.97 50.88 -6.06
CA GLU E 99 -34.75 49.70 -6.43
C GLU E 99 -34.57 49.34 -7.90
N SER E 100 -34.71 50.33 -8.77
CA SER E 100 -34.55 50.13 -10.21
C SER E 100 -33.17 49.57 -10.53
N LEU E 101 -32.14 50.09 -9.85
CA LEU E 101 -30.77 49.63 -10.06
C LEU E 101 -30.61 48.17 -9.64
N LYS E 102 -31.10 47.84 -8.46
CA LYS E 102 -31.05 46.46 -7.97
C LYS E 102 -31.72 45.53 -8.97
N ALA E 103 -32.89 45.93 -9.46
CA ALA E 103 -33.63 45.14 -10.42
C ALA E 103 -32.82 44.93 -11.72
N GLN E 104 -32.26 46.02 -12.24
CA GLN E 104 -31.41 45.95 -13.43
C GLN E 104 -30.28 44.94 -13.25
N LEU E 105 -29.59 45.04 -12.11
CA LEU E 105 -28.50 44.12 -11.79
C LEU E 105 -28.97 42.67 -11.81
N PHE E 106 -30.07 42.40 -11.09
CA PHE E 106 -30.65 41.06 -11.08
C PHE E 106 -30.90 40.52 -12.48
N THR E 107 -31.59 41.32 -13.29
CA THR E 107 -31.93 40.90 -14.65
C THR E 107 -30.68 40.60 -15.47
N GLN E 108 -29.67 41.46 -15.37
CA GLN E 108 -28.43 41.27 -16.14
C GLN E 108 -27.64 40.04 -15.70
N ILE E 109 -27.67 39.74 -14.40
CA ILE E 109 -27.04 38.53 -13.90
C ILE E 109 -27.75 37.30 -14.45
N THR E 110 -29.09 37.33 -14.38
CA THR E 110 -29.91 36.28 -14.97
C THR E 110 -29.55 36.06 -16.43
N ARG E 111 -29.35 37.15 -17.17
CA ARG E 111 -28.97 37.06 -18.56
C ARG E 111 -27.58 36.43 -18.71
N PHE E 112 -26.66 36.79 -17.82
CA PHE E 112 -25.30 36.28 -17.88
C PHE E 112 -25.13 34.93 -17.19
N ALA E 113 -26.23 34.28 -16.86
CA ALA E 113 -26.19 32.92 -16.32
C ALA E 113 -25.45 31.96 -17.25
N SER E 114 -25.79 32.01 -18.54
CA SER E 114 -25.13 31.17 -19.52
C SER E 114 -24.00 31.94 -20.21
N GLY E 115 -23.76 33.15 -19.74
CA GLY E 115 -22.77 34.03 -20.35
C GLY E 115 -21.40 33.96 -19.71
N SER E 116 -20.56 34.94 -20.02
CA SER E 116 -19.17 34.98 -19.55
C SER E 116 -19.08 34.94 -18.02
N LYS E 117 -18.36 33.96 -17.52
CA LYS E 117 -18.22 33.74 -16.08
C LYS E 117 -17.56 34.93 -15.39
N ILE E 118 -16.61 35.54 -16.08
CA ILE E 118 -15.90 36.71 -15.56
C ILE E 118 -16.88 37.85 -15.32
N VAL E 119 -17.63 38.21 -16.36
CA VAL E 119 -18.62 39.29 -16.27
C VAL E 119 -19.71 38.97 -15.26
N LEU E 120 -20.18 37.73 -15.23
CA LEU E 120 -21.18 37.31 -14.26
C LEU E 120 -20.68 37.54 -12.85
N THR E 121 -19.44 37.11 -12.58
CA THR E 121 -18.82 37.31 -11.28
C THR E 121 -18.77 38.79 -10.93
N ARG E 122 -18.34 39.63 -11.89
CA ARG E 122 -18.26 41.07 -11.64
C ARG E 122 -19.61 41.68 -11.31
N LEU E 123 -20.66 41.25 -12.02
CA LEU E 123 -22.01 41.74 -11.79
C LEU E 123 -22.50 41.32 -10.40
N CYS E 124 -22.25 40.08 -10.03
CA CYS E 124 -22.64 39.58 -8.72
C CYS E 124 -21.91 40.37 -7.62
N VAL E 125 -20.66 40.71 -7.88
CA VAL E 125 -19.90 41.56 -6.96
C VAL E 125 -20.52 42.94 -6.84
N ALA E 126 -20.99 43.49 -7.96
CA ALA E 126 -21.64 44.80 -7.96
C ALA E 126 -22.94 44.79 -7.13
N LEU E 127 -23.79 43.82 -7.41
CA LEU E 127 -25.04 43.67 -6.66
C LEU E 127 -24.77 43.41 -5.18
N ALA E 128 -23.67 42.70 -4.90
CA ALA E 128 -23.28 42.44 -3.52
C ALA E 128 -22.88 43.72 -2.81
N SER E 129 -22.07 44.53 -3.48
CA SER E 129 -21.63 45.81 -2.93
C SER E 129 -22.83 46.72 -2.70
N LEU E 130 -23.81 46.66 -3.59
CA LEU E 130 -25.05 47.40 -3.43
C LEU E 130 -25.79 46.94 -2.18
N ALA E 131 -25.99 45.63 -2.10
CA ALA E 131 -26.65 45.00 -0.96
C ALA E 131 -26.04 45.47 0.35
N LEU E 132 -24.75 45.24 0.51
CA LEU E 132 -24.02 45.68 1.71
C LEU E 132 -24.15 47.17 1.93
N SER E 133 -24.12 47.95 0.85
CA SER E 133 -24.23 49.40 0.95
C SER E 133 -25.58 49.84 1.51
N MET E 134 -26.61 49.02 1.29
CA MET E 134 -27.95 49.34 1.80
C MET E 134 -28.58 48.22 2.62
N MET E 135 -27.75 47.42 3.28
CA MET E 135 -28.23 46.25 4.02
C MET E 135 -28.86 46.46 5.42
N PRO E 136 -28.28 47.34 6.26
CA PRO E 136 -28.78 47.47 7.65
C PRO E 136 -30.29 47.61 7.80
N ASP E 137 -30.91 48.53 7.05
CA ASP E 137 -32.35 48.74 7.16
C ASP E 137 -33.04 48.92 5.80
N ALA E 138 -32.32 49.47 4.83
CA ALA E 138 -32.88 49.73 3.51
C ALA E 138 -33.29 48.44 2.80
N TRP E 139 -32.44 47.42 2.89
CA TRP E 139 -32.74 46.11 2.31
C TRP E 139 -32.79 45.08 3.43
N PRO E 140 -33.97 44.95 4.08
CA PRO E 140 -34.18 44.15 5.29
C PRO E 140 -33.83 42.68 5.14
N CYS E 141 -34.28 42.05 4.06
CA CYS E 141 -34.02 40.63 3.84
C CYS E 141 -33.34 40.38 2.51
N ALA E 142 -32.05 40.73 2.42
CA ALA E 142 -31.29 40.62 1.19
C ALA E 142 -31.23 39.18 0.67
N VAL E 143 -30.81 38.26 1.53
CA VAL E 143 -30.64 36.86 1.15
C VAL E 143 -31.93 36.25 0.62
N ALA E 144 -32.99 36.35 1.40
CA ALA E 144 -34.28 35.78 1.03
C ALA E 144 -34.83 36.43 -0.25
N ASP E 145 -34.59 37.72 -0.41
CA ASP E 145 -35.04 38.43 -1.61
C ASP E 145 -34.29 37.94 -2.84
N MET E 146 -32.99 37.70 -2.70
CA MET E 146 -32.20 37.15 -3.80
C MET E 146 -32.73 35.76 -4.16
N VAL E 147 -32.89 34.93 -3.14
CA VAL E 147 -33.42 33.58 -3.31
C VAL E 147 -34.75 33.58 -4.06
N ARG E 148 -35.66 34.45 -3.66
CA ARG E 148 -36.96 34.54 -4.29
C ARG E 148 -36.86 35.06 -5.71
N LEU E 149 -36.05 36.09 -5.91
CA LEU E 149 -35.92 36.74 -7.22
C LEU E 149 -35.23 35.84 -8.25
N PHE E 150 -34.46 34.85 -7.78
CA PHE E 150 -33.85 33.90 -8.71
C PHE E 150 -34.70 32.65 -8.91
N GLN E 151 -35.49 32.29 -7.90
CA GLN E 151 -36.36 31.12 -8.00
C GLN E 151 -37.78 31.50 -8.39
N VAL E 157 -34.92 31.89 -20.40
CA VAL E 157 -34.37 31.90 -19.06
C VAL E 157 -34.18 30.47 -18.54
N ASP E 158 -32.93 30.11 -18.27
CA ASP E 158 -32.61 28.75 -17.82
C ASP E 158 -32.95 28.55 -16.35
N GLY E 159 -32.93 27.29 -15.92
CA GLY E 159 -33.28 26.95 -14.55
C GLY E 159 -32.07 26.64 -13.68
N GLN E 160 -31.14 25.85 -14.21
CA GLN E 160 -29.94 25.50 -13.47
C GLN E 160 -28.99 26.69 -13.39
N GLY E 161 -28.83 27.40 -14.50
CA GLY E 161 -27.97 28.56 -14.56
C GLY E 161 -28.43 29.68 -13.63
N ARG E 162 -29.72 29.72 -13.37
CA ARG E 162 -30.29 30.68 -12.43
C ARG E 162 -29.83 30.36 -11.00
N CYS E 163 -29.87 29.08 -10.64
CA CYS E 163 -29.42 28.66 -9.32
C CYS E 163 -27.92 28.86 -9.19
N LEU E 164 -27.19 28.62 -10.26
CA LEU E 164 -25.74 28.83 -10.29
C LEU E 164 -25.41 30.31 -10.08
N ALA E 165 -26.17 31.17 -10.74
CA ALA E 165 -25.99 32.61 -10.60
C ALA E 165 -26.31 33.05 -9.17
N LEU E 166 -27.36 32.47 -8.61
CA LEU E 166 -27.76 32.74 -7.23
C LEU E 166 -26.64 32.36 -6.27
N LEU E 167 -26.05 31.20 -6.48
CA LEU E 167 -24.96 30.72 -5.64
C LEU E 167 -23.69 31.57 -5.81
N GLU E 168 -23.48 32.11 -7.02
CA GLU E 168 -22.34 32.99 -7.26
C GLU E 168 -22.52 34.31 -6.50
N LEU E 169 -23.74 34.85 -6.55
CA LEU E 169 -24.05 36.07 -5.82
C LEU E 169 -23.91 35.85 -4.31
N LEU E 170 -24.52 34.78 -3.83
CA LEU E 170 -24.44 34.40 -2.42
C LEU E 170 -23.01 34.15 -1.97
N THR E 171 -22.16 33.64 -2.85
CA THR E 171 -20.78 33.35 -2.48
C THR E 171 -19.89 34.60 -2.49
N VAL E 172 -20.21 35.56 -3.36
CA VAL E 172 -19.43 36.78 -3.38
C VAL E 172 -19.93 37.80 -2.36
N LEU E 173 -21.12 37.56 -1.80
CA LEU E 173 -21.66 38.46 -0.78
C LEU E 173 -20.80 38.61 0.50
N PRO E 174 -20.43 37.49 1.15
CA PRO E 174 -19.67 37.70 2.39
C PRO E 174 -18.24 38.15 2.12
N GLU E 175 -17.70 37.78 0.96
CA GLU E 175 -16.35 38.16 0.58
C GLU E 175 -16.23 39.67 0.43
N GLU E 176 -17.22 40.27 -0.24
CA GLU E 176 -17.22 41.70 -0.47
C GLU E 176 -17.33 42.50 0.83
N PHE E 177 -17.85 41.87 1.87
CA PHE E 177 -17.94 42.50 3.18
C PHE E 177 -16.57 42.62 3.83
N GLN E 178 -15.72 41.61 3.59
CA GLN E 178 -14.39 41.56 4.19
C GLN E 178 -13.44 42.60 3.59
N THR E 179 -13.84 43.20 2.48
CA THR E 179 -13.03 44.24 1.84
C THR E 179 -13.75 45.59 1.85
N SER E 180 -15.03 45.57 2.22
CA SER E 180 -15.83 46.79 2.28
C SER E 180 -15.29 47.75 3.32
N ARG E 181 -15.00 48.97 2.90
CA ARG E 181 -14.50 50.00 3.81
C ARG E 181 -15.65 50.80 4.41
N LEU E 182 -15.85 50.66 5.71
CA LEU E 182 -16.93 51.34 6.40
C LEU E 182 -16.49 51.69 7.82
N PRO E 183 -17.11 52.73 8.41
CA PRO E 183 -16.80 53.07 9.81
C PRO E 183 -17.18 51.93 10.75
N GLN E 184 -16.58 51.90 11.93
CA GLN E 184 -16.74 50.78 12.87
C GLN E 184 -18.20 50.46 13.17
N TYR E 185 -18.97 51.49 13.57
CA TYR E 185 -20.37 51.32 13.91
C TYR E 185 -21.16 50.71 12.75
N ARG E 186 -21.00 51.30 11.56
CA ARG E 186 -21.67 50.80 10.37
C ARG E 186 -21.25 49.35 10.06
N LYS E 187 -19.95 49.09 10.16
CA LYS E 187 -19.41 47.76 9.87
C LYS E 187 -20.01 46.70 10.79
N GLY E 188 -20.11 47.00 12.08
CA GLY E 188 -20.72 46.09 13.04
C GLY E 188 -22.20 45.91 12.74
N LEU E 189 -22.89 47.03 12.55
CA LEU E 189 -24.32 47.04 12.25
C LEU E 189 -24.65 46.20 11.01
N VAL E 190 -23.69 46.12 10.09
CA VAL E 190 -23.84 45.28 8.90
C VAL E 190 -23.54 43.83 9.21
N ARG E 191 -22.43 43.59 9.91
CA ARG E 191 -22.00 42.24 10.24
C ARG E 191 -23.06 41.45 11.00
N THR E 192 -23.78 42.13 11.88
CA THR E 192 -24.85 41.47 12.63
C THR E 192 -25.98 40.99 11.71
N SER E 193 -26.51 41.91 10.90
CA SER E 193 -27.60 41.59 9.98
C SER E 193 -27.18 40.56 8.93
N LEU E 194 -25.88 40.50 8.66
CA LEU E 194 -25.32 39.52 7.72
C LEU E 194 -25.30 38.15 8.40
N ALA E 195 -24.90 38.14 9.67
CA ALA E 195 -24.91 36.92 10.48
C ALA E 195 -26.33 36.38 10.59
N VAL E 196 -27.31 37.27 10.57
CA VAL E 196 -28.71 36.85 10.52
C VAL E 196 -28.99 36.08 9.24
N GLU E 197 -28.46 36.58 8.13
CA GLU E 197 -28.70 35.98 6.82
C GLU E 197 -28.01 34.64 6.63
N CYS E 198 -26.86 34.47 7.30
CA CYS E 198 -26.11 33.20 7.20
C CYS E 198 -26.98 31.97 7.48
N GLY E 199 -27.82 32.08 8.51
CA GLY E 199 -28.69 30.99 8.92
C GLY E 199 -29.88 30.78 8.00
N ALA E 200 -29.99 31.63 6.98
CA ALA E 200 -31.02 31.47 5.96
C ALA E 200 -30.38 30.99 4.66
N VAL E 201 -29.10 31.31 4.50
CA VAL E 201 -28.32 30.84 3.35
C VAL E 201 -28.00 29.37 3.52
N PHE E 202 -27.61 28.97 4.73
CA PHE E 202 -27.26 27.58 5.03
C PHE E 202 -28.30 26.52 4.65
N PRO E 203 -29.60 26.72 5.01
CA PRO E 203 -30.59 25.72 4.64
C PRO E 203 -30.72 25.53 3.13
N LEU E 204 -30.57 26.62 2.37
CA LEU E 204 -30.63 26.55 0.92
C LEU E 204 -29.49 25.68 0.39
N LEU E 205 -28.31 25.82 0.98
CA LEU E 205 -27.15 25.03 0.59
C LEU E 205 -27.34 23.57 0.97
N GLU E 206 -27.81 23.33 2.20
CA GLU E 206 -28.06 21.98 2.68
C GLU E 206 -29.07 21.26 1.79
N GLN E 207 -30.18 21.92 1.51
CA GLN E 207 -31.24 21.36 0.69
C GLN E 207 -30.78 21.04 -0.73
N LEU E 208 -30.05 21.97 -1.34
CA LEU E 208 -29.53 21.79 -2.69
C LEU E 208 -28.52 20.66 -2.74
N LEU E 209 -27.75 20.52 -1.66
CA LEU E 209 -26.71 19.50 -1.60
C LEU E 209 -27.30 18.13 -1.29
N GLN E 210 -28.41 18.11 -0.54
CA GLN E 210 -29.07 16.88 -0.13
C GLN E 210 -29.87 16.25 -1.27
N GLN E 211 -30.47 17.08 -2.11
CA GLN E 211 -31.26 16.58 -3.24
C GLN E 211 -30.37 15.91 -4.28
N PRO E 212 -30.73 14.67 -4.65
CA PRO E 212 -29.96 13.89 -5.63
C PRO E 212 -30.11 14.42 -7.05
N SER E 213 -31.07 15.31 -7.26
CA SER E 213 -31.34 15.86 -8.58
C SER E 213 -30.32 16.93 -8.96
N SER E 214 -29.45 17.29 -8.02
CA SER E 214 -28.49 18.35 -8.24
C SER E 214 -27.24 17.84 -8.94
N PRO E 215 -26.79 18.55 -9.99
CA PRO E 215 -25.58 18.20 -10.74
C PRO E 215 -24.32 18.66 -10.04
N SER E 216 -23.18 18.18 -10.51
CA SER E 216 -21.89 18.46 -9.87
C SER E 216 -21.53 19.94 -9.90
N CYS E 217 -21.81 20.59 -11.03
CA CYS E 217 -21.50 22.01 -11.21
C CYS E 217 -22.21 22.88 -10.18
N VAL E 218 -23.37 22.40 -9.72
CA VAL E 218 -24.12 23.11 -8.68
C VAL E 218 -23.53 22.81 -7.30
N ARG E 219 -23.26 21.53 -7.04
CA ARG E 219 -22.71 21.11 -5.75
C ARG E 219 -21.39 21.80 -5.44
N GLN E 220 -20.57 21.99 -6.47
CA GLN E 220 -19.30 22.70 -6.30
C GLN E 220 -19.52 24.14 -5.85
N LYS E 221 -20.49 24.80 -6.46
CA LYS E 221 -20.81 26.18 -6.11
C LYS E 221 -21.43 26.26 -4.72
N VAL E 222 -22.11 25.18 -4.31
CA VAL E 222 -22.66 25.08 -2.97
C VAL E 222 -21.52 25.01 -1.94
N LEU E 223 -20.56 24.12 -2.19
CA LEU E 223 -19.40 23.97 -1.33
C LEU E 223 -18.55 25.23 -1.26
N LYS E 224 -18.35 25.88 -2.41
CA LYS E 224 -17.57 27.11 -2.48
C LYS E 224 -18.29 28.25 -1.78
N CYS E 225 -19.62 28.27 -1.88
CA CYS E 225 -20.43 29.27 -1.18
C CYS E 225 -20.30 29.08 0.31
N PHE E 226 -20.44 27.85 0.76
CA PHE E 226 -20.28 27.52 2.17
C PHE E 226 -18.91 27.94 2.68
N SER E 227 -17.87 27.57 1.94
CA SER E 227 -16.50 27.91 2.32
C SER E 227 -16.33 29.42 2.39
N SER E 228 -16.98 30.14 1.49
CA SER E 228 -16.89 31.59 1.45
C SER E 228 -17.63 32.23 2.63
N TRP E 229 -18.67 31.55 3.13
CA TRP E 229 -19.42 32.06 4.28
C TRP E 229 -18.75 31.69 5.60
N VAL E 230 -17.96 30.63 5.58
CA VAL E 230 -17.27 30.17 6.80
C VAL E 230 -16.00 30.96 7.05
N GLN E 231 -15.66 31.86 6.14
CA GLN E 231 -14.51 32.74 6.32
C GLN E 231 -14.86 33.81 7.35
N LEU E 232 -16.14 34.11 7.47
CA LEU E 232 -16.63 34.98 8.53
C LEU E 232 -16.77 34.17 9.81
N GLU E 233 -16.76 34.83 10.95
CA GLU E 233 -16.89 34.14 12.23
C GLU E 233 -18.31 33.61 12.42
N VAL E 234 -18.52 32.37 12.01
CA VAL E 234 -19.81 31.71 12.11
C VAL E 234 -19.71 30.53 13.09
N PRO E 235 -20.67 30.42 14.01
CA PRO E 235 -20.72 29.31 14.97
C PRO E 235 -20.68 27.94 14.29
N LEU E 236 -19.67 27.13 14.65
CA LEU E 236 -19.44 25.85 13.99
C LEU E 236 -20.60 24.87 14.14
N GLN E 237 -21.32 24.99 15.25
CA GLN E 237 -22.48 24.13 15.53
C GLN E 237 -23.50 24.23 14.41
N ASP E 238 -23.61 25.42 13.82
CA ASP E 238 -24.50 25.64 12.69
C ASP E 238 -23.92 25.03 11.42
N CYS E 239 -22.60 24.97 11.35
CA CYS E 239 -21.91 24.48 10.17
C CYS E 239 -21.83 22.96 10.11
N GLU E 240 -22.10 22.33 11.26
CA GLU E 240 -21.97 20.87 11.40
C GLU E 240 -22.60 20.04 10.28
N ALA E 241 -23.82 20.37 9.90
CA ALA E 241 -24.53 19.62 8.86
C ALA E 241 -23.83 19.70 7.51
N LEU E 242 -23.53 20.92 7.09
CA LEU E 242 -22.81 21.15 5.85
C LEU E 242 -21.43 20.51 5.88
N ILE E 243 -20.85 20.40 7.07
CA ILE E 243 -19.58 19.73 7.23
C ILE E 243 -19.73 18.22 6.99
N GLN E 244 -20.78 17.63 7.55
CA GLN E 244 -21.07 16.22 7.30
C GLN E 244 -21.26 15.96 5.81
N ALA E 245 -22.05 16.80 5.17
CA ALA E 245 -22.29 16.69 3.73
C ALA E 245 -21.00 16.85 2.93
N ALA E 246 -20.13 17.75 3.39
CA ALA E 246 -18.87 18.03 2.71
C ALA E 246 -17.91 16.86 2.84
N PHE E 247 -17.97 16.16 3.98
CA PHE E 247 -17.20 14.96 4.18
C PHE E 247 -17.74 13.85 3.29
N ALA E 248 -19.06 13.82 3.12
CA ALA E 248 -19.68 12.84 2.23
C ALA E 248 -19.26 13.08 0.79
N ALA E 249 -19.07 14.36 0.44
CA ALA E 249 -18.72 14.73 -0.92
C ALA E 249 -17.30 14.36 -1.31
N LEU E 250 -16.48 14.03 -0.32
CA LEU E 250 -15.06 13.74 -0.55
C LEU E 250 -14.82 12.48 -1.39
N GLN E 251 -15.79 11.57 -1.42
CA GLN E 251 -15.65 10.35 -2.21
C GLN E 251 -15.80 10.65 -3.70
N ASP E 252 -16.47 11.76 -4.00
CA ASP E 252 -16.67 12.18 -5.38
C ASP E 252 -15.40 12.83 -5.94
N SER E 253 -15.07 12.49 -7.18
CA SER E 253 -13.84 13.00 -7.80
C SER E 253 -13.92 14.49 -8.12
N GLU E 254 -15.03 14.91 -8.72
CA GLU E 254 -15.18 16.29 -9.18
C GLU E 254 -15.40 17.27 -8.04
N LEU E 255 -15.87 16.77 -6.91
CA LEU E 255 -16.22 17.64 -5.78
C LEU E 255 -15.16 17.60 -4.67
N PHE E 256 -14.02 16.99 -4.96
CA PHE E 256 -12.98 16.80 -3.93
C PHE E 256 -12.36 18.10 -3.45
N ASP E 257 -11.80 18.89 -4.36
CA ASP E 257 -11.14 20.14 -3.99
C ASP E 257 -12.07 21.10 -3.25
N SER E 258 -13.29 21.23 -3.76
CA SER E 258 -14.28 22.10 -3.14
C SER E 258 -14.60 21.63 -1.73
N SER E 259 -14.80 20.33 -1.58
CA SER E 259 -15.14 19.74 -0.28
C SER E 259 -14.00 19.92 0.74
N VAL E 260 -12.78 19.64 0.33
CA VAL E 260 -11.64 19.79 1.24
C VAL E 260 -11.41 21.25 1.62
N GLU E 261 -11.58 22.17 0.67
CA GLU E 261 -11.46 23.59 0.99
C GLU E 261 -12.54 24.03 1.95
N ALA E 262 -13.77 23.56 1.75
CA ALA E 262 -14.89 23.89 2.62
C ALA E 262 -14.63 23.38 4.05
N ILE E 263 -14.27 22.10 4.15
CA ILE E 263 -13.98 21.48 5.43
C ILE E 263 -12.84 22.19 6.16
N VAL E 264 -11.73 22.42 5.47
CA VAL E 264 -10.56 23.07 6.07
C VAL E 264 -10.88 24.48 6.54
N ASN E 265 -11.55 25.26 5.69
CA ASN E 265 -11.94 26.62 6.07
C ASN E 265 -12.96 26.63 7.20
N ALA E 266 -13.73 25.55 7.34
CA ALA E 266 -14.72 25.45 8.40
C ALA E 266 -14.05 25.12 9.74
N ILE E 267 -13.13 24.17 9.74
CA ILE E 267 -12.49 23.71 10.97
C ILE E 267 -11.35 24.62 11.46
N SER E 268 -10.62 25.23 10.53
CA SER E 268 -9.43 26.01 10.89
C SER E 268 -9.74 27.47 11.24
N GLN E 269 -11.02 27.83 11.28
CA GLN E 269 -11.41 29.18 11.68
C GLN E 269 -11.21 29.37 13.19
N PRO E 270 -10.92 30.61 13.61
CA PRO E 270 -10.64 30.91 15.02
C PRO E 270 -11.74 30.48 16.00
N ASP E 271 -12.94 31.02 15.82
CA ASP E 271 -14.04 30.79 16.75
C ASP E 271 -14.36 29.31 17.00
N ALA E 272 -13.88 28.43 16.12
CA ALA E 272 -14.08 27.00 16.26
C ALA E 272 -13.39 26.43 17.51
N GLN E 273 -12.47 27.19 18.09
CA GLN E 273 -11.75 26.76 19.28
C GLN E 273 -12.69 26.54 20.48
N ARG E 274 -13.78 27.30 20.51
CA ARG E 274 -14.72 27.23 21.63
C ARG E 274 -15.64 26.01 21.56
N TYR E 275 -16.09 25.67 20.35
CA TYR E 275 -17.04 24.58 20.17
C TYR E 275 -16.38 23.21 20.22
N VAL E 276 -16.20 22.70 21.43
CA VAL E 276 -15.57 21.39 21.63
C VAL E 276 -16.54 20.25 21.31
N ASN E 277 -17.82 20.49 21.55
CA ASN E 277 -18.85 19.48 21.35
C ASN E 277 -18.90 18.96 19.91
N THR E 278 -18.80 19.87 18.95
CA THR E 278 -18.82 19.50 17.54
C THR E 278 -17.46 19.02 17.09
N LEU E 279 -16.41 19.63 17.64
CA LEU E 279 -15.04 19.27 17.32
C LEU E 279 -14.76 17.81 17.69
N LEU E 280 -15.40 17.33 18.74
CA LEU E 280 -15.29 15.94 19.13
C LEU E 280 -16.02 15.05 18.13
N LYS E 281 -17.11 15.57 17.56
CA LYS E 281 -17.89 14.84 16.56
C LYS E 281 -17.19 14.84 15.21
N LEU E 282 -16.19 15.71 15.06
CA LEU E 282 -15.43 15.81 13.82
C LEU E 282 -14.38 14.70 13.67
N ILE E 283 -13.77 14.32 14.78
CA ILE E 283 -12.66 13.37 14.75
C ILE E 283 -12.94 11.95 14.18
N PRO E 284 -14.18 11.43 14.32
CA PRO E 284 -14.35 10.13 13.66
C PRO E 284 -14.44 10.27 12.14
N LEU E 285 -14.87 11.43 11.67
CA LEU E 285 -15.02 11.66 10.24
C LEU E 285 -13.66 11.79 9.55
N VAL E 286 -12.73 12.48 10.22
CA VAL E 286 -11.38 12.64 9.70
C VAL E 286 -10.64 11.31 9.75
N LEU E 287 -10.95 10.50 10.75
CA LEU E 287 -10.38 9.16 10.87
C LEU E 287 -11.03 8.21 9.88
N GLY E 288 -12.09 8.67 9.22
CA GLY E 288 -12.78 7.87 8.23
C GLY E 288 -12.09 7.93 6.88
N LEU E 289 -11.46 9.06 6.60
CA LEU E 289 -10.78 9.28 5.33
C LEU E 289 -9.48 8.49 5.24
N GLN E 290 -9.24 7.61 6.22
CA GLN E 290 -7.98 6.88 6.30
C GLN E 290 -7.79 5.85 5.19
N GLU E 291 -8.87 5.14 4.82
CA GLU E 291 -8.77 4.13 3.78
C GLU E 291 -8.57 4.77 2.41
N GLN E 292 -9.28 5.88 2.19
CA GLN E 292 -9.11 6.65 0.96
C GLN E 292 -7.69 7.18 0.88
N LEU E 293 -7.13 7.56 2.03
CA LEU E 293 -5.76 8.05 2.12
C LEU E 293 -4.76 6.94 1.83
N ARG E 294 -5.04 5.74 2.33
CA ARG E 294 -4.16 4.60 2.13
C ARG E 294 -4.14 4.22 0.64
N GLN E 295 -5.33 4.12 0.06
CA GLN E 295 -5.45 3.77 -1.35
C GLN E 295 -4.83 4.85 -2.23
N ALA E 296 -4.93 6.10 -1.79
CA ALA E 296 -4.34 7.21 -2.52
C ALA E 296 -2.82 7.13 -2.50
N VAL E 297 -2.26 6.89 -1.32
CA VAL E 297 -0.82 6.73 -1.19
C VAL E 297 -0.32 5.55 -2.01
N GLN E 298 -1.14 4.49 -2.08
CA GLN E 298 -0.78 3.30 -2.84
C GLN E 298 -0.79 3.53 -4.35
N ASN E 299 -1.88 4.11 -4.85
CA ASN E 299 -2.06 4.30 -6.30
C ASN E 299 -1.19 5.39 -6.91
N GLY E 300 -0.71 6.31 -6.08
CA GLY E 300 0.11 7.41 -6.56
C GLY E 300 -0.67 8.69 -6.77
N ASP E 301 -1.89 8.72 -6.25
CA ASP E 301 -2.74 9.90 -6.31
C ASP E 301 -2.25 10.94 -5.31
N MET E 302 -1.56 11.96 -5.80
CA MET E 302 -0.95 12.95 -4.92
C MET E 302 -1.94 13.98 -4.38
N GLU E 303 -2.82 14.48 -5.24
CA GLU E 303 -3.80 15.50 -4.84
C GLU E 303 -4.74 15.01 -3.73
N THR E 304 -5.19 13.77 -3.83
CA THR E 304 -6.11 13.20 -2.86
C THR E 304 -5.47 13.11 -1.47
N SER E 305 -4.30 12.45 -1.41
CA SER E 305 -3.56 12.32 -0.16
C SER E 305 -3.24 13.70 0.41
N HIS E 306 -2.94 14.64 -0.48
CA HIS E 306 -2.65 16.02 -0.08
C HIS E 306 -3.85 16.64 0.62
N GLY E 307 -5.04 16.47 0.03
CA GLY E 307 -6.24 17.04 0.58
C GLY E 307 -6.60 16.43 1.92
N ILE E 308 -6.55 15.11 1.99
CA ILE E 308 -6.86 14.39 3.23
C ILE E 308 -5.89 14.80 4.34
N CYS E 309 -4.62 14.98 3.98
CA CYS E 309 -3.63 15.45 4.93
C CYS E 309 -3.96 16.87 5.39
N ARG E 310 -4.41 17.72 4.47
CA ARG E 310 -4.79 19.08 4.82
C ARG E 310 -5.94 19.08 5.82
N ILE E 311 -6.89 18.16 5.63
CA ILE E 311 -7.99 18.00 6.58
C ILE E 311 -7.45 17.59 7.96
N ALA E 312 -6.68 16.51 7.99
CA ALA E 312 -6.13 15.99 9.25
C ALA E 312 -5.34 17.03 10.02
N VAL E 313 -4.44 17.74 9.33
CA VAL E 313 -3.64 18.78 9.95
C VAL E 313 -4.51 19.95 10.40
N ALA E 314 -5.52 20.28 9.60
CA ALA E 314 -6.44 21.35 9.94
C ALA E 314 -7.15 21.06 11.25
N LEU E 315 -7.48 19.79 11.48
CA LEU E 315 -8.06 19.40 12.77
C LEU E 315 -7.02 19.47 13.88
N GLY E 316 -5.88 18.82 13.63
CA GLY E 316 -4.82 18.70 14.60
C GLY E 316 -4.23 19.99 15.14
N GLU E 317 -3.61 20.80 14.28
CA GLU E 317 -2.90 21.99 14.74
C GLU E 317 -3.84 23.10 15.20
N ASN E 318 -5.12 22.97 14.91
CA ASN E 318 -6.11 23.97 15.32
C ASN E 318 -6.93 23.56 16.55
N HIS E 319 -6.90 22.27 16.89
CA HIS E 319 -7.65 21.82 18.06
C HIS E 319 -6.87 20.87 18.96
N SER E 320 -5.55 20.95 18.90
CA SER E 320 -4.67 20.03 19.65
C SER E 320 -4.88 20.11 21.16
N ARG E 321 -4.67 21.30 21.73
CA ARG E 321 -4.74 21.48 23.17
C ARG E 321 -6.11 21.07 23.74
N ALA E 322 -7.17 21.38 23.01
CA ALA E 322 -8.52 21.04 23.46
C ALA E 322 -8.83 19.56 23.28
N LEU E 323 -8.25 18.94 22.25
CA LEU E 323 -8.45 17.52 22.01
C LEU E 323 -7.66 16.68 23.03
N LEU E 324 -6.60 17.27 23.57
CA LEU E 324 -5.81 16.62 24.60
C LEU E 324 -6.43 16.84 25.98
N ASP E 325 -6.95 18.04 26.21
CA ASP E 325 -7.58 18.40 27.48
C ASP E 325 -8.74 17.45 27.81
N GLN E 326 -9.55 17.13 26.81
CA GLN E 326 -10.63 16.17 26.99
C GLN E 326 -10.07 14.75 26.93
N VAL E 327 -9.78 14.19 28.09
CA VAL E 327 -9.07 12.91 28.19
C VAL E 327 -9.95 11.71 27.82
N GLU E 328 -11.27 11.89 27.88
CA GLU E 328 -12.20 10.81 27.61
C GLU E 328 -12.10 10.26 26.19
N HIS E 329 -11.53 11.05 25.29
CA HIS E 329 -11.37 10.62 23.91
C HIS E 329 -9.90 10.65 23.49
N TRP E 330 -9.05 10.04 24.31
CA TRP E 330 -7.62 10.02 24.05
C TRP E 330 -7.25 9.08 22.91
N GLN E 331 -8.02 7.99 22.77
CA GLN E 331 -7.76 7.00 21.73
C GLN E 331 -7.94 7.59 20.34
N SER E 332 -9.03 8.33 20.15
CA SER E 332 -9.33 8.95 18.87
C SER E 332 -8.22 9.91 18.46
N PHE E 333 -7.77 10.72 19.43
CA PHE E 333 -6.71 11.68 19.16
C PHE E 333 -5.40 10.98 18.84
N LEU E 334 -5.08 9.92 19.58
CA LEU E 334 -3.88 9.14 19.30
C LEU E 334 -3.92 8.59 17.88
N ALA E 335 -5.10 8.15 17.46
CA ALA E 335 -5.30 7.63 16.11
C ALA E 335 -5.10 8.72 15.06
N LEU E 336 -5.62 9.91 15.33
CA LEU E 336 -5.43 11.07 14.46
C LEU E 336 -3.94 11.40 14.31
N VAL E 337 -3.24 11.42 15.43
CA VAL E 337 -1.80 11.64 15.45
C VAL E 337 -1.09 10.58 14.60
N ASN E 338 -1.55 9.33 14.70
CA ASN E 338 -1.01 8.25 13.88
C ASN E 338 -1.22 8.54 12.39
N MET E 339 -2.41 9.05 12.05
CA MET E 339 -2.74 9.37 10.67
C MET E 339 -1.79 10.45 10.12
N ILE E 340 -1.58 11.50 10.92
CA ILE E 340 -0.65 12.56 10.55
C ILE E 340 0.76 12.00 10.38
N MET E 341 1.16 11.11 11.30
CA MET E 341 2.47 10.45 11.25
C MET E 341 2.62 9.64 9.96
N PHE E 342 1.51 9.05 9.52
CA PHE E 342 1.49 8.31 8.27
C PHE E 342 1.69 9.26 7.09
N CYS E 343 1.04 10.41 7.16
CA CYS E 343 1.21 11.44 6.14
C CYS E 343 2.65 11.93 6.07
N THR E 344 3.33 11.91 7.22
CA THR E 344 4.73 12.33 7.28
C THR E 344 5.66 11.30 6.65
N GLY E 345 5.32 10.03 6.81
CA GLY E 345 6.19 8.95 6.38
C GLY E 345 5.88 8.37 5.00
N ILE E 346 5.08 9.08 4.22
CA ILE E 346 4.76 8.65 2.86
C ILE E 346 6.06 8.49 2.06
N PRO E 347 6.31 7.27 1.55
CA PRO E 347 7.57 6.90 0.90
C PRO E 347 7.93 7.78 -0.31
N GLY E 348 9.21 8.11 -0.43
CA GLY E 348 9.68 8.96 -1.50
C GLY E 348 10.25 10.26 -0.98
N HIS E 349 10.45 11.23 -1.86
CA HIS E 349 10.93 12.54 -1.44
C HIS E 349 9.88 13.62 -1.67
N TYR E 350 9.87 14.62 -0.79
CA TYR E 350 8.86 15.68 -0.81
C TYR E 350 8.67 16.42 -2.14
N PRO E 351 9.75 16.93 -2.76
CA PRO E 351 9.50 17.75 -3.95
C PRO E 351 8.83 16.99 -5.09
N VAL E 352 9.12 15.71 -5.24
CA VAL E 352 8.63 14.97 -6.39
C VAL E 352 7.61 13.87 -6.07
N ASN E 353 7.97 12.94 -5.21
CA ASN E 353 7.13 11.76 -4.97
C ASN E 353 5.87 12.03 -4.17
N GLU E 354 5.91 12.99 -3.27
CA GLU E 354 4.77 13.24 -2.39
C GLU E 354 4.71 14.68 -1.89
N THR E 355 3.58 15.34 -2.12
CA THR E 355 3.40 16.74 -1.74
C THR E 355 2.97 16.84 -0.28
N THR E 356 2.69 15.68 0.30
CA THR E 356 2.01 15.59 1.60
C THR E 356 2.84 15.97 2.83
N SER E 357 3.99 15.32 3.00
CA SER E 357 4.79 15.41 4.23
C SER E 357 4.90 16.78 4.88
N SER E 358 5.28 17.79 4.10
CA SER E 358 5.52 19.13 4.63
C SER E 358 4.33 19.69 5.41
N LEU E 359 3.13 19.36 4.95
CA LEU E 359 1.89 19.80 5.61
C LEU E 359 1.88 19.44 7.10
N THR E 360 2.51 18.32 7.44
CA THR E 360 2.52 17.83 8.81
C THR E 360 3.53 18.57 9.68
N LEU E 361 4.54 19.16 9.07
CA LEU E 361 5.63 19.79 9.83
C LEU E 361 5.16 20.89 10.78
N THR E 362 4.08 21.57 10.41
CA THR E 362 3.52 22.63 11.23
C THR E 362 2.82 22.07 12.46
N PHE E 363 2.28 20.86 12.34
CA PHE E 363 1.58 20.20 13.44
C PHE E 363 2.52 19.69 14.52
N TRP E 364 3.61 19.04 14.09
CA TRP E 364 4.51 18.36 15.02
C TRP E 364 5.19 19.29 16.01
N TYR E 365 5.25 20.57 15.67
CA TYR E 365 5.65 21.57 16.64
C TYR E 365 4.51 21.75 17.65
N THR E 366 3.35 22.15 17.14
CA THR E 366 2.16 22.42 17.94
C THR E 366 1.93 21.41 19.08
N LEU E 367 1.74 20.14 18.72
CA LEU E 367 1.49 19.10 19.71
C LEU E 367 2.55 19.11 20.80
N GLN E 368 3.82 19.12 20.40
CA GLN E 368 4.92 19.22 21.36
C GLN E 368 4.73 20.44 22.25
N ASP E 369 4.52 21.59 21.61
CA ASP E 369 4.30 22.85 22.32
C ASP E 369 3.12 22.76 23.28
N ASP E 370 2.14 21.91 22.95
CA ASP E 370 0.97 21.76 23.80
C ASP E 370 1.24 20.80 24.96
N ILE E 371 2.10 19.82 24.72
CA ILE E 371 2.41 18.85 25.78
C ILE E 371 3.25 19.50 26.87
N LEU E 372 4.22 20.32 26.47
CA LEU E 372 5.08 21.02 27.41
C LEU E 372 4.38 22.22 28.03
N SER E 373 3.18 22.52 27.55
CA SER E 373 2.39 23.61 28.11
C SER E 373 1.50 23.09 29.23
N PHE E 374 1.54 21.78 29.43
CA PHE E 374 0.76 21.14 30.49
C PHE E 374 1.51 21.15 31.82
N GLU E 375 0.75 21.04 32.91
CA GLU E 375 1.35 20.92 34.24
C GLU E 375 2.07 19.59 34.35
N ALA E 376 3.12 19.56 35.17
CA ALA E 376 4.01 18.40 35.28
C ALA E 376 3.27 17.07 35.48
N GLU E 377 2.19 17.10 36.25
CA GLU E 377 1.41 15.90 36.54
C GLU E 377 0.76 15.34 35.28
N LYS E 378 0.24 16.21 34.43
CA LYS E 378 -0.38 15.79 33.17
C LYS E 378 0.65 15.70 32.06
N GLN E 379 1.61 16.63 32.10
CA GLN E 379 2.71 16.65 31.14
C GLN E 379 3.45 15.33 31.15
N ALA E 380 3.68 14.76 32.34
CA ALA E 380 4.40 13.50 32.44
C ALA E 380 3.62 12.37 31.78
N VAL E 381 2.30 12.39 31.94
CA VAL E 381 1.43 11.39 31.32
C VAL E 381 1.51 11.47 29.81
N TYR E 382 1.11 12.62 29.26
CA TYR E 382 1.13 12.80 27.81
C TYR E 382 2.52 12.67 27.21
N GLN E 383 3.55 12.89 28.03
CA GLN E 383 4.92 12.70 27.62
C GLN E 383 5.22 11.22 27.51
N GLN E 384 4.80 10.46 28.51
CA GLN E 384 4.98 9.01 28.49
C GLN E 384 4.27 8.41 27.28
N VAL E 385 3.17 9.05 26.88
CA VAL E 385 2.44 8.59 25.69
C VAL E 385 3.16 8.97 24.39
N TYR E 386 3.57 10.22 24.25
CA TYR E 386 4.01 10.73 22.95
C TYR E 386 5.52 10.88 22.73
N ARG E 387 6.33 10.53 23.72
CA ARG E 387 7.78 10.52 23.54
C ARG E 387 8.27 9.51 22.48
N PRO E 388 7.75 8.26 22.50
CA PRO E 388 8.17 7.37 21.41
C PRO E 388 7.61 7.81 20.07
N VAL E 389 6.47 8.51 20.09
CA VAL E 389 5.87 9.04 18.88
C VAL E 389 6.83 10.06 18.26
N TYR E 390 7.44 10.88 19.11
CA TYR E 390 8.38 11.89 18.63
C TYR E 390 9.75 11.30 18.30
N PHE E 391 10.07 10.16 18.89
CA PHE E 391 11.31 9.46 18.56
C PHE E 391 11.19 8.80 17.18
N GLN E 392 9.98 8.36 16.86
CA GLN E 392 9.71 7.81 15.54
C GLN E 392 9.71 8.93 14.52
N LEU E 393 9.30 10.12 14.94
CA LEU E 393 9.25 11.30 14.09
C LEU E 393 10.65 11.71 13.65
N VAL E 394 11.64 11.45 14.50
CA VAL E 394 13.03 11.75 14.18
C VAL E 394 13.53 10.80 13.10
N ASP E 395 13.20 9.51 13.25
CA ASP E 395 13.59 8.50 12.29
C ASP E 395 13.02 8.80 10.91
N VAL E 396 11.78 9.25 10.87
CA VAL E 396 11.11 9.57 9.61
C VAL E 396 11.72 10.82 8.97
N LEU E 397 11.81 11.90 9.73
CA LEU E 397 12.28 13.18 9.21
C LEU E 397 13.73 13.14 8.72
N LEU E 398 14.56 12.35 9.39
CA LEU E 398 15.96 12.24 9.00
C LEU E 398 16.13 11.41 7.73
N HIS E 399 15.14 10.56 7.46
CA HIS E 399 15.16 9.73 6.25
C HIS E 399 14.58 10.48 5.06
N LYS E 400 13.61 11.34 5.31
CA LYS E 400 12.98 12.13 4.26
C LYS E 400 13.90 13.23 3.78
N ALA E 401 14.70 13.77 4.71
CA ALA E 401 15.63 14.85 4.38
C ALA E 401 16.94 14.30 3.84
N GLN E 402 17.08 12.97 3.84
CA GLN E 402 18.24 12.32 3.27
C GLN E 402 18.24 12.48 1.76
N PHE E 403 19.34 13.01 1.21
CA PHE E 403 19.45 13.23 -0.23
C PHE E 403 19.29 11.95 -1.03
N PRO E 404 18.59 12.02 -2.16
CA PRO E 404 18.44 10.88 -3.06
C PRO E 404 19.75 10.51 -3.73
N SER E 405 19.75 9.43 -4.50
CA SER E 405 20.94 9.00 -5.23
C SER E 405 21.43 10.11 -6.13
N ASP E 406 22.75 10.21 -6.31
CA ASP E 406 23.32 11.25 -7.16
C ASP E 406 22.79 11.16 -8.59
N GLU E 407 22.70 9.93 -9.10
CA GLU E 407 22.16 9.67 -10.42
C GLU E 407 20.72 10.18 -10.50
N GLU E 408 19.97 9.97 -9.42
CA GLU E 408 18.58 10.39 -9.38
C GLU E 408 18.45 11.89 -9.16
N TYR E 409 19.30 12.46 -8.31
CA TYR E 409 19.26 13.89 -8.02
C TYR E 409 19.63 14.70 -9.25
N GLY E 410 20.45 14.12 -10.12
CA GLY E 410 20.81 14.78 -11.36
C GLY E 410 19.61 15.06 -12.25
N PHE E 411 18.62 14.16 -12.20
CA PHE E 411 17.42 14.29 -13.02
C PHE E 411 16.32 15.15 -12.39
N TRP E 412 16.53 15.55 -11.13
CA TRP E 412 15.56 16.41 -10.46
C TRP E 412 15.53 17.79 -11.10
N SER E 413 14.33 18.35 -11.22
CA SER E 413 14.18 19.71 -11.75
C SER E 413 14.78 20.72 -10.79
N SER E 414 15.25 21.85 -11.32
CA SER E 414 15.86 22.89 -10.50
C SER E 414 14.88 23.37 -9.43
N ASP E 415 13.63 23.55 -9.85
CA ASP E 415 12.57 23.96 -8.95
C ASP E 415 12.36 22.92 -7.87
N GLU E 416 12.48 21.64 -8.25
CA GLU E 416 12.33 20.55 -7.30
C GLU E 416 13.49 20.52 -6.30
N LYS E 417 14.71 20.74 -6.80
CA LYS E 417 15.88 20.82 -5.94
C LYS E 417 15.71 21.95 -4.93
N GLU E 418 15.21 23.10 -5.39
CA GLU E 418 14.99 24.25 -4.51
C GLU E 418 13.91 23.95 -3.47
N GLN E 419 12.83 23.32 -3.90
CA GLN E 419 11.75 22.92 -3.00
C GLN E 419 12.31 22.02 -1.90
N PHE E 420 13.09 21.03 -2.30
CA PHE E 420 13.70 20.10 -1.35
C PHE E 420 14.64 20.81 -0.39
N ARG E 421 15.36 21.81 -0.90
CA ARG E 421 16.27 22.61 -0.07
C ARG E 421 15.49 23.35 1.02
N ILE E 422 14.49 24.12 0.62
CA ILE E 422 13.66 24.88 1.56
C ILE E 422 12.99 23.96 2.58
N TYR E 423 12.41 22.86 2.10
CA TYR E 423 11.76 21.88 2.94
C TYR E 423 12.75 21.24 3.92
N ARG E 424 14.01 21.15 3.49
CA ARG E 424 15.08 20.64 4.35
C ARG E 424 15.40 21.66 5.43
N VAL E 425 15.28 22.94 5.11
CA VAL E 425 15.42 23.99 6.11
C VAL E 425 14.31 23.87 7.15
N ASP E 426 13.07 23.71 6.68
CA ASP E 426 11.92 23.55 7.56
C ASP E 426 12.08 22.36 8.51
N ILE E 427 12.56 21.24 7.97
CA ILE E 427 12.87 20.08 8.80
C ILE E 427 13.97 20.38 9.81
N SER E 428 15.00 21.10 9.37
CA SER E 428 16.08 21.51 10.25
C SER E 428 15.55 22.37 11.41
N ASP E 429 14.45 23.06 11.16
CA ASP E 429 13.81 23.87 12.20
C ASP E 429 13.00 22.99 13.17
N THR E 430 12.18 22.09 12.61
CA THR E 430 11.35 21.22 13.43
C THR E 430 12.18 20.26 14.29
N LEU E 431 13.40 19.96 13.87
CA LEU E 431 14.30 19.15 14.68
C LEU E 431 14.77 19.93 15.90
N MET E 432 15.07 21.21 15.69
CA MET E 432 15.40 22.12 16.78
C MET E 432 14.25 22.12 17.78
N TYR E 433 13.02 22.23 17.28
CA TYR E 433 11.87 22.22 18.18
C TYR E 433 11.71 20.89 18.93
N VAL E 434 12.01 19.78 18.26
CA VAL E 434 11.86 18.44 18.86
C VAL E 434 12.89 18.14 19.96
N TYR E 435 14.14 18.55 19.74
CA TYR E 435 15.20 18.34 20.73
C TYR E 435 14.82 18.89 22.10
N GLU E 436 14.04 19.97 22.10
CA GLU E 436 13.56 20.57 23.34
C GLU E 436 12.69 19.61 24.13
N MET E 437 11.96 18.74 23.45
CA MET E 437 11.07 17.80 24.13
C MET E 437 11.76 16.48 24.45
N LEU E 438 12.64 16.02 23.55
CA LEU E 438 13.28 14.72 23.76
C LEU E 438 14.55 14.75 24.63
N GLY E 439 15.23 15.89 24.64
CA GLY E 439 16.40 16.05 25.49
C GLY E 439 17.64 15.35 24.97
N ALA E 440 18.52 14.95 25.89
CA ALA E 440 19.81 14.37 25.54
C ALA E 440 19.71 12.91 25.08
N GLU E 441 18.58 12.26 25.35
CA GLU E 441 18.37 10.90 24.91
C GLU E 441 18.42 10.85 23.39
N LEU E 442 17.86 11.88 22.76
CA LEU E 442 17.90 12.05 21.32
C LEU E 442 19.34 12.15 20.83
N LEU E 443 20.13 12.98 21.49
CA LEU E 443 21.54 13.16 21.15
C LEU E 443 22.29 11.83 21.25
N SER E 444 21.95 11.06 22.28
CA SER E 444 22.58 9.74 22.48
C SER E 444 22.21 8.80 21.33
N ASN E 445 20.94 8.81 20.95
CA ASN E 445 20.49 8.00 19.81
C ASN E 445 21.21 8.38 18.52
N LEU E 446 21.32 9.68 18.27
CA LEU E 446 21.98 10.18 17.07
C LEU E 446 23.46 9.81 17.05
N TYR E 447 24.12 9.99 18.19
CA TYR E 447 25.55 9.67 18.31
C TYR E 447 25.80 8.19 18.10
N ASP E 448 24.98 7.35 18.73
CA ASP E 448 25.10 5.91 18.58
C ASP E 448 24.87 5.49 17.13
N LYS E 449 23.82 6.03 16.52
CA LYS E 449 23.50 5.71 15.12
C LYS E 449 24.66 6.08 14.19
N LEU E 450 25.11 7.33 14.27
CA LEU E 450 26.20 7.83 13.44
C LEU E 450 27.48 7.03 13.64
N GLY E 451 27.93 6.94 14.88
CA GLY E 451 29.15 6.23 15.22
C GLY E 451 29.15 4.77 14.81
N ARG E 452 28.08 4.06 15.18
CA ARG E 452 27.98 2.64 14.85
C ARG E 452 27.86 2.42 13.34
N LEU E 453 27.24 3.37 12.64
CA LEU E 453 27.16 3.29 11.19
C LEU E 453 28.54 3.46 10.57
N LEU E 454 29.34 4.35 11.15
CA LEU E 454 30.70 4.55 10.69
C LEU E 454 31.57 3.32 10.97
N THR E 455 31.33 2.68 12.11
CA THR E 455 32.09 1.50 12.51
C THR E 455 31.81 0.30 11.60
N SER E 456 30.56 0.16 11.19
CA SER E 456 30.14 -0.95 10.34
C SER E 456 30.74 -0.82 8.93
N GLU E 459 27.18 -2.89 5.16
CA GLU E 459 26.51 -1.81 4.43
C GLU E 459 27.50 -1.09 3.51
N PRO E 460 27.00 -0.68 2.34
CA PRO E 460 27.82 0.02 1.37
C PRO E 460 28.16 1.43 1.86
N TYR E 461 29.28 1.97 1.37
CA TYR E 461 29.74 3.29 1.79
C TYR E 461 28.89 4.40 1.16
N SER E 462 27.65 4.52 1.61
CA SER E 462 26.75 5.57 1.12
C SER E 462 26.86 6.83 1.97
N TRP E 463 27.17 7.95 1.34
CA TRP E 463 27.38 9.19 2.07
C TRP E 463 26.09 9.89 2.48
N GLN E 464 25.00 9.58 1.77
CA GLN E 464 23.73 10.26 2.01
C GLN E 464 23.17 10.04 3.42
N HIS E 465 23.35 8.82 3.93
CA HIS E 465 22.86 8.47 5.26
C HIS E 465 23.69 9.19 6.34
N THR E 466 25.00 9.08 6.20
CA THR E 466 25.94 9.76 7.08
C THR E 466 25.64 11.25 7.14
N GLU E 467 25.42 11.84 5.97
CA GLU E 467 25.12 13.26 5.86
C GLU E 467 23.75 13.59 6.45
N ALA E 468 22.82 12.64 6.38
CA ALA E 468 21.49 12.83 6.96
C ALA E 468 21.59 12.97 8.48
N LEU E 469 22.25 11.98 9.09
CA LEU E 469 22.49 11.99 10.53
C LEU E 469 23.24 13.26 10.95
N LEU E 470 24.35 13.53 10.26
CA LEU E 470 25.19 14.69 10.53
C LEU E 470 24.41 16.00 10.40
N TYR E 471 23.49 16.04 9.46
CA TYR E 471 22.64 17.21 9.22
C TYR E 471 21.66 17.39 10.36
N GLY E 472 21.13 16.27 10.85
CA GLY E 472 20.30 16.29 12.04
C GLY E 472 21.05 16.89 13.21
N PHE E 473 22.23 16.34 13.48
CA PHE E 473 23.07 16.83 14.58
C PHE E 473 23.45 18.30 14.40
N GLN E 474 23.59 18.73 13.15
CA GLN E 474 23.90 20.13 12.85
C GLN E 474 22.72 21.02 13.21
N SER E 475 21.52 20.59 12.82
CA SER E 475 20.30 21.32 13.09
C SER E 475 20.06 21.45 14.59
N ILE E 476 20.37 20.39 15.32
CA ILE E 476 20.17 20.36 16.77
C ILE E 476 21.25 21.13 17.53
N ALA E 477 22.46 21.15 16.98
CA ALA E 477 23.66 21.63 17.69
C ALA E 477 23.55 23.02 18.32
N GLU E 478 22.90 23.96 17.64
CA GLU E 478 22.86 25.34 18.11
C GLU E 478 22.06 25.51 19.40
N THR E 479 20.99 24.74 19.56
CA THR E 479 20.13 24.85 20.74
C THR E 479 20.58 23.94 21.88
N ILE E 480 21.60 23.11 21.62
CA ILE E 480 22.12 22.18 22.62
C ILE E 480 22.73 22.90 23.82
N ASP E 481 22.23 22.60 25.00
CA ASP E 481 22.73 23.20 26.23
C ASP E 481 23.96 22.47 26.75
N VAL E 482 24.89 23.22 27.36
CA VAL E 482 26.15 22.66 27.83
C VAL E 482 25.98 21.81 29.10
N ASN E 483 24.83 21.95 29.74
CA ASN E 483 24.57 21.24 30.99
C ASN E 483 24.44 19.72 30.81
N TYR E 484 23.86 19.31 29.69
CA TYR E 484 23.65 17.89 29.43
C TYR E 484 24.35 17.43 28.15
N SER E 485 25.29 18.23 27.68
CA SER E 485 26.01 17.93 26.45
C SER E 485 27.21 17.02 26.68
N ASP E 486 26.96 15.75 26.97
CA ASP E 486 28.03 14.78 27.17
C ASP E 486 28.35 14.04 25.88
N VAL E 487 27.46 14.12 24.90
CA VAL E 487 27.64 13.44 23.63
C VAL E 487 28.40 14.29 22.61
N VAL E 488 28.27 15.61 22.75
CA VAL E 488 28.96 16.57 21.88
C VAL E 488 30.47 16.34 21.72
N PRO E 489 31.20 16.07 22.83
CA PRO E 489 32.64 15.76 22.68
C PRO E 489 32.86 14.55 21.78
N GLY E 490 32.07 13.50 21.98
CA GLY E 490 32.17 12.29 21.18
C GLY E 490 31.87 12.57 19.72
N LEU E 491 30.89 13.44 19.47
CA LEU E 491 30.56 13.85 18.11
C LEU E 491 31.75 14.55 17.45
N ILE E 492 32.36 15.48 18.18
CA ILE E 492 33.56 16.16 17.71
C ILE E 492 34.66 15.14 17.44
N GLY E 493 34.67 14.06 18.22
CA GLY E 493 35.60 12.97 18.00
C GLY E 493 35.31 12.23 16.72
N LEU E 494 34.03 12.17 16.35
CA LEU E 494 33.62 11.48 15.13
C LEU E 494 33.91 12.28 13.87
N ILE E 495 33.71 13.59 13.94
CA ILE E 495 33.78 14.46 12.76
C ILE E 495 34.97 14.25 11.82
N PRO E 496 36.21 14.21 12.34
CA PRO E 496 37.34 14.08 11.41
C PRO E 496 37.40 12.74 10.70
N ARG E 497 36.73 11.72 11.25
CA ARG E 497 36.72 10.39 10.63
C ARG E 497 35.75 10.34 9.45
N ILE E 498 34.99 11.41 9.27
CA ILE E 498 34.05 11.51 8.16
C ILE E 498 34.78 11.90 6.89
N SER E 499 34.45 11.24 5.78
CA SER E 499 35.14 11.44 4.51
C SER E 499 34.77 12.75 3.82
N ILE E 500 35.77 13.39 3.20
CA ILE E 500 35.56 14.64 2.48
C ILE E 500 35.35 14.32 1.00
N SER E 501 35.00 13.07 0.71
CA SER E 501 34.81 12.62 -0.67
C SER E 501 33.71 13.40 -1.38
N ASN E 502 32.52 13.41 -0.81
CA ASN E 502 31.39 14.14 -1.39
C ASN E 502 31.27 15.56 -0.85
N VAL E 503 30.89 16.49 -1.72
CA VAL E 503 30.84 17.90 -1.38
C VAL E 503 29.75 18.24 -0.36
N GLN E 504 28.54 17.72 -0.57
CA GLN E 504 27.42 18.00 0.31
C GLN E 504 27.72 17.56 1.75
N LEU E 505 28.23 16.34 1.88
CA LEU E 505 28.60 15.79 3.17
C LEU E 505 29.63 16.66 3.87
N ALA E 506 30.58 17.16 3.10
CA ALA E 506 31.66 17.99 3.64
C ALA E 506 31.17 19.36 4.08
N ASP E 507 30.27 19.96 3.30
CA ASP E 507 29.68 21.23 3.68
C ASP E 507 28.83 21.06 4.94
N THR E 508 28.18 19.90 5.04
CA THR E 508 27.41 19.56 6.24
C THR E 508 28.35 19.45 7.44
N VAL E 509 29.53 18.87 7.22
CA VAL E 509 30.57 18.81 8.24
C VAL E 509 30.92 20.22 8.71
N MET E 510 31.23 21.09 7.76
CA MET E 510 31.62 22.47 8.06
C MET E 510 30.54 23.20 8.85
N PHE E 511 29.28 23.03 8.45
CA PHE E 511 28.18 23.69 9.14
C PHE E 511 27.92 23.11 10.54
N THR E 512 28.21 21.81 10.72
CA THR E 512 28.11 21.21 12.04
C THR E 512 29.18 21.81 12.96
N ILE E 513 30.41 21.87 12.46
CA ILE E 513 31.52 22.49 13.19
C ILE E 513 31.20 23.92 13.57
N GLY E 514 30.68 24.69 12.61
CA GLY E 514 30.27 26.06 12.86
C GLY E 514 29.15 26.16 13.87
N ALA E 515 28.29 25.13 13.91
CA ALA E 515 27.20 25.11 14.86
C ALA E 515 27.70 24.82 16.28
N LEU E 516 28.81 24.09 16.38
CA LEU E 516 29.39 23.78 17.68
C LEU E 516 30.41 24.82 18.14
N SER E 517 30.23 26.07 17.71
CA SER E 517 31.18 27.14 18.00
C SER E 517 31.20 27.51 19.50
N GLU E 518 30.04 27.87 20.03
CA GLU E 518 29.92 28.27 21.42
C GLU E 518 30.41 27.17 22.36
N TRP E 519 30.25 25.92 21.94
CA TRP E 519 30.75 24.79 22.71
C TRP E 519 32.26 24.68 22.56
N LEU E 520 32.77 25.03 21.37
CA LEU E 520 34.20 24.98 21.11
C LEU E 520 34.95 26.04 21.93
N ALA E 521 34.27 27.15 22.24
CA ALA E 521 34.88 28.21 23.03
C ALA E 521 35.09 27.81 24.49
N ASP E 522 34.13 27.06 25.05
CA ASP E 522 34.21 26.63 26.44
C ASP E 522 35.20 25.48 26.65
N HIS E 523 35.46 24.73 25.59
CA HIS E 523 36.36 23.59 25.67
C HIS E 523 37.45 23.68 24.60
N PRO E 524 38.43 24.58 24.81
CA PRO E 524 39.48 24.86 23.82
C PRO E 524 40.42 23.68 23.56
N VAL E 525 40.34 22.64 24.37
CA VAL E 525 41.19 21.46 24.19
C VAL E 525 40.83 20.72 22.91
N MET E 526 39.55 20.74 22.55
CA MET E 526 39.06 20.02 21.38
C MET E 526 39.26 20.82 20.08
N ILE E 527 39.49 22.12 20.23
CA ILE E 527 39.66 23.02 19.07
C ILE E 527 40.80 22.55 18.16
N ASN E 528 41.85 22.01 18.76
CA ASN E 528 42.99 21.51 18.00
C ASN E 528 42.61 20.34 17.08
N SER E 529 41.51 19.67 17.41
CA SER E 529 41.06 18.52 16.62
C SER E 529 40.27 18.94 15.39
N VAL E 530 39.54 20.05 15.51
CA VAL E 530 38.65 20.51 14.45
C VAL E 530 39.30 21.55 13.53
N LEU E 531 40.18 22.37 14.09
CA LEU E 531 40.82 23.46 13.35
C LEU E 531 41.50 23.08 12.02
N PRO E 532 42.31 22.01 11.99
CA PRO E 532 42.97 21.69 10.71
C PRO E 532 41.99 21.19 9.64
N LEU E 533 40.87 20.61 10.07
CA LEU E 533 39.87 20.09 9.14
C LEU E 533 39.13 21.23 8.44
N VAL E 534 38.98 22.35 9.14
CA VAL E 534 38.30 23.51 8.58
C VAL E 534 39.25 24.34 7.71
N LEU E 535 40.51 24.44 8.15
CA LEU E 535 41.52 25.19 7.42
C LEU E 535 41.79 24.56 6.06
N HIS E 536 41.72 23.23 6.01
CA HIS E 536 41.89 22.50 4.75
C HIS E 536 40.73 22.80 3.81
N ALA E 537 39.53 22.90 4.37
CA ALA E 537 38.33 23.18 3.58
C ALA E 537 38.34 24.61 3.04
N LEU E 538 39.19 25.46 3.64
CA LEU E 538 39.32 26.84 3.19
C LEU E 538 40.08 26.91 1.86
N GLY E 539 40.80 25.85 1.54
CA GLY E 539 41.55 25.77 0.29
C GLY E 539 40.65 25.40 -0.87
N ASN E 540 39.76 24.45 -0.65
CA ASN E 540 38.83 24.00 -1.68
C ASN E 540 37.76 25.05 -1.97
N PRO E 541 37.56 25.37 -3.26
CA PRO E 541 36.63 26.43 -3.68
C PRO E 541 35.16 26.02 -3.57
N GLU E 542 34.88 24.72 -3.53
CA GLU E 542 33.50 24.25 -3.50
C GLU E 542 32.89 24.31 -2.10
N LEU E 543 33.71 24.62 -1.10
CA LEU E 543 33.25 24.70 0.28
C LEU E 543 33.36 26.12 0.82
N SER E 544 33.62 27.06 -0.08
CA SER E 544 33.86 28.46 0.27
C SER E 544 32.83 29.06 1.24
N VAL E 545 31.56 28.87 0.93
CA VAL E 545 30.49 29.42 1.75
C VAL E 545 30.47 28.79 3.14
N SER E 546 30.79 27.49 3.19
CA SER E 546 30.71 26.75 4.45
C SER E 546 31.98 26.90 5.30
N SER E 547 33.13 26.75 4.69
CA SER E 547 34.42 26.78 5.39
C SER E 547 34.69 28.11 6.09
N VAL E 548 34.45 29.21 5.38
CA VAL E 548 34.71 30.54 5.91
C VAL E 548 33.69 30.97 6.96
N SER E 549 32.41 30.81 6.66
CA SER E 549 31.34 31.14 7.60
C SER E 549 31.49 30.37 8.90
N THR E 550 32.13 29.21 8.83
CA THR E 550 32.45 28.42 10.01
C THR E 550 33.63 29.03 10.75
N LEU E 551 34.68 29.38 10.02
CA LEU E 551 35.87 29.99 10.62
C LEU E 551 35.51 31.30 11.31
N LYS E 552 34.73 32.13 10.63
CA LYS E 552 34.26 33.40 11.19
C LYS E 552 33.38 33.18 12.41
N LYS E 553 32.83 31.96 12.53
CA LYS E 553 32.02 31.61 13.68
C LYS E 553 32.91 31.14 14.82
N ILE E 554 34.06 30.57 14.46
CA ILE E 554 35.04 30.13 15.46
C ILE E 554 35.78 31.32 16.04
N CYS E 555 36.43 32.08 15.15
CA CYS E 555 37.23 33.25 15.55
C CYS E 555 36.44 34.23 16.41
N ARG E 556 35.17 34.44 16.09
CA ARG E 556 34.33 35.36 16.85
C ARG E 556 34.03 34.80 18.23
N GLU E 557 33.82 33.49 18.32
CA GLU E 557 33.50 32.85 19.59
C GLU E 557 34.75 32.47 20.38
N CYS E 558 35.54 31.55 19.84
CA CYS E 558 36.76 31.11 20.50
C CYS E 558 37.95 31.96 20.06
N LYS E 559 38.03 33.18 20.60
CA LYS E 559 39.09 34.12 20.23
C LYS E 559 40.26 34.07 21.21
N TYR E 560 39.96 34.15 22.50
CA TYR E 560 40.98 34.25 23.53
C TYR E 560 41.86 33.00 23.63
N ASP E 561 41.36 31.87 23.14
CA ASP E 561 42.10 30.62 23.20
C ASP E 561 42.77 30.31 21.86
N LEU E 562 42.47 31.13 20.86
CA LEU E 562 42.99 30.96 19.50
C LEU E 562 44.47 31.35 19.21
N PRO E 563 45.07 32.30 19.96
CA PRO E 563 46.44 32.73 19.63
C PRO E 563 47.52 31.68 19.31
N PRO E 564 47.56 30.53 20.02
CA PRO E 564 48.61 29.57 19.64
C PRO E 564 48.47 29.03 18.22
N TYR E 565 47.23 28.93 17.73
CA TYR E 565 46.99 28.41 16.38
C TYR E 565 47.04 29.53 15.35
N ALA E 566 47.02 30.78 15.82
CA ALA E 566 46.86 31.96 14.97
C ALA E 566 47.86 32.06 13.82
N ALA E 567 49.10 31.60 14.04
CA ALA E 567 50.13 31.68 13.01
C ALA E 567 49.71 30.92 11.75
N ASN E 568 49.37 29.64 11.91
CA ASN E 568 48.94 28.81 10.80
C ASN E 568 47.61 29.29 10.23
N ILE E 569 46.78 29.90 11.07
CA ILE E 569 45.48 30.41 10.63
C ILE E 569 45.66 31.59 9.66
N VAL E 570 46.45 32.57 10.07
CA VAL E 570 46.71 33.73 9.22
C VAL E 570 47.54 33.33 8.00
N ALA E 571 48.45 32.39 8.18
CA ALA E 571 49.25 31.87 7.06
C ALA E 571 48.35 31.24 6.00
N VAL E 572 47.47 30.34 6.44
CA VAL E 572 46.54 29.67 5.54
C VAL E 572 45.56 30.65 4.92
N SER E 573 45.21 31.69 5.68
CA SER E 573 44.35 32.75 5.16
C SER E 573 45.06 33.47 4.01
N GLN E 574 46.34 33.75 4.21
CA GLN E 574 47.15 34.42 3.19
C GLN E 574 47.29 33.56 1.94
N ASP E 575 47.52 32.27 2.12
CA ASP E 575 47.66 31.36 1.00
C ASP E 575 46.34 31.22 0.23
N VAL E 576 45.24 31.05 0.96
CA VAL E 576 43.92 30.88 0.34
C VAL E 576 43.44 32.17 -0.32
N LEU E 577 43.94 33.31 0.13
CA LEU E 577 43.60 34.59 -0.48
C LEU E 577 44.49 34.87 -1.69
N MET E 578 45.72 34.34 -1.65
CA MET E 578 46.67 34.52 -2.74
C MET E 578 46.13 33.96 -4.05
N LYS E 579 45.49 32.80 -3.98
CA LYS E 579 44.80 32.24 -5.13
C LYS E 579 43.32 32.61 -5.05
N GLN E 580 42.71 32.90 -6.19
CA GLN E 580 41.31 33.31 -6.21
C GLN E 580 40.37 32.13 -5.93
N ILE E 581 40.44 31.60 -4.72
CA ILE E 581 39.60 30.48 -4.32
C ILE E 581 38.19 30.96 -3.99
N HIS E 582 38.09 32.06 -3.26
CA HIS E 582 36.82 32.58 -2.80
C HIS E 582 36.36 33.80 -3.59
N LYS E 583 35.05 33.99 -3.68
CA LYS E 583 34.49 35.21 -4.24
C LYS E 583 34.64 36.33 -3.21
N THR E 584 34.51 37.58 -3.67
CA THR E 584 34.71 38.74 -2.81
C THR E 584 33.89 38.70 -1.53
N SER E 585 32.64 38.26 -1.66
CA SER E 585 31.72 38.18 -0.54
C SER E 585 32.26 37.31 0.59
N GLN E 586 32.86 36.18 0.22
CA GLN E 586 33.48 35.30 1.20
C GLN E 586 34.75 35.91 1.77
N CYS E 587 35.47 36.64 0.92
CA CYS E 587 36.71 37.30 1.32
C CYS E 587 36.48 38.33 2.42
N MET E 588 35.36 39.05 2.33
CA MET E 588 35.00 40.01 3.37
C MET E 588 34.81 39.29 4.71
N TRP E 589 34.08 38.18 4.67
CA TRP E 589 33.89 37.35 5.85
C TRP E 589 35.23 36.87 6.40
N LEU E 590 36.15 36.56 5.50
CA LEU E 590 37.48 36.08 5.88
C LEU E 590 38.28 37.18 6.60
N MET E 591 38.13 38.41 6.13
CA MET E 591 38.77 39.54 6.79
C MET E 591 38.15 39.73 8.17
N GLN E 592 36.83 39.57 8.27
CA GLN E 592 36.15 39.65 9.56
C GLN E 592 36.68 38.60 10.54
N ALA E 593 36.87 37.39 10.04
CA ALA E 593 37.37 36.28 10.86
C ALA E 593 38.81 36.53 11.31
N LEU E 594 39.68 36.84 10.34
CA LEU E 594 41.10 37.10 10.61
C LEU E 594 41.26 38.22 11.62
N GLY E 595 40.51 39.30 11.44
CA GLY E 595 40.52 40.40 12.39
C GLY E 595 40.09 39.93 13.77
N PHE E 596 38.86 39.41 13.87
CA PHE E 596 38.30 38.95 15.13
C PHE E 596 39.25 38.02 15.91
N LEU E 597 40.01 37.22 15.17
CA LEU E 597 41.02 36.36 15.78
C LEU E 597 42.25 37.18 16.20
N LEU E 598 42.60 38.18 15.42
CA LEU E 598 43.77 39.00 15.69
C LEU E 598 43.57 39.92 16.90
N SER E 599 42.32 40.15 17.28
CA SER E 599 42.00 40.95 18.46
C SER E 599 42.62 40.37 19.73
N ALA E 600 42.66 39.05 19.81
CA ALA E 600 43.16 38.36 21.00
C ALA E 600 44.68 38.38 21.06
N LEU E 601 45.32 38.44 19.89
CA LEU E 601 46.77 38.46 19.81
C LEU E 601 47.36 39.68 20.52
N GLN E 602 48.53 39.49 21.13
CA GLN E 602 49.19 40.56 21.86
C GLN E 602 49.50 41.74 20.94
N VAL E 603 49.49 42.94 21.52
CA VAL E 603 49.64 44.19 20.77
C VAL E 603 50.83 44.19 19.81
N GLU E 604 51.96 43.65 20.25
CA GLU E 604 53.14 43.58 19.40
C GLU E 604 52.91 42.60 18.25
N GLU E 605 52.50 41.39 18.59
CA GLU E 605 52.20 40.36 17.61
C GLU E 605 51.05 40.78 16.70
N ILE E 606 50.07 41.46 17.28
CA ILE E 606 48.92 41.94 16.51
C ILE E 606 49.35 43.00 15.50
N LEU E 607 50.22 43.91 15.92
CA LEU E 607 50.74 44.96 15.05
C LEU E 607 51.56 44.37 13.92
N LYS E 608 52.50 43.48 14.27
CA LYS E 608 53.35 42.84 13.28
C LYS E 608 52.55 42.05 12.26
N ASN E 609 51.58 41.27 12.75
CA ASN E 609 50.75 40.46 11.88
C ASN E 609 49.86 41.30 10.98
N LEU E 610 49.28 42.37 11.54
CA LEU E 610 48.42 43.26 10.78
C LEU E 610 49.21 43.93 9.65
N HIS E 611 50.38 44.44 9.99
CA HIS E 611 51.25 45.07 9.01
C HIS E 611 51.65 44.08 7.91
N SER E 612 51.99 42.86 8.33
CA SER E 612 52.39 41.82 7.39
C SER E 612 51.27 41.47 6.44
N LEU E 613 50.05 41.36 6.96
CA LEU E 613 48.89 40.98 6.15
C LEU E 613 48.48 42.09 5.19
N ILE E 614 48.53 43.34 5.66
CA ILE E 614 48.06 44.47 4.87
C ILE E 614 49.09 44.97 3.84
N SER E 615 50.37 44.75 4.14
CA SER E 615 51.46 45.30 3.32
C SER E 615 51.39 45.06 1.80
N PRO E 616 51.20 43.80 1.36
CA PRO E 616 51.20 43.60 -0.10
C PRO E 616 50.00 44.24 -0.79
N TYR E 617 48.87 44.29 -0.10
CA TYR E 617 47.67 44.92 -0.64
C TYR E 617 47.85 46.43 -0.68
N ILE E 618 48.58 46.98 0.29
CA ILE E 618 48.84 48.41 0.37
C ILE E 618 49.72 48.85 -0.80
N GLN E 619 50.70 48.02 -1.15
CA GLN E 619 51.58 48.32 -2.27
C GLN E 619 50.81 48.23 -3.59
N GLN E 620 49.88 47.28 -3.65
CA GLN E 620 49.03 47.14 -4.83
C GLN E 620 48.10 48.33 -4.96
N LEU E 621 47.63 48.84 -3.82
CA LEU E 621 46.76 50.01 -3.80
C LEU E 621 47.52 51.26 -4.25
N GLU E 622 48.79 51.34 -3.86
CA GLU E 622 49.64 52.46 -4.23
C GLU E 622 49.92 52.46 -5.73
N LYS E 623 50.09 51.27 -6.28
CA LYS E 623 50.34 51.12 -7.71
C LYS E 623 49.11 51.51 -8.51
N LEU E 624 47.94 51.14 -8.02
CA LEU E 624 46.68 51.48 -8.67
C LEU E 624 46.41 52.98 -8.53
N ALA E 625 46.88 53.56 -7.44
CA ALA E 625 46.68 54.98 -7.16
C ALA E 625 47.42 55.85 -8.17
N GLU E 626 48.60 55.40 -8.59
CA GLU E 626 49.42 56.15 -9.53
C GLU E 626 48.86 56.08 -10.95
N GLU E 627 48.15 54.99 -11.25
CA GLU E 627 47.62 54.76 -12.58
C GLU E 627 46.44 55.67 -12.90
N ILE E 628 46.21 55.89 -14.19
CA ILE E 628 45.07 56.66 -14.66
C ILE E 628 43.78 55.88 -14.41
N PRO E 629 42.68 56.61 -14.15
CA PRO E 629 41.37 56.01 -13.87
C PRO E 629 40.89 55.06 -14.96
N ASN E 630 40.53 53.84 -14.56
CA ASN E 630 40.03 52.83 -15.48
C ASN E 630 39.07 51.91 -14.71
N PRO E 631 38.02 51.42 -15.39
CA PRO E 631 37.03 50.53 -14.76
C PRO E 631 37.64 49.22 -14.27
N SER E 632 38.48 48.62 -15.11
CA SER E 632 39.18 47.39 -14.77
C SER E 632 40.02 47.58 -13.51
N ASN E 633 40.50 48.81 -13.31
CA ASN E 633 41.23 49.15 -12.11
C ASN E 633 40.26 49.50 -10.99
N LYS E 634 39.13 50.07 -11.35
CA LYS E 634 38.11 50.47 -10.38
C LYS E 634 37.61 49.30 -9.55
N LEU E 635 37.26 48.20 -10.22
CA LEU E 635 36.79 47.01 -9.50
C LEU E 635 37.86 46.49 -8.53
N ALA E 636 39.10 46.41 -9.01
CA ALA E 636 40.23 45.93 -8.22
C ALA E 636 40.48 46.82 -6.99
N ILE E 637 40.29 48.13 -7.15
CA ILE E 637 40.44 49.06 -6.03
C ILE E 637 39.32 48.85 -5.02
N VAL E 638 38.11 48.66 -5.54
CA VAL E 638 36.95 48.37 -4.70
C VAL E 638 37.19 47.14 -3.83
N HIS E 639 37.82 46.12 -4.41
CA HIS E 639 38.14 44.91 -3.66
C HIS E 639 39.01 45.20 -2.43
N ILE E 640 40.11 45.90 -2.65
CA ILE E 640 41.03 46.25 -1.56
C ILE E 640 40.36 47.11 -0.50
N LEU E 641 39.63 48.14 -0.95
CA LEU E 641 38.91 49.02 -0.02
C LEU E 641 37.93 48.22 0.85
N GLY E 642 37.24 47.29 0.22
CA GLY E 642 36.31 46.42 0.93
C GLY E 642 37.00 45.54 1.96
N LEU E 643 38.11 44.92 1.55
CA LEU E 643 38.88 44.06 2.45
C LEU E 643 39.32 44.83 3.69
N LEU E 644 39.88 46.01 3.48
CA LEU E 644 40.30 46.86 4.60
C LEU E 644 39.13 47.23 5.50
N SER E 645 38.03 47.68 4.88
CA SER E 645 36.84 48.11 5.61
C SER E 645 36.27 47.00 6.50
N ASN E 646 36.26 45.76 6.01
CA ASN E 646 35.79 44.63 6.80
C ASN E 646 36.78 44.32 7.91
N LEU E 647 38.07 44.32 7.56
CA LEU E 647 39.14 44.05 8.52
C LEU E 647 39.11 44.99 9.73
N PHE E 648 38.71 46.23 9.49
CA PHE E 648 38.63 47.21 10.58
C PHE E 648 37.46 46.92 11.52
N THR E 649 36.31 46.55 10.96
CA THR E 649 35.13 46.23 11.76
C THR E 649 35.33 44.95 12.56
N THR E 650 36.14 44.06 12.01
CA THR E 650 36.40 42.75 12.61
C THR E 650 36.77 42.72 14.10
N LEU E 651 37.76 43.51 14.47
CA LEU E 651 38.37 43.39 15.78
C LEU E 651 38.39 44.68 16.59
N ASP E 652 38.30 44.54 17.92
CA ASP E 652 38.41 45.67 18.83
C ASP E 652 39.39 45.34 19.93
N ILE E 653 40.44 46.15 20.03
CA ILE E 653 41.46 45.99 21.07
C ILE E 653 40.88 46.27 22.45
N SER E 654 40.03 47.28 22.52
CA SER E 654 39.37 47.66 23.76
C SER E 654 38.47 46.53 24.30
N HIS E 655 37.81 45.84 23.37
CA HIS E 655 36.93 44.73 23.70
C HIS E 655 35.84 45.11 24.70
N ASN E 675 44.66 51.57 20.00
CA ASN E 675 44.49 50.62 18.92
C ASN E 675 45.52 50.84 17.82
N PRO E 676 46.14 49.76 17.32
CA PRO E 676 47.11 49.82 16.24
C PRO E 676 46.44 50.11 14.91
N VAL E 677 45.13 49.89 14.86
CA VAL E 677 44.35 50.17 13.66
C VAL E 677 44.35 51.67 13.37
N VAL E 678 44.42 52.46 14.43
CA VAL E 678 44.51 53.92 14.29
C VAL E 678 45.84 54.30 13.65
N VAL E 679 46.90 53.60 14.04
CA VAL E 679 48.22 53.84 13.48
C VAL E 679 48.29 53.41 12.03
N VAL E 680 47.69 52.26 11.72
CA VAL E 680 47.65 51.76 10.36
C VAL E 680 46.86 52.70 9.46
N LEU E 681 45.73 53.19 9.97
CA LEU E 681 44.92 54.15 9.24
C LEU E 681 45.69 55.46 9.03
N GLN E 682 46.46 55.84 10.05
CA GLN E 682 47.25 57.08 9.98
C GLN E 682 48.35 56.97 8.93
N GLN E 683 48.98 55.81 8.83
CA GLN E 683 50.08 55.62 7.90
C GLN E 683 49.59 55.35 6.48
N VAL E 684 48.36 54.86 6.35
CA VAL E 684 47.78 54.58 5.04
C VAL E 684 46.88 55.71 4.56
N PHE E 685 46.73 56.74 5.38
CA PHE E 685 45.84 57.85 5.07
C PHE E 685 46.27 58.66 3.85
N GLN E 686 47.56 58.61 3.52
CA GLN E 686 48.08 59.35 2.38
C GLN E 686 47.59 58.78 1.05
N LEU E 687 47.34 57.47 1.04
CA LEU E 687 46.88 56.80 -0.18
C LEU E 687 45.39 57.04 -0.42
N ILE E 688 44.71 57.54 0.60
CA ILE E 688 43.27 57.80 0.50
C ILE E 688 42.99 58.94 -0.47
N GLN E 689 43.84 59.96 -0.45
CA GLN E 689 43.68 61.10 -1.35
C GLN E 689 43.89 60.67 -2.80
N LYS E 690 44.81 59.73 -3.00
CA LYS E 690 45.11 59.22 -4.32
C LYS E 690 44.06 58.22 -4.78
N ALA E 699 32.89 54.51 -9.88
CA ALA E 699 32.33 55.28 -8.79
C ALA E 699 32.09 54.43 -7.54
N GLN E 700 31.42 55.04 -6.55
CA GLN E 700 31.18 54.40 -5.25
C GLN E 700 32.46 54.04 -4.50
N VAL E 701 33.58 54.54 -5.00
CA VAL E 701 34.87 54.33 -4.35
C VAL E 701 34.97 55.18 -3.09
N VAL E 702 34.30 56.33 -3.13
CA VAL E 702 34.26 57.23 -1.99
C VAL E 702 33.40 56.64 -0.88
N GLU E 703 32.45 55.81 -1.26
CA GLU E 703 31.59 55.14 -0.29
C GLU E 703 32.31 53.97 0.40
N ALA E 704 33.28 53.37 -0.29
CA ALA E 704 34.07 52.30 0.29
C ALA E 704 35.18 52.89 1.16
N VAL E 705 35.79 53.95 0.64
CA VAL E 705 36.79 54.69 1.38
C VAL E 705 36.17 55.29 2.64
N CYS E 706 34.89 55.63 2.55
CA CYS E 706 34.14 56.08 3.71
C CYS E 706 33.82 54.90 4.61
N ALA E 707 33.46 53.76 4.00
CA ALA E 707 33.11 52.56 4.74
C ALA E 707 34.25 52.11 5.65
N ILE E 708 35.48 52.32 5.20
CA ILE E 708 36.64 52.03 6.05
C ILE E 708 36.57 52.85 7.35
N PHE E 709 36.38 54.15 7.20
CA PHE E 709 36.33 55.05 8.35
C PHE E 709 35.10 54.81 9.23
N GLU E 710 33.99 54.42 8.61
CA GLU E 710 32.75 54.20 9.33
C GLU E 710 32.85 52.92 10.17
N LYS E 711 33.36 51.86 9.56
CA LYS E 711 33.56 50.59 10.24
C LYS E 711 34.59 50.74 11.35
N SER E 712 35.70 51.41 11.04
CA SER E 712 36.77 51.61 12.01
C SER E 712 36.32 52.48 13.18
N VAL E 713 35.45 53.45 12.90
CA VAL E 713 34.94 54.32 13.96
C VAL E 713 33.88 53.61 14.78
N LYS E 714 33.15 52.71 14.15
CA LYS E 714 32.14 51.91 14.83
C LYS E 714 32.80 50.89 15.76
N THR E 715 33.95 50.35 15.35
CA THR E 715 34.62 49.33 16.15
C THR E 715 35.33 49.91 17.37
N LEU E 716 35.65 51.19 17.33
CA LEU E 716 36.37 51.84 18.44
C LEU E 716 35.72 53.16 18.84
N LEU E 717 35.22 53.21 20.07
CA LEU E 717 34.52 54.40 20.56
C LEU E 717 35.48 55.48 21.05
N ASP E 718 36.34 55.12 21.99
CA ASP E 718 37.28 56.07 22.59
C ASP E 718 38.58 56.15 21.79
N ASP E 719 39.00 55.02 21.24
CA ASP E 719 40.28 54.91 20.55
C ASP E 719 40.26 55.50 19.14
N PHE E 720 39.16 56.13 18.77
CA PHE E 720 39.03 56.73 17.44
C PHE E 720 39.43 58.19 17.45
N ALA E 721 39.76 58.71 18.63
CA ALA E 721 40.13 60.11 18.80
C ALA E 721 41.38 60.59 18.03
N PRO E 722 42.50 59.85 18.10
CA PRO E 722 43.73 60.37 17.47
C PRO E 722 43.64 60.55 15.95
N MET E 723 42.57 60.09 15.32
CA MET E 723 42.41 60.23 13.88
C MET E 723 41.35 61.27 13.52
N VAL E 724 40.73 61.85 14.55
CA VAL E 724 39.66 62.83 14.36
C VAL E 724 40.03 64.07 13.52
N PRO E 725 41.17 64.71 13.80
CA PRO E 725 41.49 65.90 12.99
C PRO E 725 41.75 65.57 11.52
N GLN E 726 42.30 64.38 11.25
CA GLN E 726 42.59 63.97 9.88
C GLN E 726 41.34 63.54 9.14
N LEU E 727 40.45 62.84 9.84
CA LEU E 727 39.23 62.32 9.24
C LEU E 727 38.23 63.42 8.88
N CYS E 728 38.20 64.47 9.70
CA CYS E 728 37.26 65.58 9.49
C CYS E 728 37.59 66.37 8.24
N GLU E 729 38.87 66.49 7.93
CA GLU E 729 39.32 67.22 6.75
C GLU E 729 39.07 66.44 5.47
N MET E 730 39.23 65.12 5.55
CA MET E 730 39.03 64.25 4.40
C MET E 730 37.55 64.10 4.04
N LEU E 731 36.72 63.93 5.07
CA LEU E 731 35.28 63.77 4.87
C LEU E 731 34.63 65.10 4.49
N GLY E 732 35.13 66.19 5.08
CA GLY E 732 34.61 67.52 4.81
C GLY E 732 34.82 67.94 3.36
N ARG E 733 35.97 67.60 2.81
CA ARG E 733 36.30 67.93 1.43
C ARG E 733 35.53 67.01 0.46
N MET E 734 35.29 65.78 0.90
CA MET E 734 34.54 64.82 0.09
C MET E 734 33.06 65.19 0.00
N TYR E 735 32.50 65.67 1.11
CA TYR E 735 31.09 66.04 1.15
C TYR E 735 30.83 67.31 0.35
N SER E 736 31.83 68.16 0.25
CA SER E 736 31.72 69.41 -0.50
C SER E 736 31.75 69.14 -2.00
N THR E 737 32.45 68.09 -2.40
CA THR E 737 32.54 67.71 -3.81
C THR E 737 31.35 66.86 -4.23
N ILE E 738 31.23 65.68 -3.61
CA ILE E 738 30.13 64.77 -3.91
C ILE E 738 29.47 64.29 -2.62
N PRO E 739 28.24 64.77 -2.36
CA PRO E 739 27.52 64.48 -1.11
C PRO E 739 26.78 63.15 -1.13
N GLN E 740 26.84 62.43 -0.02
CA GLN E 740 26.11 61.18 0.16
C GLN E 740 25.60 61.09 1.59
N ALA E 741 24.58 60.26 1.81
CA ALA E 741 23.96 60.14 3.12
C ALA E 741 24.89 59.48 4.15
N SER E 742 25.72 58.55 3.66
CA SER E 742 26.66 57.83 4.51
C SER E 742 27.62 58.77 5.24
N ALA E 743 27.97 59.87 4.58
CA ALA E 743 28.83 60.88 5.19
C ALA E 743 28.14 61.54 6.37
N LEU E 744 26.86 61.88 6.19
CA LEU E 744 26.05 62.45 7.25
C LEU E 744 25.96 61.49 8.43
N ASP E 745 25.75 60.20 8.13
CA ASP E 745 25.70 59.18 9.16
C ASP E 745 27.03 59.07 9.92
N LEU E 746 28.15 59.15 9.19
CA LEU E 746 29.47 59.11 9.80
C LEU E 746 29.66 60.29 10.76
N THR E 747 29.29 61.48 10.29
CA THR E 747 29.34 62.67 11.13
C THR E 747 28.51 62.50 12.39
N ARG E 748 27.33 61.88 12.24
CA ARG E 748 26.47 61.60 13.38
C ARG E 748 27.19 60.68 14.37
N GLN E 749 27.83 59.63 13.85
CA GLN E 749 28.56 58.68 14.69
C GLN E 749 29.67 59.36 15.48
N LEU E 750 30.47 60.17 14.79
CA LEU E 750 31.55 60.91 15.46
C LEU E 750 30.99 61.85 16.53
N VAL E 751 29.91 62.55 16.20
CA VAL E 751 29.26 63.47 17.12
C VAL E 751 28.79 62.76 18.39
N HIS E 752 28.19 61.58 18.23
CA HIS E 752 27.74 60.80 19.38
C HIS E 752 28.93 60.28 20.19
N ILE E 753 30.01 59.94 19.49
CA ILE E 753 31.19 59.35 20.14
C ILE E 753 32.00 60.34 20.99
N PHE E 754 32.30 61.52 20.44
CA PHE E 754 33.19 62.46 21.10
C PHE E 754 32.50 63.70 21.70
N ALA E 755 31.23 63.56 22.08
CA ALA E 755 30.47 64.69 22.62
C ALA E 755 30.98 65.17 23.98
N HIS E 756 31.17 64.24 24.91
CA HIS E 756 31.57 64.58 26.27
C HIS E 756 33.01 65.10 26.35
N GLU E 757 33.88 64.54 25.52
CA GLU E 757 35.29 64.94 25.50
C GLU E 757 35.50 66.16 24.61
N PRO E 758 35.95 67.28 25.21
CA PRO E 758 36.16 68.54 24.48
C PRO E 758 37.52 68.60 23.80
N ALA E 759 38.36 67.59 24.03
CA ALA E 759 39.70 67.59 23.46
C ALA E 759 39.71 67.29 21.96
N HIS E 760 38.72 66.53 21.50
CA HIS E 760 38.65 66.13 20.10
C HIS E 760 37.44 66.74 19.39
N PHE E 761 36.68 67.56 20.11
CA PHE E 761 35.49 68.22 19.56
C PHE E 761 35.69 69.30 18.47
N PRO E 762 36.69 70.19 18.63
CA PRO E 762 36.84 71.31 17.68
C PRO E 762 36.79 70.99 16.17
N PRO E 763 37.49 69.95 15.69
CA PRO E 763 37.37 69.71 14.24
C PRO E 763 35.99 69.20 13.86
N ILE E 764 35.45 68.32 14.70
CA ILE E 764 34.13 67.75 14.49
C ILE E 764 33.05 68.81 14.38
N GLU E 765 33.15 69.86 15.20
CA GLU E 765 32.21 70.96 15.15
C GLU E 765 32.18 71.62 13.76
N ALA E 766 33.35 72.00 13.28
CA ALA E 766 33.49 72.62 11.97
C ALA E 766 32.96 71.71 10.86
N LEU E 767 33.32 70.43 10.93
CA LEU E 767 32.83 69.46 9.96
C LEU E 767 31.29 69.41 9.93
N PHE E 768 30.69 69.36 11.12
CA PHE E 768 29.23 69.33 11.25
C PHE E 768 28.58 70.58 10.64
N LEU E 769 29.09 71.75 11.02
CA LEU E 769 28.57 73.01 10.47
C LEU E 769 28.66 73.05 8.96
N LEU E 770 29.81 72.64 8.42
CA LEU E 770 30.01 72.57 6.97
C LEU E 770 28.96 71.67 6.32
N VAL E 771 28.76 70.49 6.92
CA VAL E 771 27.75 69.55 6.41
C VAL E 771 26.37 70.18 6.37
N THR E 772 26.02 70.89 7.44
CA THR E 772 24.74 71.59 7.51
C THR E 772 24.60 72.62 6.38
N SER E 773 25.62 73.45 6.19
CA SER E 773 25.59 74.46 5.13
C SER E 773 25.42 73.84 3.74
N VAL E 774 26.27 72.85 3.44
CA VAL E 774 26.21 72.15 2.15
C VAL E 774 24.84 71.53 1.90
N THR E 775 24.32 70.81 2.89
CA THR E 775 23.02 70.17 2.76
C THR E 775 21.92 71.19 2.53
N LEU E 776 21.93 72.26 3.31
CA LEU E 776 20.91 73.30 3.18
C LEU E 776 20.95 73.99 1.82
N THR E 777 22.16 74.16 1.28
CA THR E 777 22.31 74.75 -0.05
C THR E 777 21.87 73.77 -1.14
N LEU E 778 22.03 72.49 -0.86
CA LEU E 778 21.67 71.45 -1.83
C LEU E 778 20.16 71.16 -1.84
N PHE E 779 19.49 71.51 -0.74
CA PHE E 779 18.05 71.28 -0.64
C PHE E 779 17.26 72.30 -1.45
N GLN E 780 17.90 73.42 -1.79
CA GLN E 780 17.25 74.47 -2.56
C GLN E 780 17.07 74.04 -4.01
N GLN E 781 18.05 73.31 -4.53
CA GLN E 781 18.01 72.85 -5.92
C GLN E 781 16.92 71.82 -6.12
N GLY E 782 16.81 70.87 -5.21
CA GLY E 782 15.82 69.81 -5.32
C GLY E 782 15.14 69.50 -4.00
N PRO E 783 13.85 69.84 -3.88
CA PRO E 783 13.05 69.51 -2.70
C PRO E 783 12.99 68.01 -2.46
N ARG E 784 12.57 67.25 -3.46
CA ARG E 784 12.42 65.80 -3.33
C ARG E 784 13.45 65.03 -4.15
N ASP E 785 14.50 65.71 -4.58
CA ASP E 785 15.52 65.10 -5.42
C ASP E 785 16.35 64.05 -4.68
N HIS E 786 16.60 64.29 -3.40
CA HIS E 786 17.44 63.39 -2.61
C HIS E 786 16.92 63.23 -1.18
N PRO E 787 16.00 62.28 -0.97
CA PRO E 787 15.42 61.99 0.35
C PRO E 787 16.41 61.24 1.24
N ASP E 788 17.36 60.53 0.62
CA ASP E 788 18.36 59.77 1.35
C ASP E 788 19.22 60.68 2.21
N ILE E 789 19.68 61.78 1.61
CA ILE E 789 20.53 62.75 2.31
C ILE E 789 19.74 63.52 3.36
N VAL E 790 18.47 63.78 3.08
CA VAL E 790 17.60 64.51 4.00
C VAL E 790 17.29 63.69 5.25
N ASP E 791 17.00 62.40 5.05
CA ASP E 791 16.68 61.51 6.15
C ASP E 791 17.90 61.29 7.05
N SER E 792 19.08 61.26 6.44
CA SER E 792 20.33 61.08 7.18
C SER E 792 20.65 62.30 8.04
N PHE E 793 21.21 62.04 9.21
CA PHE E 793 21.60 63.09 10.16
C PHE E 793 20.44 64.01 10.54
N MET E 794 19.25 63.44 10.62
CA MET E 794 18.06 64.20 11.01
C MET E 794 17.90 64.24 12.52
N ASP E 814 22.42 78.39 11.42
CA ASP E 814 21.11 78.97 11.19
C ASP E 814 19.99 78.05 11.67
N VAL E 815 19.21 78.52 12.65
CA VAL E 815 18.11 77.74 13.20
C VAL E 815 16.89 77.79 12.29
N LYS E 816 16.63 78.97 11.75
CA LYS E 816 15.42 79.22 10.96
C LYS E 816 15.35 78.37 9.68
N ALA E 817 16.43 78.39 8.91
CA ALA E 817 16.48 77.65 7.65
C ALA E 817 16.32 76.14 7.89
N VAL E 818 17.02 75.63 8.90
CA VAL E 818 16.94 74.23 9.28
C VAL E 818 15.50 73.86 9.68
N PHE E 819 14.90 74.69 10.53
CA PHE E 819 13.52 74.47 10.97
C PHE E 819 12.56 74.47 9.78
N GLN E 820 12.82 75.33 8.81
CA GLN E 820 12.00 75.39 7.60
C GLN E 820 12.13 74.11 6.79
N CYS E 821 13.36 73.65 6.63
CA CYS E 821 13.63 72.42 5.88
C CYS E 821 12.96 71.21 6.54
N ALA E 822 13.01 71.15 7.86
CA ALA E 822 12.39 70.06 8.60
C ALA E 822 10.86 70.14 8.49
N VAL E 823 10.33 71.35 8.61
CA VAL E 823 8.90 71.60 8.50
C VAL E 823 8.37 71.17 7.15
N LEU E 824 9.14 71.44 6.10
CA LEU E 824 8.78 70.99 4.76
C LEU E 824 8.96 69.48 4.63
N ALA E 825 9.91 68.94 5.39
CA ALA E 825 10.21 67.51 5.34
C ALA E 825 9.12 66.66 5.99
N LEU E 826 8.39 67.26 6.92
CA LEU E 826 7.28 66.56 7.57
C LEU E 826 6.13 66.25 6.61
N LYS E 827 6.19 66.81 5.41
CA LYS E 827 5.15 66.58 4.39
C LYS E 827 5.68 65.79 3.20
N PHE E 828 6.79 65.09 3.40
CA PHE E 828 7.40 64.28 2.35
C PHE E 828 6.61 63.00 2.08
N PRO E 829 6.67 62.50 0.84
CA PRO E 829 6.00 61.24 0.48
C PRO E 829 6.68 60.02 1.11
N GLU E 830 8.01 60.06 1.24
CA GLU E 830 8.75 58.96 1.85
C GLU E 830 8.45 58.85 3.34
N ALA E 831 8.43 57.62 3.85
CA ALA E 831 8.09 57.39 5.26
C ALA E 831 9.23 57.54 6.27
N PRO E 832 10.38 56.85 6.03
CA PRO E 832 11.43 56.94 7.05
C PRO E 832 12.01 58.34 7.18
N THR E 833 11.96 59.12 6.11
CA THR E 833 12.42 60.50 6.14
C THR E 833 11.51 61.33 7.04
N VAL E 834 10.21 61.11 6.92
CA VAL E 834 9.23 61.80 7.75
C VAL E 834 9.38 61.39 9.22
N LYS E 835 9.60 60.10 9.47
CA LYS E 835 9.80 59.63 10.83
C LYS E 835 11.06 60.27 11.44
N ALA E 836 12.13 60.31 10.65
CA ALA E 836 13.39 60.91 11.09
C ALA E 836 13.21 62.40 11.36
N SER E 837 12.39 63.06 10.56
CA SER E 837 12.07 64.47 10.78
C SER E 837 11.25 64.65 12.05
N CYS E 838 10.43 63.65 12.36
CA CYS E 838 9.62 63.68 13.59
C CYS E 838 10.50 63.45 14.80
N GLY E 839 11.63 62.77 14.58
CA GLY E 839 12.61 62.57 15.63
C GLY E 839 13.16 63.88 16.17
N PHE E 840 13.47 64.80 15.25
CA PHE E 840 14.01 66.10 15.64
C PHE E 840 12.98 66.95 16.35
N GLU E 850 14.00 76.15 26.16
CA GLU E 850 15.08 75.84 27.09
C GLU E 850 16.38 76.51 26.67
N VAL E 851 16.41 76.99 25.43
CA VAL E 851 17.58 77.69 24.89
C VAL E 851 17.16 78.88 24.05
N GLU E 852 18.08 79.84 23.88
CA GLU E 852 17.80 81.02 23.08
C GLU E 852 17.57 80.63 21.62
N SER E 853 18.37 79.68 21.14
CA SER E 853 18.20 79.16 19.79
C SER E 853 16.86 78.43 19.67
N VAL E 854 16.51 77.70 20.72
CA VAL E 854 15.23 77.00 20.76
C VAL E 854 14.08 78.00 20.76
N GLY E 855 14.28 79.11 21.45
CA GLY E 855 13.29 80.17 21.49
C GLY E 855 13.13 80.80 20.12
N LYS E 856 14.24 80.96 19.42
CA LYS E 856 14.23 81.50 18.06
C LYS E 856 13.48 80.55 17.13
N VAL E 857 13.69 79.25 17.33
CA VAL E 857 13.02 78.23 16.52
C VAL E 857 11.51 78.26 16.80
N VAL E 858 11.16 78.49 18.07
CA VAL E 858 9.75 78.58 18.46
C VAL E 858 9.12 79.82 17.84
N GLN E 859 9.90 80.88 17.73
CA GLN E 859 9.43 82.12 17.13
C GLN E 859 9.25 81.95 15.63
N GLU E 860 10.09 81.11 15.03
CA GLU E 860 10.01 80.83 13.60
C GLU E 860 8.69 80.15 13.25
N ASP E 861 8.35 79.11 14.01
CA ASP E 861 7.09 78.40 13.82
C ASP E 861 6.73 77.61 15.07
N ILE E 867 1.11 73.52 12.29
CA ILE E 867 0.35 73.47 11.05
C ILE E 867 0.75 72.26 10.21
N ALA E 868 2.05 71.97 10.16
CA ALA E 868 2.55 70.83 9.41
C ALA E 868 2.10 69.53 10.07
N VAL E 869 2.25 69.47 11.39
CA VAL E 869 1.83 68.31 12.17
C VAL E 869 0.32 68.09 12.03
N LEU E 870 -0.43 69.17 12.12
CA LEU E 870 -1.89 69.11 11.98
C LEU E 870 -2.26 68.68 10.56
N GLU E 871 -1.42 69.04 9.59
CA GLU E 871 -1.62 68.61 8.21
C GLU E 871 -1.37 67.11 8.09
N ALA E 872 -0.41 66.61 8.87
CA ALA E 872 -0.10 65.19 8.88
C ALA E 872 -1.22 64.40 9.55
N ILE E 873 -1.87 65.01 10.54
CA ILE E 873 -2.94 64.36 11.27
C ILE E 873 -4.16 64.08 10.40
N GLY E 874 -4.41 64.97 9.45
CA GLY E 874 -5.55 64.83 8.56
C GLY E 874 -5.46 63.63 7.65
N MET E 882 1.60 57.89 12.20
CA MET E 882 0.78 58.79 13.00
C MET E 882 1.26 58.85 14.44
N ASP E 883 1.73 57.71 14.96
CA ASP E 883 2.24 57.65 16.32
C ASP E 883 3.59 58.34 16.46
N CYS E 884 4.22 58.65 15.33
CA CYS E 884 5.50 59.36 15.32
C CYS E 884 5.28 60.87 15.37
N PHE E 885 4.15 61.32 14.84
CA PHE E 885 3.80 62.74 14.87
C PHE E 885 3.22 63.10 16.24
N ALA E 886 2.53 62.14 16.85
CA ALA E 886 1.97 62.30 18.18
C ALA E 886 3.08 62.54 19.19
N ASP E 887 4.25 62.00 18.91
CA ASP E 887 5.42 62.22 19.75
C ASP E 887 5.82 63.69 19.71
N ILE E 888 5.81 64.27 18.51
CA ILE E 888 6.10 65.67 18.33
C ILE E 888 5.04 66.54 19.01
N LEU E 889 3.78 66.10 18.95
CA LEU E 889 2.70 66.82 19.61
C LEU E 889 2.88 66.84 21.13
N PHE E 890 3.09 65.65 21.71
CA PHE E 890 3.31 65.52 23.15
C PHE E 890 4.54 66.30 23.61
N ALA E 891 5.59 66.26 22.80
CA ALA E 891 6.81 67.03 23.07
C ALA E 891 6.53 68.52 23.04
N LEU E 892 5.64 68.93 22.15
CA LEU E 892 5.23 70.33 22.05
C LEU E 892 4.43 70.72 23.29
N ASN E 893 3.70 69.76 23.84
CA ASN E 893 2.91 70.01 25.04
C ASN E 893 3.78 70.16 26.29
N LYS E 894 4.75 69.26 26.45
CA LYS E 894 5.61 69.27 27.63
C LYS E 894 6.57 70.47 27.65
N HIS E 895 7.21 70.75 26.53
CA HIS E 895 8.19 71.83 26.45
C HIS E 895 7.55 73.20 26.63
N PHE E 897 3.94 74.47 27.33
CA PHE E 897 2.50 74.29 27.42
C PHE E 897 1.77 75.60 27.13
N SER E 898 2.42 76.72 27.41
CA SER E 898 1.82 78.03 27.23
C SER E 898 1.77 78.41 25.75
N LEU E 899 2.87 78.20 25.04
CA LEU E 899 2.97 78.56 23.63
C LEU E 899 2.07 77.70 22.75
N LEU E 900 1.99 76.42 23.08
CA LEU E 900 1.19 75.46 22.31
C LEU E 900 -0.29 75.82 22.29
N ASN E 936 0.05 62.32 29.19
CA ASN E 936 1.35 61.70 28.94
C ASN E 936 1.51 61.35 27.46
N LYS E 937 2.62 60.68 27.14
CA LYS E 937 2.91 60.31 25.76
C LYS E 937 1.93 59.26 25.26
N ARG E 938 1.73 58.21 26.05
CA ARG E 938 0.80 57.13 25.70
C ARG E 938 -0.63 57.63 25.62
N ARG E 939 -0.93 58.68 26.38
CA ARG E 939 -2.25 59.28 26.40
C ARG E 939 -2.46 60.15 25.16
N VAL E 940 -1.39 60.76 24.68
CA VAL E 940 -1.45 61.63 23.51
C VAL E 940 -1.49 60.83 22.20
N LYS E 941 -0.71 59.76 22.16
CA LYS E 941 -0.61 58.92 20.96
C LYS E 941 -1.97 58.34 20.55
N GLU E 942 -2.66 57.72 21.49
CA GLU E 942 -3.96 57.11 21.22
C GLU E 942 -4.97 58.14 20.74
N MET E 943 -4.97 59.31 21.37
CA MET E 943 -5.85 60.40 21.00
C MET E 943 -5.57 60.86 19.57
N VAL E 944 -4.29 60.92 19.22
CA VAL E 944 -3.90 61.31 17.87
C VAL E 944 -4.34 60.26 16.86
N LYS E 945 -4.27 58.99 17.25
CA LYS E 945 -4.72 57.90 16.39
C LYS E 945 -6.22 57.98 16.14
N GLU E 946 -6.98 58.28 17.19
CA GLU E 946 -8.42 58.45 17.08
C GLU E 946 -8.77 59.64 16.19
N PHE E 947 -8.01 60.72 16.35
CA PHE E 947 -8.21 61.92 15.53
C PHE E 947 -7.92 61.65 14.06
N THR E 948 -6.89 60.85 13.80
CA THR E 948 -6.55 60.47 12.43
C THR E 948 -7.64 59.56 11.85
N LEU E 949 -8.19 58.71 12.70
CA LEU E 949 -9.29 57.83 12.28
C LEU E 949 -10.53 58.63 11.93
N LEU E 950 -10.75 59.71 12.66
CA LEU E 950 -11.89 60.59 12.42
C LEU E 950 -11.77 61.29 11.07
N CYS E 951 -10.57 61.77 10.76
CA CYS E 951 -10.31 62.46 9.50
C CYS E 951 -9.76 61.50 8.45
N GLN F 8 23.67 -34.96 71.94
CA GLN F 8 23.74 -34.31 70.64
C GLN F 8 22.61 -33.29 70.45
N VAL F 9 22.83 -32.33 69.56
CA VAL F 9 21.81 -31.33 69.25
C VAL F 9 20.62 -31.99 68.58
N GLN F 10 19.43 -31.76 69.14
CA GLN F 10 18.21 -32.36 68.60
C GLN F 10 17.12 -31.33 68.41
N PHE F 11 16.28 -31.54 67.40
CA PHE F 11 15.16 -30.64 67.12
C PHE F 11 13.89 -31.44 66.93
N LYS F 12 12.74 -30.78 67.07
CA LYS F 12 11.47 -31.46 66.86
C LYS F 12 10.84 -31.01 65.55
N LEU F 13 10.54 -31.98 64.69
CA LEU F 13 9.94 -31.69 63.40
C LEU F 13 8.54 -32.28 63.32
N VAL F 14 7.52 -31.42 63.30
CA VAL F 14 6.14 -31.88 63.14
C VAL F 14 5.79 -32.06 61.66
N LEU F 15 5.57 -33.32 61.25
CA LEU F 15 5.26 -33.62 59.85
C LEU F 15 3.77 -33.77 59.64
N VAL F 16 3.19 -32.79 58.94
CA VAL F 16 1.75 -32.79 58.71
C VAL F 16 1.41 -32.61 57.23
N GLY F 17 0.14 -32.79 56.91
CA GLY F 17 -0.34 -32.70 55.55
C GLY F 17 -1.62 -33.49 55.42
N ASP F 18 -2.34 -33.29 54.33
CA ASP F 18 -3.60 -34.00 54.12
C ASP F 18 -3.36 -35.50 53.96
N GLY F 19 -4.39 -36.29 54.22
CA GLY F 19 -4.28 -37.74 54.17
C GLY F 19 -3.87 -38.27 52.81
N GLY F 20 -3.03 -39.30 52.80
CA GLY F 20 -2.59 -39.94 51.57
C GLY F 20 -1.51 -39.15 50.85
N THR F 21 -0.94 -38.16 51.52
CA THR F 21 0.09 -37.32 50.91
C THR F 21 1.45 -38.04 50.83
N GLY F 22 1.57 -39.16 51.52
CA GLY F 22 2.78 -39.95 51.47
C GLY F 22 3.87 -39.52 52.43
N LYS F 23 3.47 -38.99 53.60
CA LYS F 23 4.42 -38.49 54.60
C LYS F 23 5.21 -39.63 55.21
N THR F 24 4.48 -40.63 55.68
CA THR F 24 5.08 -41.76 56.38
C THR F 24 6.02 -42.57 55.49
N THR F 25 5.78 -42.55 54.17
CA THR F 25 6.66 -43.22 53.23
C THR F 25 7.95 -42.45 53.11
N PHE F 26 7.81 -41.13 52.98
CA PHE F 26 8.94 -40.22 52.92
C PHE F 26 9.84 -40.41 54.14
N VAL F 27 9.23 -40.55 55.32
CA VAL F 27 10.01 -40.80 56.54
C VAL F 27 10.63 -42.19 56.53
N LYS F 28 9.82 -43.20 56.22
CA LYS F 28 10.25 -44.59 56.28
C LYS F 28 11.40 -44.90 55.35
N ARG F 29 11.47 -44.20 54.22
CA ARG F 29 12.57 -44.39 53.28
C ARG F 29 13.88 -43.85 53.86
N HIS F 30 13.80 -42.81 54.68
CA HIS F 30 14.96 -42.31 55.40
C HIS F 30 15.34 -43.30 56.51
N LEU F 31 14.33 -43.81 57.20
CA LEU F 31 14.54 -44.69 58.33
C LEU F 31 15.20 -46.01 57.95
N THR F 32 14.66 -46.67 56.91
CA THR F 32 15.11 -48.01 56.55
C THR F 32 15.89 -48.03 55.25
N GLY F 33 15.46 -47.23 54.28
CA GLY F 33 16.09 -47.20 52.97
C GLY F 33 15.18 -47.77 51.91
N GLU F 34 13.97 -48.15 52.31
CA GLU F 34 13.03 -48.79 51.41
C GLU F 34 11.75 -47.97 51.23
N PHE F 35 11.28 -47.90 49.99
CA PHE F 35 10.03 -47.23 49.66
C PHE F 35 8.87 -48.20 49.76
N GLU F 36 7.89 -47.85 50.59
CA GLU F 36 6.73 -48.72 50.81
C GLU F 36 5.63 -48.46 49.79
N LYS F 37 5.33 -49.46 48.97
CA LYS F 37 4.27 -49.34 47.98
C LYS F 37 2.91 -49.39 48.65
N LYS F 38 2.83 -50.15 49.74
CA LYS F 38 1.59 -50.33 50.47
C LYS F 38 1.18 -49.05 51.19
N TYR F 39 -0.12 -48.78 51.24
CA TYR F 39 -0.62 -47.60 51.93
C TYR F 39 -1.26 -47.96 53.27
N VAL F 40 -0.72 -47.40 54.35
CA VAL F 40 -1.27 -47.62 55.68
C VAL F 40 -1.68 -46.29 56.30
N ALA F 41 -2.89 -46.25 56.84
CA ALA F 41 -3.39 -45.04 57.49
C ALA F 41 -2.84 -44.93 58.90
N THR F 42 -1.93 -43.98 59.11
CA THR F 42 -1.33 -43.76 60.42
C THR F 42 -2.37 -43.25 61.41
N LEU F 43 -2.34 -43.77 62.63
CA LEU F 43 -3.25 -43.33 63.69
C LEU F 43 -2.52 -42.45 64.68
N GLY F 44 -2.93 -41.19 64.78
CA GLY F 44 -2.28 -40.25 65.67
C GLY F 44 -0.92 -39.85 65.15
N VAL F 45 0.09 -39.90 66.02
CA VAL F 45 1.45 -39.55 65.63
C VAL F 45 2.40 -40.74 65.71
N GLU F 46 3.27 -40.86 64.71
CA GLU F 46 4.34 -41.86 64.74
C GLU F 46 5.66 -41.13 64.85
N VAL F 47 6.28 -41.20 66.03
CA VAL F 47 7.50 -40.44 66.28
C VAL F 47 8.77 -41.26 66.11
N HIS F 48 9.54 -40.95 65.07
CA HIS F 48 10.82 -41.62 64.86
C HIS F 48 11.98 -40.62 64.85
N PRO F 49 13.11 -40.99 65.48
CA PRO F 49 14.31 -40.16 65.46
C PRO F 49 15.11 -40.38 64.19
N LEU F 50 15.62 -39.28 63.63
CA LEU F 50 16.29 -39.32 62.34
C LEU F 50 17.59 -38.52 62.38
N VAL F 51 18.71 -39.24 62.39
CA VAL F 51 20.02 -38.60 62.46
C VAL F 51 20.55 -38.22 61.08
N PHE F 52 21.08 -37.01 60.98
CA PHE F 52 21.66 -36.50 59.74
C PHE F 52 23.10 -36.06 59.97
N HIS F 53 23.98 -36.37 59.03
CA HIS F 53 25.39 -36.04 59.15
C HIS F 53 25.78 -34.80 58.35
N THR F 54 26.62 -33.97 58.97
CA THR F 54 27.13 -32.76 58.35
C THR F 54 28.60 -32.66 58.70
N ASN F 55 29.36 -31.89 57.91
CA ASN F 55 30.79 -31.70 58.16
C ASN F 55 31.05 -31.14 59.55
N ARG F 56 30.10 -30.34 60.05
CA ARG F 56 30.17 -29.79 61.39
C ARG F 56 29.35 -30.63 62.37
N GLY F 57 29.68 -31.91 62.49
CA GLY F 57 29.00 -32.79 63.40
C GLY F 57 27.62 -33.22 62.91
N PRO F 58 26.96 -34.11 63.67
CA PRO F 58 25.63 -34.60 63.31
C PRO F 58 24.51 -33.84 64.02
N ILE F 59 23.31 -33.89 63.44
CA ILE F 59 22.13 -33.26 64.02
C ILE F 59 20.95 -34.23 63.92
N LYS F 60 20.11 -34.26 64.95
CA LYS F 60 19.01 -35.22 64.99
C LYS F 60 17.62 -34.57 64.95
N PHE F 61 16.79 -35.02 64.02
CA PHE F 61 15.41 -34.56 63.91
C PHE F 61 14.45 -35.60 64.45
N ASN F 62 13.73 -35.26 65.52
CA ASN F 62 12.64 -36.10 65.98
C ASN F 62 11.41 -35.83 65.12
N VAL F 63 11.14 -36.73 64.19
CA VAL F 63 10.01 -36.56 63.28
C VAL F 63 8.71 -37.09 63.89
N TRP F 64 7.71 -36.21 63.93
CA TRP F 64 6.39 -36.53 64.44
C TRP F 64 5.42 -36.70 63.28
N ASP F 65 5.21 -37.95 62.88
CA ASP F 65 4.34 -38.26 61.75
C ASP F 65 2.88 -38.08 62.13
N THR F 66 2.31 -36.92 61.83
CA THR F 66 0.92 -36.64 62.19
C THR F 66 -0.06 -37.06 61.09
N ALA F 67 -1.14 -37.73 61.49
CA ALA F 67 -2.13 -38.25 60.56
C ALA F 67 -2.98 -37.15 59.92
N GLY F 68 -3.21 -37.26 58.61
CA GLY F 68 -3.98 -36.27 57.89
C GLY F 68 -5.48 -36.47 57.96
N LEU F 69 -5.90 -37.74 57.94
CA LEU F 69 -7.31 -38.08 58.01
C LEU F 69 -7.94 -37.64 59.32
N GLU F 70 -9.13 -37.06 59.24
CA GLU F 70 -9.78 -36.47 60.40
C GLU F 70 -10.07 -37.48 61.51
N LYS F 71 -10.47 -38.68 61.12
CA LYS F 71 -10.85 -39.70 62.11
C LYS F 71 -9.64 -40.32 62.81
N PHE F 72 -8.49 -40.32 62.14
CA PHE F 72 -7.27 -40.86 62.72
C PHE F 72 -6.41 -39.73 63.30
N GLY F 73 -6.94 -38.51 63.27
CA GLY F 73 -6.18 -37.33 63.65
C GLY F 73 -5.60 -37.35 65.04
N GLY F 74 -6.35 -37.87 66.00
CA GLY F 74 -5.91 -37.89 67.38
C GLY F 74 -5.88 -36.50 67.99
N LEU F 75 -4.86 -36.22 68.80
CA LEU F 75 -4.68 -34.89 69.37
C LEU F 75 -3.98 -33.98 68.37
N ARG F 76 -4.63 -33.77 67.22
CA ARG F 76 -4.05 -33.06 66.09
C ARG F 76 -3.29 -31.78 66.45
N ASP F 77 -3.99 -30.82 67.05
CA ASP F 77 -3.38 -29.55 67.39
C ASP F 77 -2.39 -29.69 68.54
N GLY F 78 -2.48 -30.81 69.25
CA GLY F 78 -1.65 -31.03 70.43
C GLY F 78 -0.25 -31.50 70.13
N TYR F 79 -0.06 -32.15 68.99
CA TYR F 79 1.25 -32.66 68.63
C TYR F 79 2.25 -31.53 68.36
N TYR F 80 1.75 -30.39 67.89
CA TYR F 80 2.61 -29.29 67.47
C TYR F 80 3.37 -28.64 68.62
N ILE F 81 2.80 -28.71 69.82
CA ILE F 81 3.39 -28.06 70.99
C ILE F 81 4.88 -28.36 71.15
N GLN F 82 5.67 -27.30 71.29
CA GLN F 82 7.12 -27.38 71.45
C GLN F 82 7.84 -27.97 70.23
N ALA F 83 7.40 -27.56 69.04
CA ALA F 83 8.08 -27.95 67.82
C ALA F 83 9.09 -26.87 67.44
N GLN F 84 10.25 -27.30 66.94
CA GLN F 84 11.27 -26.37 66.49
C GLN F 84 11.07 -26.00 65.03
N CYS F 85 10.64 -26.98 64.23
CA CYS F 85 10.41 -26.76 62.80
C CYS F 85 9.19 -27.55 62.34
N ALA F 86 8.87 -27.46 61.05
CA ALA F 86 7.69 -28.13 60.51
C ALA F 86 7.79 -28.39 59.01
N ILE F 87 7.20 -29.50 58.59
CA ILE F 87 7.11 -29.83 57.16
C ILE F 87 5.66 -30.11 56.76
N ILE F 88 5.16 -29.31 55.82
CA ILE F 88 3.82 -29.53 55.28
C ILE F 88 3.95 -30.23 53.94
N MET F 89 3.12 -31.26 53.73
CA MET F 89 3.24 -32.09 52.54
C MET F 89 1.91 -32.20 51.80
N PHE F 90 1.96 -32.07 50.47
CA PHE F 90 0.79 -32.30 49.63
C PHE F 90 1.15 -33.15 48.41
N ASP F 91 0.13 -33.77 47.81
CA ASP F 91 0.32 -34.60 46.63
C ASP F 91 0.02 -33.81 45.36
N VAL F 92 0.99 -33.77 44.45
CA VAL F 92 0.87 -32.97 43.24
C VAL F 92 -0.17 -33.51 42.24
N THR F 93 -0.68 -34.70 42.51
CA THR F 93 -1.71 -35.29 41.67
C THR F 93 -3.10 -34.84 42.10
N SER F 94 -3.25 -34.56 43.39
CA SER F 94 -4.52 -34.08 43.94
C SER F 94 -4.48 -32.59 44.26
N ARG F 95 -5.32 -31.82 43.58
CA ARG F 95 -5.38 -30.38 43.81
C ARG F 95 -5.98 -30.09 45.19
N VAL F 96 -6.78 -31.03 45.68
CA VAL F 96 -7.46 -30.88 46.96
C VAL F 96 -6.47 -30.74 48.12
N THR F 97 -5.44 -31.58 48.12
CA THR F 97 -4.42 -31.54 49.16
C THR F 97 -3.77 -30.17 49.23
N TYR F 98 -3.45 -29.62 48.07
CA TYR F 98 -2.88 -28.28 47.99
C TYR F 98 -3.89 -27.24 48.48
N LYS F 99 -5.16 -27.46 48.16
CA LYS F 99 -6.21 -26.55 48.59
C LYS F 99 -6.32 -26.55 50.10
N ASN F 100 -5.96 -27.67 50.71
CA ASN F 100 -5.98 -27.80 52.16
C ASN F 100 -4.69 -27.37 52.84
N VAL F 101 -3.61 -27.24 52.06
CA VAL F 101 -2.32 -26.78 52.59
C VAL F 101 -2.37 -25.50 53.45
N PRO F 102 -3.09 -24.46 53.00
CA PRO F 102 -3.16 -23.26 53.84
C PRO F 102 -3.78 -23.50 55.22
N ASN F 103 -4.61 -24.54 55.33
CA ASN F 103 -5.25 -24.87 56.59
C ASN F 103 -4.26 -25.44 57.61
N TRP F 104 -3.37 -26.31 57.14
CA TRP F 104 -2.36 -26.91 58.00
C TRP F 104 -1.40 -25.83 58.50
N HIS F 105 -1.08 -24.89 57.63
CA HIS F 105 -0.21 -23.77 58.00
C HIS F 105 -0.87 -22.91 59.07
N ARG F 106 -2.18 -22.69 58.94
CA ARG F 106 -2.91 -21.86 59.87
C ARG F 106 -2.94 -22.47 61.28
N ASP F 107 -3.11 -23.79 61.35
CA ASP F 107 -3.10 -24.51 62.62
C ASP F 107 -1.70 -24.53 63.23
N LEU F 108 -0.71 -24.77 62.38
CA LEU F 108 0.69 -24.79 62.80
C LEU F 108 1.12 -23.46 63.41
N VAL F 109 0.72 -22.36 62.77
CA VAL F 109 1.09 -21.03 63.26
C VAL F 109 0.44 -20.74 64.61
N ARG F 110 -0.79 -21.19 64.79
CA ARG F 110 -1.50 -20.97 66.06
C ARG F 110 -0.74 -21.56 67.25
N VAL F 111 -0.15 -22.73 67.04
CA VAL F 111 0.64 -23.38 68.09
C VAL F 111 2.09 -22.91 68.07
N CYS F 112 2.64 -22.77 66.86
CA CYS F 112 4.03 -22.37 66.69
C CYS F 112 4.17 -21.18 65.77
N GLU F 113 4.57 -20.02 66.31
CA GLU F 113 4.74 -18.83 65.50
C GLU F 113 6.17 -18.69 64.99
N ASN F 114 6.31 -18.36 63.70
CA ASN F 114 7.59 -18.05 63.09
C ASN F 114 8.59 -19.20 63.02
N ILE F 115 8.12 -20.44 63.21
CA ILE F 115 8.99 -21.60 63.05
C ILE F 115 9.27 -21.84 61.56
N PRO F 116 10.48 -22.34 61.25
CA PRO F 116 10.86 -22.59 59.86
C PRO F 116 9.99 -23.68 59.23
N ILE F 117 9.31 -23.35 58.13
CA ILE F 117 8.41 -24.32 57.52
C ILE F 117 8.71 -24.59 56.04
N VAL F 118 8.76 -25.87 55.71
CA VAL F 118 9.04 -26.32 54.36
C VAL F 118 7.84 -27.04 53.77
N LEU F 119 7.29 -26.48 52.68
CA LEU F 119 6.22 -27.12 51.94
C LEU F 119 6.80 -28.02 50.86
N CYS F 120 6.29 -29.24 50.77
CA CYS F 120 6.75 -30.20 49.79
C CYS F 120 5.62 -30.72 48.92
N GLY F 121 5.89 -30.81 47.62
CA GLY F 121 4.94 -31.41 46.68
C GLY F 121 5.39 -32.82 46.34
N ASN F 122 4.73 -33.80 46.92
CA ASN F 122 5.14 -35.20 46.78
C ASN F 122 4.57 -35.87 45.52
N LYS F 123 5.18 -36.98 45.14
CA LYS F 123 4.78 -37.76 43.97
C LYS F 123 4.85 -36.96 42.67
N VAL F 124 5.94 -36.23 42.49
CA VAL F 124 6.12 -35.38 41.32
C VAL F 124 6.49 -36.18 40.07
N ASP F 125 7.07 -37.35 40.28
CA ASP F 125 7.60 -38.17 39.19
C ASP F 125 6.54 -38.62 38.19
N ILE F 126 5.29 -38.77 38.66
CA ILE F 126 4.20 -39.20 37.80
C ILE F 126 3.97 -38.23 36.65
N LYS F 127 3.84 -38.76 35.44
CA LYS F 127 3.64 -37.95 34.24
C LYS F 127 2.42 -37.05 34.36
N ASP F 128 1.31 -37.62 34.81
CA ASP F 128 0.08 -36.87 34.98
C ASP F 128 0.12 -36.07 36.27
N ARG F 129 0.34 -34.76 36.15
CA ARG F 129 0.44 -33.89 37.31
C ARG F 129 -0.64 -32.82 37.27
N LYS F 130 -1.42 -32.72 38.36
CA LYS F 130 -2.54 -31.78 38.41
C LYS F 130 -2.15 -30.44 39.02
N VAL F 131 -1.32 -30.49 40.06
CA VAL F 131 -0.85 -29.28 40.71
C VAL F 131 0.30 -28.66 39.93
N LYS F 132 0.16 -27.38 39.57
CA LYS F 132 1.15 -26.69 38.76
C LYS F 132 2.27 -26.10 39.60
N ALA F 133 3.51 -26.35 39.19
CA ALA F 133 4.68 -25.90 39.93
C ALA F 133 4.84 -24.39 39.94
N LYS F 134 4.37 -23.73 38.88
CA LYS F 134 4.48 -22.29 38.77
C LYS F 134 3.44 -21.56 39.63
N SER F 135 2.30 -22.21 39.85
CA SER F 135 1.15 -21.58 40.48
C SER F 135 1.39 -21.19 41.93
N ILE F 136 2.11 -22.02 42.66
CA ILE F 136 2.31 -21.87 44.09
C ILE F 136 3.00 -20.56 44.50
N VAL F 137 2.68 -20.08 45.71
CA VAL F 137 3.21 -18.81 46.18
C VAL F 137 3.48 -18.84 47.68
N PHE F 138 3.56 -20.05 48.23
CA PHE F 138 3.81 -20.26 49.66
C PHE F 138 5.18 -19.74 50.08
N HIS F 139 6.18 -20.02 49.24
CA HIS F 139 7.57 -19.86 49.60
C HIS F 139 8.10 -18.42 49.61
N ARG F 140 7.23 -17.45 49.41
CA ARG F 140 7.64 -16.05 49.30
C ARG F 140 8.30 -15.51 50.57
N LYS F 141 7.86 -15.99 51.73
CA LYS F 141 8.40 -15.53 53.00
C LYS F 141 9.76 -16.16 53.27
N LYS F 142 10.56 -15.51 54.13
CA LYS F 142 11.90 -15.98 54.44
C LYS F 142 11.90 -17.30 55.20
N ASN F 143 10.92 -17.47 56.07
CA ASN F 143 10.80 -18.68 56.89
C ASN F 143 10.27 -19.86 56.09
N LEU F 144 9.57 -19.56 55.01
CA LEU F 144 8.89 -20.57 54.23
C LEU F 144 9.72 -20.97 53.02
N GLN F 145 9.76 -22.27 52.72
CA GLN F 145 10.51 -22.75 51.55
C GLN F 145 9.83 -23.93 50.86
N TYR F 146 9.85 -23.93 49.53
CA TYR F 146 9.19 -25.00 48.77
C TYR F 146 10.15 -26.00 48.13
N TYR F 147 9.70 -27.25 48.01
CA TYR F 147 10.43 -28.27 47.27
C TYR F 147 9.50 -29.25 46.56
N ASP F 148 10.02 -29.92 45.53
CA ASP F 148 9.33 -31.03 44.90
C ASP F 148 9.99 -32.33 45.35
N ILE F 149 9.19 -33.23 45.90
CA ILE F 149 9.73 -34.44 46.52
C ILE F 149 9.18 -35.71 45.87
N SER F 150 10.06 -36.68 45.64
CA SER F 150 9.65 -38.00 45.17
C SER F 150 10.21 -39.07 46.10
N ALA F 151 9.35 -39.99 46.53
CA ALA F 151 9.78 -41.04 47.44
C ALA F 151 10.33 -42.26 46.68
N LYS F 152 9.70 -42.60 45.57
CA LYS F 152 10.15 -43.72 44.75
C LYS F 152 11.38 -43.34 43.94
N SER F 153 11.37 -42.14 43.36
CA SER F 153 12.47 -41.68 42.52
C SER F 153 13.63 -41.12 43.34
N ASN F 154 13.35 -40.80 44.59
CA ASN F 154 14.34 -40.20 45.49
C ASN F 154 14.79 -38.82 45.04
N TYR F 155 13.86 -38.08 44.45
CA TYR F 155 14.13 -36.73 43.93
C TYR F 155 14.01 -35.67 45.04
N ASN F 156 15.10 -34.95 45.27
CA ASN F 156 15.20 -34.00 46.39
C ASN F 156 14.80 -34.63 47.72
N PHE F 157 15.45 -35.74 48.05
CA PHE F 157 15.09 -36.51 49.22
C PHE F 157 15.51 -35.85 50.52
N GLU F 158 16.70 -35.26 50.53
CA GLU F 158 17.26 -34.66 51.73
C GLU F 158 17.13 -33.14 51.78
N LYS F 159 16.58 -32.55 50.73
CA LYS F 159 16.45 -31.09 50.62
C LYS F 159 15.71 -30.39 51.77
N PRO F 160 14.52 -30.87 52.14
CA PRO F 160 13.81 -30.17 53.22
C PRO F 160 14.58 -30.23 54.53
N PHE F 161 15.12 -31.40 54.85
CA PHE F 161 15.87 -31.58 56.08
C PHE F 161 17.16 -30.77 56.09
N LEU F 162 17.77 -30.59 54.93
CA LEU F 162 18.99 -29.80 54.83
C LEU F 162 18.70 -28.30 55.00
N TRP F 163 17.68 -27.82 54.30
CA TRP F 163 17.31 -26.41 54.42
C TRP F 163 16.89 -26.09 55.85
N LEU F 164 16.06 -26.96 56.42
CA LEU F 164 15.66 -26.84 57.82
C LEU F 164 16.85 -26.90 58.77
N ALA F 165 17.82 -27.75 58.43
CA ALA F 165 19.03 -27.89 59.21
C ALA F 165 19.76 -26.56 59.28
N ARG F 166 20.08 -26.03 58.10
CA ARG F 166 20.80 -24.75 58.00
C ARG F 166 20.04 -23.64 58.72
N LYS F 167 18.74 -23.55 58.46
CA LYS F 167 17.91 -22.52 59.08
C LYS F 167 17.93 -22.61 60.60
N LEU F 168 17.92 -23.83 61.11
CA LEU F 168 17.88 -24.07 62.56
C LEU F 168 19.21 -23.74 63.21
N ILE F 169 20.29 -24.27 62.67
CA ILE F 169 21.62 -24.07 63.23
C ILE F 169 22.08 -22.62 63.06
N GLY F 170 21.57 -21.96 62.03
CA GLY F 170 21.95 -20.58 61.75
C GLY F 170 23.29 -20.53 61.02
N ASP F 171 23.57 -21.59 60.27
CA ASP F 171 24.81 -21.70 59.52
C ASP F 171 24.50 -22.05 58.07
N PRO F 172 24.37 -21.03 57.21
CA PRO F 172 24.04 -21.20 55.79
C PRO F 172 25.06 -22.06 55.07
N ASN F 173 26.32 -21.97 55.50
CA ASN F 173 27.38 -22.77 54.90
C ASN F 173 27.46 -24.15 55.54
N LEU F 174 26.43 -24.96 55.31
CA LEU F 174 26.37 -26.31 55.85
C LEU F 174 25.82 -27.29 54.83
N GLU F 175 26.59 -28.33 54.51
CA GLU F 175 26.18 -29.32 53.54
C GLU F 175 26.21 -30.73 54.13
N PHE F 176 25.21 -31.54 53.77
CA PHE F 176 25.13 -32.91 54.24
C PHE F 176 26.30 -33.76 53.73
N VAL F 177 26.77 -34.68 54.56
CA VAL F 177 27.87 -35.56 54.20
C VAL F 177 27.37 -36.91 53.69
N LEU G 19 -4.08 -47.22 84.91
CA LEU G 19 -4.12 -45.78 85.10
C LEU G 19 -5.44 -45.18 84.63
N ASP G 20 -6.21 -44.64 85.56
CA ASP G 20 -7.46 -43.97 85.23
C ASP G 20 -7.18 -42.57 84.71
N PHE G 21 -8.14 -42.00 83.99
CA PHE G 21 -7.98 -40.69 83.39
C PHE G 21 -8.21 -39.57 84.39
N THR G 22 -7.30 -39.44 85.34
CA THR G 22 -7.36 -38.38 86.34
C THR G 22 -6.38 -37.28 85.95
N VAL G 23 -6.58 -36.09 86.51
CA VAL G 23 -5.73 -34.94 86.21
C VAL G 23 -4.26 -35.22 86.49
N GLU G 24 -4.00 -35.99 87.56
CA GLU G 24 -2.63 -36.32 87.93
C GLU G 24 -1.95 -37.16 86.84
N ASN G 25 -2.63 -38.23 86.42
CA ASN G 25 -2.11 -39.13 85.41
C ASN G 25 -1.97 -38.45 84.06
N VAL G 26 -2.89 -37.53 83.77
CA VAL G 26 -2.81 -36.76 82.55
C VAL G 26 -1.59 -35.86 82.58
N GLU G 27 -1.37 -35.19 83.72
CA GLU G 27 -0.21 -34.33 83.88
C GLU G 27 1.09 -35.10 83.72
N LYS G 28 1.18 -36.26 84.37
CA LYS G 28 2.36 -37.10 84.25
C LYS G 28 2.58 -37.53 82.81
N ALA G 29 1.51 -37.92 82.13
CA ALA G 29 1.57 -38.36 80.75
C ALA G 29 2.05 -37.24 79.82
N LEU G 30 1.54 -36.03 80.06
CA LEU G 30 1.91 -34.86 79.28
C LEU G 30 3.37 -34.54 79.50
N HIS G 31 3.81 -34.62 80.76
CA HIS G 31 5.21 -34.36 81.10
C HIS G 31 6.11 -35.35 80.39
N GLN G 32 5.62 -36.59 80.26
CA GLN G 32 6.39 -37.61 79.56
C GLN G 32 6.45 -37.35 78.06
N LEU G 33 5.31 -37.02 77.47
CA LEU G 33 5.23 -36.75 76.04
C LEU G 33 6.08 -35.55 75.64
N TYR G 34 6.10 -34.54 76.50
CA TYR G 34 6.80 -33.29 76.20
C TYR G 34 8.29 -33.33 76.52
N TYR G 35 8.63 -33.88 77.68
CA TYR G 35 9.98 -33.71 78.22
C TYR G 35 10.83 -34.99 78.30
N ASP G 36 10.18 -36.14 78.37
CA ASP G 36 10.91 -37.42 78.38
C ASP G 36 11.58 -37.62 77.02
N PRO G 37 12.90 -37.86 77.04
CA PRO G 37 13.70 -38.01 75.82
C PRO G 37 13.50 -39.34 75.09
N ASN G 38 13.03 -40.36 75.81
CA ASN G 38 12.75 -41.65 75.18
C ASN G 38 11.57 -41.53 74.22
N ILE G 39 11.79 -41.94 72.97
CA ILE G 39 10.77 -41.79 71.93
C ILE G 39 9.65 -42.82 72.06
N GLU G 40 10.01 -44.04 72.43
CA GLU G 40 9.02 -45.09 72.67
C GLU G 40 8.04 -44.65 73.75
N ASN G 41 8.59 -44.07 74.81
CA ASN G 41 7.79 -43.52 75.90
C ASN G 41 6.87 -42.40 75.41
N LYS G 42 7.37 -41.59 74.49
CA LYS G 42 6.56 -40.53 73.88
C LYS G 42 5.38 -41.11 73.13
N ASN G 43 5.63 -42.16 72.35
CA ASN G 43 4.56 -42.83 71.60
C ASN G 43 3.51 -43.43 72.53
N LEU G 44 3.96 -44.16 73.56
CA LEU G 44 3.06 -44.75 74.53
C LEU G 44 2.20 -43.67 75.20
N ALA G 45 2.86 -42.61 75.64
CA ALA G 45 2.19 -41.50 76.29
C ALA G 45 1.14 -40.86 75.38
N GLN G 46 1.49 -40.67 74.11
CA GLN G 46 0.57 -40.03 73.17
C GLN G 46 -0.66 -40.90 72.88
N LYS G 47 -0.45 -42.22 72.82
CA LYS G 47 -1.57 -43.14 72.64
C LYS G 47 -2.51 -43.03 73.84
N TRP G 48 -1.93 -43.16 75.03
CA TRP G 48 -2.70 -43.05 76.27
C TRP G 48 -3.44 -41.72 76.34
N LEU G 49 -2.85 -40.68 75.78
CA LEU G 49 -3.45 -39.34 75.78
C LEU G 49 -4.58 -39.23 74.78
N MET G 50 -4.50 -39.97 73.68
CA MET G 50 -5.62 -40.06 72.76
C MET G 50 -6.78 -40.66 73.51
N GLN G 51 -6.52 -41.77 74.20
CA GLN G 51 -7.53 -42.44 75.01
C GLN G 51 -8.14 -41.50 76.06
N ALA G 52 -7.30 -40.74 76.73
CA ALA G 52 -7.76 -39.81 77.76
C ALA G 52 -8.60 -38.70 77.16
N GLN G 53 -8.26 -38.30 75.95
CA GLN G 53 -8.95 -37.22 75.26
C GLN G 53 -10.35 -37.66 74.83
N VAL G 54 -10.47 -38.89 74.34
CA VAL G 54 -11.78 -39.40 73.92
C VAL G 54 -12.75 -39.61 75.09
N SER G 55 -12.23 -40.09 76.21
CA SER G 55 -13.03 -40.39 77.40
C SER G 55 -13.86 -39.21 77.89
N PRO G 56 -14.96 -39.48 78.63
CA PRO G 56 -15.77 -38.39 79.17
C PRO G 56 -15.11 -37.76 80.40
N GLN G 57 -14.12 -38.43 80.97
CA GLN G 57 -13.33 -37.84 82.06
C GLN G 57 -12.74 -36.53 81.59
N ALA G 58 -12.46 -36.45 80.29
CA ALA G 58 -11.99 -35.21 79.66
C ALA G 58 -12.89 -34.06 80.05
N TRP G 59 -14.20 -34.24 79.88
CA TRP G 59 -15.19 -33.22 80.24
C TRP G 59 -15.01 -32.67 81.64
N HIS G 60 -14.51 -33.50 82.55
CA HIS G 60 -14.20 -33.02 83.89
C HIS G 60 -12.73 -32.64 84.02
N PHE G 61 -11.85 -33.41 83.40
CA PHE G 61 -10.42 -33.22 83.67
C PHE G 61 -9.82 -31.99 82.97
N SER G 62 -10.23 -31.73 81.74
CA SER G 62 -9.66 -30.62 80.96
C SER G 62 -9.72 -29.29 81.69
N TRP G 63 -10.84 -29.02 82.36
CA TRP G 63 -11.00 -27.80 83.15
C TRP G 63 -9.91 -27.67 84.21
N GLN G 64 -9.61 -28.78 84.88
CA GLN G 64 -8.56 -28.80 85.89
C GLN G 64 -7.21 -28.43 85.30
N LEU G 65 -7.02 -28.71 84.02
CA LEU G 65 -5.76 -28.38 83.35
C LEU G 65 -5.68 -26.90 83.02
N LEU G 66 -6.80 -26.21 83.09
CA LEU G 66 -6.86 -24.79 82.74
C LEU G 66 -6.59 -23.87 83.92
N GLN G 67 -6.56 -24.44 85.12
CA GLN G 67 -6.27 -23.69 86.34
C GLN G 67 -4.90 -23.03 86.26
N PRO G 68 -4.75 -21.83 86.85
CA PRO G 68 -3.47 -21.11 86.84
C PRO G 68 -2.41 -21.89 87.59
N ASP G 69 -2.86 -22.89 88.34
CA ASP G 69 -2.00 -23.84 89.04
C ASP G 69 -0.94 -24.45 88.13
N LYS G 70 -1.32 -24.72 86.89
CA LYS G 70 -0.47 -25.50 85.99
C LYS G 70 0.27 -24.69 84.93
N VAL G 71 1.34 -25.28 84.41
CA VAL G 71 2.16 -24.67 83.36
C VAL G 71 1.37 -24.54 82.05
N PRO G 72 1.75 -23.57 81.20
CA PRO G 72 1.05 -23.29 79.94
C PRO G 72 0.93 -24.48 78.97
N GLU G 73 1.98 -25.26 78.78
CA GLU G 73 1.92 -26.37 77.83
C GLU G 73 1.03 -27.50 78.34
N ILE G 74 0.77 -27.50 79.64
CA ILE G 74 -0.21 -28.40 80.24
C ILE G 74 -1.60 -27.78 80.10
N GLN G 75 -1.68 -26.46 80.27
CA GLN G 75 -2.94 -25.74 80.13
C GLN G 75 -3.52 -25.91 78.73
N TYR G 76 -2.65 -25.91 77.74
CA TYR G 76 -3.05 -25.97 76.33
C TYR G 76 -3.78 -27.26 76.00
N PHE G 77 -3.38 -28.36 76.65
CA PHE G 77 -3.94 -29.66 76.33
C PHE G 77 -5.41 -29.78 76.71
N GLY G 78 -5.81 -29.06 77.75
CA GLY G 78 -7.20 -29.03 78.17
C GLY G 78 -8.06 -28.33 77.13
N ALA G 79 -7.57 -27.19 76.67
CA ALA G 79 -8.25 -26.42 75.62
C ALA G 79 -8.30 -27.21 74.32
N SER G 80 -7.22 -27.91 74.02
CA SER G 80 -7.10 -28.75 72.84
C SER G 80 -8.14 -29.85 72.88
N ALA G 81 -8.17 -30.57 74.00
CA ALA G 81 -9.10 -31.66 74.21
C ALA G 81 -10.54 -31.17 74.10
N LEU G 82 -10.81 -30.00 74.67
CA LEU G 82 -12.13 -29.39 74.57
C LEU G 82 -12.51 -29.11 73.13
N HIS G 83 -11.59 -28.50 72.37
CA HIS G 83 -11.84 -28.21 70.96
C HIS G 83 -12.10 -29.47 70.15
N ILE G 84 -11.28 -30.50 70.38
CA ILE G 84 -11.41 -31.76 69.67
C ILE G 84 -12.74 -32.43 69.98
N LYS G 85 -13.13 -32.43 71.25
CA LYS G 85 -14.39 -33.04 71.66
C LYS G 85 -15.60 -32.29 71.11
N ILE G 86 -15.55 -30.97 71.12
CA ILE G 86 -16.67 -30.18 70.63
C ILE G 86 -16.80 -30.27 69.09
N SER G 87 -15.67 -30.21 68.41
CA SER G 87 -15.68 -30.15 66.95
C SER G 87 -15.80 -31.50 66.25
N ARG G 88 -15.34 -32.57 66.90
CA ARG G 88 -15.33 -33.89 66.27
C ARG G 88 -16.34 -34.86 66.89
N TYR G 89 -16.71 -34.63 68.14
CA TYR G 89 -17.61 -35.54 68.85
C TYR G 89 -18.87 -34.83 69.36
N TRP G 90 -19.45 -33.98 68.51
CA TRP G 90 -20.58 -33.13 68.88
C TRP G 90 -21.88 -33.90 69.12
N SER G 91 -22.08 -34.98 68.39
CA SER G 91 -23.33 -35.76 68.47
C SER G 91 -23.54 -36.40 69.83
N ASP G 92 -22.45 -36.79 70.48
CA ASP G 92 -22.52 -37.47 71.77
C ASP G 92 -22.97 -36.53 72.89
N ILE G 93 -22.81 -35.23 72.66
CA ILE G 93 -23.02 -34.24 73.71
C ILE G 93 -24.49 -33.98 73.99
N PRO G 94 -24.89 -34.15 75.26
CA PRO G 94 -26.27 -33.91 75.68
C PRO G 94 -26.63 -32.45 75.52
N THR G 95 -27.88 -32.17 75.22
CA THR G 95 -28.32 -30.80 74.96
C THR G 95 -28.26 -29.94 76.22
N ASP G 96 -28.55 -30.56 77.37
CA ASP G 96 -28.62 -29.84 78.65
C ASP G 96 -27.29 -29.21 79.07
N GLN G 97 -26.22 -29.50 78.33
CA GLN G 97 -24.91 -28.96 78.64
C GLN G 97 -24.61 -27.71 77.82
N TYR G 98 -25.30 -27.55 76.70
CA TYR G 98 -25.03 -26.46 75.74
C TYR G 98 -24.86 -25.10 76.39
N GLU G 99 -25.78 -24.72 77.26
CA GLU G 99 -25.72 -23.43 77.93
C GLU G 99 -24.60 -23.36 78.96
N SER G 100 -24.38 -24.45 79.68
CA SER G 100 -23.36 -24.47 80.72
C SER G 100 -21.96 -24.53 80.12
N LEU G 101 -21.82 -25.18 78.97
CA LEU G 101 -20.54 -25.25 78.28
C LEU G 101 -20.18 -23.87 77.75
N LYS G 102 -21.09 -23.33 76.95
CA LYS G 102 -21.00 -21.98 76.41
C LYS G 102 -20.46 -20.98 77.40
N ALA G 103 -21.07 -20.95 78.58
CA ALA G 103 -20.63 -20.06 79.65
C ALA G 103 -19.20 -20.33 80.06
N GLN G 104 -18.91 -21.58 80.44
CA GLN G 104 -17.61 -21.94 80.99
C GLN G 104 -16.46 -21.46 80.10
N LEU G 105 -16.53 -21.84 78.82
CA LEU G 105 -15.57 -21.37 77.83
C LEU G 105 -15.37 -19.87 77.93
N PHE G 106 -16.47 -19.11 77.80
CA PHE G 106 -16.41 -17.66 77.93
C PHE G 106 -15.58 -17.30 79.13
N THR G 107 -15.98 -17.81 80.30
CA THR G 107 -15.28 -17.56 81.54
C THR G 107 -13.78 -17.78 81.38
N GLN G 108 -13.42 -19.00 80.96
CA GLN G 108 -12.01 -19.36 80.82
C GLN G 108 -11.31 -18.40 79.88
N ILE G 109 -11.97 -18.08 78.76
CA ILE G 109 -11.40 -17.17 77.78
C ILE G 109 -11.07 -15.84 78.47
N THR G 110 -12.03 -15.34 79.24
CA THR G 110 -11.81 -14.11 79.99
C THR G 110 -10.55 -14.26 80.84
N ARG G 111 -10.48 -15.33 81.62
CA ARG G 111 -9.36 -15.53 82.52
C ARG G 111 -8.06 -15.65 81.76
N PHE G 112 -8.11 -16.10 80.52
CA PHE G 112 -6.88 -16.26 79.75
C PHE G 112 -6.55 -15.04 78.90
N ALA G 113 -7.18 -13.91 79.23
CA ALA G 113 -6.81 -12.66 78.59
C ALA G 113 -5.46 -12.20 79.13
N SER G 114 -5.15 -12.62 80.35
CA SER G 114 -3.89 -12.28 81.00
C SER G 114 -2.87 -13.40 80.87
N GLY G 115 -3.34 -14.60 80.53
CA GLY G 115 -2.49 -15.77 80.47
C GLY G 115 -1.92 -16.05 79.10
N SER G 116 -1.55 -17.32 78.88
CA SER G 116 -0.90 -17.74 77.62
C SER G 116 -1.76 -17.46 76.41
N LYS G 117 -1.18 -16.77 75.43
CA LYS G 117 -1.90 -16.41 74.21
C LYS G 117 -2.23 -17.65 73.38
N ILE G 118 -1.38 -18.67 73.49
CA ILE G 118 -1.60 -19.93 72.78
C ILE G 118 -2.90 -20.59 73.26
N VAL G 119 -2.98 -20.79 74.56
CA VAL G 119 -4.17 -21.35 75.19
C VAL G 119 -5.40 -20.50 74.88
N LEU G 120 -5.22 -19.18 74.88
CA LEU G 120 -6.31 -18.27 74.54
C LEU G 120 -6.84 -18.57 73.14
N THR G 121 -5.93 -18.62 72.17
CA THR G 121 -6.29 -18.94 70.79
C THR G 121 -7.05 -20.26 70.71
N ARG G 122 -6.53 -21.29 71.35
CA ARG G 122 -7.20 -22.60 71.32
C ARG G 122 -8.60 -22.57 71.91
N LEU G 123 -8.75 -21.93 73.06
CA LEU G 123 -10.05 -21.78 73.71
C LEU G 123 -11.04 -21.06 72.79
N CYS G 124 -10.55 -20.01 72.13
CA CYS G 124 -11.36 -19.27 71.16
C CYS G 124 -11.79 -20.18 70.02
N VAL G 125 -10.90 -21.06 69.57
CA VAL G 125 -11.23 -22.03 68.55
C VAL G 125 -12.35 -22.96 69.02
N ALA G 126 -12.24 -23.42 70.26
CA ALA G 126 -13.27 -24.27 70.85
C ALA G 126 -14.63 -23.59 70.86
N LEU G 127 -14.71 -22.42 71.47
CA LEU G 127 -15.98 -21.69 71.55
C LEU G 127 -16.51 -21.36 70.17
N ALA G 128 -15.60 -21.17 69.22
CA ALA G 128 -16.00 -20.94 67.84
C ALA G 128 -16.71 -22.18 67.28
N SER G 129 -16.12 -23.34 67.51
CA SER G 129 -16.70 -24.59 67.03
C SER G 129 -18.08 -24.81 67.65
N LEU G 130 -18.21 -24.46 68.92
CA LEU G 130 -19.50 -24.58 69.62
C LEU G 130 -20.53 -23.64 68.98
N ALA G 131 -20.12 -22.39 68.78
CA ALA G 131 -20.96 -21.37 68.15
C ALA G 131 -21.49 -21.86 66.81
N LEU G 132 -20.57 -22.25 65.93
CA LEU G 132 -20.93 -22.78 64.62
C LEU G 132 -21.82 -24.01 64.74
N SER G 133 -21.62 -24.79 65.80
CA SER G 133 -22.39 -26.01 65.99
C SER G 133 -23.84 -25.71 66.36
N MET G 134 -24.08 -24.62 67.07
CA MET G 134 -25.45 -24.29 67.45
C MET G 134 -25.96 -22.93 66.94
N MET G 135 -25.24 -22.33 65.99
CA MET G 135 -25.63 -21.03 65.43
C MET G 135 -26.99 -20.97 64.73
N PRO G 136 -27.29 -21.93 63.83
CA PRO G 136 -28.53 -21.75 63.07
C PRO G 136 -29.82 -21.94 63.88
N ASP G 137 -29.84 -22.91 64.79
CA ASP G 137 -31.06 -23.25 65.50
C ASP G 137 -31.05 -22.82 66.97
N ALA G 138 -30.14 -23.40 67.74
CA ALA G 138 -30.14 -23.22 69.20
C ALA G 138 -29.62 -21.85 69.67
N TRP G 139 -28.59 -21.35 69.01
CA TRP G 139 -27.99 -20.07 69.38
C TRP G 139 -28.16 -19.06 68.24
N PRO G 140 -29.34 -18.43 68.16
CA PRO G 140 -29.77 -17.59 67.04
C PRO G 140 -28.77 -16.49 66.69
N CYS G 141 -28.44 -15.64 67.65
CA CYS G 141 -27.54 -14.52 67.40
C CYS G 141 -26.24 -14.68 68.17
N ALA G 142 -25.31 -15.45 67.62
CA ALA G 142 -24.05 -15.76 68.30
C ALA G 142 -23.10 -14.57 68.37
N VAL G 143 -22.75 -14.04 67.20
CA VAL G 143 -21.80 -12.95 67.09
C VAL G 143 -22.23 -11.73 67.92
N ALA G 144 -23.45 -11.29 67.69
CA ALA G 144 -24.02 -10.17 68.43
C ALA G 144 -23.95 -10.40 69.93
N ASP G 145 -24.24 -11.64 70.34
CA ASP G 145 -24.16 -12.01 71.75
C ASP G 145 -22.75 -11.86 72.30
N MET G 146 -21.77 -12.41 71.59
CA MET G 146 -20.38 -12.29 72.03
C MET G 146 -19.97 -10.83 72.17
N VAL G 147 -20.17 -10.07 71.10
CA VAL G 147 -19.89 -8.64 71.10
C VAL G 147 -20.53 -7.90 72.28
N ARG G 148 -21.78 -8.26 72.57
CA ARG G 148 -22.51 -7.66 73.68
C ARG G 148 -21.91 -8.03 75.03
N LEU G 149 -21.56 -9.31 75.18
CA LEU G 149 -21.04 -9.84 76.44
C LEU G 149 -19.71 -9.21 76.81
N PHE G 150 -18.77 -9.21 75.87
CA PHE G 150 -17.42 -8.73 76.17
C PHE G 150 -17.35 -7.24 76.51
N GLN G 151 -18.25 -6.45 75.93
CA GLN G 151 -18.21 -5.01 76.07
C GLN G 151 -18.71 -4.51 77.42
N ALA G 152 -19.74 -5.17 77.96
CA ALA G 152 -20.35 -4.76 79.22
C ALA G 152 -19.37 -4.79 80.40
N GLU G 153 -19.23 -3.64 81.06
CA GLU G 153 -18.31 -3.51 82.18
C GLU G 153 -18.80 -4.25 83.42
N ASP G 154 -17.91 -5.06 84.00
CA ASP G 154 -18.23 -5.81 85.21
C ASP G 154 -16.96 -6.28 85.91
N ASP G 158 -9.97 -6.58 83.40
CA ASP G 158 -9.36 -5.72 82.38
C ASP G 158 -10.31 -5.50 81.22
N GLY G 159 -10.28 -4.30 80.66
CA GLY G 159 -11.09 -3.97 79.50
C GLY G 159 -10.37 -4.26 78.21
N GLN G 160 -9.09 -3.92 78.18
CA GLN G 160 -8.24 -4.19 77.02
C GLN G 160 -8.20 -5.69 76.72
N GLY G 161 -7.93 -6.48 77.76
CA GLY G 161 -7.89 -7.93 77.62
C GLY G 161 -9.19 -8.48 77.06
N ARG G 162 -10.30 -7.96 77.59
CA ARG G 162 -11.61 -8.35 77.10
C ARG G 162 -11.74 -8.04 75.61
N CYS G 163 -11.34 -6.84 75.21
CA CYS G 163 -11.41 -6.43 73.81
C CYS G 163 -10.59 -7.33 72.90
N LEU G 164 -9.33 -7.56 73.28
CA LEU G 164 -8.43 -8.41 72.50
C LEU G 164 -8.96 -9.83 72.41
N ALA G 165 -9.59 -10.31 73.47
CA ALA G 165 -10.17 -11.64 73.49
C ALA G 165 -11.38 -11.73 72.56
N LEU G 166 -12.23 -10.71 72.58
CA LEU G 166 -13.36 -10.64 71.67
C LEU G 166 -12.87 -10.63 70.23
N LEU G 167 -11.79 -9.91 69.98
CA LEU G 167 -11.22 -9.82 68.64
C LEU G 167 -10.61 -11.13 68.18
N GLU G 168 -9.94 -11.85 69.08
CA GLU G 168 -9.37 -13.15 68.77
C GLU G 168 -10.48 -14.15 68.46
N LEU G 169 -11.56 -14.05 69.23
CA LEU G 169 -12.72 -14.91 69.06
C LEU G 169 -13.35 -14.66 67.69
N LEU G 170 -13.59 -13.39 67.39
CA LEU G 170 -14.21 -13.00 66.13
C LEU G 170 -13.28 -13.21 64.92
N THR G 171 -11.98 -13.37 65.18
CA THR G 171 -11.03 -13.64 64.10
C THR G 171 -10.99 -15.13 63.82
N VAL G 172 -11.03 -15.91 64.90
CA VAL G 172 -10.96 -17.37 64.79
C VAL G 172 -12.26 -17.96 64.23
N LEU G 173 -13.39 -17.38 64.62
CA LEU G 173 -14.71 -17.90 64.21
C LEU G 173 -14.91 -18.14 62.71
N PRO G 174 -14.59 -17.14 61.85
CA PRO G 174 -14.78 -17.42 60.43
C PRO G 174 -13.70 -18.33 59.86
N GLU G 175 -12.62 -18.53 60.59
CA GLU G 175 -11.55 -19.43 60.16
C GLU G 175 -11.97 -20.89 60.35
N GLU G 176 -12.84 -21.13 61.33
CA GLU G 176 -13.33 -22.47 61.60
C GLU G 176 -14.55 -22.79 60.72
N PHE G 177 -15.17 -21.76 60.17
CA PHE G 177 -16.31 -21.94 59.28
C PHE G 177 -15.85 -22.49 57.94
N GLN G 178 -14.57 -22.29 57.64
CA GLN G 178 -14.02 -22.70 56.35
C GLN G 178 -13.55 -24.15 56.35
N THR G 179 -13.59 -24.80 57.51
CA THR G 179 -13.13 -26.18 57.61
C THR G 179 -14.12 -27.08 58.35
N SER G 180 -15.27 -26.53 58.71
CA SER G 180 -16.30 -27.31 59.40
C SER G 180 -17.06 -28.19 58.42
N ARG G 181 -17.64 -29.27 58.91
CA ARG G 181 -18.38 -30.20 58.06
C ARG G 181 -19.85 -30.26 58.45
N VAL G 190 -26.03 -22.87 57.79
CA VAL G 190 -25.05 -22.02 58.44
C VAL G 190 -24.17 -21.31 57.41
N ARG G 191 -24.25 -21.78 56.16
CA ARG G 191 -23.43 -21.22 55.09
C ARG G 191 -23.74 -19.75 54.82
N THR G 192 -25.02 -19.39 54.89
CA THR G 192 -25.45 -18.05 54.55
C THR G 192 -25.46 -17.10 55.75
N SER G 193 -25.35 -17.66 56.96
CA SER G 193 -25.44 -16.87 58.19
C SER G 193 -24.19 -16.00 58.43
N LEU G 194 -23.04 -16.60 58.17
CA LEU G 194 -21.74 -15.95 58.42
C LEU G 194 -21.62 -14.57 57.80
N ALA G 195 -22.22 -14.40 56.62
CA ALA G 195 -22.19 -13.12 55.92
C ALA G 195 -22.94 -12.06 56.72
N VAL G 196 -24.19 -12.38 57.07
CA VAL G 196 -25.01 -11.48 57.87
C VAL G 196 -24.31 -11.11 59.17
N GLU G 197 -23.75 -12.11 59.84
CA GLU G 197 -23.05 -11.87 61.08
C GLU G 197 -21.82 -10.97 60.87
N CYS G 198 -21.19 -11.11 59.71
CA CYS G 198 -20.07 -10.25 59.35
C CYS G 198 -20.55 -8.81 59.25
N GLY G 199 -21.68 -8.64 58.56
CA GLY G 199 -22.32 -7.34 58.43
C GLY G 199 -22.62 -6.75 59.78
N ALA G 200 -22.90 -7.61 60.76
CA ALA G 200 -23.14 -7.16 62.12
C ALA G 200 -21.84 -6.81 62.84
N VAL G 201 -20.75 -7.46 62.44
CA VAL G 201 -19.47 -7.32 63.12
C VAL G 201 -18.64 -6.11 62.67
N PHE G 202 -18.82 -5.70 61.41
CA PHE G 202 -18.05 -4.58 60.84
C PHE G 202 -18.17 -3.20 61.54
N PRO G 203 -19.39 -2.78 61.91
CA PRO G 203 -19.51 -1.48 62.59
C PRO G 203 -18.63 -1.34 63.83
N LEU G 204 -18.39 -2.45 64.53
CA LEU G 204 -17.54 -2.43 65.70
C LEU G 204 -16.09 -2.15 65.33
N LEU G 205 -15.62 -2.79 64.27
CA LEU G 205 -14.25 -2.60 63.82
C LEU G 205 -14.02 -1.16 63.35
N GLU G 206 -14.97 -0.64 62.58
CA GLU G 206 -14.93 0.74 62.12
C GLU G 206 -14.91 1.68 63.33
N GLN G 207 -15.69 1.34 64.35
CA GLN G 207 -15.75 2.15 65.57
C GLN G 207 -14.47 2.03 66.38
N LEU G 208 -13.95 0.82 66.49
CA LEU G 208 -12.76 0.57 67.30
C LEU G 208 -11.49 1.12 66.64
N LEU G 209 -11.50 1.20 65.31
CA LEU G 209 -10.31 1.62 64.57
C LEU G 209 -10.28 3.13 64.37
N GLN G 210 -11.45 3.76 64.29
CA GLN G 210 -11.55 5.18 64.06
C GLN G 210 -11.58 5.99 65.37
N GLN G 211 -11.37 5.29 66.49
CA GLN G 211 -11.28 5.95 67.79
C GLN G 211 -9.82 6.13 68.16
N PRO G 212 -9.43 7.34 68.60
CA PRO G 212 -8.04 7.65 68.92
C PRO G 212 -7.51 6.93 70.16
N SER G 213 -8.39 6.59 71.08
CA SER G 213 -7.97 6.04 72.38
C SER G 213 -7.53 4.58 72.32
N SER G 214 -7.80 3.92 71.19
CA SER G 214 -7.43 2.51 71.04
C SER G 214 -5.93 2.32 70.87
N PRO G 215 -5.36 1.34 71.60
CA PRO G 215 -3.94 0.99 71.54
C PRO G 215 -3.58 0.30 70.21
N SER G 216 -2.29 0.21 69.93
CA SER G 216 -1.81 -0.42 68.70
C SER G 216 -2.17 -1.91 68.66
N CYS G 217 -2.14 -2.56 69.81
CA CYS G 217 -2.49 -3.98 69.91
C CYS G 217 -3.90 -4.24 69.39
N VAL G 218 -4.86 -3.51 69.97
CA VAL G 218 -6.25 -3.59 69.56
C VAL G 218 -6.41 -3.38 68.06
N ARG G 219 -5.71 -2.40 67.52
CA ARG G 219 -5.77 -2.10 66.08
C ARG G 219 -5.28 -3.27 65.24
N GLN G 220 -4.12 -3.81 65.60
CA GLN G 220 -3.54 -4.94 64.88
C GLN G 220 -4.51 -6.13 64.87
N LYS G 221 -5.03 -6.45 66.04
CA LYS G 221 -6.03 -7.52 66.16
C LYS G 221 -7.24 -7.24 65.28
N VAL G 222 -7.68 -5.99 65.26
CA VAL G 222 -8.81 -5.57 64.43
C VAL G 222 -8.56 -5.82 62.94
N LEU G 223 -7.37 -5.44 62.48
CA LEU G 223 -7.01 -5.65 61.08
C LEU G 223 -6.97 -7.15 60.74
N LYS G 224 -6.38 -7.94 61.63
CA LYS G 224 -6.36 -9.40 61.43
C LYS G 224 -7.78 -9.95 61.33
N CYS G 225 -8.66 -9.46 62.19
CA CYS G 225 -10.07 -9.82 62.19
C CYS G 225 -10.70 -9.50 60.84
N PHE G 226 -10.46 -8.29 60.36
CA PHE G 226 -10.95 -7.86 59.07
C PHE G 226 -10.51 -8.81 57.97
N SER G 227 -9.23 -9.18 57.97
CA SER G 227 -8.73 -10.15 56.98
C SER G 227 -9.51 -11.46 57.05
N SER G 228 -9.61 -11.99 58.27
CA SER G 228 -10.34 -13.25 58.51
C SER G 228 -11.76 -13.22 57.95
N TRP G 229 -12.49 -12.13 58.17
CA TRP G 229 -13.86 -12.04 57.67
C TRP G 229 -13.92 -11.79 56.17
N VAL G 230 -12.93 -11.09 55.64
CA VAL G 230 -12.88 -10.81 54.20
C VAL G 230 -12.66 -12.11 53.43
N GLN G 231 -11.93 -13.04 54.04
CA GLN G 231 -11.68 -14.34 53.41
C GLN G 231 -12.97 -15.11 53.04
N LEU G 232 -14.12 -14.61 53.45
CA LEU G 232 -15.41 -15.21 53.11
C LEU G 232 -16.10 -14.46 51.98
N GLU G 233 -17.23 -15.00 51.51
CA GLU G 233 -17.99 -14.39 50.44
C GLU G 233 -18.75 -13.14 50.90
N VAL G 234 -17.99 -12.12 51.30
CA VAL G 234 -18.58 -10.85 51.71
C VAL G 234 -18.22 -9.76 50.70
N PRO G 235 -19.24 -9.07 50.16
CA PRO G 235 -19.10 -8.06 49.11
C PRO G 235 -18.06 -6.98 49.42
N LEU G 236 -17.33 -6.55 48.39
CA LEU G 236 -16.31 -5.51 48.54
C LEU G 236 -16.94 -4.19 48.94
N GLN G 237 -18.16 -3.95 48.46
CA GLN G 237 -18.86 -2.69 48.71
C GLN G 237 -19.08 -2.44 50.19
N ASP G 238 -19.17 -3.51 50.98
CA ASP G 238 -19.41 -3.40 52.41
C ASP G 238 -18.10 -3.33 53.19
N CYS G 239 -16.98 -3.46 52.50
CA CYS G 239 -15.67 -3.44 53.15
C CYS G 239 -14.99 -2.08 53.04
N GLU G 240 -15.48 -1.27 52.11
CA GLU G 240 -14.91 0.02 51.73
C GLU G 240 -14.25 0.77 52.88
N ALA G 241 -15.07 1.19 53.83
CA ALA G 241 -14.61 1.91 55.03
C ALA G 241 -13.34 1.28 55.60
N LEU G 242 -13.45 0.03 56.04
CA LEU G 242 -12.32 -0.68 56.63
C LEU G 242 -11.09 -0.69 55.72
N ILE G 243 -11.32 -0.94 54.42
CA ILE G 243 -10.25 -0.90 53.44
C ILE G 243 -9.50 0.42 53.55
N GLN G 244 -10.24 1.53 53.49
CA GLN G 244 -9.64 2.85 53.65
C GLN G 244 -8.84 2.92 54.93
N ALA G 245 -9.45 2.46 56.03
CA ALA G 245 -8.78 2.45 57.32
C ALA G 245 -7.44 1.72 57.21
N ALA G 246 -7.48 0.54 56.58
CA ALA G 246 -6.28 -0.27 56.40
C ALA G 246 -5.19 0.57 55.73
N PHE G 247 -5.56 1.30 54.68
CA PHE G 247 -4.60 2.14 53.98
C PHE G 247 -4.00 3.19 54.92
N ALA G 248 -4.85 3.81 55.74
CA ALA G 248 -4.38 4.81 56.68
C ALA G 248 -3.43 4.19 57.70
N ALA G 249 -3.58 2.88 57.92
CA ALA G 249 -2.75 2.18 58.90
C ALA G 249 -1.39 1.79 58.31
N LEU G 250 -1.18 2.08 57.03
CA LEU G 250 0.04 1.66 56.36
C LEU G 250 1.29 2.46 56.78
N GLN G 251 1.07 3.68 57.25
CA GLN G 251 2.19 4.53 57.67
C GLN G 251 2.73 4.06 59.01
N ASP G 252 1.89 3.38 59.77
CA ASP G 252 2.26 2.89 61.10
C ASP G 252 3.08 1.61 60.98
N SER G 253 4.28 1.64 61.56
CA SER G 253 5.18 0.49 61.52
C SER G 253 4.56 -0.74 62.19
N GLU G 254 3.81 -0.52 63.25
CA GLU G 254 3.22 -1.61 64.04
C GLU G 254 2.02 -2.25 63.33
N LEU G 255 1.34 -1.48 62.50
CA LEU G 255 0.11 -1.94 61.85
C LEU G 255 0.31 -2.24 60.38
N PHE G 256 1.55 -2.16 59.92
CA PHE G 256 1.85 -2.29 58.49
C PHE G 256 1.50 -3.67 57.94
N ASP G 257 2.04 -4.71 58.57
CA ASP G 257 1.81 -6.09 58.13
C ASP G 257 0.34 -6.42 58.04
N SER G 258 -0.38 -6.10 59.11
CA SER G 258 -1.80 -6.38 59.21
C SER G 258 -2.59 -5.68 58.11
N SER G 259 -2.25 -4.42 57.86
CA SER G 259 -2.90 -3.65 56.80
C SER G 259 -2.61 -4.26 55.43
N VAL G 260 -1.35 -4.63 55.20
CA VAL G 260 -0.97 -5.28 53.94
C VAL G 260 -1.80 -6.54 53.72
N GLU G 261 -1.81 -7.44 54.69
CA GLU G 261 -2.57 -8.68 54.56
C GLU G 261 -4.07 -8.43 54.36
N ALA G 262 -4.61 -7.47 55.09
CA ALA G 262 -6.04 -7.16 54.97
C ALA G 262 -6.39 -6.62 53.59
N ILE G 263 -5.59 -5.68 53.10
CA ILE G 263 -5.80 -5.09 51.78
C ILE G 263 -5.67 -6.13 50.68
N VAL G 264 -4.58 -6.90 50.72
CA VAL G 264 -4.35 -7.95 49.72
C VAL G 264 -5.49 -8.96 49.73
N ASN G 265 -5.94 -9.36 50.92
CA ASN G 265 -7.07 -10.28 51.02
C ASN G 265 -8.34 -9.69 50.44
N ALA G 266 -8.56 -8.40 50.67
CA ALA G 266 -9.73 -7.70 50.15
C ALA G 266 -9.72 -7.70 48.63
N ILE G 267 -8.61 -7.27 48.05
CA ILE G 267 -8.48 -7.17 46.59
C ILE G 267 -8.49 -8.54 45.92
N SER G 268 -7.82 -9.52 46.51
CA SER G 268 -7.63 -10.82 45.88
C SER G 268 -8.89 -11.69 45.87
N GLN G 269 -9.98 -11.19 46.43
CA GLN G 269 -11.22 -11.96 46.52
C GLN G 269 -11.76 -12.33 45.13
N PRO G 270 -12.30 -13.56 44.99
CA PRO G 270 -12.85 -14.04 43.72
C PRO G 270 -14.02 -13.19 43.22
N ASP G 271 -14.81 -12.67 44.14
CA ASP G 271 -16.01 -11.90 43.79
C ASP G 271 -15.72 -10.41 43.65
N ALA G 272 -14.47 -10.03 43.88
CA ALA G 272 -14.10 -8.61 43.91
C ALA G 272 -14.28 -7.91 42.57
N GLN G 273 -14.22 -8.67 41.48
CA GLN G 273 -14.33 -8.10 40.14
C GLN G 273 -15.74 -7.55 39.87
N ARG G 274 -16.72 -8.05 40.61
CA ARG G 274 -18.10 -7.64 40.42
C ARG G 274 -18.35 -6.18 40.84
N TYR G 275 -17.57 -5.70 41.81
CA TYR G 275 -17.73 -4.35 42.32
C TYR G 275 -16.65 -3.42 41.77
N VAL G 276 -16.87 -2.93 40.55
CA VAL G 276 -15.89 -2.13 39.84
C VAL G 276 -15.71 -0.71 40.41
N ASN G 277 -16.81 -0.14 40.91
CA ASN G 277 -16.77 1.21 41.46
C ASN G 277 -15.78 1.29 42.62
N THR G 278 -15.83 0.28 43.49
CA THR G 278 -14.94 0.20 44.64
C THR G 278 -13.49 0.09 44.19
N LEU G 279 -13.26 -0.62 43.09
CA LEU G 279 -11.90 -0.76 42.55
C LEU G 279 -11.42 0.59 42.03
N LEU G 280 -12.29 1.31 41.33
CA LEU G 280 -12.00 2.66 40.88
C LEU G 280 -11.68 3.55 42.06
N LYS G 281 -12.29 3.27 43.21
CA LYS G 281 -12.00 4.00 44.44
C LYS G 281 -10.69 3.52 45.05
N LEU G 282 -10.26 2.32 44.69
CA LEU G 282 -9.08 1.72 45.29
C LEU G 282 -7.81 2.09 44.52
N ILE G 283 -7.96 2.49 43.27
CA ILE G 283 -6.80 2.92 42.47
C ILE G 283 -6.01 4.09 43.07
N PRO G 284 -6.67 5.20 43.45
CA PRO G 284 -5.89 6.33 43.96
C PRO G 284 -5.22 6.04 45.30
N LEU G 285 -5.81 5.15 46.09
CA LEU G 285 -5.24 4.78 47.38
C LEU G 285 -3.89 4.07 47.19
N VAL G 286 -3.84 3.17 46.22
CA VAL G 286 -2.62 2.43 45.93
C VAL G 286 -1.54 3.36 45.36
N LEU G 287 -1.96 4.34 44.56
CA LEU G 287 -1.05 5.31 43.98
C LEU G 287 -0.49 6.25 45.05
N GLY G 288 -1.22 6.41 46.14
CA GLY G 288 -0.79 7.27 47.23
C GLY G 288 0.32 6.67 48.06
N LEU G 289 0.77 5.47 47.69
CA LEU G 289 1.84 4.80 48.38
C LEU G 289 3.17 4.96 47.64
N GLN G 290 3.17 5.77 46.58
CA GLN G 290 4.36 5.96 45.75
C GLN G 290 5.52 6.55 46.54
N GLU G 291 5.26 7.59 47.33
CA GLU G 291 6.31 8.24 48.10
C GLU G 291 6.84 7.35 49.21
N GLN G 292 5.93 6.61 49.86
CA GLN G 292 6.33 5.68 50.91
C GLN G 292 7.16 4.54 50.32
N LEU G 293 6.91 4.22 49.05
CA LEU G 293 7.65 3.18 48.36
C LEU G 293 9.05 3.65 47.96
N ARG G 294 9.11 4.84 47.35
CA ARG G 294 10.39 5.40 46.93
C ARG G 294 11.31 5.64 48.12
N GLN G 295 10.72 6.08 49.23
CA GLN G 295 11.48 6.32 50.45
C GLN G 295 12.03 5.02 51.02
N ALA G 296 11.22 3.97 50.92
CA ALA G 296 11.61 2.65 51.45
C ALA G 296 12.78 2.07 50.68
N VAL G 297 12.73 2.15 49.36
CA VAL G 297 13.82 1.65 48.52
C VAL G 297 15.11 2.41 48.78
N GLN G 298 14.99 3.72 49.00
CA GLN G 298 16.15 4.56 49.29
C GLN G 298 16.75 4.22 50.65
N ASN G 299 15.88 3.82 51.59
CA ASN G 299 16.33 3.49 52.93
C ASN G 299 16.74 2.03 53.10
N GLY G 300 16.69 1.28 52.00
CA GLY G 300 17.05 -0.13 52.04
C GLY G 300 16.05 -0.96 52.81
N ASP G 301 14.84 -0.43 52.97
CA ASP G 301 13.78 -1.10 53.69
C ASP G 301 13.12 -2.15 52.79
N MET G 302 13.36 -3.42 53.11
CA MET G 302 12.89 -4.51 52.27
C MET G 302 11.40 -4.82 52.49
N GLU G 303 11.04 -5.10 53.74
CA GLU G 303 9.68 -5.51 54.09
C GLU G 303 8.60 -4.57 53.57
N THR G 304 8.85 -3.26 53.70
CA THR G 304 7.88 -2.25 53.30
C THR G 304 7.66 -2.22 51.79
N SER G 305 8.74 -2.16 51.03
CA SER G 305 8.67 -2.16 49.58
C SER G 305 7.98 -3.44 49.09
N HIS G 306 8.33 -4.55 49.73
CA HIS G 306 7.72 -5.85 49.42
C HIS G 306 6.21 -5.80 49.64
N GLY G 307 5.80 -5.18 50.74
CA GLY G 307 4.39 -5.05 51.07
C GLY G 307 3.62 -4.21 50.08
N ILE G 308 4.12 -3.01 49.81
CA ILE G 308 3.48 -2.10 48.86
C ILE G 308 3.40 -2.74 47.47
N CYS G 309 4.47 -3.42 47.08
CA CYS G 309 4.48 -4.14 45.81
C CYS G 309 3.41 -5.23 45.82
N ARG G 310 3.26 -5.92 46.94
CA ARG G 310 2.21 -6.93 47.07
C ARG G 310 0.84 -6.34 46.86
N ILE G 311 0.61 -5.15 47.43
CA ILE G 311 -0.67 -4.46 47.26
C ILE G 311 -0.93 -4.07 45.80
N ALA G 312 0.03 -3.37 45.20
CA ALA G 312 -0.10 -2.92 43.82
C ALA G 312 -0.33 -4.08 42.85
N VAL G 313 0.50 -5.11 42.97
CA VAL G 313 0.36 -6.32 42.16
C VAL G 313 -0.98 -6.99 42.42
N ALA G 314 -1.43 -6.97 43.68
CA ALA G 314 -2.74 -7.54 44.02
C ALA G 314 -3.84 -6.84 43.24
N LEU G 315 -3.76 -5.51 43.14
CA LEU G 315 -4.75 -4.76 42.36
C LEU G 315 -4.64 -5.05 40.87
N GLY G 316 -3.43 -4.93 40.33
CA GLY G 316 -3.19 -5.13 38.91
C GLY G 316 -3.55 -6.52 38.39
N GLU G 317 -2.87 -7.53 38.93
CA GLU G 317 -3.03 -8.92 38.49
C GLU G 317 -4.47 -9.43 38.51
N ASN G 318 -5.32 -8.80 39.30
CA ASN G 318 -6.71 -9.23 39.40
C ASN G 318 -7.68 -8.37 38.61
N HIS G 319 -7.54 -7.05 38.68
CA HIS G 319 -8.51 -6.16 38.07
C HIS G 319 -7.95 -5.31 36.93
N SER G 320 -6.92 -5.84 36.28
CA SER G 320 -6.29 -5.15 35.15
C SER G 320 -7.26 -4.87 34.01
N ARG G 321 -7.91 -5.94 33.53
CA ARG G 321 -8.82 -5.81 32.39
C ARG G 321 -9.98 -4.89 32.70
N ALA G 322 -10.54 -5.01 33.90
CA ALA G 322 -11.63 -4.14 34.33
C ALA G 322 -11.16 -2.69 34.37
N LEU G 323 -9.92 -2.48 34.81
CA LEU G 323 -9.35 -1.13 34.85
C LEU G 323 -9.02 -0.61 33.45
N LEU G 324 -8.90 -1.52 32.49
CA LEU G 324 -8.59 -1.15 31.12
C LEU G 324 -9.83 -0.81 30.32
N ASP G 325 -10.94 -1.49 30.63
CA ASP G 325 -12.21 -1.23 29.97
C ASP G 325 -12.72 0.16 30.32
N GLN G 326 -12.45 0.59 31.54
CA GLN G 326 -12.78 1.94 31.99
C GLN G 326 -11.74 2.91 31.43
N VAL G 327 -11.87 3.24 30.15
CA VAL G 327 -10.89 4.06 29.45
C VAL G 327 -10.74 5.45 30.07
N GLU G 328 -11.80 5.95 30.69
CA GLU G 328 -11.79 7.28 31.30
C GLU G 328 -10.77 7.42 32.43
N HIS G 329 -10.20 6.30 32.88
CA HIS G 329 -9.20 6.31 33.94
C HIS G 329 -7.83 5.84 33.45
N TRP G 330 -7.65 5.84 32.12
CA TRP G 330 -6.45 5.30 31.48
C TRP G 330 -5.15 5.85 32.05
N GLN G 331 -5.17 7.12 32.47
CA GLN G 331 -4.01 7.74 33.08
C GLN G 331 -3.64 7.00 34.37
N SER G 332 -4.61 6.91 35.27
CA SER G 332 -4.37 6.29 36.58
C SER G 332 -3.73 4.92 36.46
N PHE G 333 -4.35 4.03 35.70
CA PHE G 333 -3.82 2.69 35.47
C PHE G 333 -2.38 2.73 34.97
N LEU G 334 -2.10 3.64 34.03
CA LEU G 334 -0.74 3.80 33.52
C LEU G 334 0.22 4.00 34.68
N ALA G 335 -0.12 4.93 35.58
CA ALA G 335 0.69 5.19 36.75
C ALA G 335 0.91 3.91 37.55
N LEU G 336 -0.17 3.17 37.76
CA LEU G 336 -0.09 1.89 38.46
C LEU G 336 0.98 1.01 37.81
N VAL G 337 0.92 0.90 36.48
CA VAL G 337 1.89 0.12 35.73
C VAL G 337 3.29 0.60 36.09
N ASN G 338 3.50 1.91 35.97
CA ASN G 338 4.78 2.51 36.33
C ASN G 338 5.22 2.06 37.72
N MET G 339 4.30 2.16 38.68
CA MET G 339 4.61 1.78 40.06
C MET G 339 5.12 0.35 40.09
N ILE G 340 4.40 -0.55 39.44
CA ILE G 340 4.79 -1.96 39.44
C ILE G 340 6.12 -2.11 38.71
N MET G 341 6.31 -1.33 37.65
CA MET G 341 7.58 -1.34 36.93
C MET G 341 8.70 -0.94 37.88
N PHE G 342 8.41 0.05 38.75
CA PHE G 342 9.38 0.54 39.71
C PHE G 342 9.82 -0.57 40.66
N CYS G 343 8.94 -1.53 40.90
CA CYS G 343 9.26 -2.64 41.79
C CYS G 343 10.02 -3.75 41.07
N THR G 344 9.94 -3.76 39.74
CA THR G 344 10.65 -4.74 38.95
C THR G 344 12.11 -4.33 38.78
N GLY G 345 12.33 -3.02 38.69
CA GLY G 345 13.66 -2.49 38.48
C GLY G 345 14.35 -2.02 39.75
N ILE G 346 13.91 -2.55 40.89
CA ILE G 346 14.54 -2.26 42.17
C ILE G 346 16.02 -2.64 42.13
N PRO G 347 16.91 -1.69 42.50
CA PRO G 347 18.36 -1.89 42.46
C PRO G 347 18.81 -3.11 43.24
N GLY G 348 19.86 -3.78 42.76
CA GLY G 348 20.39 -4.96 43.42
C GLY G 348 19.98 -6.24 42.73
N HIS G 349 20.34 -7.37 43.33
CA HIS G 349 20.05 -8.68 42.74
C HIS G 349 19.21 -9.56 43.66
N TYR G 350 18.17 -10.15 43.09
CA TYR G 350 17.30 -11.09 43.80
C TYR G 350 18.09 -12.35 44.14
N PRO G 351 17.90 -12.88 45.36
CA PRO G 351 17.06 -12.34 46.42
C PRO G 351 17.89 -11.64 47.49
N VAL G 352 19.18 -11.44 47.22
CA VAL G 352 20.10 -10.91 48.21
C VAL G 352 19.84 -9.45 48.56
N ASN G 353 19.43 -8.67 47.57
CA ASN G 353 19.16 -7.26 47.81
C ASN G 353 17.70 -6.97 48.14
N GLU G 354 16.80 -7.74 47.53
CA GLU G 354 15.38 -7.49 47.72
C GLU G 354 14.57 -8.74 47.35
N THR G 355 13.31 -8.78 47.80
CA THR G 355 12.42 -9.87 47.43
C THR G 355 11.22 -9.32 46.67
N THR G 356 11.26 -8.03 46.37
CA THR G 356 10.12 -7.33 45.79
C THR G 356 9.94 -7.58 44.29
N SER G 357 11.05 -7.74 43.57
CA SER G 357 11.02 -7.87 42.12
C SER G 357 10.13 -9.00 41.61
N SER G 358 10.43 -10.23 42.03
CA SER G 358 9.74 -11.43 41.56
C SER G 358 8.22 -11.30 41.55
N LEU G 359 7.68 -10.73 42.63
CA LEU G 359 6.25 -10.59 42.82
C LEU G 359 5.54 -9.87 41.67
N THR G 360 6.29 -9.17 40.83
CA THR G 360 5.70 -8.42 39.72
C THR G 360 5.52 -9.24 38.45
N LEU G 361 6.31 -10.30 38.30
CA LEU G 361 6.31 -11.10 37.07
C LEU G 361 4.92 -11.58 36.62
N THR G 362 4.17 -12.18 37.54
CA THR G 362 2.82 -12.65 37.25
C THR G 362 1.95 -11.54 36.66
N PHE G 363 2.13 -10.32 37.15
CA PHE G 363 1.40 -9.18 36.60
C PHE G 363 1.76 -8.95 35.14
N TRP G 364 3.06 -8.93 34.84
CA TRP G 364 3.53 -8.61 33.50
C TRP G 364 2.97 -9.57 32.45
N TYR G 365 2.65 -10.79 32.86
CA TYR G 365 1.97 -11.72 31.98
C TYR G 365 0.51 -11.32 31.80
N THR G 366 -0.18 -11.12 32.92
CA THR G 366 -1.60 -10.79 32.91
C THR G 366 -1.90 -9.63 31.94
N LEU G 367 -1.11 -8.57 32.06
CA LEU G 367 -1.21 -7.42 31.18
C LEU G 367 -1.14 -7.83 29.70
N GLN G 368 -0.10 -8.58 29.34
CA GLN G 368 0.07 -8.99 27.95
C GLN G 368 -1.07 -9.89 27.50
N ASP G 369 -1.75 -10.52 28.46
CA ASP G 369 -2.86 -11.41 28.13
C ASP G 369 -4.14 -10.60 27.91
N ASP G 370 -4.23 -9.45 28.56
CA ASP G 370 -5.40 -8.60 28.42
C ASP G 370 -5.33 -7.81 27.11
N ILE G 371 -4.21 -7.13 26.90
CA ILE G 371 -3.98 -6.34 25.70
C ILE G 371 -4.23 -7.12 24.41
N LEU G 372 -3.80 -8.38 24.39
CA LEU G 372 -3.96 -9.22 23.21
C LEU G 372 -5.42 -9.58 22.93
N SER G 373 -6.25 -9.58 23.96
CA SER G 373 -7.63 -10.03 23.81
C SER G 373 -8.52 -9.03 23.07
N PHE G 374 -8.34 -7.75 23.36
CA PHE G 374 -9.19 -6.71 22.78
C PHE G 374 -9.13 -6.68 21.26
N GLU G 375 -10.21 -6.21 20.63
CA GLU G 375 -10.23 -6.05 19.19
C GLU G 375 -9.25 -4.95 18.78
N ALA G 376 -8.82 -4.98 17.53
CA ALA G 376 -7.76 -4.09 17.03
C ALA G 376 -8.00 -2.61 17.30
N GLU G 377 -9.27 -2.21 17.37
CA GLU G 377 -9.62 -0.83 17.64
C GLU G 377 -9.09 -0.38 19.00
N LYS G 378 -9.19 -1.26 19.99
CA LYS G 378 -8.65 -0.98 21.32
C LYS G 378 -7.24 -1.56 21.47
N GLN G 379 -7.04 -2.74 20.88
CA GLN G 379 -5.76 -3.43 20.99
C GLN G 379 -4.62 -2.61 20.41
N ALA G 380 -4.84 -1.95 19.28
CA ALA G 380 -3.78 -1.16 18.66
C ALA G 380 -3.45 0.09 19.49
N VAL G 381 -4.46 0.68 20.09
CA VAL G 381 -4.26 1.82 20.97
C VAL G 381 -3.43 1.43 22.17
N TYR G 382 -3.90 0.42 22.89
CA TYR G 382 -3.22 -0.04 24.10
C TYR G 382 -1.83 -0.62 23.81
N GLN G 383 -1.66 -1.19 22.62
CA GLN G 383 -0.36 -1.73 22.24
C GLN G 383 0.59 -0.59 21.87
N GLN G 384 0.04 0.46 21.28
CA GLN G 384 0.84 1.64 20.98
C GLN G 384 1.28 2.30 22.28
N VAL G 385 0.42 2.25 23.29
CA VAL G 385 0.72 2.84 24.59
C VAL G 385 1.74 2.01 25.38
N TYR G 386 1.58 0.69 25.37
CA TYR G 386 2.37 -0.17 26.24
C TYR G 386 3.53 -0.93 25.58
N ARG G 387 3.72 -0.75 24.27
CA ARG G 387 4.91 -1.31 23.62
C ARG G 387 6.22 -0.77 24.18
N PRO G 388 6.33 0.56 24.35
CA PRO G 388 7.59 1.05 24.94
C PRO G 388 7.76 0.61 26.39
N VAL G 389 6.67 0.33 27.08
CA VAL G 389 6.72 -0.13 28.46
C VAL G 389 7.37 -1.51 28.53
N TYR G 390 7.02 -2.37 27.58
CA TYR G 390 7.57 -3.73 27.54
C TYR G 390 9.01 -3.76 27.04
N PHE G 391 9.38 -2.78 26.22
CA PHE G 391 10.76 -2.66 25.79
C PHE G 391 11.64 -2.21 26.96
N GLN G 392 11.06 -1.44 27.88
CA GLN G 392 11.75 -1.07 29.10
C GLN G 392 11.87 -2.27 30.01
N LEU G 393 10.78 -3.04 30.11
CA LEU G 393 10.74 -4.23 30.95
C LEU G 393 11.80 -5.24 30.54
N VAL G 394 11.94 -5.46 29.23
CA VAL G 394 12.96 -6.35 28.70
C VAL G 394 14.34 -5.85 29.11
N ASP G 395 14.58 -4.56 28.91
CA ASP G 395 15.84 -3.93 29.30
C ASP G 395 16.07 -4.12 30.80
N VAL G 396 15.02 -3.97 31.58
CA VAL G 396 15.10 -4.19 33.03
C VAL G 396 15.36 -5.65 33.36
N LEU G 397 14.53 -6.53 32.83
CA LEU G 397 14.61 -7.95 33.13
C LEU G 397 15.97 -8.55 32.77
N LEU G 398 16.55 -8.06 31.67
CA LEU G 398 17.86 -8.56 31.24
C LEU G 398 18.96 -8.11 32.20
N HIS G 399 18.76 -6.95 32.82
CA HIS G 399 19.74 -6.45 33.78
C HIS G 399 19.59 -7.16 35.13
N LYS G 400 18.35 -7.44 35.51
CA LYS G 400 18.08 -8.08 36.80
C LYS G 400 18.47 -9.55 36.77
N ALA G 401 18.54 -10.12 35.58
CA ALA G 401 18.89 -11.53 35.42
C ALA G 401 20.39 -11.72 35.24
N GLN G 402 21.11 -10.62 35.02
CA GLN G 402 22.56 -10.67 34.83
C GLN G 402 23.26 -11.13 36.11
N PHE G 403 24.25 -12.00 35.95
CA PHE G 403 25.04 -12.48 37.07
C PHE G 403 25.91 -11.37 37.65
N PRO G 404 26.16 -11.42 38.97
CA PRO G 404 27.05 -10.46 39.62
C PRO G 404 28.51 -10.78 39.31
N SER G 405 29.42 -9.93 39.75
CA SER G 405 30.84 -10.17 39.53
C SER G 405 31.25 -11.47 40.22
N ASP G 406 32.31 -12.09 39.72
CA ASP G 406 32.80 -13.36 40.24
C ASP G 406 33.05 -13.31 41.75
N GLU G 407 33.72 -12.26 42.19
CA GLU G 407 34.00 -12.07 43.60
C GLU G 407 32.72 -12.02 44.41
N GLU G 408 31.74 -11.25 43.93
CA GLU G 408 30.47 -11.11 44.63
C GLU G 408 29.70 -12.41 44.63
N TYR G 409 29.73 -13.13 43.51
CA TYR G 409 28.98 -14.36 43.36
C TYR G 409 29.59 -15.48 44.20
N GLY G 410 30.87 -15.32 44.54
CA GLY G 410 31.57 -16.31 45.33
C GLY G 410 31.15 -16.34 46.79
N PHE G 411 30.44 -15.30 47.23
CA PHE G 411 30.02 -15.21 48.62
C PHE G 411 28.52 -15.46 48.80
N TRP G 412 27.83 -15.70 47.69
CA TRP G 412 26.41 -16.03 47.75
C TRP G 412 26.23 -17.41 48.37
N SER G 413 25.21 -17.55 49.22
CA SER G 413 24.89 -18.84 49.82
C SER G 413 24.36 -19.78 48.75
N SER G 414 24.39 -21.07 49.02
CA SER G 414 23.91 -22.08 48.08
C SER G 414 22.43 -21.86 47.77
N ASP G 415 21.65 -21.65 48.82
CA ASP G 415 20.22 -21.40 48.70
C ASP G 415 19.94 -20.15 47.88
N GLU G 416 20.79 -19.13 48.03
CA GLU G 416 20.63 -17.89 47.29
C GLU G 416 20.90 -18.10 45.80
N LYS G 417 21.91 -18.91 45.50
CA LYS G 417 22.24 -19.24 44.12
C LYS G 417 21.09 -20.02 43.49
N GLU G 418 20.56 -20.99 44.22
CA GLU G 418 19.41 -21.76 43.75
C GLU G 418 18.20 -20.87 43.47
N GLN G 419 17.88 -20.01 44.44
CA GLN G 419 16.80 -19.03 44.30
C GLN G 419 17.01 -18.18 43.06
N PHE G 420 18.26 -17.82 42.79
CA PHE G 420 18.56 -17.03 41.61
C PHE G 420 18.29 -17.82 40.34
N ARG G 421 18.65 -19.10 40.33
CA ARG G 421 18.41 -19.95 39.17
C ARG G 421 16.91 -20.03 38.86
N ILE G 422 16.12 -20.29 39.91
CA ILE G 422 14.66 -20.34 39.76
C ILE G 422 14.13 -19.01 39.25
N TYR G 423 14.65 -17.92 39.81
CA TYR G 423 14.31 -16.56 39.39
C TYR G 423 14.54 -16.38 37.90
N ARG G 424 15.66 -16.91 37.42
CA ARG G 424 15.99 -16.86 36.00
C ARG G 424 15.02 -17.70 35.17
N VAL G 425 14.54 -18.80 35.74
CA VAL G 425 13.54 -19.61 35.04
C VAL G 425 12.26 -18.80 34.84
N ASP G 426 11.78 -18.18 35.91
CA ASP G 426 10.58 -17.36 35.85
C ASP G 426 10.73 -16.20 34.85
N ILE G 427 11.85 -15.49 34.96
CA ILE G 427 12.15 -14.39 34.05
C ILE G 427 12.17 -14.88 32.60
N SER G 428 12.73 -16.06 32.39
CA SER G 428 12.76 -16.67 31.06
C SER G 428 11.34 -16.87 30.52
N ASP G 429 10.48 -17.49 31.32
CA ASP G 429 9.09 -17.70 30.92
C ASP G 429 8.41 -16.39 30.52
N THR G 430 8.46 -15.42 31.43
CA THR G 430 7.84 -14.13 31.16
C THR G 430 8.45 -13.45 29.93
N LEU G 431 9.71 -13.78 29.65
CA LEU G 431 10.42 -13.19 28.52
C LEU G 431 9.90 -13.77 27.21
N MET G 432 9.65 -15.08 27.19
CA MET G 432 9.02 -15.69 26.03
C MET G 432 7.64 -15.06 25.81
N TYR G 433 6.86 -14.98 26.88
CA TYR G 433 5.54 -14.37 26.83
C TYR G 433 5.61 -12.93 26.31
N VAL G 434 6.72 -12.24 26.59
CA VAL G 434 6.92 -10.88 26.07
C VAL G 434 7.24 -10.90 24.58
N TYR G 435 8.07 -11.85 24.15
CA TYR G 435 8.39 -11.99 22.73
C TYR G 435 7.12 -12.22 21.93
N GLU G 436 6.14 -12.88 22.56
CA GLU G 436 4.84 -13.05 21.92
C GLU G 436 4.23 -11.73 21.46
N MET G 437 4.42 -10.67 22.25
CA MET G 437 3.82 -9.37 21.94
C MET G 437 4.75 -8.43 21.16
N LEU G 438 6.05 -8.48 21.46
CA LEU G 438 7.00 -7.57 20.81
C LEU G 438 7.46 -8.08 19.44
N GLY G 439 7.75 -9.37 19.35
CA GLY G 439 8.05 -10.00 18.07
C GLY G 439 9.44 -9.74 17.51
N ALA G 440 9.47 -9.28 16.26
CA ALA G 440 10.72 -9.13 15.51
C ALA G 440 11.63 -8.02 16.03
N GLU G 441 11.01 -6.92 16.48
CA GLU G 441 11.77 -5.76 16.95
C GLU G 441 12.71 -6.12 18.10
N LEU G 442 12.22 -6.91 19.04
CA LEU G 442 13.02 -7.32 20.19
C LEU G 442 14.23 -8.14 19.73
N LEU G 443 14.00 -9.03 18.78
CA LEU G 443 15.09 -9.85 18.22
C LEU G 443 16.13 -8.97 17.53
N SER G 444 15.67 -7.97 16.78
CA SER G 444 16.57 -7.03 16.13
C SER G 444 17.42 -6.27 17.16
N ASN G 445 16.77 -5.81 18.22
CA ASN G 445 17.47 -5.13 19.31
C ASN G 445 18.52 -6.03 19.94
N LEU G 446 18.17 -7.29 20.14
CA LEU G 446 19.09 -8.25 20.74
C LEU G 446 20.30 -8.50 19.86
N TYR G 447 20.06 -8.75 18.57
CA TYR G 447 21.15 -9.00 17.63
C TYR G 447 22.07 -7.80 17.50
N ASP G 448 21.46 -6.61 17.44
CA ASP G 448 22.23 -5.37 17.36
C ASP G 448 23.10 -5.18 18.60
N LYS G 449 22.47 -5.17 19.78
CA LYS G 449 23.17 -4.95 21.03
C LYS G 449 24.26 -5.98 21.30
N LEU G 450 23.98 -7.26 21.01
CA LEU G 450 24.97 -8.31 21.18
C LEU G 450 26.13 -8.16 20.21
N GLY G 451 25.80 -7.89 18.94
CA GLY G 451 26.80 -7.70 17.92
C GLY G 451 27.75 -6.57 18.27
N ARG G 452 27.18 -5.47 18.78
CA ARG G 452 27.97 -4.36 19.27
C ARG G 452 28.87 -4.80 20.41
N LEU G 453 28.24 -5.23 21.49
CA LEU G 453 28.93 -5.61 22.72
C LEU G 453 30.07 -6.60 22.52
N LEU G 454 29.90 -7.52 21.57
CA LEU G 454 30.86 -8.59 21.38
C LEU G 454 32.16 -8.14 20.73
N THR G 455 32.06 -7.36 19.66
CA THR G 455 33.23 -6.96 18.89
C THR G 455 33.32 -5.46 18.64
N SER G 456 32.25 -4.88 18.09
CA SER G 456 32.25 -3.48 17.68
C SER G 456 32.44 -2.52 18.87
N SER G 457 31.80 -2.82 19.99
CA SER G 457 31.93 -1.99 21.17
C SER G 457 33.28 -2.18 21.85
N GLU G 458 33.92 -1.07 22.20
CA GLU G 458 35.20 -1.09 22.90
C GLU G 458 35.01 -0.73 24.36
N GLU G 459 35.18 -1.71 25.24
CA GLU G 459 35.03 -1.51 26.68
C GLU G 459 35.61 -2.68 27.45
N PRO G 460 35.54 -2.60 28.77
CA PRO G 460 35.91 -3.72 29.62
C PRO G 460 34.88 -4.83 29.40
N TYR G 461 35.35 -6.01 29.02
CA TYR G 461 34.46 -7.11 28.69
C TYR G 461 33.99 -7.88 29.90
N SER G 462 32.67 -7.88 30.11
CA SER G 462 32.07 -8.65 31.20
C SER G 462 31.41 -9.91 30.66
N TRP G 463 31.85 -11.06 31.17
CA TRP G 463 31.25 -12.34 30.85
C TRP G 463 29.74 -12.31 31.11
N GLN G 464 29.37 -11.62 32.19
CA GLN G 464 27.97 -11.51 32.60
C GLN G 464 27.14 -10.69 31.62
N HIS G 465 27.75 -9.65 31.05
CA HIS G 465 27.06 -8.78 30.11
C HIS G 465 26.71 -9.53 28.83
N THR G 466 27.64 -10.33 28.34
CA THR G 466 27.41 -11.15 27.16
C THR G 466 26.39 -12.24 27.48
N GLU G 467 26.61 -12.91 28.62
CA GLU G 467 25.74 -14.02 29.03
C GLU G 467 24.30 -13.58 29.21
N ALA G 468 24.08 -12.35 29.67
CA ALA G 468 22.73 -11.84 29.86
C ALA G 468 21.96 -11.76 28.54
N LEU G 469 22.61 -11.18 27.53
CA LEU G 469 22.02 -11.08 26.20
C LEU G 469 21.81 -12.45 25.56
N LEU G 470 22.84 -13.30 25.64
CA LEU G 470 22.74 -14.65 25.07
C LEU G 470 21.62 -15.45 25.73
N TYR G 471 21.44 -15.25 27.03
CA TYR G 471 20.37 -15.87 27.80
C TYR G 471 19.03 -15.34 27.31
N GLY G 472 18.98 -14.03 27.06
CA GLY G 472 17.80 -13.43 26.46
C GLY G 472 17.42 -14.07 25.15
N PHE G 473 18.44 -14.38 24.33
CA PHE G 473 18.20 -15.05 23.06
C PHE G 473 17.70 -16.47 23.29
N GLN G 474 18.31 -17.15 24.27
CA GLN G 474 17.99 -18.54 24.57
C GLN G 474 16.56 -18.73 25.02
N SER G 475 16.08 -17.80 25.85
CA SER G 475 14.73 -17.90 26.41
C SER G 475 13.65 -17.85 25.34
N ILE G 476 13.99 -17.26 24.19
CA ILE G 476 13.03 -17.01 23.12
C ILE G 476 13.22 -17.98 21.94
N ALA G 477 14.46 -18.41 21.73
CA ALA G 477 14.86 -19.17 20.54
C ALA G 477 13.97 -20.36 20.15
N GLU G 478 13.18 -20.87 21.09
CA GLU G 478 12.31 -22.01 20.79
C GLU G 478 10.97 -21.57 20.20
N THR G 479 10.52 -20.39 20.62
CA THR G 479 9.19 -19.90 20.23
C THR G 479 9.21 -19.05 18.97
N ILE G 480 10.36 -18.95 18.31
CA ILE G 480 10.49 -18.12 17.12
C ILE G 480 9.72 -18.71 15.93
N ASP G 481 8.96 -17.86 15.25
CA ASP G 481 8.16 -18.29 14.10
C ASP G 481 9.04 -18.48 12.87
N VAL G 482 8.61 -19.37 11.97
CA VAL G 482 9.36 -19.68 10.75
C VAL G 482 9.35 -18.51 9.78
N TYR G 484 9.56 -15.05 9.98
CA TYR G 484 10.67 -14.13 10.20
C TYR G 484 11.93 -14.88 10.58
N SER G 485 12.95 -14.79 9.73
CA SER G 485 14.19 -15.51 9.96
C SER G 485 15.42 -14.67 9.65
N ASP G 486 15.28 -13.34 9.77
CA ASP G 486 16.37 -12.43 9.47
C ASP G 486 17.39 -12.33 10.61
N VAL G 487 16.93 -12.52 11.84
CA VAL G 487 17.78 -12.32 13.02
C VAL G 487 18.66 -13.54 13.34
N VAL G 488 18.12 -14.73 13.11
CA VAL G 488 18.80 -15.98 13.48
C VAL G 488 20.19 -16.24 12.86
N PRO G 489 20.31 -16.16 11.52
CA PRO G 489 21.59 -16.54 10.89
C PRO G 489 22.76 -15.70 11.39
N GLY G 490 22.50 -14.41 11.60
CA GLY G 490 23.50 -13.51 12.12
C GLY G 490 24.01 -13.99 13.47
N LEU G 491 23.07 -14.34 14.35
CA LEU G 491 23.40 -14.84 15.68
C LEU G 491 24.23 -16.12 15.58
N ILE G 492 23.78 -17.04 14.73
CA ILE G 492 24.51 -18.29 14.51
C ILE G 492 25.94 -17.98 14.07
N GLY G 493 26.09 -16.90 13.31
CA GLY G 493 27.40 -16.45 12.91
C GLY G 493 28.19 -15.86 14.07
N LEU G 494 27.50 -15.24 15.01
CA LEU G 494 28.15 -14.60 16.15
C LEU G 494 28.67 -15.63 17.16
N ILE G 495 27.97 -16.76 17.24
CA ILE G 495 28.28 -17.79 18.25
C ILE G 495 29.76 -18.19 18.38
N PRO G 496 30.43 -18.53 17.25
CA PRO G 496 31.83 -18.93 17.41
C PRO G 496 32.77 -17.77 17.74
N ARG G 497 32.28 -16.54 17.59
CA ARG G 497 33.10 -15.36 17.87
C ARG G 497 33.12 -15.05 19.36
N ILE G 498 32.32 -15.78 20.13
CA ILE G 498 32.22 -15.58 21.56
C ILE G 498 33.36 -16.28 22.31
N SER G 499 33.97 -15.57 23.26
CA SER G 499 34.97 -16.17 24.13
C SER G 499 34.29 -17.08 25.14
N ILE G 500 34.94 -18.19 25.48
CA ILE G 500 34.35 -19.15 26.41
C ILE G 500 35.24 -19.41 27.62
N SER G 501 35.59 -18.34 28.33
CA SER G 501 36.46 -18.43 29.50
C SER G 501 35.67 -18.66 30.78
N ASN G 502 34.35 -18.57 30.69
CA ASN G 502 33.48 -18.79 31.85
C ASN G 502 32.56 -19.98 31.60
N VAL G 503 32.39 -20.81 32.63
CA VAL G 503 31.54 -21.99 32.53
C VAL G 503 30.10 -21.61 32.24
N GLN G 504 29.64 -20.54 32.88
CA GLN G 504 28.27 -20.06 32.68
C GLN G 504 28.02 -19.66 31.24
N LEU G 505 28.97 -18.93 30.66
CA LEU G 505 28.84 -18.46 29.28
C LEU G 505 28.82 -19.64 28.32
N ALA G 506 29.65 -20.66 28.59
CA ALA G 506 29.68 -21.86 27.78
C ALA G 506 28.34 -22.58 27.86
N ASP G 507 27.79 -22.68 29.06
CA ASP G 507 26.50 -23.31 29.29
C ASP G 507 25.39 -22.59 28.52
N THR G 508 25.41 -21.27 28.55
CA THR G 508 24.40 -20.47 27.86
C THR G 508 24.53 -20.58 26.35
N VAL G 509 25.76 -20.62 25.84
CA VAL G 509 26.01 -20.84 24.42
C VAL G 509 25.44 -22.18 23.99
N MET G 510 25.80 -23.23 24.71
CA MET G 510 25.32 -24.58 24.42
C MET G 510 23.79 -24.64 24.43
N PHE G 511 23.19 -24.06 25.47
CA PHE G 511 21.73 -24.05 25.63
C PHE G 511 21.03 -23.29 24.51
N THR G 512 21.63 -22.20 24.07
CA THR G 512 21.08 -21.42 22.98
C THR G 512 21.13 -22.25 21.70
N ILE G 513 22.27 -22.88 21.46
CA ILE G 513 22.45 -23.74 20.29
C ILE G 513 21.40 -24.84 20.25
N GLY G 514 21.19 -25.49 21.39
CA GLY G 514 20.17 -26.51 21.51
C GLY G 514 18.78 -25.95 21.28
N ALA G 515 18.57 -24.71 21.71
CA ALA G 515 17.29 -24.05 21.53
C ALA G 515 17.01 -23.70 20.07
N LEU G 516 18.08 -23.60 19.27
CA LEU G 516 17.92 -23.32 17.85
C LEU G 516 17.94 -24.60 17.00
N SER G 517 17.58 -25.73 17.60
CA SER G 517 17.64 -27.03 16.94
C SER G 517 16.70 -27.14 15.74
N GLU G 518 15.42 -26.85 15.97
CA GLU G 518 14.41 -26.92 14.92
C GLU G 518 14.76 -26.02 13.74
N TRP G 519 15.37 -24.87 14.04
CA TRP G 519 15.80 -23.96 12.99
C TRP G 519 17.00 -24.53 12.25
N LEU G 520 17.91 -25.16 12.98
CA LEU G 520 19.09 -25.77 12.37
C LEU G 520 18.70 -26.94 11.45
N ALA G 521 17.58 -27.58 11.75
CA ALA G 521 17.09 -28.69 10.94
C ALA G 521 16.67 -28.23 9.54
N ASP G 522 16.20 -26.99 9.44
CA ASP G 522 15.75 -26.45 8.17
C ASP G 522 16.90 -25.83 7.37
N HIS G 523 18.03 -25.58 8.04
CA HIS G 523 19.18 -24.99 7.39
C HIS G 523 20.45 -25.77 7.72
N PRO G 524 20.61 -26.96 7.12
CA PRO G 524 21.73 -27.87 7.40
C PRO G 524 23.09 -27.24 7.12
N VAL G 525 23.14 -26.30 6.19
CA VAL G 525 24.39 -25.63 5.82
C VAL G 525 25.01 -24.92 7.01
N MET G 526 24.20 -24.62 8.03
CA MET G 526 24.66 -23.90 9.20
C MET G 526 25.14 -24.84 10.29
N ILE G 527 24.80 -26.13 10.18
CA ILE G 527 25.20 -27.12 11.18
C ILE G 527 26.70 -27.10 11.45
N ASN G 528 27.48 -27.07 10.38
CA ASN G 528 28.94 -27.08 10.47
C ASN G 528 29.51 -25.91 11.28
N SER G 529 28.69 -24.90 11.53
CA SER G 529 29.12 -23.75 12.31
C SER G 529 29.07 -24.03 13.81
N VAL G 530 28.11 -24.86 14.23
CA VAL G 530 27.92 -25.15 15.65
C VAL G 530 28.25 -26.59 16.02
N LEU G 531 28.31 -27.46 15.01
CA LEU G 531 28.63 -28.87 15.23
C LEU G 531 29.97 -29.12 15.95
N PRO G 532 31.06 -28.41 15.57
CA PRO G 532 32.30 -28.65 16.31
C PRO G 532 32.29 -28.03 17.71
N LEU G 533 31.63 -26.87 17.86
CA LEU G 533 31.59 -26.18 19.13
C LEU G 533 30.89 -27.02 20.20
N VAL G 534 29.81 -27.69 19.78
CA VAL G 534 29.08 -28.58 20.68
C VAL G 534 29.92 -29.82 20.99
N LEU G 535 30.56 -30.37 19.96
CA LEU G 535 31.37 -31.58 20.11
C LEU G 535 32.53 -31.35 21.07
N HIS G 536 33.11 -30.16 21.03
CA HIS G 536 34.22 -29.81 21.93
C HIS G 536 33.77 -29.75 23.38
N ALA G 537 32.61 -29.16 23.61
CA ALA G 537 32.11 -28.97 24.96
C ALA G 537 31.68 -30.28 25.63
N LEU G 538 31.61 -31.35 24.85
CA LEU G 538 31.19 -32.64 25.37
C LEU G 538 32.27 -33.26 26.25
N GLY G 539 33.53 -32.93 25.97
CA GLY G 539 34.65 -33.48 26.69
C GLY G 539 34.77 -32.99 28.12
N ASN G 540 34.38 -31.74 28.36
CA ASN G 540 34.44 -31.15 29.69
C ASN G 540 33.33 -31.68 30.60
N PRO G 541 33.68 -32.07 31.83
CA PRO G 541 32.72 -32.64 32.78
C PRO G 541 31.77 -31.60 33.35
N GLU G 542 32.17 -30.33 33.32
CA GLU G 542 31.37 -29.26 33.90
C GLU G 542 30.16 -28.90 33.03
N LEU G 543 30.36 -28.86 31.72
CA LEU G 543 29.29 -28.50 30.80
C LEU G 543 28.49 -29.73 30.34
N SER G 544 28.46 -30.76 31.19
CA SER G 544 27.84 -32.04 30.87
C SER G 544 26.38 -31.92 30.45
N VAL G 545 25.55 -31.39 31.35
CA VAL G 545 24.12 -31.26 31.11
C VAL G 545 23.83 -30.53 29.81
N SER G 546 24.35 -29.31 29.68
CA SER G 546 24.14 -28.49 28.49
C SER G 546 24.62 -29.17 27.20
N SER G 547 25.86 -29.66 27.22
CA SER G 547 26.44 -30.27 26.03
C SER G 547 25.67 -31.51 25.57
N VAL G 548 25.39 -32.41 26.50
CA VAL G 548 24.70 -33.64 26.16
C VAL G 548 23.26 -33.37 25.71
N SER G 549 22.53 -32.55 26.46
CA SER G 549 21.15 -32.22 26.09
C SER G 549 21.10 -31.54 24.73
N THR G 550 22.08 -30.67 24.46
CA THR G 550 22.16 -29.99 23.18
C THR G 550 22.47 -30.96 22.03
N LEU G 551 23.39 -31.89 22.25
CA LEU G 551 23.71 -32.90 21.24
C LEU G 551 22.48 -33.76 20.94
N LYS G 552 21.75 -34.11 21.99
CA LYS G 552 20.52 -34.88 21.84
C LYS G 552 19.50 -34.11 21.02
N LYS G 553 19.36 -32.82 21.32
CA LYS G 553 18.43 -31.96 20.60
C LYS G 553 18.80 -31.87 19.11
N ILE G 554 20.08 -31.63 18.83
CA ILE G 554 20.57 -31.52 17.46
C ILE G 554 20.37 -32.82 16.68
N CYS G 555 20.67 -33.95 17.31
CA CYS G 555 20.48 -35.25 16.68
C CYS G 555 19.01 -35.55 16.41
N ARG G 556 18.15 -35.14 17.35
CA ARG G 556 16.72 -35.37 17.19
C ARG G 556 16.14 -34.53 16.06
N GLU G 557 16.55 -33.26 16.00
CA GLU G 557 16.01 -32.34 15.00
C GLU G 557 16.59 -32.56 13.60
N CYS G 558 17.89 -32.85 13.53
CA CYS G 558 18.57 -32.97 12.25
C CYS G 558 19.13 -34.36 12.00
N LYS G 559 18.24 -35.36 11.93
CA LYS G 559 18.66 -36.75 11.75
C LYS G 559 19.17 -37.03 10.34
N TYR G 560 18.52 -36.42 9.34
CA TYR G 560 18.81 -36.75 7.95
C TYR G 560 19.94 -35.91 7.35
N ASP G 561 20.46 -34.98 8.13
CA ASP G 561 21.60 -34.18 7.69
C ASP G 561 22.84 -34.54 8.51
N LEU G 562 22.65 -35.46 9.45
CA LEU G 562 23.75 -35.98 10.24
C LEU G 562 24.57 -37.17 9.65
N PRO G 563 24.15 -37.76 8.52
CA PRO G 563 25.02 -38.83 7.99
C PRO G 563 26.51 -38.50 7.74
N PRO G 564 26.85 -37.32 7.19
CA PRO G 564 28.27 -37.12 6.87
C PRO G 564 29.18 -37.07 8.10
N TYR G 565 28.66 -36.57 9.22
CA TYR G 565 29.47 -36.36 10.41
C TYR G 565 29.31 -37.49 11.43
N ALA G 566 28.60 -38.53 11.03
CA ALA G 566 28.26 -39.63 11.94
C ALA G 566 29.46 -40.28 12.59
N ALA G 567 30.50 -40.57 11.80
CA ALA G 567 31.71 -41.21 12.30
C ALA G 567 32.38 -40.36 13.36
N ASN G 568 32.46 -39.05 13.11
CA ASN G 568 33.09 -38.13 14.04
C ASN G 568 32.31 -38.03 15.35
N ILE G 569 30.99 -37.91 15.24
CA ILE G 569 30.12 -37.82 16.40
C ILE G 569 30.24 -39.08 17.26
N VAL G 570 30.21 -40.24 16.60
CA VAL G 570 30.36 -41.51 17.29
C VAL G 570 31.73 -41.63 17.95
N ALA G 571 32.75 -41.09 17.29
CA ALA G 571 34.11 -41.13 17.83
C ALA G 571 34.22 -40.29 19.10
N VAL G 572 33.75 -39.04 19.03
CA VAL G 572 33.81 -38.14 20.17
C VAL G 572 32.96 -38.66 21.33
N SER G 573 31.79 -39.19 21.01
CA SER G 573 30.91 -39.75 22.03
C SER G 573 31.55 -40.96 22.71
N GLN G 574 32.16 -41.83 21.90
CA GLN G 574 32.82 -43.02 22.42
C GLN G 574 34.00 -42.66 23.31
N ASP G 575 34.75 -41.63 22.92
CA ASP G 575 35.89 -41.18 23.70
C ASP G 575 35.44 -40.54 25.01
N VAL G 576 34.41 -39.73 24.95
CA VAL G 576 33.88 -39.06 26.13
C VAL G 576 33.18 -40.05 27.07
N LEU G 577 32.80 -41.20 26.52
CA LEU G 577 32.18 -42.25 27.33
C LEU G 577 33.24 -43.15 27.94
N MET G 578 34.36 -43.31 27.22
CA MET G 578 35.49 -44.10 27.71
C MET G 578 36.02 -43.50 29.00
N LYS G 579 36.18 -42.18 29.01
CA LYS G 579 36.48 -41.46 30.23
C LYS G 579 35.17 -41.26 30.99
N GLN G 580 35.24 -41.11 32.30
CA GLN G 580 34.04 -40.90 33.09
C GLN G 580 33.69 -39.41 33.14
N ILE G 581 33.43 -38.84 31.96
CA ILE G 581 33.12 -37.42 31.84
C ILE G 581 31.74 -37.08 32.39
N HIS G 582 30.74 -37.86 31.99
CA HIS G 582 29.36 -37.58 32.36
C HIS G 582 28.82 -38.54 33.42
N LYS G 583 27.85 -38.05 34.20
CA LYS G 583 27.13 -38.92 35.13
C LYS G 583 26.17 -39.79 34.34
N THR G 584 25.60 -40.80 35.01
CA THR G 584 24.80 -41.82 34.34
C THR G 584 23.61 -41.29 33.52
N SER G 585 22.92 -40.29 34.05
CA SER G 585 21.75 -39.71 33.39
C SER G 585 22.12 -39.09 32.03
N GLN G 586 23.15 -38.25 32.05
CA GLN G 586 23.64 -37.63 30.84
C GLN G 586 24.16 -38.68 29.88
N CYS G 587 24.66 -39.79 30.40
CA CYS G 587 25.06 -40.92 29.57
C CYS G 587 23.85 -41.48 28.83
N MET G 588 22.74 -41.62 29.56
CA MET G 588 21.49 -42.08 28.95
C MET G 588 21.07 -41.14 27.81
N TRP G 589 21.05 -39.84 28.11
CA TRP G 589 20.73 -38.84 27.10
C TRP G 589 21.63 -39.01 25.87
N LEU G 590 22.93 -39.21 26.13
CA LEU G 590 23.90 -39.39 25.06
C LEU G 590 23.56 -40.61 24.20
N MET G 591 23.10 -41.67 24.85
CA MET G 591 22.69 -42.89 24.15
C MET G 591 21.50 -42.60 23.24
N GLN G 592 20.55 -41.81 23.74
CA GLN G 592 19.41 -41.39 22.93
C GLN G 592 19.88 -40.60 21.70
N ALA G 593 20.80 -39.67 21.93
CA ALA G 593 21.38 -38.86 20.85
C ALA G 593 22.00 -39.76 19.79
N LEU G 594 22.77 -40.74 20.22
CA LEU G 594 23.39 -41.70 19.30
C LEU G 594 22.34 -42.46 18.52
N GLY G 595 21.23 -42.80 19.18
CA GLY G 595 20.11 -43.46 18.53
C GLY G 595 19.56 -42.62 17.39
N PHE G 596 19.26 -41.37 17.68
CA PHE G 596 18.77 -40.44 16.66
C PHE G 596 19.75 -40.32 15.51
N LEU G 597 21.04 -40.29 15.85
CA LEU G 597 22.09 -40.15 14.83
C LEU G 597 22.16 -41.37 13.91
N LEU G 598 22.05 -42.56 14.49
CA LEU G 598 22.17 -43.81 13.74
C LEU G 598 20.90 -44.16 12.97
N SER G 599 19.78 -43.58 13.37
CA SER G 599 18.48 -43.92 12.78
C SER G 599 18.35 -43.55 11.29
N ALA G 600 19.21 -42.66 10.82
CA ALA G 600 19.13 -42.18 9.44
C ALA G 600 20.30 -42.63 8.57
N LEU G 601 21.12 -43.53 9.10
CA LEU G 601 22.25 -44.07 8.35
C LEU G 601 21.81 -45.34 7.64
N GLN G 602 22.52 -45.73 6.58
CA GLN G 602 22.19 -46.97 5.90
C GLN G 602 22.56 -48.18 6.74
N VAL G 603 21.87 -49.29 6.50
CA VAL G 603 21.91 -50.48 7.35
C VAL G 603 23.30 -50.97 7.74
N GLU G 604 24.18 -51.07 6.75
CA GLU G 604 25.54 -51.56 6.99
C GLU G 604 26.33 -50.63 7.90
N GLU G 605 26.26 -49.33 7.62
CA GLU G 605 26.93 -48.33 8.43
C GLU G 605 26.39 -48.37 9.86
N ILE G 606 25.07 -48.51 9.97
CA ILE G 606 24.42 -48.63 11.27
C ILE G 606 24.97 -49.83 12.03
N LEU G 607 25.14 -50.94 11.33
CA LEU G 607 25.67 -52.17 11.93
C LEU G 607 27.10 -51.97 12.43
N LYS G 608 27.99 -51.51 11.55
CA LYS G 608 29.39 -51.30 11.91
C LYS G 608 29.54 -50.35 13.09
N ASN G 609 28.90 -49.18 12.99
CA ASN G 609 28.94 -48.19 14.07
C ASN G 609 28.38 -48.76 15.38
N LEU G 610 27.25 -49.44 15.29
CA LEU G 610 26.61 -50.02 16.47
C LEU G 610 27.49 -51.05 17.15
N HIS G 611 28.22 -51.84 16.36
CA HIS G 611 29.12 -52.82 16.95
C HIS G 611 30.29 -52.10 17.60
N SER G 612 30.85 -51.12 16.91
CA SER G 612 31.96 -50.32 17.45
C SER G 612 31.58 -49.63 18.76
N LEU G 613 30.29 -49.34 18.95
CA LEU G 613 29.83 -48.62 20.14
C LEU G 613 29.42 -49.55 21.27
N ILE G 614 28.77 -50.66 20.94
CA ILE G 614 28.14 -51.52 21.94
C ILE G 614 28.95 -52.76 22.32
N SER G 615 29.86 -53.20 21.44
CA SER G 615 30.68 -54.38 21.71
C SER G 615 31.47 -54.35 23.03
N PRO G 616 32.11 -53.21 23.36
CA PRO G 616 32.83 -53.19 24.65
C PRO G 616 31.90 -53.32 25.84
N TYR G 617 30.74 -52.70 25.77
CA TYR G 617 29.77 -52.76 26.87
C TYR G 617 29.19 -54.16 27.04
N ILE G 618 28.95 -54.84 25.93
CA ILE G 618 28.44 -56.21 25.95
C ILE G 618 29.51 -57.14 26.49
N GLN G 619 30.76 -56.87 26.12
CA GLN G 619 31.91 -57.62 26.61
C GLN G 619 32.05 -57.44 28.12
N GLN G 620 31.93 -56.19 28.57
CA GLN G 620 32.04 -55.87 29.99
C GLN G 620 30.90 -56.50 30.78
N LEU G 621 29.74 -56.63 30.15
CA LEU G 621 28.59 -57.27 30.78
C LEU G 621 28.82 -58.77 30.91
N GLU G 622 29.48 -59.35 29.93
CA GLU G 622 29.81 -60.77 29.95
C GLU G 622 30.80 -61.07 31.07
N LYS G 623 31.73 -60.16 31.29
CA LYS G 623 32.68 -60.29 32.38
C LYS G 623 31.99 -60.05 33.72
N LEU G 624 30.92 -59.25 33.68
CA LEU G 624 30.12 -58.99 34.86
C LEU G 624 29.11 -60.11 35.11
N ALA G 625 28.77 -60.81 34.04
CA ALA G 625 27.83 -61.94 34.13
C ALA G 625 28.45 -63.08 34.91
N GLU G 626 29.71 -63.37 34.63
CA GLU G 626 30.44 -64.39 35.37
C GLU G 626 31.11 -63.77 36.60
N GLU G 627 30.29 -63.26 37.52
CA GLU G 627 30.82 -62.63 38.72
C GLU G 627 29.88 -62.77 39.93
N ILE G 628 30.39 -62.35 41.08
CA ILE G 628 29.65 -62.39 42.34
C ILE G 628 28.47 -61.42 42.31
N PRO G 629 27.45 -61.66 43.15
CA PRO G 629 26.28 -60.77 43.20
C PRO G 629 26.50 -59.52 44.03
N ASN G 630 27.75 -59.06 44.16
CA ASN G 630 28.07 -57.86 44.93
C ASN G 630 27.36 -56.63 44.38
N PRO G 631 26.91 -55.73 45.26
CA PRO G 631 26.14 -54.53 44.87
C PRO G 631 26.93 -53.59 43.95
N SER G 632 28.23 -53.47 44.20
CA SER G 632 29.09 -52.64 43.38
C SER G 632 29.05 -53.10 41.92
N ASN G 633 28.89 -54.40 41.72
CA ASN G 633 28.76 -54.96 40.38
C ASN G 633 27.34 -54.73 39.84
N LYS G 634 26.37 -54.76 40.75
CA LYS G 634 24.98 -54.49 40.39
C LYS G 634 24.85 -53.11 39.78
N LEU G 635 25.61 -52.15 40.32
CA LEU G 635 25.63 -50.80 39.76
C LEU G 635 26.03 -50.82 38.29
N ALA G 636 27.10 -51.56 37.98
CA ALA G 636 27.59 -51.68 36.61
C ALA G 636 26.57 -52.35 35.71
N ILE G 637 25.97 -53.43 36.18
CA ILE G 637 24.96 -54.15 35.42
C ILE G 637 23.80 -53.24 35.04
N VAL G 638 23.24 -52.56 36.05
CA VAL G 638 22.15 -51.61 35.84
C VAL G 638 22.56 -50.50 34.88
N HIS G 639 23.80 -50.04 35.00
CA HIS G 639 24.32 -49.01 34.09
C HIS G 639 24.29 -49.46 32.64
N ILE G 640 24.87 -50.63 32.36
CA ILE G 640 24.90 -51.17 31.00
C ILE G 640 23.50 -51.40 30.44
N LEU G 641 22.65 -52.02 31.25
CA LEU G 641 21.26 -52.27 30.86
C LEU G 641 20.54 -50.98 30.49
N GLY G 642 20.75 -49.95 31.30
CA GLY G 642 20.18 -48.64 31.05
C GLY G 642 20.68 -48.01 29.77
N LEU G 643 21.98 -48.16 29.51
CA LEU G 643 22.57 -47.68 28.26
C LEU G 643 21.86 -48.32 27.08
N LEU G 644 21.74 -49.66 27.11
CA LEU G 644 21.07 -50.39 26.04
C LEU G 644 19.63 -49.92 25.84
N SER G 645 18.87 -49.88 26.92
CA SER G 645 17.47 -49.46 26.87
C SER G 645 17.32 -48.06 26.27
N ASN G 646 18.15 -47.13 26.72
CA ASN G 646 18.12 -45.76 26.22
C ASN G 646 18.51 -45.67 24.74
N LEU G 647 19.46 -46.49 24.32
CA LEU G 647 19.87 -46.51 22.92
C LEU G 647 18.73 -47.03 22.05
N PHE G 648 18.00 -48.02 22.57
CA PHE G 648 16.90 -48.62 21.83
C PHE G 648 15.61 -47.81 21.96
N THR G 649 15.61 -46.79 22.81
CA THR G 649 14.48 -45.89 22.93
C THR G 649 14.40 -44.96 21.73
N THR G 650 15.57 -44.64 21.16
CA THR G 650 15.66 -43.57 20.17
C THR G 650 15.98 -44.04 18.75
N LEU G 651 16.49 -45.26 18.62
CA LEU G 651 16.95 -45.77 17.33
C LEU G 651 15.81 -46.38 16.50
N ASP G 652 15.28 -45.60 15.56
CA ASP G 652 14.19 -46.07 14.72
C ASP G 652 14.45 -45.81 13.24
N ILE G 653 14.60 -46.87 12.46
CA ILE G 653 14.89 -46.76 11.03
C ILE G 653 13.59 -46.54 10.25
N SER G 654 12.47 -46.94 10.82
CA SER G 654 11.18 -46.81 10.15
C SER G 654 10.60 -45.40 10.32
N HIS G 655 11.14 -44.65 11.28
CA HIS G 655 10.73 -43.28 11.56
C HIS G 655 9.22 -43.14 11.76
N HIS G 656 8.68 -43.91 12.70
CA HIS G 656 7.25 -43.88 12.98
C HIS G 656 6.79 -42.51 13.47
N GLY G 673 17.03 -56.78 4.13
CA GLY G 673 17.85 -56.29 5.22
C GLY G 673 17.12 -56.31 6.55
N PRO G 674 17.68 -57.02 7.54
CA PRO G 674 17.09 -57.15 8.88
C PRO G 674 17.31 -55.89 9.72
N ASN G 675 16.53 -55.75 10.78
CA ASN G 675 16.62 -54.60 11.67
C ASN G 675 17.76 -54.75 12.66
N PRO G 676 18.62 -53.72 12.76
CA PRO G 676 19.82 -53.71 13.61
C PRO G 676 19.50 -54.00 15.07
N VAL G 677 18.50 -53.32 15.62
CA VAL G 677 18.10 -53.51 17.01
C VAL G 677 17.67 -54.96 17.25
N VAL G 678 16.94 -55.52 16.29
CA VAL G 678 16.48 -56.90 16.39
C VAL G 678 17.66 -57.88 16.46
N VAL G 679 18.64 -57.68 15.60
CA VAL G 679 19.84 -58.51 15.58
C VAL G 679 20.62 -58.39 16.87
N VAL G 680 20.76 -57.16 17.36
CA VAL G 680 21.45 -56.91 18.62
C VAL G 680 20.76 -57.64 19.78
N LEU G 681 19.44 -57.51 19.84
CA LEU G 681 18.66 -58.20 20.86
C LEU G 681 18.84 -59.71 20.77
N GLN G 682 18.83 -60.23 19.55
CA GLN G 682 18.99 -61.66 19.33
C GLN G 682 20.35 -62.16 19.79
N GLN G 683 21.40 -61.39 19.54
CA GLN G 683 22.75 -61.79 19.91
C GLN G 683 23.10 -61.43 21.36
N VAL G 684 22.21 -60.72 22.04
CA VAL G 684 22.42 -60.38 23.44
C VAL G 684 21.54 -61.19 24.38
N PHE G 685 20.51 -61.83 23.82
CA PHE G 685 19.49 -62.53 24.59
C PHE G 685 20.06 -63.59 25.54
N GLN G 686 21.13 -64.26 25.14
CA GLN G 686 21.77 -65.26 25.98
C GLN G 686 22.34 -64.62 27.24
N LEU G 687 23.08 -63.54 27.05
CA LEU G 687 23.67 -62.79 28.16
C LEU G 687 22.57 -62.26 29.08
N ILE G 688 21.49 -61.75 28.48
CA ILE G 688 20.37 -61.25 29.27
C ILE G 688 19.76 -62.37 30.12
N GLN G 689 19.62 -63.55 29.52
CA GLN G 689 19.09 -64.71 30.22
C GLN G 689 19.98 -65.10 31.39
N LYS G 690 21.30 -65.01 31.18
CA LYS G 690 22.25 -65.30 32.25
C LYS G 690 22.08 -64.31 33.40
N VAL G 691 22.02 -63.02 33.05
CA VAL G 691 21.83 -61.96 34.04
C VAL G 691 20.56 -62.15 34.85
N LEU G 692 19.47 -62.50 34.17
CA LEU G 692 18.19 -62.73 34.83
C LEU G 692 18.24 -63.97 35.72
N SER G 693 18.98 -64.99 35.27
CA SER G 693 19.13 -66.22 36.02
C SER G 693 19.91 -65.98 37.31
N LYS G 694 20.89 -65.08 37.26
CA LYS G 694 21.72 -64.78 38.43
C LYS G 694 21.11 -63.72 39.35
N TRP G 695 20.22 -62.89 38.81
CA TRP G 695 19.65 -61.78 39.57
C TRP G 695 18.13 -61.82 39.64
N LEU G 696 17.57 -63.02 39.72
CA LEU G 696 16.12 -63.20 39.70
C LEU G 696 15.38 -62.48 40.82
N ASN G 697 15.98 -62.46 42.02
CA ASN G 697 15.32 -61.91 43.21
C ASN G 697 15.39 -60.39 43.29
N ASP G 698 16.27 -59.78 42.50
CA ASP G 698 16.47 -58.34 42.53
C ASP G 698 15.45 -57.63 41.65
N ALA G 699 14.68 -56.72 42.24
CA ALA G 699 13.61 -56.02 41.53
C ALA G 699 14.13 -54.95 40.59
N GLN G 700 15.20 -54.26 40.99
CA GLN G 700 15.75 -53.17 40.19
C GLN G 700 16.36 -53.64 38.87
N VAL G 701 17.23 -54.64 38.95
CA VAL G 701 17.87 -55.20 37.76
C VAL G 701 16.83 -55.80 36.82
N VAL G 702 15.85 -56.49 37.37
CA VAL G 702 14.76 -57.05 36.59
C VAL G 702 13.99 -55.93 35.91
N GLU G 703 13.80 -54.82 36.61
CA GLU G 703 13.12 -53.65 36.07
C GLU G 703 13.92 -53.08 34.90
N ALA G 704 15.24 -53.14 35.00
CA ALA G 704 16.10 -52.69 33.92
C ALA G 704 15.96 -53.58 32.69
N VAL G 705 16.04 -54.89 32.93
CA VAL G 705 15.90 -55.89 31.87
C VAL G 705 14.56 -55.75 31.15
N CYS G 706 13.50 -55.50 31.91
CA CYS G 706 12.18 -55.28 31.33
C CYS G 706 12.13 -53.95 30.58
N ALA G 707 12.82 -52.95 31.12
CA ALA G 707 12.86 -51.62 30.51
C ALA G 707 13.48 -51.65 29.12
N ILE G 708 14.49 -52.50 28.96
CA ILE G 708 15.10 -52.72 27.65
C ILE G 708 14.03 -53.04 26.61
N PHE G 709 13.22 -54.06 26.90
CA PHE G 709 12.21 -54.51 25.96
C PHE G 709 11.03 -53.55 25.84
N GLU G 710 10.72 -52.84 26.92
CA GLU G 710 9.65 -51.84 26.88
C GLU G 710 10.02 -50.75 25.89
N LYS G 711 11.20 -50.17 26.08
CA LYS G 711 11.70 -49.13 25.18
C LYS G 711 11.82 -49.66 23.76
N SER G 712 12.38 -50.85 23.62
CA SER G 712 12.55 -51.49 22.31
C SER G 712 11.23 -51.63 21.55
N VAL G 713 10.19 -52.04 22.26
CA VAL G 713 8.86 -52.21 21.65
C VAL G 713 8.25 -50.85 21.31
N LYS G 714 8.35 -49.89 22.23
CA LYS G 714 7.83 -48.55 21.97
C LYS G 714 8.51 -47.91 20.77
N THR G 715 9.75 -48.31 20.50
CA THR G 715 10.50 -47.76 19.38
C THR G 715 10.10 -48.39 18.04
N LEU G 716 10.25 -49.71 17.94
CA LEU G 716 9.88 -50.42 16.72
C LEU G 716 8.57 -51.19 16.93
N LEU G 717 7.50 -50.67 16.33
CA LEU G 717 6.16 -51.21 16.56
C LEU G 717 5.93 -52.58 15.94
N ASP G 718 6.09 -52.67 14.62
CA ASP G 718 5.84 -53.93 13.92
C ASP G 718 7.10 -54.74 13.70
N ASP G 719 8.25 -54.06 13.70
CA ASP G 719 9.53 -54.71 13.41
C ASP G 719 10.13 -55.44 14.61
N PHE G 720 9.32 -55.64 15.65
CA PHE G 720 9.76 -56.37 16.83
C PHE G 720 9.30 -57.83 16.76
N ALA G 721 8.49 -58.13 15.75
CA ALA G 721 7.89 -59.46 15.57
C ALA G 721 8.81 -60.68 15.79
N PRO G 722 10.01 -60.68 15.16
CA PRO G 722 10.88 -61.86 15.37
C PRO G 722 11.32 -62.06 16.81
N MET G 723 11.10 -61.08 17.67
CA MET G 723 11.48 -61.18 19.07
C MET G 723 10.30 -61.52 19.97
N VAL G 724 9.13 -61.75 19.36
CA VAL G 724 7.92 -62.06 20.11
C VAL G 724 7.93 -63.41 20.85
N PRO G 725 8.24 -64.52 20.16
CA PRO G 725 8.17 -65.80 20.86
C PRO G 725 9.19 -65.95 22.00
N GLN G 726 10.37 -65.34 21.84
CA GLN G 726 11.42 -65.46 22.84
C GLN G 726 11.11 -64.64 24.09
N LEU G 727 10.47 -63.49 23.90
CA LEU G 727 10.16 -62.60 25.01
C LEU G 727 9.03 -63.13 25.89
N CYS G 728 8.04 -63.76 25.25
CA CYS G 728 6.90 -64.31 25.98
C CYS G 728 7.32 -65.42 26.93
N GLU G 729 8.29 -66.22 26.51
CA GLU G 729 8.81 -67.29 27.34
C GLU G 729 9.57 -66.70 28.52
N MET G 730 10.31 -65.62 28.27
CA MET G 730 11.08 -64.96 29.31
C MET G 730 10.18 -64.28 30.33
N LEU G 731 9.20 -63.52 29.84
CA LEU G 731 8.26 -62.81 30.70
C LEU G 731 7.36 -63.79 31.45
N GLY G 732 7.03 -64.91 30.79
CA GLY G 732 6.19 -65.93 31.39
C GLY G 732 6.89 -66.69 32.48
N ARG G 733 8.17 -66.98 32.29
CA ARG G 733 8.96 -67.68 33.28
C ARG G 733 9.27 -66.77 34.47
N MET G 734 9.47 -65.49 34.20
CA MET G 734 9.77 -64.52 35.23
C MET G 734 8.58 -64.32 36.17
N TYR G 735 7.40 -64.13 35.58
CA TYR G 735 6.19 -63.87 36.37
C TYR G 735 5.76 -65.11 37.15
N SER G 736 6.04 -66.28 36.59
CA SER G 736 5.72 -67.54 37.25
C SER G 736 6.56 -67.73 38.51
N THR G 737 7.81 -67.25 38.45
CA THR G 737 8.72 -67.36 39.57
C THR G 737 8.52 -66.22 40.58
N ILE G 738 8.75 -64.99 40.12
CA ILE G 738 8.60 -63.81 40.97
C ILE G 738 7.76 -62.74 40.27
N PRO G 739 6.48 -62.61 40.67
CA PRO G 739 5.54 -61.66 40.07
C PRO G 739 5.96 -60.20 40.27
N GLN G 740 6.09 -59.46 39.16
CA GLN G 740 6.39 -58.04 39.21
C GLN G 740 5.52 -57.30 38.21
N ALA G 741 5.18 -56.04 38.52
CA ALA G 741 4.26 -55.26 37.71
C ALA G 741 4.80 -54.96 36.31
N SER G 742 6.11 -54.79 36.21
CA SER G 742 6.75 -54.44 34.95
C SER G 742 6.47 -55.47 33.87
N ALA G 743 6.39 -56.75 34.27
CA ALA G 743 6.09 -57.83 33.34
C ALA G 743 4.68 -57.66 32.77
N LEU G 744 3.72 -57.32 33.63
CA LEU G 744 2.36 -57.07 33.20
C LEU G 744 2.31 -55.87 32.26
N ASP G 745 3.12 -54.86 32.54
CA ASP G 745 3.20 -53.69 31.68
C ASP G 745 3.73 -54.05 30.28
N LEU G 746 4.80 -54.83 30.24
CA LEU G 746 5.38 -55.28 28.96
C LEU G 746 4.37 -56.12 28.18
N THR G 747 3.65 -56.99 28.90
CA THR G 747 2.58 -57.78 28.30
C THR G 747 1.54 -56.86 27.67
N ARG G 748 1.15 -55.81 28.39
CA ARG G 748 0.21 -54.83 27.87
C ARG G 748 0.73 -54.15 26.61
N GLN G 749 2.03 -53.84 26.59
CA GLN G 749 2.64 -53.25 25.41
C GLN G 749 2.53 -54.18 24.21
N LEU G 750 2.88 -55.45 24.42
CA LEU G 750 2.79 -56.46 23.37
C LEU G 750 1.36 -56.61 22.84
N VAL G 751 0.40 -56.63 23.77
CA VAL G 751 -1.02 -56.72 23.42
C VAL G 751 -1.44 -55.54 22.57
N HIS G 752 -1.01 -54.34 22.97
CA HIS G 752 -1.34 -53.13 22.21
C HIS G 752 -0.75 -53.20 20.81
N ILE G 753 0.46 -53.75 20.71
CA ILE G 753 1.16 -53.81 19.43
C ILE G 753 0.57 -54.83 18.45
N PHE G 754 0.60 -56.11 18.82
CA PHE G 754 0.31 -57.18 17.88
C PHE G 754 -1.12 -57.73 17.92
N ALA G 755 -2.06 -56.92 18.39
CA ALA G 755 -3.44 -57.37 18.52
C ALA G 755 -4.10 -57.65 17.18
N HIS G 756 -4.02 -56.68 16.27
CA HIS G 756 -4.71 -56.79 14.98
C HIS G 756 -4.10 -57.83 14.05
N GLU G 757 -2.78 -57.99 14.09
CA GLU G 757 -2.10 -58.97 13.24
C GLU G 757 -1.99 -60.34 13.91
N PRO G 758 -2.74 -61.32 13.39
CA PRO G 758 -2.80 -62.68 13.96
C PRO G 758 -1.51 -63.46 13.75
N ALA G 759 -0.67 -62.98 12.84
CA ALA G 759 0.55 -63.69 12.45
C ALA G 759 1.53 -63.89 13.61
N HIS G 760 1.51 -62.96 14.57
CA HIS G 760 2.48 -63.00 15.65
C HIS G 760 1.81 -62.97 17.03
N PHE G 761 0.48 -62.86 17.04
CA PHE G 761 -0.30 -62.73 18.27
C PHE G 761 -0.38 -63.94 19.23
N PRO G 762 -0.55 -65.18 18.71
CA PRO G 762 -0.79 -66.33 19.60
C PRO G 762 0.16 -66.53 20.79
N PRO G 763 1.47 -66.29 20.66
CA PRO G 763 2.29 -66.44 21.86
C PRO G 763 1.96 -65.41 22.93
N ILE G 764 1.50 -64.24 22.51
CA ILE G 764 1.13 -63.17 23.43
C ILE G 764 -0.17 -63.51 24.17
N GLU G 765 -1.09 -64.14 23.46
CA GLU G 765 -2.36 -64.56 24.05
C GLU G 765 -2.12 -65.57 25.17
N ALA G 766 -1.15 -66.45 24.96
CA ALA G 766 -0.80 -67.45 25.96
C ALA G 766 -0.18 -66.77 27.18
N LEU G 767 0.60 -65.73 26.94
CA LEU G 767 1.21 -64.96 28.01
C LEU G 767 0.13 -64.20 28.78
N PHE G 768 -0.79 -63.60 28.04
CA PHE G 768 -1.88 -62.83 28.64
C PHE G 768 -2.70 -63.65 29.62
N LEU G 769 -3.04 -64.87 29.22
CA LEU G 769 -3.85 -65.75 30.06
C LEU G 769 -3.05 -66.30 31.23
N LEU G 770 -1.77 -66.56 31.01
CA LEU G 770 -0.90 -67.10 32.06
C LEU G 770 -0.66 -66.07 33.17
N VAL G 771 -0.39 -64.83 32.77
CA VAL G 771 -0.20 -63.74 33.72
C VAL G 771 -1.48 -63.49 34.52
N THR G 772 -2.61 -63.56 33.83
CA THR G 772 -3.91 -63.37 34.46
C THR G 772 -4.20 -64.49 35.46
N SER G 773 -3.81 -65.70 35.09
CA SER G 773 -4.02 -66.86 35.96
C SER G 773 -3.23 -66.74 37.25
N VAL G 774 -1.97 -66.32 37.14
CA VAL G 774 -1.10 -66.19 38.30
C VAL G 774 -1.55 -65.06 39.23
N THR G 775 -1.85 -63.91 38.65
CA THR G 775 -2.20 -62.73 39.43
C THR G 775 -3.54 -62.88 40.14
N LEU G 776 -4.37 -63.78 39.64
CA LEU G 776 -5.69 -64.00 40.24
C LEU G 776 -5.58 -64.91 41.45
N THR G 777 -4.63 -65.84 41.40
CA THR G 777 -4.31 -66.68 42.56
C THR G 777 -3.59 -65.83 43.60
N LEU G 778 -2.76 -64.92 43.11
CA LEU G 778 -2.02 -64.01 43.98
C LEU G 778 -2.96 -63.00 44.64
N PHE G 779 -3.96 -62.54 43.89
CA PHE G 779 -4.89 -61.56 44.40
C PHE G 779 -5.74 -62.10 45.55
N GLN G 780 -6.11 -63.37 45.49
CA GLN G 780 -6.95 -63.96 46.53
C GLN G 780 -6.20 -64.13 47.84
N GLN G 781 -4.92 -64.50 47.77
CA GLN G 781 -4.12 -64.72 48.96
C GLN G 781 -3.65 -63.41 49.58
N GLY G 782 -3.46 -62.39 48.75
CA GLY G 782 -3.01 -61.09 49.22
C GLY G 782 -3.59 -59.95 48.39
N PRO G 783 -4.84 -59.58 48.68
CA PRO G 783 -5.56 -58.54 47.92
C PRO G 783 -4.92 -57.17 48.09
N ARG G 784 -4.54 -56.82 49.31
CA ARG G 784 -3.94 -55.52 49.58
C ARG G 784 -2.42 -55.57 49.60
N ASP G 785 -1.86 -56.77 49.45
CA ASP G 785 -0.42 -56.95 49.54
C ASP G 785 0.36 -56.32 48.37
N HIS G 786 -0.26 -56.29 47.19
CA HIS G 786 0.40 -55.77 46.00
C HIS G 786 -0.50 -54.85 45.18
N PRO G 787 -0.68 -53.60 45.64
CA PRO G 787 -1.53 -52.63 44.93
C PRO G 787 -1.02 -52.28 43.54
N ASP G 788 0.30 -52.23 43.37
CA ASP G 788 0.90 -51.90 42.08
C ASP G 788 0.65 -52.99 41.05
N ILE G 789 0.75 -54.24 41.49
CA ILE G 789 0.46 -55.39 40.64
C ILE G 789 -0.99 -55.32 40.16
N VAL G 790 -1.89 -54.97 41.07
CA VAL G 790 -3.30 -54.82 40.73
C VAL G 790 -3.49 -53.66 39.75
N ASP G 791 -2.72 -52.60 39.92
CA ASP G 791 -2.77 -51.45 39.01
C ASP G 791 -2.43 -51.88 37.59
N SER G 792 -1.24 -52.47 37.43
CA SER G 792 -0.77 -52.92 36.13
C SER G 792 -1.71 -53.97 35.53
N PHE G 793 -2.30 -54.79 36.40
CA PHE G 793 -3.25 -55.81 35.97
C PHE G 793 -4.51 -55.19 35.37
N MET G 794 -5.11 -54.25 36.12
CA MET G 794 -6.30 -53.52 35.66
C MET G 794 -6.02 -52.80 34.34
N GLN G 795 -4.87 -52.14 34.25
CA GLN G 795 -4.51 -51.44 33.03
C GLN G 795 -4.36 -52.42 31.86
N LEU G 796 -3.75 -53.57 32.13
CA LEU G 796 -3.59 -54.61 31.11
C LEU G 796 -4.93 -55.08 30.58
N LEU G 797 -5.85 -55.39 31.51
CA LEU G 797 -7.19 -55.82 31.13
C LEU G 797 -7.92 -54.75 30.34
N ALA G 798 -7.72 -53.50 30.72
CA ALA G 798 -8.33 -52.38 30.01
C ALA G 798 -7.80 -52.29 28.59
N GLN G 799 -6.50 -52.51 28.42
CA GLN G 799 -5.88 -52.49 27.10
C GLN G 799 -6.41 -53.64 26.24
N ALA G 800 -6.59 -54.80 26.87
CA ALA G 800 -7.16 -55.96 26.20
C ALA G 800 -8.57 -55.66 25.71
N LEU G 801 -9.37 -55.03 26.56
CA LEU G 801 -10.74 -54.68 26.22
C LEU G 801 -10.80 -53.59 25.15
N LYS G 802 -9.81 -52.72 25.13
CA LYS G 802 -9.80 -51.60 24.19
C LYS G 802 -9.33 -52.02 22.78
N ARG G 803 -8.29 -52.84 22.73
CA ARG G 803 -7.71 -53.21 21.44
C ARG G 803 -8.28 -54.51 20.86
N LYS G 804 -8.43 -55.51 21.72
CA LYS G 804 -8.76 -56.86 21.26
C LYS G 804 -9.73 -57.55 22.22
N PRO G 805 -11.01 -57.14 22.19
CA PRO G 805 -12.03 -57.64 23.13
C PRO G 805 -12.30 -59.14 22.97
N ASP G 806 -12.02 -59.68 21.80
CA ASP G 806 -12.29 -61.10 21.52
C ASP G 806 -11.55 -62.02 22.47
N LEU G 807 -10.49 -61.50 23.09
CA LEU G 807 -9.71 -62.26 24.07
C LEU G 807 -10.56 -62.66 25.27
N PHE G 808 -11.62 -61.90 25.54
CA PHE G 808 -12.51 -62.19 26.66
C PHE G 808 -13.49 -63.31 26.31
N LEU G 809 -13.41 -63.81 25.08
CA LEU G 809 -14.25 -64.93 24.66
C LEU G 809 -13.56 -66.26 24.95
N CYS G 810 -12.36 -66.19 25.50
CA CYS G 810 -11.61 -67.39 25.87
C CYS G 810 -12.17 -68.00 27.16
N GLU G 811 -12.49 -69.29 27.11
CA GLU G 811 -13.01 -69.99 28.28
C GLU G 811 -11.94 -70.16 29.34
N ARG G 812 -10.69 -70.14 28.90
CA ARG G 812 -9.55 -70.35 29.80
C ARG G 812 -9.37 -69.16 30.75
N LEU G 813 -10.02 -68.05 30.45
CA LEU G 813 -9.98 -66.87 31.31
C LEU G 813 -11.23 -66.80 32.18
N ASP G 814 -11.02 -66.72 33.49
CA ASP G 814 -12.12 -66.62 34.43
C ASP G 814 -12.64 -65.19 34.48
N VAL G 815 -13.64 -64.89 33.66
CA VAL G 815 -14.19 -63.54 33.57
C VAL G 815 -14.81 -63.07 34.88
N LYS G 816 -15.48 -63.98 35.57
CA LYS G 816 -16.12 -63.69 36.84
C LYS G 816 -15.10 -63.25 37.89
N ALA G 817 -14.03 -64.03 38.03
CA ALA G 817 -12.97 -63.74 38.99
C ALA G 817 -12.33 -62.39 38.70
N VAL G 818 -12.14 -62.09 37.42
CA VAL G 818 -11.58 -60.81 36.99
C VAL G 818 -12.50 -59.66 37.43
N PHE G 819 -13.78 -59.78 37.10
CA PHE G 819 -14.76 -58.76 37.45
C PHE G 819 -14.76 -58.52 38.96
N GLN G 820 -14.80 -59.61 39.72
CA GLN G 820 -14.81 -59.55 41.18
C GLN G 820 -13.57 -58.84 41.71
N CYS G 821 -12.41 -59.22 41.16
CA CYS G 821 -11.14 -58.62 41.56
C CYS G 821 -11.14 -57.11 41.31
N ALA G 822 -11.71 -56.70 40.18
CA ALA G 822 -11.81 -55.28 39.85
C ALA G 822 -12.72 -54.53 40.83
N VAL G 823 -13.91 -55.08 41.07
CA VAL G 823 -14.87 -54.48 42.01
C VAL G 823 -14.26 -54.34 43.40
N LEU G 824 -13.49 -55.34 43.82
CA LEU G 824 -12.78 -55.28 45.09
C LEU G 824 -11.65 -54.26 45.04
N ALA G 825 -11.06 -54.08 43.86
CA ALA G 825 -9.97 -53.13 43.68
C ALA G 825 -10.46 -51.69 43.81
N LEU G 826 -11.73 -51.47 43.46
CA LEU G 826 -12.34 -50.14 43.60
C LEU G 826 -12.26 -49.60 45.03
N LYS G 827 -12.23 -50.51 46.00
CA LYS G 827 -12.26 -50.12 47.41
C LYS G 827 -10.89 -50.11 48.05
N PHE G 828 -9.84 -50.23 47.24
CA PHE G 828 -8.47 -50.20 47.76
C PHE G 828 -8.12 -48.81 48.29
N PRO G 829 -7.26 -48.75 49.32
CA PRO G 829 -6.83 -47.47 49.90
C PRO G 829 -5.97 -46.68 48.92
N GLU G 830 -5.23 -47.39 48.07
CA GLU G 830 -4.33 -46.75 47.12
C GLU G 830 -5.09 -46.17 45.93
N ALA G 831 -5.11 -44.85 45.86
CA ALA G 831 -5.83 -44.14 44.79
C ALA G 831 -5.49 -44.54 43.34
N PRO G 832 -4.20 -44.67 42.99
CA PRO G 832 -3.89 -45.03 41.60
C PRO G 832 -4.46 -46.38 41.17
N THR G 833 -4.49 -47.33 42.09
CA THR G 833 -5.07 -48.64 41.82
C THR G 833 -6.56 -48.51 41.50
N VAL G 834 -7.24 -47.69 42.30
CA VAL G 834 -8.65 -47.41 42.10
C VAL G 834 -8.88 -46.78 40.73
N LYS G 835 -8.04 -45.82 40.36
CA LYS G 835 -8.12 -45.19 39.04
C LYS G 835 -7.98 -46.24 37.94
N ALA G 836 -7.02 -47.15 38.12
CA ALA G 836 -6.82 -48.24 37.17
C ALA G 836 -8.09 -49.07 37.01
N SER G 837 -8.68 -49.48 38.14
CA SER G 837 -9.92 -50.26 38.11
C SER G 837 -11.03 -49.54 37.38
N CYS G 838 -11.16 -48.24 37.65
CA CYS G 838 -12.15 -47.42 36.97
C CYS G 838 -11.90 -47.42 35.46
N GLY G 839 -10.63 -47.43 35.08
CA GLY G 839 -10.27 -47.56 33.68
C GLY G 839 -10.76 -48.88 33.12
N PHE G 840 -10.55 -49.96 33.88
CA PHE G 840 -11.01 -51.29 33.48
C PHE G 840 -12.51 -51.31 33.21
N PHE G 841 -13.30 -50.74 34.13
CA PHE G 841 -14.74 -50.73 33.95
C PHE G 841 -15.17 -49.82 32.78
N THR G 842 -14.46 -48.72 32.61
CA THR G 842 -14.71 -47.81 31.50
C THR G 842 -14.45 -48.49 30.15
N GLU G 843 -13.54 -49.46 30.13
CA GLU G 843 -13.28 -50.19 28.89
C GLU G 843 -14.13 -51.47 28.77
N LEU G 844 -14.67 -51.94 29.88
CA LEU G 844 -15.48 -53.16 29.88
C LEU G 844 -16.93 -52.88 29.51
N LEU G 845 -17.53 -51.89 30.17
CA LEU G 845 -18.93 -51.51 29.92
C LEU G 845 -19.33 -51.31 28.45
N PRO G 846 -18.50 -50.65 27.63
CA PRO G 846 -18.89 -50.48 26.23
C PRO G 846 -18.81 -51.77 25.40
N ARG G 847 -18.24 -52.82 25.97
CA ARG G 847 -18.11 -54.08 25.24
C ARG G 847 -19.31 -55.01 25.46
N CYS G 848 -20.35 -54.50 26.11
CA CYS G 848 -21.57 -55.26 26.30
C CYS G 848 -22.35 -55.38 24.99
N GLY G 849 -22.79 -56.60 24.69
CA GLY G 849 -23.52 -56.85 23.46
C GLY G 849 -22.60 -57.16 22.29
N GLU G 850 -21.36 -56.68 22.38
CA GLU G 850 -20.36 -56.94 21.35
C GLU G 850 -19.70 -58.30 21.57
N VAL G 851 -19.65 -58.71 22.83
CA VAL G 851 -19.07 -60.01 23.20
C VAL G 851 -19.92 -60.67 24.30
N GLU G 852 -20.11 -61.98 24.21
CA GLU G 852 -21.03 -62.70 25.08
C GLU G 852 -20.67 -62.65 26.57
N SER G 853 -19.45 -63.09 26.89
CA SER G 853 -18.98 -63.22 28.26
C SER G 853 -19.23 -61.98 29.09
N VAL G 854 -18.78 -60.83 28.58
CA VAL G 854 -18.97 -59.54 29.26
C VAL G 854 -20.46 -59.27 29.50
N GLY G 855 -21.26 -59.46 28.46
CA GLY G 855 -22.69 -59.27 28.53
C GLY G 855 -23.35 -60.08 29.64
N LYS G 856 -22.92 -61.33 29.79
CA LYS G 856 -23.44 -62.17 30.87
C LYS G 856 -22.95 -61.69 32.23
N VAL G 857 -21.67 -61.35 32.29
CA VAL G 857 -21.05 -60.90 33.54
C VAL G 857 -21.74 -59.68 34.13
N VAL G 858 -21.96 -58.66 33.31
CA VAL G 858 -22.59 -57.43 33.78
C VAL G 858 -24.05 -57.68 34.19
N GLN G 859 -24.67 -58.70 33.61
CA GLN G 859 -26.02 -59.08 34.01
C GLN G 859 -26.02 -59.77 35.36
N GLU G 860 -25.00 -60.57 35.63
CA GLU G 860 -24.92 -61.31 36.89
C GLU G 860 -24.42 -60.45 38.06
N ASP G 861 -23.37 -59.69 37.84
CA ASP G 861 -22.68 -59.00 38.94
C ASP G 861 -22.65 -57.47 38.83
N GLY G 862 -23.44 -56.91 37.93
CA GLY G 862 -23.40 -55.48 37.68
C GLY G 862 -23.77 -54.61 38.87
N ARG G 863 -24.76 -55.06 39.64
CA ARG G 863 -25.23 -54.27 40.77
C ARG G 863 -24.18 -54.17 41.87
N MET G 864 -23.23 -55.09 41.87
CA MET G 864 -22.11 -55.02 42.80
C MET G 864 -21.24 -53.83 42.42
N LEU G 865 -20.97 -53.69 41.13
CA LEU G 865 -20.21 -52.56 40.61
C LEU G 865 -20.92 -51.25 40.92
N LEU G 866 -22.24 -51.22 40.70
CA LEU G 866 -23.01 -50.02 41.01
C LEU G 866 -22.91 -49.68 42.49
N ILE G 867 -23.11 -50.69 43.34
CA ILE G 867 -23.05 -50.51 44.79
C ILE G 867 -21.69 -49.94 45.22
N ALA G 868 -20.61 -50.50 44.69
CA ALA G 868 -19.28 -50.01 44.99
C ALA G 868 -19.13 -48.56 44.56
N VAL G 869 -19.63 -48.25 43.36
CA VAL G 869 -19.58 -46.89 42.83
C VAL G 869 -20.33 -45.91 43.74
N LEU G 870 -21.45 -46.37 44.30
CA LEU G 870 -22.25 -45.55 45.18
C LEU G 870 -21.59 -45.37 46.54
N GLU G 871 -20.85 -46.38 46.97
CA GLU G 871 -20.10 -46.29 48.22
C GLU G 871 -18.98 -45.28 48.07
N ALA G 872 -18.35 -45.29 46.90
CA ALA G 872 -17.29 -44.35 46.59
C ALA G 872 -17.83 -42.92 46.49
N ILE G 873 -19.02 -42.80 45.90
CA ILE G 873 -19.68 -41.50 45.81
C ILE G 873 -20.24 -41.09 47.16
N GLY G 874 -20.26 -42.02 48.10
CA GLY G 874 -20.83 -41.80 49.42
C GLY G 874 -19.86 -41.12 50.38
N GLY G 875 -18.59 -41.08 50.00
CA GLY G 875 -17.59 -40.40 50.80
C GLY G 875 -16.44 -41.28 51.26
N GLN G 876 -16.53 -42.57 50.95
CA GLN G 876 -15.47 -43.51 51.31
C GLN G 876 -14.19 -43.24 50.52
N ALA G 877 -14.33 -43.15 49.21
CA ALA G 877 -13.20 -42.86 48.34
C ALA G 877 -12.89 -41.36 48.33
N SER G 878 -11.62 -41.04 48.11
CA SER G 878 -11.18 -39.65 48.07
C SER G 878 -11.92 -38.86 47.01
N ARG G 879 -12.19 -37.58 47.29
CA ARG G 879 -12.87 -36.70 46.35
C ARG G 879 -12.08 -36.63 45.04
N SER G 880 -10.76 -36.70 45.15
CA SER G 880 -9.87 -36.62 43.99
C SER G 880 -10.20 -37.64 42.91
N LEU G 881 -10.79 -38.76 43.32
CA LEU G 881 -11.07 -39.85 42.38
C LEU G 881 -12.50 -39.81 41.83
N MET G 882 -13.29 -38.83 42.24
CA MET G 882 -14.70 -38.76 41.85
C MET G 882 -14.92 -38.76 40.33
N ASP G 883 -14.13 -37.96 39.62
CA ASP G 883 -14.22 -37.87 38.17
C ASP G 883 -14.03 -39.24 37.49
N CYS G 884 -13.41 -40.18 38.20
CA CYS G 884 -13.28 -41.53 37.67
C CYS G 884 -14.57 -42.30 37.86
N PHE G 885 -15.13 -42.26 39.06
CA PHE G 885 -16.35 -43.01 39.35
C PHE G 885 -17.51 -42.52 38.49
N ALA G 886 -17.56 -41.22 38.23
CA ALA G 886 -18.54 -40.67 37.32
C ALA G 886 -18.43 -41.36 35.96
N ASP G 887 -17.19 -41.54 35.49
CA ASP G 887 -16.93 -42.22 34.23
C ASP G 887 -17.49 -43.63 34.21
N ILE G 888 -17.62 -44.24 35.39
CA ILE G 888 -18.27 -45.54 35.49
C ILE G 888 -19.77 -45.36 35.34
N LEU G 889 -20.34 -44.44 36.12
CA LEU G 889 -21.77 -44.17 36.11
C LEU G 889 -22.25 -43.86 34.70
N PHE G 890 -21.54 -42.95 34.04
CA PHE G 890 -21.80 -42.61 32.65
C PHE G 890 -21.81 -43.86 31.78
N ALA G 891 -20.79 -44.70 31.95
CA ALA G 891 -20.66 -45.92 31.17
C ALA G 891 -21.79 -46.91 31.46
N LEU G 892 -22.48 -46.71 32.59
CA LEU G 892 -23.62 -47.54 32.93
C LEU G 892 -24.91 -46.94 32.39
N ASN G 893 -24.90 -45.63 32.18
CA ASN G 893 -26.08 -44.92 31.69
C ASN G 893 -26.27 -45.04 30.18
N LYS G 894 -25.17 -45.06 29.44
CA LYS G 894 -25.23 -45.07 27.98
C LYS G 894 -25.16 -46.46 27.36
N HIS G 895 -24.59 -47.41 28.08
CA HIS G 895 -24.43 -48.77 27.55
C HIS G 895 -25.50 -49.73 28.04
N CYS G 896 -25.83 -49.67 29.33
CA CYS G 896 -26.86 -50.54 29.90
C CYS G 896 -27.80 -49.76 30.80
N PHE G 897 -28.64 -48.93 30.18
CA PHE G 897 -29.59 -48.09 30.90
C PHE G 897 -30.67 -48.94 31.56
N SER G 898 -31.10 -49.99 30.88
CA SER G 898 -32.13 -50.89 31.38
C SER G 898 -31.75 -51.52 32.71
N LEU G 899 -30.55 -52.08 32.79
CA LEU G 899 -30.08 -52.68 34.03
C LEU G 899 -29.84 -51.62 35.10
N LEU G 900 -29.27 -50.49 34.69
CA LEU G 900 -28.95 -49.40 35.60
C LEU G 900 -30.18 -48.86 36.31
N SER G 901 -31.31 -48.83 35.61
CA SER G 901 -32.56 -48.35 36.19
C SER G 901 -32.94 -49.15 37.43
N MET G 902 -33.16 -50.45 37.25
CA MET G 902 -33.52 -51.33 38.35
C MET G 902 -32.42 -51.40 39.41
N TRP G 903 -31.16 -51.48 38.97
CA TRP G 903 -30.03 -51.50 39.90
C TRP G 903 -30.03 -50.30 40.85
N ILE G 904 -30.13 -49.09 40.29
CA ILE G 904 -30.15 -47.87 41.08
C ILE G 904 -31.39 -47.78 41.95
N LYS G 905 -32.54 -48.15 41.38
CA LYS G 905 -33.79 -48.13 42.13
C LYS G 905 -33.71 -49.00 43.38
N GLU G 906 -33.07 -50.16 43.25
CA GLU G 906 -32.94 -51.10 44.36
C GLU G 906 -31.85 -50.69 45.35
N ALA G 907 -30.73 -50.19 44.83
CA ALA G 907 -29.55 -49.94 45.64
C ALA G 907 -29.73 -48.85 46.70
N LEU G 908 -30.50 -47.82 46.35
CA LEU G 908 -30.70 -46.69 47.25
C LEU G 908 -31.89 -46.88 48.20
N GLN G 909 -32.52 -48.05 48.11
CA GLN G 909 -33.65 -48.41 48.99
C GLN G 909 -33.32 -48.37 50.49
N PRO G 910 -32.23 -49.03 50.94
CA PRO G 910 -31.96 -49.01 52.38
C PRO G 910 -31.67 -47.61 52.91
N PRO G 911 -32.19 -47.29 54.10
CA PRO G 911 -32.08 -45.95 54.70
C PRO G 911 -30.64 -45.53 54.97
N GLY G 912 -30.25 -44.37 54.42
CA GLY G 912 -28.93 -43.82 54.62
C GLY G 912 -27.83 -44.72 54.09
N PHE G 913 -27.97 -45.16 52.84
CA PHE G 913 -27.01 -46.10 52.27
C PHE G 913 -25.65 -45.48 51.89
N PRO G 914 -25.63 -44.49 50.98
CA PRO G 914 -24.30 -43.95 50.67
C PRO G 914 -23.75 -43.13 51.83
N SER G 915 -24.60 -42.26 52.40
CA SER G 915 -24.24 -41.47 53.56
C SER G 915 -25.48 -41.23 54.40
N ALA G 916 -25.30 -41.15 55.71
CA ALA G 916 -26.42 -40.92 56.63
C ALA G 916 -26.86 -39.46 56.60
N ARG G 917 -26.04 -38.61 56.00
CA ARG G 917 -26.33 -37.18 55.93
C ARG G 917 -27.36 -36.86 54.85
N LEU G 918 -27.73 -37.88 54.07
CA LEU G 918 -28.65 -37.69 52.95
C LEU G 918 -30.11 -37.72 53.36
N SER G 919 -30.95 -37.09 52.54
CA SER G 919 -32.39 -37.13 52.70
C SER G 919 -32.96 -37.96 51.54
N PRO G 920 -34.08 -38.66 51.78
CA PRO G 920 -34.72 -39.44 50.72
C PRO G 920 -35.08 -38.58 49.51
N GLU G 921 -35.32 -37.29 49.74
CA GLU G 921 -35.57 -36.34 48.67
C GLU G 921 -34.32 -36.18 47.82
N GLN G 922 -33.17 -36.07 48.48
CA GLN G 922 -31.90 -35.92 47.78
C GLN G 922 -31.55 -37.18 46.99
N LYS G 923 -31.82 -38.34 47.59
CA LYS G 923 -31.57 -39.62 46.94
C LYS G 923 -32.47 -39.79 45.72
N ASP G 924 -33.74 -39.40 45.87
CA ASP G 924 -34.69 -39.48 44.76
C ASP G 924 -34.28 -38.53 43.63
N THR G 925 -33.83 -37.34 44.01
CA THR G 925 -33.37 -36.36 43.03
C THR G 925 -32.15 -36.86 42.26
N PHE G 926 -31.18 -37.42 42.98
CA PHE G 926 -29.98 -37.96 42.36
C PHE G 926 -30.32 -39.13 41.43
N SER G 927 -31.24 -39.98 41.87
CA SER G 927 -31.69 -41.10 41.07
C SER G 927 -32.35 -40.61 39.77
N GLN G 928 -33.17 -39.57 39.91
CA GLN G 928 -33.87 -38.99 38.75
C GLN G 928 -32.89 -38.38 37.76
N GLN G 929 -31.90 -37.64 38.27
CA GLN G 929 -30.90 -37.03 37.40
C GLN G 929 -30.02 -38.07 36.72
N ILE G 930 -29.65 -39.11 37.45
CA ILE G 930 -28.80 -40.17 36.89
C ILE G 930 -29.57 -41.09 35.96
N LEU G 931 -30.90 -41.05 36.03
CA LEU G 931 -31.74 -41.88 35.16
C LEU G 931 -32.14 -41.16 33.86
N ARG G 932 -31.44 -40.07 33.54
CA ARG G 932 -31.68 -39.35 32.29
C ARG G 932 -30.88 -39.99 31.16
N GLU G 933 -31.56 -40.27 30.05
CA GLU G 933 -30.95 -41.01 28.94
C GLU G 933 -29.88 -40.24 28.17
N ARG G 934 -30.06 -38.92 28.05
CA ARG G 934 -29.19 -38.12 27.20
C ARG G 934 -28.09 -37.39 27.97
N VAL G 935 -27.83 -37.82 29.20
CA VAL G 935 -26.82 -37.17 30.04
C VAL G 935 -25.41 -37.37 29.49
N ASN G 936 -24.65 -36.28 29.40
CA ASN G 936 -23.27 -36.33 28.94
C ASN G 936 -22.31 -36.38 30.13
N LYS G 937 -21.05 -36.70 29.87
CA LYS G 937 -20.05 -36.87 30.92
C LYS G 937 -19.88 -35.63 31.78
N ARG G 938 -20.00 -34.45 31.17
CA ARG G 938 -19.89 -33.20 31.92
C ARG G 938 -20.98 -33.10 32.97
N ARG G 939 -22.22 -33.36 32.55
CA ARG G 939 -23.36 -33.32 33.45
C ARG G 939 -23.25 -34.37 34.55
N VAL G 940 -22.85 -35.58 34.16
CA VAL G 940 -22.70 -36.67 35.12
C VAL G 940 -21.65 -36.33 36.18
N LYS G 941 -20.51 -35.80 35.74
CA LYS G 941 -19.45 -35.41 36.66
C LYS G 941 -19.90 -34.27 37.57
N GLU G 942 -20.66 -33.33 37.03
CA GLU G 942 -21.17 -32.20 37.81
C GLU G 942 -22.10 -32.68 38.91
N MET G 943 -23.11 -33.45 38.53
CA MET G 943 -24.09 -33.97 39.49
C MET G 943 -23.47 -34.92 40.51
N VAL G 944 -22.46 -35.68 40.08
CA VAL G 944 -21.72 -36.53 41.00
C VAL G 944 -21.02 -35.66 42.04
N LYS G 945 -20.18 -34.72 41.59
CA LYS G 945 -19.48 -33.80 42.47
C LYS G 945 -20.41 -33.15 43.49
N GLU G 946 -21.52 -32.59 43.01
CA GLU G 946 -22.53 -32.01 43.89
C GLU G 946 -23.03 -33.05 44.90
N PHE G 947 -23.26 -34.27 44.42
CA PHE G 947 -23.79 -35.34 45.26
C PHE G 947 -22.84 -35.73 46.41
N THR G 948 -21.57 -35.99 46.11
CA THR G 948 -20.63 -36.36 47.15
C THR G 948 -20.38 -35.17 48.08
N LEU G 949 -20.46 -33.97 47.51
CA LEU G 949 -20.37 -32.75 48.33
C LEU G 949 -21.49 -32.76 49.37
N LEU G 950 -22.68 -33.18 48.95
CA LEU G 950 -23.80 -33.31 49.87
C LEU G 950 -23.60 -34.45 50.88
N CYS G 951 -22.96 -35.52 50.42
CA CYS G 951 -22.75 -36.71 51.24
C CYS G 951 -21.76 -36.46 52.37
N ARG G 952 -20.74 -35.63 52.09
CA ARG G 952 -19.69 -35.33 53.07
C ARG G 952 -20.04 -34.11 53.92
N GLY G 953 -20.20 -32.97 53.26
CA GLY G 953 -20.53 -31.73 53.94
C GLY G 953 -19.86 -30.51 53.35
#